data_9CZO
#
_entry.id   9CZO
#
_cell.length_a   1.00
_cell.length_b   1.00
_cell.length_c   1.00
_cell.angle_alpha   90.00
_cell.angle_beta   90.00
_cell.angle_gamma   90.00
#
_symmetry.space_group_name_H-M   'P 1'
#
loop_
_entity.id
_entity.type
_entity.pdbx_description
1 polymer 'Isoform 5 of Calcium-activated potassium channel subunit alpha-1'
2 polymer 'Large-conductance Ca2+-activated K+ channel beta2 subunit,Calcium-activated potassium channel subunit beta-4'
3 non-polymer 'CALCIUM ION'
4 non-polymer 'POTASSIUM ION'
5 non-polymer '(2S)-3-(hexadecanoyloxy)-2-[(9Z)-octadec-9-enoyloxy]propyl 2-(trimethylammonio)ethyl phosphate'
#
loop_
_entity_poly.entity_id
_entity_poly.type
_entity_poly.pdbx_seq_one_letter_code
_entity_poly.pdbx_strand_id
1 'polypeptide(L)'
;MDALIIPVTMEVPCDSRGQRMWWAFLASSMVTFFGGLFIILLWRTLKYLWTVCCHCGGKTKEAQKINNGSSQADGTLKPV
DEKEEAVAAEVGWMTSVKDWAGVMISAQTLTGRVLVVLVFALSIGALVIYFIDSSNPIESCQNFYKDFTLQIDMAFNVFF
LLYFGLRFIAANDKLWFWLEVNSVVDFFTVPPVFVSVYLNRSWLGLRFLRALRLIQFSEILQFLNILKTSNSIKLVNLLS
IFISTWLTAAGFIHLVENSGDPWENFQNNQALTYWECVYLLMVTMSTVGYGDVYAKTTLGRLFMVFFILGGLAMFASYVP
EIIELIGNRKKYGGSYSAVSGRKHIVVCGHITLESVSNFLKDFLHKDRDDVNVEIVFLHNISPNLELEALFKRHFTQVEF
YQGSVLNPHDLARVKIESADACLILANKYCADPDAEDASNIMRVISIKNYHPKIRIITQMLQYHNKAHLLNIPSWNWKEG
DDAICLAELKLGFIAQSCLAQGLSTMLANLFSMRSFIKIEEDTWQKYYLEGVSNEMYTEYLSSAFVGLSFPTVCELCFVK
LKLLMIAIEYKSANRESRILINPGNHLKIQEGTLGFFIASDAKEVKRAFFYCKACHDDITDPKRIKKCGCKRLEDEQPST
LSPKKKQRNGGMRNSPNTSPKLMRHDPLLIPGNDQIDNMDSNVKKYDSTGMFHWCAPKEIEKVILTRSEAAMTVLSGHVV
VCIFGDVSSALIGLRNLVMPLRASNFHYHELKHIVFVGSIEYLKREWETLHNFPKVSILPGTPLSRADLRAVNINLCDMC
VILSANQNNIDDTSLQDKECILASLNIKSMQFDDSIGVLQANSQGFTPPGMDRSSPDNSPVHGMLRQPSITTGVNIPIIT
ELVNDTNVQFLDQDDDDDPDTELYLTQPFACGTAFAVSVLDSLMSATYFNDNILTLIRTLVTGGATPELEALIAEENALR
GGYSTPQTLANRDRCRVAQLALLDGPFADLGDGGCYGDLFCKALKTYNMLCFGIYRLRDAHLSTPSQCTKRYVITNPPYE
FELVPTDLIFCLMQFD
;
A,B,C,D
2 'polypeptide(L)'
;FIWTSGRTSSSYRHDEKRNIYQKIRDHDLLDKRKTVTALKAGEDKSIRLGLFLIISGVVSLFIFGFCWLSPALQDLQATE
ANCTVLSVQQIGEVFECTFTCGADCRGTSQYPCVQVYVNNSESNSRALLHSDEHQLLTNPKCSYIPPCKRENQKNLESVM
NWQQYWKDEIGSQPFTCYFNQHQRPDDVLLHRTHDEIVLLHCFLWPLVTFVVGVLIVVLTICAKSLAVKAEAMKKRKFS
;
E,F,G,H
#
loop_
_chem_comp.id
_chem_comp.type
_chem_comp.name
_chem_comp.formula
CA non-polymer 'CALCIUM ION' 'Ca 2'
K non-polymer 'POTASSIUM ION' 'K 1'
POV non-polymer '(2S)-3-(hexadecanoyloxy)-2-[(9Z)-octadec-9-enoyloxy]propyl 2-(trimethylammonio)ethyl phosphate' 'C42 H82 N O8 P'
#
# COMPACT_ATOMS: atom_id res chain seq x y z
N ARG A 20 -39.04 -28.43 42.14
CA ARG A 20 -38.74 -27.08 42.66
C ARG A 20 -39.27 -26.00 41.70
N MET A 21 -39.71 -24.87 42.24
CA MET A 21 -40.00 -23.67 41.44
C MET A 21 -38.75 -23.11 40.73
N TRP A 22 -38.92 -22.56 39.54
CA TRP A 22 -37.91 -21.79 38.81
C TRP A 22 -38.54 -20.83 37.79
N TRP A 23 -39.60 -21.26 37.10
CA TRP A 23 -40.21 -20.49 36.00
C TRP A 23 -40.89 -19.19 36.45
N ALA A 24 -41.33 -19.06 37.70
CA ALA A 24 -41.90 -17.80 38.20
C ALA A 24 -40.88 -16.64 38.21
N PHE A 25 -39.62 -16.93 38.51
CA PHE A 25 -38.55 -15.92 38.46
C PHE A 25 -38.35 -15.42 37.02
N LEU A 26 -38.23 -16.34 36.06
CA LEU A 26 -38.09 -16.03 34.64
C LEU A 26 -39.30 -15.26 34.10
N ALA A 27 -40.52 -15.71 34.43
CA ALA A 27 -41.75 -15.05 34.02
C ALA A 27 -41.80 -13.59 34.49
N SER A 28 -41.31 -13.26 35.69
CA SER A 28 -41.31 -11.88 36.19
C SER A 28 -40.56 -10.91 35.26
N SER A 29 -39.46 -11.34 34.64
CA SER A 29 -38.75 -10.57 33.63
C SER A 29 -39.42 -10.58 32.26
N MET A 30 -39.82 -11.75 31.76
CA MET A 30 -40.47 -11.85 30.44
C MET A 30 -41.77 -11.03 30.37
N VAL A 31 -42.61 -11.15 31.40
CA VAL A 31 -43.88 -10.43 31.51
C VAL A 31 -43.66 -8.94 31.68
N THR A 32 -42.73 -8.50 32.55
CA THR A 32 -42.52 -7.05 32.71
C THR A 32 -42.00 -6.42 31.42
N PHE A 33 -41.08 -7.08 30.71
CA PHE A 33 -40.51 -6.53 29.48
C PHE A 33 -41.53 -6.49 28.35
N PHE A 34 -42.15 -7.62 27.99
CA PHE A 34 -43.13 -7.66 26.89
C PHE A 34 -44.42 -6.91 27.24
N GLY A 35 -44.92 -7.03 28.47
CA GLY A 35 -46.08 -6.27 28.93
C GLY A 35 -45.82 -4.77 28.89
N GLY A 36 -44.67 -4.33 29.39
CA GLY A 36 -44.27 -2.92 29.32
C GLY A 36 -44.09 -2.43 27.88
N LEU A 37 -43.55 -3.25 26.98
CA LEU A 37 -43.50 -2.91 25.55
C LEU A 37 -44.93 -2.70 25.02
N PHE A 38 -45.84 -3.63 25.28
CA PHE A 38 -47.23 -3.48 24.82
C PHE A 38 -47.96 -2.29 25.44
N ILE A 39 -47.89 -2.02 26.74
CA ILE A 39 -48.61 -0.85 27.30
C ILE A 39 -48.03 0.47 26.76
N ILE A 40 -46.72 0.57 26.53
CA ILE A 40 -46.12 1.76 25.91
C ILE A 40 -46.55 1.89 24.45
N LEU A 41 -46.54 0.78 23.68
CA LEU A 41 -47.02 0.77 22.31
C LEU A 41 -48.50 1.16 22.22
N LEU A 42 -49.34 0.62 23.10
CA LEU A 42 -50.78 0.89 23.10
C LEU A 42 -51.11 2.29 23.60
N TRP A 43 -50.35 2.86 24.53
CA TRP A 43 -50.47 4.27 24.92
C TRP A 43 -50.16 5.21 23.75
N ARG A 44 -49.16 4.89 22.92
CA ARG A 44 -48.94 5.58 21.64
C ARG A 44 -50.07 5.31 20.64
N THR A 45 -50.58 4.09 20.58
CA THR A 45 -51.64 3.71 19.64
C THR A 45 -52.97 4.41 19.95
N LEU A 46 -53.38 4.51 21.22
CA LEU A 46 -54.64 5.19 21.58
C LEU A 46 -54.58 6.70 21.32
N LYS A 47 -53.41 7.33 21.42
CA LYS A 47 -53.23 8.73 20.99
C LYS A 47 -53.40 8.89 19.48
N TYR A 48 -52.92 7.93 18.69
CA TYR A 48 -53.21 7.86 17.25
C TYR A 48 -54.71 7.65 16.97
N LEU A 49 -55.39 6.75 17.69
CA LEU A 49 -56.84 6.55 17.54
C LEU A 49 -57.67 7.76 17.96
N TRP A 50 -57.22 8.57 18.92
CA TRP A 50 -58.00 9.71 19.45
C TRP A 50 -58.39 10.73 18.38
N THR A 51 -57.48 11.10 17.48
CA THR A 51 -57.79 12.01 16.37
C THR A 51 -58.57 11.35 15.22
N VAL A 52 -58.62 10.02 15.15
CA VAL A 52 -59.55 9.28 14.28
C VAL A 52 -60.95 9.17 14.91
N CYS A 53 -61.03 9.11 16.24
CA CYS A 53 -62.29 9.15 17.00
C CYS A 53 -62.99 10.52 16.91
N CYS A 54 -62.23 11.62 16.97
CA CYS A 54 -62.77 12.98 16.85
C CYS A 54 -63.45 13.21 15.49
N MET A 94 -47.63 18.66 35.66
CA MET A 94 -46.48 17.90 36.17
C MET A 94 -45.50 17.50 35.07
N THR A 95 -45.88 17.67 33.79
CA THR A 95 -44.99 17.43 32.63
C THR A 95 -43.76 18.34 32.61
N SER A 96 -43.80 19.48 33.31
CA SER A 96 -42.65 20.35 33.57
C SER A 96 -41.70 19.82 34.65
N VAL A 97 -42.21 19.07 35.63
CA VAL A 97 -41.43 18.63 36.81
C VAL A 97 -40.39 17.56 36.44
N LYS A 98 -40.70 16.68 35.48
CA LYS A 98 -39.79 15.62 35.02
C LYS A 98 -38.49 16.17 34.39
N ASP A 99 -38.52 17.35 33.78
CA ASP A 99 -37.35 17.99 33.20
C ASP A 99 -36.48 18.69 34.26
N TRP A 100 -37.07 19.03 35.40
CA TRP A 100 -36.41 19.62 36.56
C TRP A 100 -35.77 18.55 37.45
N ALA A 101 -36.58 17.64 38.00
CA ALA A 101 -36.13 16.66 39.00
C ALA A 101 -35.31 15.53 38.38
N GLY A 102 -34.19 15.17 39.01
CA GLY A 102 -33.27 14.09 38.60
C GLY A 102 -32.44 14.39 37.35
N VAL A 103 -33.06 14.92 36.29
CA VAL A 103 -32.37 15.26 35.03
C VAL A 103 -31.17 16.18 35.28
N MET A 104 -31.32 17.18 36.15
CA MET A 104 -30.29 18.14 36.53
C MET A 104 -29.07 17.57 37.28
N ILE A 105 -29.07 16.27 37.62
CA ILE A 105 -27.95 15.57 38.25
C ILE A 105 -27.58 14.26 37.53
N SER A 106 -28.33 13.74 36.54
CA SER A 106 -27.99 12.45 35.94
C SER A 106 -26.84 12.53 34.95
N ALA A 107 -26.90 13.46 34.00
CA ALA A 107 -25.84 13.54 33.02
C ALA A 107 -25.44 14.96 32.58
N GLN A 108 -24.16 15.14 32.20
CA GLN A 108 -23.55 16.42 31.74
C GLN A 108 -23.66 17.64 32.70
N THR A 109 -23.64 17.32 33.99
CA THR A 109 -23.85 18.23 35.13
C THR A 109 -22.79 18.10 36.22
N LEU A 110 -21.60 17.63 35.85
CA LEU A 110 -20.31 17.63 36.59
C LEU A 110 -20.29 16.85 37.93
N THR A 111 -21.12 17.24 38.90
CA THR A 111 -21.28 16.56 40.19
C THR A 111 -22.22 15.34 40.13
N GLY A 112 -22.61 14.90 38.93
CA GLY A 112 -23.49 13.75 38.66
C GLY A 112 -22.94 12.37 39.00
N ARG A 113 -21.77 12.23 39.65
CA ARG A 113 -21.22 10.96 40.17
C ARG A 113 -22.21 10.07 40.96
N VAL A 114 -23.12 10.67 41.70
CA VAL A 114 -24.20 9.95 42.41
C VAL A 114 -25.19 9.22 41.49
N LEU A 115 -25.25 9.53 40.20
CA LEU A 115 -26.12 8.84 39.23
C LEU A 115 -25.32 8.10 38.12
N VAL A 116 -23.99 8.00 38.25
CA VAL A 116 -23.14 7.23 37.33
C VAL A 116 -22.10 6.42 38.11
N VAL A 117 -21.14 7.07 38.77
CA VAL A 117 -20.10 6.37 39.55
C VAL A 117 -20.72 5.47 40.62
N LEU A 118 -21.78 5.92 41.28
CA LEU A 118 -22.47 5.12 42.28
C LEU A 118 -23.18 3.91 41.66
N VAL A 119 -23.98 4.08 40.61
CA VAL A 119 -24.70 2.95 39.99
C VAL A 119 -23.75 1.95 39.32
N PHE A 120 -22.61 2.41 38.81
CA PHE A 120 -21.51 1.55 38.41
C PHE A 120 -20.95 0.76 39.60
N ALA A 121 -20.55 1.41 40.69
CA ALA A 121 -20.00 0.71 41.85
C ALA A 121 -21.00 -0.28 42.47
N LEU A 122 -22.30 0.05 42.50
CA LEU A 122 -23.36 -0.87 42.88
C LEU A 122 -23.51 -2.02 41.89
N SER A 123 -23.36 -1.79 40.59
CA SER A 123 -23.41 -2.87 39.59
C SER A 123 -22.22 -3.82 39.73
N ILE A 124 -21.01 -3.31 40.00
CA ILE A 124 -19.85 -4.13 40.32
C ILE A 124 -20.10 -4.89 41.62
N GLY A 125 -20.68 -4.27 42.63
CA GLY A 125 -21.04 -4.96 43.88
C GLY A 125 -22.04 -6.08 43.65
N ALA A 126 -23.10 -5.85 42.87
CA ALA A 126 -24.08 -6.87 42.50
C ALA A 126 -23.47 -8.02 41.70
N LEU A 127 -22.54 -7.73 40.79
CA LEU A 127 -21.78 -8.73 40.05
C LEU A 127 -20.85 -9.54 40.97
N VAL A 128 -20.13 -8.89 41.90
CA VAL A 128 -19.34 -9.60 42.90
C VAL A 128 -20.23 -10.50 43.75
N ILE A 129 -21.38 -10.02 44.22
CA ILE A 129 -22.34 -10.86 44.96
C ILE A 129 -22.79 -12.06 44.11
N TYR A 130 -22.98 -11.92 42.79
CA TYR A 130 -23.24 -13.07 41.93
C TYR A 130 -22.08 -14.08 41.90
N PHE A 131 -20.84 -13.58 41.90
CA PHE A 131 -19.65 -14.44 41.94
C PHE A 131 -19.63 -15.25 43.25
N ILE A 132 -19.94 -14.57 44.35
CA ILE A 132 -20.04 -15.24 45.66
C ILE A 132 -21.13 -16.32 45.59
N ASP A 133 -22.34 -15.95 45.15
CA ASP A 133 -23.52 -16.81 45.15
C ASP A 133 -23.32 -18.08 44.31
N SER A 134 -22.73 -17.96 43.12
CA SER A 134 -22.50 -19.11 42.24
C SER A 134 -21.50 -20.14 42.77
N SER A 135 -20.72 -19.81 43.80
CA SER A 135 -19.72 -20.74 44.34
C SER A 135 -20.30 -21.85 45.22
N ASN A 136 -21.51 -21.67 45.76
CA ASN A 136 -22.14 -22.62 46.68
C ASN A 136 -22.96 -23.70 45.95
N PRO A 137 -23.20 -24.86 46.60
CA PRO A 137 -24.03 -25.94 46.07
C PRO A 137 -25.55 -25.69 46.17
N ILE A 138 -25.92 -24.45 46.46
CA ILE A 138 -27.31 -23.99 46.63
C ILE A 138 -28.19 -24.75 47.65
N GLU A 139 -27.60 -25.54 48.55
CA GLU A 139 -28.38 -26.23 49.58
C GLU A 139 -28.51 -25.48 50.94
N SER A 140 -27.76 -24.40 51.12
CA SER A 140 -27.77 -23.66 52.40
C SER A 140 -29.13 -23.06 52.76
N CYS A 141 -29.45 -23.07 54.06
CA CYS A 141 -30.67 -22.50 54.63
C CYS A 141 -30.37 -21.48 55.76
N GLN A 142 -29.16 -20.91 55.80
CA GLN A 142 -28.73 -19.99 56.88
C GLN A 142 -27.91 -18.79 56.37
N ASN A 143 -26.83 -19.01 55.61
CA ASN A 143 -26.07 -17.92 55.00
C ASN A 143 -26.83 -17.22 53.84
N PHE A 144 -27.77 -17.90 53.19
CA PHE A 144 -28.50 -17.28 52.06
C PHE A 144 -29.65 -16.31 52.42
N TYR A 145 -29.69 -15.86 53.67
CA TYR A 145 -30.74 -14.96 54.18
C TYR A 145 -30.17 -13.70 54.85
N LYS A 146 -30.19 -13.60 56.19
CA LYS A 146 -29.84 -12.40 56.99
C LYS A 146 -28.34 -12.08 57.10
N ASP A 147 -27.60 -12.39 56.04
CA ASP A 147 -26.13 -12.35 55.98
C ASP A 147 -25.66 -11.51 54.78
N PHE A 148 -24.38 -11.56 54.40
CA PHE A 148 -23.87 -10.93 53.18
C PHE A 148 -24.33 -11.64 51.87
N THR A 149 -25.63 -11.90 51.75
CA THR A 149 -26.30 -12.49 50.58
C THR A 149 -27.58 -11.72 50.22
N LEU A 150 -28.77 -12.31 50.35
CA LEU A 150 -30.02 -11.75 49.81
C LEU A 150 -30.40 -10.40 50.42
N GLN A 151 -30.09 -10.18 51.70
CA GLN A 151 -30.39 -8.90 52.35
C GLN A 151 -29.65 -7.75 51.65
N ILE A 152 -28.33 -7.88 51.55
CA ILE A 152 -27.50 -6.88 50.87
C ILE A 152 -27.78 -6.83 49.36
N ASP A 153 -28.09 -7.96 48.72
CA ASP A 153 -28.45 -7.98 47.31
C ASP A 153 -29.70 -7.13 47.02
N MET A 154 -30.73 -7.23 47.86
CA MET A 154 -31.92 -6.40 47.75
C MET A 154 -31.60 -4.91 48.04
N ALA A 155 -30.74 -4.63 49.02
CA ALA A 155 -30.30 -3.27 49.31
C ALA A 155 -29.54 -2.61 48.15
N PHE A 156 -28.83 -3.38 47.32
CA PHE A 156 -28.22 -2.89 46.09
C PHE A 156 -29.26 -2.78 44.96
N ASN A 157 -30.13 -3.77 44.78
CA ASN A 157 -31.08 -3.79 43.67
C ASN A 157 -32.21 -2.76 43.79
N VAL A 158 -32.61 -2.34 44.98
CA VAL A 158 -33.63 -1.28 45.13
C VAL A 158 -33.17 0.04 44.52
N PHE A 159 -31.87 0.35 44.57
CA PHE A 159 -31.32 1.52 43.88
C PHE A 159 -31.59 1.46 42.38
N PHE A 160 -31.39 0.30 41.75
CA PHE A 160 -31.63 0.13 40.32
C PHE A 160 -33.10 0.35 39.96
N LEU A 161 -34.06 0.01 40.82
CA LEU A 161 -35.46 0.34 40.59
C LEU A 161 -35.66 1.86 40.54
N LEU A 162 -35.12 2.59 41.53
CA LEU A 162 -35.24 4.05 41.60
C LEU A 162 -34.56 4.71 40.41
N TYR A 163 -33.34 4.29 40.07
CA TYR A 163 -32.58 4.83 38.96
C TYR A 163 -33.23 4.52 37.60
N PHE A 164 -33.83 3.34 37.44
CA PHE A 164 -34.63 3.01 36.27
C PHE A 164 -35.85 3.93 36.14
N GLY A 165 -36.61 4.14 37.23
CA GLY A 165 -37.74 5.04 37.24
C GLY A 165 -37.34 6.48 36.89
N LEU A 166 -36.24 6.96 37.46
CA LEU A 166 -35.68 8.29 37.18
C LEU A 166 -35.30 8.44 35.70
N ARG A 167 -34.65 7.44 35.11
CA ARG A 167 -34.38 7.40 33.67
C ARG A 167 -35.67 7.35 32.85
N PHE A 168 -36.68 6.59 33.28
CA PHE A 168 -37.94 6.46 32.56
C PHE A 168 -38.73 7.79 32.52
N ILE A 169 -38.73 8.52 33.62
CA ILE A 169 -39.44 9.80 33.68
C ILE A 169 -38.72 10.95 32.97
N ALA A 170 -37.43 10.75 32.71
CA ALA A 170 -36.61 11.76 32.04
C ALA A 170 -36.61 11.50 30.54
N ALA A 171 -36.23 10.28 30.17
CA ALA A 171 -36.20 9.89 28.77
C ALA A 171 -37.63 9.96 28.21
N ASN A 172 -38.00 11.10 27.64
CA ASN A 172 -39.34 11.28 27.11
C ASN A 172 -39.81 10.16 26.17
N ASP A 173 -38.99 9.82 25.18
CA ASP A 173 -39.38 8.80 24.22
C ASP A 173 -39.39 7.49 25.01
N LYS A 174 -40.57 7.03 25.43
CA LYS A 174 -40.62 5.80 26.22
C LYS A 174 -40.24 4.56 25.40
N LEU A 175 -40.60 4.50 24.12
CA LEU A 175 -40.44 3.27 23.31
C LEU A 175 -38.96 3.00 23.01
N TRP A 176 -38.24 3.99 22.49
CA TRP A 176 -36.79 3.87 22.30
C TRP A 176 -36.07 3.59 23.62
N PHE A 177 -36.53 4.17 24.73
CA PHE A 177 -35.95 3.89 26.04
C PHE A 177 -36.23 2.47 26.54
N TRP A 178 -37.43 1.93 26.29
CA TRP A 178 -37.82 0.62 26.82
C TRP A 178 -36.93 -0.49 26.25
N LEU A 179 -36.78 -0.54 24.92
CA LEU A 179 -35.88 -1.48 24.25
C LEU A 179 -34.44 -0.96 24.09
N GLU A 180 -33.99 -0.07 24.97
CA GLU A 180 -32.57 0.28 25.11
C GLU A 180 -31.81 -0.81 25.89
N VAL A 181 -30.59 -1.17 25.49
CA VAL A 181 -29.87 -2.34 26.03
C VAL A 181 -29.74 -2.28 27.56
N ASN A 182 -29.38 -1.14 28.11
CA ASN A 182 -29.23 -0.98 29.55
C ASN A 182 -30.58 -1.12 30.30
N SER A 183 -31.70 -0.77 29.66
CA SER A 183 -33.05 -1.05 30.19
C SER A 183 -33.34 -2.54 30.21
N VAL A 184 -32.98 -3.26 29.15
CA VAL A 184 -33.15 -4.72 29.09
C VAL A 184 -32.37 -5.42 30.21
N VAL A 185 -31.14 -4.98 30.50
CA VAL A 185 -30.37 -5.51 31.64
C VAL A 185 -31.09 -5.33 32.97
N ASP A 186 -31.84 -4.24 33.16
CA ASP A 186 -32.64 -4.06 34.37
C ASP A 186 -33.86 -4.98 34.43
N PHE A 187 -34.60 -5.17 33.32
CA PHE A 187 -35.76 -6.08 33.33
C PHE A 187 -35.38 -7.54 33.60
N PHE A 188 -34.22 -7.99 33.16
CA PHE A 188 -33.73 -9.35 33.45
C PHE A 188 -32.98 -9.46 34.78
N THR A 189 -32.76 -8.36 35.51
CA THR A 189 -32.14 -8.40 36.85
C THR A 189 -33.15 -8.15 37.99
N VAL A 190 -33.87 -7.02 37.94
CA VAL A 190 -34.71 -6.60 39.06
C VAL A 190 -35.95 -7.39 39.49
N PRO A 191 -36.88 -7.71 38.56
CA PRO A 191 -38.02 -8.49 39.08
C PRO A 191 -37.63 -9.84 39.74
N PRO A 192 -36.67 -10.59 39.14
CA PRO A 192 -36.32 -11.84 39.83
C PRO A 192 -35.91 -11.70 41.29
N VAL A 193 -35.24 -10.60 41.63
CA VAL A 193 -34.82 -10.41 43.04
C VAL A 193 -36.02 -10.08 43.93
N PHE A 194 -37.05 -9.36 43.45
CA PHE A 194 -38.29 -9.22 44.22
C PHE A 194 -38.94 -10.59 44.46
N VAL A 195 -39.06 -11.43 43.42
CA VAL A 195 -39.55 -12.81 43.59
C VAL A 195 -38.72 -13.56 44.64
N SER A 196 -37.39 -13.40 44.62
CA SER A 196 -36.50 -14.10 45.54
C SER A 196 -36.71 -13.69 47.00
N VAL A 197 -36.92 -12.40 47.30
CA VAL A 197 -37.16 -11.96 48.68
C VAL A 197 -38.60 -12.22 49.12
N TYR A 198 -39.56 -12.22 48.18
CA TYR A 198 -40.94 -12.62 48.45
C TYR A 198 -41.06 -14.11 48.80
N LEU A 199 -40.42 -15.00 48.03
CA LEU A 199 -40.36 -16.44 48.33
C LEU A 199 -39.30 -16.80 49.39
N ASN A 200 -38.49 -15.84 49.83
CA ASN A 200 -37.34 -16.03 50.72
C ASN A 200 -36.39 -17.16 50.23
N ARG A 201 -36.04 -17.13 48.95
CA ARG A 201 -35.29 -18.17 48.23
C ARG A 201 -34.48 -17.54 47.09
N SER A 202 -33.15 -17.58 47.18
CA SER A 202 -32.29 -17.08 46.09
C SER A 202 -32.44 -17.91 44.82
N TRP A 203 -32.30 -17.28 43.65
CA TRP A 203 -32.22 -17.95 42.35
C TRP A 203 -31.01 -17.44 41.56
N LEU A 204 -30.16 -18.35 41.11
CA LEU A 204 -28.95 -18.06 40.36
C LEU A 204 -29.24 -17.93 38.86
N GLY A 205 -30.21 -17.08 38.51
CA GLY A 205 -30.63 -16.86 37.13
C GLY A 205 -29.69 -15.95 36.35
N LEU A 206 -30.27 -15.15 35.45
CA LEU A 206 -29.55 -14.26 34.53
C LEU A 206 -28.80 -13.07 35.19
N ARG A 207 -28.68 -12.98 36.53
CA ARG A 207 -27.89 -11.94 37.22
C ARG A 207 -26.51 -11.63 36.64
N PHE A 208 -25.81 -12.62 36.09
CA PHE A 208 -24.54 -12.34 35.41
C PHE A 208 -24.65 -11.21 34.37
N LEU A 209 -25.83 -10.91 33.85
CA LEU A 209 -26.02 -9.80 32.90
C LEU A 209 -25.62 -8.45 33.48
N ARG A 210 -25.46 -8.37 34.81
CA ARG A 210 -24.95 -7.15 35.42
C ARG A 210 -23.51 -6.81 34.93
N ALA A 211 -22.76 -7.79 34.45
CA ALA A 211 -21.45 -7.59 33.84
C ALA A 211 -21.51 -6.72 32.57
N LEU A 212 -22.65 -6.65 31.90
CA LEU A 212 -22.84 -5.81 30.72
C LEU A 212 -22.83 -4.30 31.08
N ARG A 213 -22.94 -3.95 32.37
CA ARG A 213 -22.76 -2.57 32.88
C ARG A 213 -21.33 -2.06 32.80
N LEU A 214 -20.32 -2.92 32.67
CA LEU A 214 -18.92 -2.49 32.58
C LEU A 214 -18.63 -1.71 31.29
N ILE A 215 -19.45 -1.83 30.23
CA ILE A 215 -19.19 -1.22 28.92
C ILE A 215 -18.95 0.30 29.05
N GLN A 216 -19.76 0.98 29.86
CA GLN A 216 -19.67 2.43 30.09
C GLN A 216 -18.63 2.85 31.16
N PHE A 217 -17.71 1.98 31.56
CA PHE A 217 -16.60 2.33 32.47
C PHE A 217 -15.70 3.46 31.95
N SER A 218 -15.62 3.64 30.62
CA SER A 218 -14.90 4.77 30.01
C SER A 218 -15.45 6.13 30.46
N GLU A 219 -16.77 6.25 30.62
CA GLU A 219 -17.41 7.49 31.09
C GLU A 219 -16.90 7.88 32.48
N ILE A 220 -16.74 6.92 33.40
CA ILE A 220 -16.22 7.20 34.73
C ILE A 220 -14.79 7.75 34.64
N LEU A 221 -13.88 7.09 33.92
CA LEU A 221 -12.50 7.59 33.81
C LEU A 221 -12.40 8.92 33.05
N GLN A 222 -13.33 9.19 32.14
CA GLN A 222 -13.41 10.46 31.41
C GLN A 222 -13.98 11.59 32.27
N PHE A 223 -15.08 11.37 33.01
CA PHE A 223 -15.64 12.37 33.93
C PHE A 223 -14.68 12.72 35.06
N LEU A 224 -13.95 11.73 35.59
CA LEU A 224 -12.92 11.95 36.62
C LEU A 224 -11.60 12.49 36.02
N ASN A 225 -11.53 12.76 34.72
CA ASN A 225 -10.35 13.25 34.00
C ASN A 225 -9.08 12.38 34.17
N ILE A 226 -9.25 11.09 34.48
CA ILE A 226 -8.16 10.11 34.55
C ILE A 226 -7.69 9.73 33.15
N LEU A 227 -8.62 9.66 32.19
CA LEU A 227 -8.37 9.20 30.82
C LEU A 227 -8.31 10.39 29.85
N LYS A 228 -7.23 10.44 29.07
CA LYS A 228 -6.80 11.60 28.28
C LYS A 228 -7.40 11.65 26.86
N THR A 229 -6.67 11.16 25.87
CA THR A 229 -6.99 11.33 24.44
C THR A 229 -8.24 10.56 24.04
N SER A 230 -8.97 11.05 23.03
CA SER A 230 -10.09 10.32 22.41
C SER A 230 -9.68 8.92 21.94
N ASN A 231 -8.46 8.80 21.41
CA ASN A 231 -7.82 7.52 21.09
C ASN A 231 -7.76 6.57 22.31
N SER A 232 -7.31 7.01 23.48
CA SER A 232 -7.30 6.17 24.68
C SER A 232 -8.72 5.85 25.17
N ILE A 233 -9.69 6.74 24.96
CA ILE A 233 -11.11 6.45 25.23
C ILE A 233 -11.64 5.34 24.31
N LYS A 234 -11.33 5.37 23.00
CA LYS A 234 -11.67 4.28 22.08
C LYS A 234 -11.01 2.97 22.50
N LEU A 235 -9.75 2.97 22.88
CA LEU A 235 -9.04 1.79 23.36
C LEU A 235 -9.69 1.18 24.61
N VAL A 236 -10.02 2.00 25.62
CA VAL A 236 -10.69 1.49 26.83
C VAL A 236 -12.11 1.04 26.54
N ASN A 237 -12.83 1.71 25.64
CA ASN A 237 -14.15 1.26 25.20
C ASN A 237 -14.09 -0.15 24.58
N LEU A 238 -13.16 -0.40 23.66
CA LEU A 238 -12.95 -1.73 23.08
C LEU A 238 -12.57 -2.76 24.14
N LEU A 239 -11.60 -2.44 25.01
CA LEU A 239 -11.15 -3.38 26.04
C LEU A 239 -12.27 -3.76 27.01
N SER A 240 -13.13 -2.81 27.40
CA SER A 240 -14.25 -3.12 28.28
C SER A 240 -15.35 -3.94 27.60
N ILE A 241 -15.58 -3.75 26.29
CA ILE A 241 -16.49 -4.61 25.53
C ILE A 241 -15.99 -6.05 25.51
N PHE A 242 -14.67 -6.30 25.40
CA PHE A 242 -14.13 -7.65 25.49
C PHE A 242 -14.36 -8.26 26.88
N ILE A 243 -13.98 -7.61 27.96
CA ILE A 243 -14.15 -8.17 29.32
C ILE A 243 -15.61 -8.45 29.64
N SER A 244 -16.52 -7.51 29.36
CA SER A 244 -17.94 -7.70 29.65
C SER A 244 -18.56 -8.80 28.80
N THR A 245 -18.17 -8.94 27.53
CA THR A 245 -18.64 -10.04 26.68
C THR A 245 -18.12 -11.39 27.15
N TRP A 246 -16.85 -11.48 27.53
CA TRP A 246 -16.27 -12.70 28.08
C TRP A 246 -17.00 -13.17 29.33
N LEU A 247 -17.22 -12.27 30.30
CA LEU A 247 -17.93 -12.61 31.54
C LEU A 247 -19.42 -12.93 31.30
N THR A 248 -20.05 -12.29 30.32
CA THR A 248 -21.44 -12.60 29.96
C THR A 248 -21.56 -13.98 29.33
N ALA A 249 -20.75 -14.28 28.31
CA ALA A 249 -20.80 -15.58 27.64
C ALA A 249 -20.48 -16.72 28.61
N ALA A 250 -19.53 -16.52 29.53
CA ALA A 250 -19.27 -17.47 30.58
C ALA A 250 -20.48 -17.70 31.50
N GLY A 251 -21.31 -16.69 31.72
CA GLY A 251 -22.55 -16.84 32.47
C GLY A 251 -23.57 -17.70 31.75
N PHE A 252 -23.75 -17.50 30.45
CA PHE A 252 -24.65 -18.34 29.67
C PHE A 252 -24.20 -19.80 29.65
N ILE A 253 -22.92 -20.10 29.43
CA ILE A 253 -22.42 -21.48 29.53
C ILE A 253 -22.62 -22.04 30.93
N HIS A 254 -22.34 -21.24 31.96
CA HIS A 254 -22.53 -21.69 33.34
C HIS A 254 -23.97 -22.17 33.58
N LEU A 255 -24.92 -21.32 33.26
CA LEU A 255 -26.35 -21.63 33.39
C LEU A 255 -26.73 -22.88 32.58
N VAL A 256 -26.33 -22.92 31.32
CA VAL A 256 -26.73 -23.97 30.38
C VAL A 256 -26.05 -25.30 30.66
N GLU A 257 -24.89 -25.36 31.32
CA GLU A 257 -24.26 -26.64 31.70
C GLU A 257 -24.69 -27.14 33.07
N ASN A 258 -24.90 -26.27 34.06
CA ASN A 258 -25.33 -26.70 35.39
C ASN A 258 -26.78 -27.21 35.42
N SER A 259 -27.60 -26.82 34.45
CA SER A 259 -28.92 -27.41 34.18
C SER A 259 -28.84 -28.31 32.95
N GLY A 260 -29.39 -29.53 32.99
CA GLY A 260 -29.26 -30.43 31.84
C GLY A 260 -30.07 -29.99 30.61
N ASP A 261 -30.03 -30.77 29.54
CA ASP A 261 -30.99 -30.64 28.45
C ASP A 261 -32.40 -31.08 28.91
N PRO A 262 -33.48 -30.36 28.56
CA PRO A 262 -34.82 -30.71 29.04
C PRO A 262 -35.35 -32.01 28.44
N TRP A 263 -35.04 -32.31 27.18
CA TRP A 263 -35.37 -33.61 26.56
C TRP A 263 -34.64 -34.79 27.21
N GLU A 264 -33.61 -34.52 28.01
CA GLU A 264 -32.88 -35.52 28.79
C GLU A 264 -33.36 -35.54 30.26
N ASN A 265 -34.55 -35.00 30.54
CA ASN A 265 -35.11 -34.81 31.88
C ASN A 265 -34.19 -34.00 32.82
N PHE A 266 -33.33 -33.13 32.27
CA PHE A 266 -32.29 -32.42 32.99
C PHE A 266 -31.25 -33.33 33.69
N GLN A 267 -31.11 -34.58 33.29
CA GLN A 267 -30.21 -35.53 33.95
C GLN A 267 -28.74 -35.41 33.52
N ASN A 268 -28.46 -34.95 32.30
CA ASN A 268 -27.10 -34.86 31.75
C ASN A 268 -26.34 -33.57 32.12
N ASN A 269 -26.69 -32.92 33.22
CA ASN A 269 -26.02 -31.70 33.64
C ASN A 269 -24.55 -31.94 34.03
N GLN A 270 -23.74 -30.88 34.04
CA GLN A 270 -22.33 -30.91 34.40
C GLN A 270 -22.00 -29.82 35.41
N ALA A 271 -21.32 -30.15 36.50
CA ALA A 271 -21.07 -29.24 37.61
C ALA A 271 -19.91 -28.26 37.38
N LEU A 272 -19.87 -27.56 36.25
CA LEU A 272 -18.86 -26.52 35.99
C LEU A 272 -19.03 -25.36 36.98
N THR A 273 -17.95 -24.89 37.60
CA THR A 273 -17.99 -23.59 38.29
C THR A 273 -18.03 -22.45 37.29
N TYR A 274 -18.37 -21.24 37.73
CA TYR A 274 -18.32 -20.08 36.83
C TYR A 274 -16.90 -19.82 36.32
N TRP A 275 -15.89 -20.02 37.16
CA TRP A 275 -14.51 -19.84 36.77
C TRP A 275 -14.03 -20.88 35.76
N GLU A 276 -14.52 -22.12 35.82
CA GLU A 276 -14.27 -23.09 34.76
C GLU A 276 -14.90 -22.66 33.44
N CYS A 277 -16.05 -21.99 33.46
CA CYS A 277 -16.65 -21.45 32.24
C CYS A 277 -15.89 -20.24 31.68
N VAL A 278 -15.35 -19.37 32.55
CA VAL A 278 -14.48 -18.27 32.13
C VAL A 278 -13.21 -18.80 31.48
N TYR A 279 -12.57 -19.79 32.09
CA TYR A 279 -11.40 -20.48 31.55
C TYR A 279 -11.71 -21.20 30.24
N LEU A 280 -12.79 -21.96 30.16
CA LEU A 280 -13.24 -22.62 28.93
C LEU A 280 -13.41 -21.63 27.78
N LEU A 281 -14.03 -20.47 28.02
CA LEU A 281 -14.16 -19.45 26.99
C LEU A 281 -12.80 -18.95 26.55
N MET A 282 -11.85 -18.73 27.45
CA MET A 282 -10.53 -18.25 27.04
C MET A 282 -9.73 -19.28 26.27
N VAL A 283 -9.71 -20.52 26.74
CA VAL A 283 -9.05 -21.64 26.06
C VAL A 283 -9.70 -21.91 24.70
N THR A 284 -10.99 -21.67 24.55
CA THR A 284 -11.66 -21.79 23.25
C THR A 284 -11.40 -20.62 22.32
N MET A 285 -11.55 -19.37 22.77
CA MET A 285 -11.45 -18.22 21.87
C MET A 285 -10.03 -17.90 21.44
N SER A 286 -9.02 -18.25 22.22
CA SER A 286 -7.62 -18.30 21.78
C SER A 286 -7.34 -19.43 20.78
N THR A 287 -8.30 -20.32 20.55
CA THR A 287 -8.22 -21.54 19.73
C THR A 287 -7.23 -22.59 20.21
N VAL A 288 -6.79 -22.53 21.46
CA VAL A 288 -5.97 -23.59 22.08
C VAL A 288 -6.78 -24.88 22.20
N GLY A 289 -7.92 -24.84 22.89
CA GLY A 289 -8.83 -25.97 23.04
C GLY A 289 -8.19 -27.23 23.62
N TYR A 290 -7.70 -27.22 24.85
CA TYR A 290 -7.13 -28.42 25.46
C TYR A 290 -8.13 -29.57 25.56
N GLY A 291 -9.40 -29.30 25.83
CA GLY A 291 -10.39 -30.33 26.09
C GLY A 291 -10.26 -30.97 27.47
N ASP A 292 -9.56 -30.34 28.42
CA ASP A 292 -9.63 -30.70 29.84
C ASP A 292 -11.00 -30.33 30.42
N VAL A 293 -11.56 -29.23 29.95
CA VAL A 293 -12.93 -28.75 30.16
C VAL A 293 -13.54 -28.49 28.80
N TYR A 294 -14.79 -28.89 28.59
CA TYR A 294 -15.58 -28.60 27.39
C TYR A 294 -17.06 -28.75 27.71
N ALA A 295 -17.95 -28.20 26.88
CA ALA A 295 -19.38 -28.28 27.09
C ALA A 295 -19.94 -29.65 26.66
N LYS A 296 -20.65 -30.35 27.55
CA LYS A 296 -21.19 -31.69 27.29
C LYS A 296 -22.68 -31.71 26.94
N THR A 297 -23.47 -30.75 27.40
CA THR A 297 -24.90 -30.74 27.06
C THR A 297 -25.12 -30.34 25.61
N THR A 298 -26.26 -30.69 25.04
CA THR A 298 -26.62 -30.35 23.67
C THR A 298 -26.77 -28.84 23.52
N LEU A 299 -27.43 -28.19 24.48
CA LEU A 299 -27.52 -26.73 24.50
C LEU A 299 -26.14 -26.09 24.64
N GLY A 300 -25.27 -26.56 25.53
CA GLY A 300 -23.92 -26.02 25.66
C GLY A 300 -23.13 -26.13 24.37
N ARG A 301 -23.22 -27.24 23.65
CA ARG A 301 -22.58 -27.38 22.34
C ARG A 301 -23.16 -26.42 21.31
N LEU A 302 -24.47 -26.18 21.30
CA LEU A 302 -25.07 -25.16 20.44
C LEU A 302 -24.55 -23.75 20.78
N PHE A 303 -24.44 -23.41 22.06
CA PHE A 303 -23.87 -22.14 22.48
C PHE A 303 -22.40 -22.04 22.10
N MET A 304 -21.57 -23.07 22.29
CA MET A 304 -20.18 -23.00 21.88
C MET A 304 -20.02 -22.84 20.37
N VAL A 305 -20.83 -23.49 19.55
CA VAL A 305 -20.80 -23.25 18.10
C VAL A 305 -21.15 -21.81 17.76
N PHE A 306 -22.14 -21.22 18.44
CA PHE A 306 -22.45 -19.81 18.26
C PHE A 306 -21.31 -18.90 18.74
N PHE A 307 -20.76 -19.10 19.93
CA PHE A 307 -19.68 -18.27 20.44
C PHE A 307 -18.37 -18.42 19.64
N ILE A 308 -18.07 -19.58 19.08
CA ILE A 308 -16.94 -19.73 18.16
C ILE A 308 -17.19 -18.95 16.86
N LEU A 309 -18.36 -19.08 16.24
CA LEU A 309 -18.68 -18.42 14.98
C LEU A 309 -18.91 -16.91 15.10
N GLY A 310 -19.42 -16.44 16.22
CA GLY A 310 -19.64 -15.01 16.48
C GLY A 310 -18.43 -14.34 17.11
N GLY A 311 -17.69 -15.05 17.96
CA GLY A 311 -16.51 -14.54 18.63
C GLY A 311 -15.34 -14.36 17.66
N LEU A 312 -14.97 -15.41 16.94
CA LEU A 312 -14.10 -15.27 15.77
C LEU A 312 -14.88 -14.60 14.64
N ALA A 313 -14.20 -14.09 13.63
CA ALA A 313 -14.80 -13.69 12.34
C ALA A 313 -15.96 -12.67 12.37
N MET A 314 -16.28 -12.07 13.53
CA MET A 314 -17.23 -10.95 13.63
C MET A 314 -16.92 -10.04 14.82
N PHE A 315 -16.84 -10.59 16.03
CA PHE A 315 -16.55 -9.82 17.22
C PHE A 315 -15.04 -9.50 17.32
N ALA A 316 -14.17 -10.50 17.22
CA ALA A 316 -12.80 -10.31 16.75
C ALA A 316 -12.83 -10.12 15.22
N SER A 317 -11.67 -9.99 14.57
CA SER A 317 -11.55 -9.57 13.16
C SER A 317 -12.08 -8.14 12.89
N TYR A 318 -11.99 -7.29 13.90
CA TYR A 318 -11.87 -5.84 13.72
C TYR A 318 -10.57 -5.47 12.95
N VAL A 319 -10.54 -4.24 12.46
CA VAL A 319 -9.31 -3.53 12.06
C VAL A 319 -8.99 -2.29 12.91
N PRO A 320 -9.92 -1.56 13.58
CA PRO A 320 -9.50 -0.38 14.32
C PRO A 320 -8.68 -0.68 15.58
N GLU A 321 -8.62 -1.90 16.07
CA GLU A 321 -7.82 -2.21 17.25
C GLU A 321 -6.32 -2.07 16.98
N ILE A 322 -5.85 -2.14 15.73
CA ILE A 322 -4.47 -1.79 15.36
C ILE A 322 -4.31 -0.30 15.01
N ILE A 323 -5.29 0.30 14.35
CA ILE A 323 -5.19 1.74 14.00
C ILE A 323 -5.16 2.62 15.27
N GLU A 324 -5.98 2.28 16.26
CA GLU A 324 -5.93 2.97 17.55
C GLU A 324 -4.64 2.64 18.32
N LEU A 325 -4.09 1.44 18.19
CA LEU A 325 -2.84 1.08 18.87
C LEU A 325 -1.67 1.92 18.36
N ILE A 326 -1.51 2.07 17.04
CA ILE A 326 -0.48 2.97 16.47
C ILE A 326 -0.85 4.45 16.64
N GLY A 327 -2.14 4.80 16.65
CA GLY A 327 -2.62 6.16 16.95
C GLY A 327 -2.24 6.65 18.35
N ASN A 328 -2.07 5.73 19.31
CA ASN A 328 -1.55 6.03 20.64
C ASN A 328 -0.04 6.36 20.63
N ARG A 329 0.70 5.95 19.60
CA ARG A 329 2.17 6.14 19.48
C ARG A 329 2.58 7.42 18.77
N LYS A 330 1.75 7.97 17.87
CA LYS A 330 2.08 9.19 17.11
C LYS A 330 2.14 10.47 17.95
N LYS A 331 1.40 10.54 19.07
CA LYS A 331 1.12 11.80 19.75
C LYS A 331 2.32 12.36 20.51
N TYR A 332 2.89 13.45 20.01
CA TYR A 332 3.90 14.25 20.70
C TYR A 332 3.25 15.30 21.60
N GLY A 333 2.85 14.85 22.77
CA GLY A 333 2.55 15.68 23.93
C GLY A 333 1.27 16.51 23.87
N GLY A 334 1.04 17.27 24.92
CA GLY A 334 -0.11 18.13 25.11
C GLY A 334 0.28 19.46 25.71
N SER A 335 0.56 19.50 27.01
CA SER A 335 0.91 20.74 27.65
C SER A 335 2.34 20.69 28.17
N TYR A 336 2.99 21.86 28.24
CA TYR A 336 4.34 21.94 28.73
C TYR A 336 4.28 22.46 30.15
N SER A 337 4.25 21.54 31.12
CA SER A 337 4.21 21.91 32.53
C SER A 337 5.40 22.83 32.79
N ALA A 338 5.14 24.13 32.88
CA ALA A 338 6.24 25.08 33.06
C ALA A 338 6.65 25.05 34.53
N VAL A 339 7.87 24.65 34.83
CA VAL A 339 8.31 24.56 36.22
C VAL A 339 8.96 25.90 36.66
N SER A 340 8.69 26.35 37.88
CA SER A 340 9.20 27.65 38.37
C SER A 340 10.71 27.63 38.59
N GLY A 341 11.36 28.80 38.58
CA GLY A 341 12.80 28.96 38.74
C GLY A 341 13.61 28.68 37.47
N ARG A 342 13.25 27.65 36.67
CA ARG A 342 13.83 27.45 35.34
C ARG A 342 13.40 28.56 34.37
N LYS A 343 14.36 29.07 33.62
CA LYS A 343 14.11 29.82 32.38
C LYS A 343 13.52 28.89 31.33
N HIS A 344 13.01 29.46 30.26
CA HIS A 344 12.23 28.78 29.24
C HIS A 344 12.50 29.48 27.88
N ILE A 345 12.40 28.78 26.76
CA ILE A 345 12.49 29.35 25.41
C ILE A 345 11.64 28.52 24.45
N VAL A 346 11.13 29.09 23.37
CA VAL A 346 10.34 28.35 22.37
C VAL A 346 10.96 28.47 20.99
N VAL A 347 11.16 27.35 20.30
CA VAL A 347 11.75 27.33 18.96
C VAL A 347 10.75 26.80 17.94
N CYS A 348 10.61 27.49 16.82
CA CYS A 348 9.65 27.15 15.78
C CYS A 348 10.12 27.57 14.38
N GLY A 349 9.24 27.50 13.38
CA GLY A 349 9.64 27.67 11.98
C GLY A 349 10.12 26.35 11.38
N HIS A 350 11.05 26.41 10.44
CA HIS A 350 11.54 25.21 9.78
C HIS A 350 12.49 24.40 10.65
N ILE A 351 11.98 23.56 11.54
CA ILE A 351 12.79 22.70 12.41
C ILE A 351 12.90 21.29 11.84
N THR A 352 14.11 20.89 11.51
CA THR A 352 14.48 19.61 10.88
C THR A 352 15.96 19.36 11.19
N LEU A 353 16.46 18.15 10.97
CA LEU A 353 17.81 17.77 11.41
C LEU A 353 18.90 18.74 10.93
N GLU A 354 18.84 19.19 9.68
CA GLU A 354 19.84 20.12 9.13
C GLU A 354 19.73 21.56 9.68
N SER A 355 18.62 21.93 10.31
CA SER A 355 18.47 23.25 10.95
C SER A 355 18.69 23.21 12.45
N VAL A 356 18.14 22.23 13.18
CA VAL A 356 18.26 22.19 14.64
C VAL A 356 19.62 21.71 15.12
N SER A 357 20.34 20.88 14.37
CA SER A 357 21.55 20.24 14.87
C SER A 357 22.69 21.21 15.16
N ASN A 358 22.93 22.20 14.30
CA ASN A 358 23.92 23.25 14.56
C ASN A 358 23.47 24.20 15.67
N PHE A 359 22.17 24.43 15.83
CA PHE A 359 21.64 25.26 16.90
C PHE A 359 21.81 24.58 18.26
N LEU A 360 21.33 23.34 18.40
CA LEU A 360 21.39 22.58 19.65
C LEU A 360 22.82 22.40 20.16
N LYS A 361 23.77 22.00 19.30
CA LYS A 361 25.13 21.77 19.77
C LYS A 361 25.86 23.03 20.21
N ASP A 362 25.37 24.22 19.86
CA ASP A 362 25.87 25.47 20.43
C ASP A 362 25.05 25.88 21.66
N PHE A 363 23.73 25.87 21.58
CA PHE A 363 22.93 26.27 22.75
C PHE A 363 23.20 25.43 24.00
N LEU A 364 23.25 24.12 23.82
CA LEU A 364 23.53 23.16 24.89
C LEU A 364 25.03 22.84 25.03
N HIS A 365 25.91 23.68 24.50
CA HIS A 365 27.35 23.48 24.57
C HIS A 365 27.86 23.54 26.01
N LYS A 366 28.81 22.67 26.36
CA LYS A 366 29.25 22.47 27.75
C LYS A 366 30.05 23.63 28.31
N ASP A 367 30.74 24.38 27.46
CA ASP A 367 31.70 25.38 27.90
C ASP A 367 31.07 26.68 28.43
N ARG A 368 29.85 27.00 28.05
CA ARG A 368 29.26 28.24 28.53
C ARG A 368 29.00 28.24 30.03
N ASP A 369 28.29 27.21 30.49
CA ASP A 369 27.81 27.05 31.89
C ASP A 369 26.95 25.77 31.93
N ASP A 370 26.51 25.36 33.12
CA ASP A 370 25.63 24.21 33.26
C ASP A 370 24.23 24.68 33.66
N VAL A 371 23.65 25.56 32.85
CA VAL A 371 22.32 26.12 33.12
C VAL A 371 21.25 25.48 32.25
N ASN A 372 20.00 25.55 32.70
CA ASN A 372 18.86 24.99 31.98
C ASN A 372 17.91 26.08 31.46
N VAL A 373 17.80 26.26 30.15
CA VAL A 373 16.91 27.28 29.57
C VAL A 373 16.01 26.77 28.45
N GLU A 374 16.63 26.18 27.43
CA GLU A 374 15.93 25.64 26.35
C GLU A 374 15.18 24.37 26.63
N ILE A 375 13.84 24.40 26.63
CA ILE A 375 13.09 23.19 26.93
C ILE A 375 11.89 22.85 26.04
N VAL A 376 11.69 23.53 24.90
CA VAL A 376 10.52 23.23 24.07
C VAL A 376 10.61 23.57 22.57
N PHE A 377 10.01 22.73 21.72
CA PHE A 377 9.94 22.96 20.27
C PHE A 377 8.48 22.79 19.77
N LEU A 378 8.10 23.49 18.71
CA LEU A 378 6.76 23.35 18.14
C LEU A 378 6.88 23.50 16.60
N HIS A 379 6.08 22.71 15.87
CA HIS A 379 6.06 22.69 14.42
C HIS A 379 4.81 21.92 14.04
N ASN A 380 4.25 22.19 12.86
CA ASN A 380 3.04 21.51 12.42
C ASN A 380 3.24 20.05 12.01
N ILE A 381 4.47 19.64 11.74
CA ILE A 381 4.74 18.27 11.34
C ILE A 381 5.37 17.44 12.48
N SER A 382 5.11 16.12 12.49
CA SER A 382 5.69 15.23 13.50
C SER A 382 7.19 14.99 13.28
N PRO A 383 7.98 14.81 14.35
CA PRO A 383 9.44 14.79 14.29
C PRO A 383 9.99 13.39 13.92
N ASN A 384 9.56 12.86 12.78
CA ASN A 384 9.98 11.55 12.28
C ASN A 384 11.49 11.51 11.92
N LEU A 385 11.98 10.32 11.57
CA LEU A 385 13.37 10.00 11.16
C LEU A 385 14.43 10.37 12.21
N GLU A 386 15.70 10.41 11.80
CA GLU A 386 16.86 10.79 12.62
C GLU A 386 16.78 12.25 13.09
N LEU A 387 15.91 12.50 14.06
CA LEU A 387 15.62 13.80 14.67
C LEU A 387 15.14 13.58 16.09
N GLU A 388 14.18 12.67 16.28
CA GLU A 388 13.81 12.21 17.62
C GLU A 388 15.01 11.64 18.38
N ALA A 389 15.93 10.96 17.71
CA ALA A 389 17.19 10.50 18.25
C ALA A 389 18.05 11.64 18.83
N LEU A 390 18.11 12.78 18.15
CA LEU A 390 18.82 13.97 18.63
C LEU A 390 18.10 14.60 19.83
N PHE A 391 16.78 14.46 19.92
CA PHE A 391 16.04 14.79 21.14
C PHE A 391 16.33 13.80 22.28
N LYS A 392 16.46 12.48 22.00
CA LYS A 392 16.84 11.48 23.04
C LYS A 392 18.18 11.83 23.68
N ARG A 393 19.16 12.22 22.86
CA ARG A 393 20.49 12.67 23.32
C ARG A 393 20.49 13.88 24.25
N HIS A 394 19.35 14.59 24.38
CA HIS A 394 19.18 15.76 25.24
C HIS A 394 17.89 15.71 26.07
N PHE A 395 17.41 14.50 26.41
CA PHE A 395 16.09 14.22 27.01
C PHE A 395 15.59 15.23 28.06
N THR A 396 16.43 15.64 29.00
CA THR A 396 16.05 16.49 30.13
C THR A 396 15.80 17.96 29.80
N GLN A 397 16.19 18.39 28.62
CA GLN A 397 15.92 19.75 28.30
C GLN A 397 15.86 19.88 26.82
N VAL A 398 14.76 19.41 26.18
CA VAL A 398 14.33 19.60 24.77
C VAL A 398 12.82 19.61 24.57
N GLU A 399 12.09 18.59 25.01
CA GLU A 399 10.62 18.44 24.88
C GLU A 399 9.97 19.05 23.61
N PHE A 400 10.03 18.36 22.48
CA PHE A 400 9.19 18.70 21.32
C PHE A 400 7.69 18.54 21.63
N TYR A 401 6.84 19.44 21.12
CA TYR A 401 5.38 19.33 21.15
C TYR A 401 4.79 19.55 19.76
N GLN A 402 3.85 18.72 19.31
CA GLN A 402 3.20 18.94 18.01
C GLN A 402 2.10 20.00 18.10
N GLY A 403 2.17 21.01 17.24
CA GLY A 403 1.24 22.14 17.17
C GLY A 403 1.78 23.23 16.25
N SER A 404 0.93 24.15 15.81
CA SER A 404 1.27 25.20 14.84
C SER A 404 1.28 26.59 15.48
N VAL A 405 2.36 27.34 15.30
CA VAL A 405 2.55 28.68 15.86
C VAL A 405 1.57 29.73 15.29
N LEU A 406 0.81 29.40 14.24
CA LEU A 406 -0.29 30.24 13.75
C LEU A 406 -1.56 30.14 14.61
N ASN A 407 -1.66 29.17 15.51
CA ASN A 407 -2.86 28.90 16.30
C ASN A 407 -2.68 29.36 17.76
N PRO A 408 -3.50 30.27 18.29
CA PRO A 408 -3.30 30.80 19.63
C PRO A 408 -3.55 29.78 20.74
N HIS A 409 -4.26 28.68 20.47
CA HIS A 409 -4.37 27.59 21.43
C HIS A 409 -3.03 26.85 21.58
N ASP A 410 -2.27 26.70 20.49
CA ASP A 410 -0.94 26.09 20.56
C ASP A 410 0.11 27.03 21.18
N LEU A 411 0.00 28.34 20.95
CA LEU A 411 0.79 29.33 21.70
C LEU A 411 0.47 29.26 23.19
N ALA A 412 -0.80 29.11 23.55
CA ALA A 412 -1.23 28.94 24.93
C ALA A 412 -0.77 27.61 25.54
N ARG A 413 -0.62 26.55 24.76
CA ARG A 413 -0.08 25.33 25.37
C ARG A 413 1.39 25.59 25.75
N VAL A 414 2.20 25.87 24.75
CA VAL A 414 3.63 26.06 25.08
C VAL A 414 3.94 27.30 25.93
N LYS A 415 2.96 27.90 26.61
CA LYS A 415 3.15 28.96 27.61
C LYS A 415 3.94 30.18 27.12
N ILE A 416 3.55 30.70 25.95
CA ILE A 416 4.20 31.86 25.39
C ILE A 416 4.19 33.06 26.35
N GLU A 417 3.19 33.15 27.23
CA GLU A 417 3.12 34.20 28.24
C GLU A 417 4.43 34.44 29.03
N SER A 418 5.12 33.38 29.43
CA SER A 418 6.38 33.52 30.19
C SER A 418 7.53 32.75 29.56
N ALA A 419 7.51 32.63 28.24
CA ALA A 419 8.55 31.93 27.50
C ALA A 419 9.87 32.66 27.27
N ASP A 420 10.12 33.82 27.89
CA ASP A 420 11.34 34.65 27.72
C ASP A 420 11.62 35.13 26.28
N ALA A 421 11.98 34.23 25.37
CA ALA A 421 12.15 34.50 23.96
C ALA A 421 11.57 33.39 23.05
N CYS A 422 11.22 33.76 21.83
CA CYS A 422 10.86 32.83 20.77
C CYS A 422 11.84 32.94 19.59
N LEU A 423 12.34 31.80 19.12
CA LEU A 423 13.28 31.71 18.00
C LEU A 423 12.58 31.13 16.78
N ILE A 424 12.64 31.82 15.64
CA ILE A 424 12.02 31.37 14.40
C ILE A 424 13.10 31.05 13.37
N LEU A 425 13.19 29.79 12.93
CA LEU A 425 14.19 29.32 11.97
C LEU A 425 13.62 29.31 10.55
N ALA A 426 14.39 29.75 9.57
CA ALA A 426 13.95 29.80 8.17
C ALA A 426 14.34 28.54 7.39
N ASN A 427 13.58 28.21 6.34
CA ASN A 427 14.00 27.21 5.37
C ASN A 427 14.99 27.82 4.37
N LYS A 428 16.29 27.76 4.67
CA LYS A 428 17.38 28.34 3.87
C LYS A 428 17.40 27.88 2.40
N TYR A 429 16.77 26.75 2.10
CA TYR A 429 16.79 26.11 0.79
C TYR A 429 15.44 26.21 0.06
N CYS A 430 14.56 27.11 0.48
CA CYS A 430 13.24 27.27 -0.12
C CYS A 430 13.26 27.86 -1.55
N ALA A 431 12.24 27.52 -2.34
CA ALA A 431 12.07 27.98 -3.72
C ALA A 431 11.65 29.44 -3.87
N ASP A 432 11.17 30.07 -2.80
CA ASP A 432 10.77 31.47 -2.91
C ASP A 432 11.13 32.24 -1.63
N PRO A 433 12.27 32.95 -1.63
CA PRO A 433 12.69 33.71 -0.44
C PRO A 433 11.72 34.75 0.14
N ASP A 434 10.98 35.40 -0.74
CA ASP A 434 10.01 36.43 -0.35
C ASP A 434 8.76 35.82 0.28
N ALA A 435 8.32 34.66 -0.20
CA ALA A 435 7.25 33.90 0.45
C ALA A 435 7.68 33.39 1.82
N GLU A 436 8.91 32.88 1.97
CA GLU A 436 9.45 32.49 3.27
C GLU A 436 9.45 33.64 4.24
N ASP A 437 10.00 34.79 3.89
CA ASP A 437 10.06 35.88 4.86
C ASP A 437 8.67 36.42 5.19
N ALA A 438 7.76 36.52 4.23
CA ALA A 438 6.37 36.84 4.53
C ALA A 438 5.75 35.79 5.47
N SER A 439 5.98 34.50 5.23
CA SER A 439 5.52 33.42 6.11
C SER A 439 6.08 33.58 7.52
N ASN A 440 7.37 33.82 7.67
CA ASN A 440 7.94 33.99 8.98
C ASN A 440 7.47 35.28 9.64
N ILE A 441 7.15 36.34 8.88
CA ILE A 441 6.49 37.52 9.45
C ILE A 441 5.07 37.18 9.91
N MET A 442 4.32 36.32 9.20
CA MET A 442 3.03 35.81 9.71
C MET A 442 3.21 35.16 11.08
N ARG A 443 4.25 34.35 11.26
CA ARG A 443 4.56 33.76 12.57
C ARG A 443 4.88 34.86 13.58
N VAL A 444 5.69 35.86 13.24
CA VAL A 444 6.00 36.95 14.17
C VAL A 444 4.75 37.68 14.61
N ILE A 445 3.88 38.07 13.67
CA ILE A 445 2.65 38.78 14.05
C ILE A 445 1.71 37.86 14.81
N SER A 446 1.60 36.58 14.47
CA SER A 446 0.84 35.61 15.27
C SER A 446 1.30 35.61 16.72
N ILE A 447 2.61 35.51 16.96
CA ILE A 447 3.15 35.48 18.32
C ILE A 447 2.95 36.82 19.04
N LYS A 448 3.23 37.95 18.40
CA LYS A 448 3.08 39.28 19.02
C LYS A 448 1.60 39.63 19.27
N ASN A 449 0.71 39.23 18.37
CA ASN A 449 -0.74 39.37 18.50
C ASN A 449 -1.26 38.59 19.72
N TYR A 450 -0.75 37.40 19.98
CA TYR A 450 -1.05 36.63 21.19
C TYR A 450 -0.45 37.23 22.46
N HIS A 451 0.84 37.64 22.41
CA HIS A 451 1.62 38.22 23.54
C HIS A 451 2.54 39.44 23.16
N PRO A 452 2.24 40.68 23.68
CA PRO A 452 3.06 41.81 23.28
C PRO A 452 4.54 41.72 23.63
N LYS A 453 4.89 41.20 24.81
CA LYS A 453 6.20 41.44 25.46
C LYS A 453 7.21 40.30 25.33
N ILE A 454 6.90 39.20 24.65
CA ILE A 454 7.90 38.17 24.35
C ILE A 454 8.96 38.73 23.41
N ARG A 455 10.23 38.39 23.66
CA ARG A 455 11.36 38.69 22.79
C ARG A 455 11.37 37.77 21.57
N ILE A 456 11.58 38.27 20.37
CA ILE A 456 11.62 37.42 19.16
C ILE A 456 12.92 37.59 18.41
N ILE A 457 13.54 36.46 18.04
CA ILE A 457 14.70 36.40 17.14
C ILE A 457 14.32 35.58 15.91
N THR A 458 14.53 36.10 14.70
CA THR A 458 14.08 35.45 13.47
C THR A 458 15.13 35.48 12.36
N GLN A 459 15.26 34.41 11.58
CA GLN A 459 16.06 34.41 10.36
C GLN A 459 15.27 34.99 9.19
N MET A 460 15.85 35.93 8.44
CA MET A 460 15.30 36.44 7.19
C MET A 460 16.18 36.03 6.03
N LEU A 461 15.62 35.56 4.93
CA LEU A 461 16.39 35.17 3.75
C LEU A 461 16.78 36.37 2.87
N GLN A 462 15.97 37.43 2.87
CA GLN A 462 16.23 38.63 2.05
C GLN A 462 16.32 39.92 2.91
N TYR A 463 17.09 40.92 2.47
CA TYR A 463 17.27 42.13 3.27
C TYR A 463 16.02 43.00 3.35
N HIS A 464 15.38 43.26 2.20
CA HIS A 464 14.20 44.14 2.16
C HIS A 464 13.05 43.77 3.12
N ASN A 465 12.83 42.47 3.30
CA ASN A 465 11.79 42.00 4.19
C ASN A 465 12.01 42.38 5.66
N LYS A 466 13.20 42.82 6.08
CA LYS A 466 13.38 43.38 7.41
C LYS A 466 12.63 44.69 7.65
N ALA A 467 12.26 45.42 6.60
CA ALA A 467 11.45 46.63 6.74
C ALA A 467 10.05 46.29 7.26
N HIS A 468 9.47 45.22 6.71
CA HIS A 468 8.13 44.75 7.08
C HIS A 468 7.99 44.40 8.57
N LEU A 469 9.07 43.90 9.16
CA LEU A 469 9.16 43.55 10.58
C LEU A 469 9.06 44.77 11.50
N LEU A 470 9.36 45.96 11.00
CA LEU A 470 9.29 47.22 11.75
C LEU A 470 7.88 47.84 11.72
N ASN A 471 6.99 47.37 10.84
CA ASN A 471 5.57 47.80 10.79
C ASN A 471 4.74 47.27 11.96
N ILE A 472 5.12 46.13 12.53
CA ILE A 472 4.41 45.50 13.65
C ILE A 472 4.49 46.42 14.87
N PRO A 473 3.37 46.84 15.46
CA PRO A 473 3.40 47.90 16.48
C PRO A 473 4.03 47.43 17.80
N SER A 474 3.97 46.13 18.08
CA SER A 474 4.48 45.53 19.32
C SER A 474 5.90 44.97 19.19
N TRP A 475 6.63 45.34 18.15
CA TRP A 475 8.02 44.98 17.90
C TRP A 475 8.93 46.14 18.29
N ASN A 476 9.96 45.93 19.11
CA ASN A 476 10.93 46.99 19.37
C ASN A 476 12.35 46.48 19.61
N TRP A 477 13.25 46.80 18.69
CA TRP A 477 14.64 46.36 18.76
C TRP A 477 15.40 46.97 19.93
N LYS A 478 14.93 48.09 20.48
CA LYS A 478 15.42 48.66 21.73
C LYS A 478 15.22 47.76 22.95
N GLU A 479 14.40 46.73 22.86
CA GLU A 479 14.17 45.72 23.91
C GLU A 479 14.56 44.30 23.46
N GLY A 480 15.40 44.18 22.42
CA GLY A 480 16.03 42.92 22.03
C GLY A 480 15.26 42.04 21.05
N ASP A 481 14.18 42.52 20.43
CA ASP A 481 13.65 41.89 19.22
C ASP A 481 14.60 42.14 18.04
N ASP A 482 15.02 41.13 17.27
CA ASP A 482 15.86 41.35 16.09
C ASP A 482 15.78 40.25 15.02
N ALA A 483 16.18 40.60 13.81
CA ALA A 483 16.23 39.70 12.68
C ALA A 483 17.65 39.52 12.17
N ILE A 484 18.05 38.27 12.01
CA ILE A 484 19.31 37.86 11.44
C ILE A 484 19.08 37.65 9.95
N CYS A 485 19.40 38.64 9.13
CA CYS A 485 19.26 38.50 7.69
C CYS A 485 20.43 37.70 7.10
N LEU A 486 20.16 36.52 6.57
CA LEU A 486 21.20 35.65 6.06
C LEU A 486 21.87 36.21 4.82
N ALA A 487 21.15 36.78 3.86
CA ALA A 487 21.79 37.40 2.70
C ALA A 487 22.67 38.59 3.08
N GLU A 488 22.23 39.45 4.01
CA GLU A 488 23.00 40.59 4.48
C GLU A 488 24.31 40.14 5.13
N LEU A 489 24.26 39.20 6.08
CA LEU A 489 25.47 38.77 6.77
C LEU A 489 26.37 37.93 5.87
N LYS A 490 25.83 37.00 5.09
CA LYS A 490 26.61 36.19 4.16
C LYS A 490 27.41 37.05 3.20
N LEU A 491 26.76 37.94 2.46
CA LEU A 491 27.44 38.78 1.50
C LEU A 491 28.28 39.86 2.17
N GLY A 492 27.92 40.28 3.37
CA GLY A 492 28.73 41.19 4.16
C GLY A 492 30.04 40.57 4.62
N PHE A 493 30.06 39.33 5.08
CA PHE A 493 31.30 38.67 5.51
C PHE A 493 32.23 38.51 4.31
N ILE A 494 31.70 38.07 3.17
CA ILE A 494 32.45 37.99 1.93
C ILE A 494 32.98 39.36 1.53
N ALA A 495 32.17 40.42 1.59
CA ALA A 495 32.62 41.76 1.25
C ALA A 495 33.79 42.21 2.14
N GLN A 496 33.72 42.05 3.45
CA GLN A 496 34.85 42.41 4.30
C GLN A 496 36.07 41.51 4.07
N SER A 497 35.89 40.25 3.68
CA SER A 497 37.02 39.41 3.25
C SER A 497 37.71 39.92 1.98
N CYS A 498 37.03 40.66 1.10
CA CYS A 498 37.71 41.33 -0.02
C CYS A 498 38.64 42.47 0.42
N LEU A 499 38.50 42.96 1.65
CA LEU A 499 39.40 43.95 2.24
C LEU A 499 40.54 43.29 3.01
N ALA A 500 40.27 42.17 3.67
CA ALA A 500 41.26 41.36 4.36
C ALA A 500 40.88 39.88 4.32
N GLN A 501 41.54 39.06 3.50
CA GLN A 501 41.25 37.64 3.41
C GLN A 501 41.25 36.97 4.78
N GLY A 502 40.37 35.99 5.00
CA GLY A 502 40.29 35.25 6.25
C GLY A 502 39.42 35.92 7.31
N LEU A 503 39.03 37.17 7.14
CA LEU A 503 38.17 37.84 8.10
C LEU A 503 36.81 37.14 8.25
N SER A 504 36.22 36.64 7.16
CA SER A 504 34.97 35.88 7.25
C SER A 504 35.06 34.62 8.09
N THR A 505 36.21 33.95 8.16
CA THR A 505 36.39 32.80 9.08
C THR A 505 36.74 33.26 10.48
N MET A 506 37.45 34.39 10.64
CA MET A 506 37.66 34.98 11.95
C MET A 506 36.33 35.32 12.63
N LEU A 507 35.48 36.11 11.98
CA LEU A 507 34.18 36.48 12.51
C LEU A 507 33.32 35.24 12.80
N ALA A 508 33.19 34.31 11.87
CA ALA A 508 32.39 33.12 12.10
C ALA A 508 32.87 32.28 13.29
N ASN A 509 34.15 32.33 13.66
CA ASN A 509 34.66 31.62 14.84
C ASN A 509 34.44 32.39 16.15
N LEU A 510 34.17 33.70 16.11
CA LEU A 510 33.90 34.49 17.31
C LEU A 510 32.50 34.27 17.89
N PHE A 511 31.56 33.72 17.15
CA PHE A 511 30.24 33.47 17.71
C PHE A 511 30.08 32.05 18.27
N SER A 512 30.56 31.06 17.52
CA SER A 512 30.39 29.68 17.89
C SER A 512 31.16 29.39 19.17
N MET A 513 30.48 28.86 20.16
CA MET A 513 31.04 28.57 21.47
C MET A 513 31.95 27.35 21.36
N ARG A 514 33.26 27.54 21.55
CA ARG A 514 34.15 26.43 21.47
C ARG A 514 35.14 26.44 22.66
N SER A 515 35.43 25.25 23.18
CA SER A 515 36.48 25.06 24.19
C SER A 515 37.88 25.17 23.57
N PHE A 516 38.90 25.33 24.40
CA PHE A 516 40.29 25.19 23.98
C PHE A 516 40.63 23.71 23.77
N ILE A 517 41.15 23.34 22.60
CA ILE A 517 41.59 21.97 22.31
C ILE A 517 43.11 21.93 22.30
N LYS A 518 43.71 21.09 23.14
CA LYS A 518 45.16 20.87 23.19
C LYS A 518 45.60 19.96 22.04
N ILE A 519 46.65 20.37 21.33
CA ILE A 519 47.32 19.61 20.27
C ILE A 519 48.81 19.61 20.57
N GLU A 520 49.44 18.44 20.52
CA GLU A 520 50.86 18.27 20.79
C GLU A 520 51.73 18.31 19.52
N GLU A 521 51.24 17.82 18.37
CA GLU A 521 51.98 17.90 17.10
C GLU A 521 52.10 19.35 16.60
N ASP A 522 53.24 19.73 16.04
CA ASP A 522 53.50 21.14 15.69
C ASP A 522 52.87 21.59 14.35
N THR A 523 51.69 21.08 14.02
CA THR A 523 50.97 21.40 12.77
C THR A 523 50.20 22.72 12.86
N TRP A 524 49.73 23.26 11.74
CA TRP A 524 48.96 24.53 11.73
C TRP A 524 47.69 24.44 12.58
N GLN A 525 47.08 23.26 12.73
CA GLN A 525 45.92 23.07 13.59
C GLN A 525 46.19 23.45 15.06
N LYS A 526 47.43 23.33 15.55
CA LYS A 526 47.75 23.66 16.95
C LYS A 526 47.51 25.13 17.25
N TYR A 527 48.02 26.02 16.40
CA TYR A 527 47.82 27.45 16.57
C TYR A 527 46.39 27.87 16.21
N TYR A 528 45.78 27.23 15.21
CA TYR A 528 44.40 27.52 14.83
C TYR A 528 43.42 27.21 15.96
N LEU A 529 43.46 26.01 16.54
CA LEU A 529 42.53 25.62 17.60
C LEU A 529 42.68 26.45 18.89
N GLU A 530 43.85 27.04 19.12
CA GLU A 530 44.03 28.03 20.18
C GLU A 530 43.25 29.32 19.86
N GLY A 531 43.35 29.85 18.65
CA GLY A 531 42.61 31.04 18.22
C GLY A 531 41.09 30.84 18.11
N VAL A 532 40.62 29.63 17.81
CA VAL A 532 39.19 29.26 17.75
C VAL A 532 38.53 29.26 19.14
N SER A 533 39.31 29.08 20.19
CA SER A 533 38.81 28.89 21.57
C SER A 533 38.14 30.11 22.19
N ASN A 534 38.31 31.30 21.63
CA ASN A 534 37.68 32.51 22.13
C ASN A 534 36.39 32.91 21.40
N GLU A 535 35.61 33.78 22.04
CA GLU A 535 34.36 34.34 21.53
C GLU A 535 34.31 35.84 21.77
N MET A 536 33.40 36.50 21.08
CA MET A 536 32.98 37.86 21.40
C MET A 536 32.13 37.86 22.69
N TYR A 537 32.48 38.70 23.64
CA TYR A 537 31.80 38.91 24.92
C TYR A 537 31.69 40.41 25.19
N THR A 538 30.88 40.80 26.17
CA THR A 538 30.77 42.20 26.54
C THR A 538 30.42 42.39 28.02
N GLU A 539 30.88 43.50 28.58
CA GLU A 539 30.79 43.82 30.00
C GLU A 539 30.87 45.34 30.19
N TYR A 540 30.35 45.86 31.31
CA TYR A 540 30.48 47.27 31.67
C TYR A 540 31.88 47.57 32.21
N LEU A 541 32.51 48.64 31.74
CA LEU A 541 33.85 48.99 32.21
C LEU A 541 33.84 49.39 33.70
N SER A 542 34.83 48.94 34.47
CA SER A 542 35.07 49.43 35.83
C SER A 542 35.15 50.96 35.87
N SER A 543 34.66 51.57 36.96
CA SER A 543 34.81 53.01 37.20
C SER A 543 36.27 53.48 37.19
N ALA A 544 37.22 52.57 37.44
CA ALA A 544 38.65 52.85 37.34
C ALA A 544 39.09 53.32 35.94
N PHE A 545 38.33 52.99 34.89
CA PHE A 545 38.61 53.38 33.50
C PHE A 545 37.91 54.69 33.07
N VAL A 546 37.08 55.29 33.92
CA VAL A 546 36.28 56.47 33.52
C VAL A 546 37.14 57.73 33.48
N GLY A 547 36.98 58.53 32.43
CA GLY A 547 37.67 59.81 32.26
C GLY A 547 38.96 59.76 31.43
N LEU A 548 39.37 58.59 30.93
CA LEU A 548 40.59 58.40 30.14
C LEU A 548 40.31 57.78 28.76
N SER A 549 41.24 57.99 27.82
CA SER A 549 41.03 57.73 26.38
C SER A 549 41.05 56.25 26.01
N PHE A 550 40.21 55.85 25.06
CA PHE A 550 40.01 54.45 24.67
C PHE A 550 41.30 53.66 24.35
N PRO A 551 42.27 54.16 23.56
CA PRO A 551 43.51 53.45 23.31
C PRO A 551 44.28 53.10 24.58
N THR A 552 44.23 53.98 25.58
CA THR A 552 44.96 53.81 26.83
C THR A 552 44.36 52.68 27.67
N VAL A 553 43.03 52.58 27.72
CA VAL A 553 42.39 51.45 28.42
C VAL A 553 42.55 50.15 27.66
N CYS A 554 42.60 50.19 26.32
CA CYS A 554 42.91 49.01 25.52
C CYS A 554 44.29 48.46 25.87
N GLU A 555 45.31 49.33 25.90
CA GLU A 555 46.65 48.89 26.26
C GLU A 555 46.71 48.35 27.69
N LEU A 556 46.04 49.02 28.64
CA LEU A 556 45.95 48.55 30.03
C LEU A 556 45.27 47.18 30.13
N CYS A 557 44.09 47.00 29.54
CA CYS A 557 43.36 45.75 29.70
C CYS A 557 43.97 44.59 28.91
N PHE A 558 44.64 44.86 27.78
CA PHE A 558 45.41 43.82 27.11
C PHE A 558 46.62 43.41 27.96
N VAL A 559 47.45 44.37 28.37
CA VAL A 559 48.72 44.09 29.05
C VAL A 559 48.50 43.52 30.46
N LYS A 560 47.73 44.22 31.30
CA LYS A 560 47.65 43.92 32.74
C LYS A 560 46.64 42.83 33.08
N LEU A 561 45.57 42.70 32.30
CA LEU A 561 44.48 41.75 32.56
C LEU A 561 44.06 40.90 31.34
N LYS A 562 44.89 40.83 30.29
CA LYS A 562 44.82 39.83 29.20
C LYS A 562 43.49 39.79 28.43
N LEU A 563 42.78 40.92 28.31
CA LEU A 563 41.56 41.04 27.52
C LEU A 563 41.78 41.99 26.33
N LEU A 564 41.41 41.56 25.13
CA LEU A 564 41.37 42.41 23.95
C LEU A 564 40.03 43.14 23.90
N MET A 565 40.04 44.48 23.91
CA MET A 565 38.82 45.31 23.82
C MET A 565 38.67 45.93 22.43
N ILE A 566 37.49 45.83 21.84
CA ILE A 566 37.26 46.11 20.41
C ILE A 566 36.43 47.38 20.19
N ALA A 567 35.35 47.53 20.95
CA ALA A 567 34.31 48.53 20.73
C ALA A 567 33.63 48.91 22.04
N ILE A 568 32.88 50.01 22.05
CA ILE A 568 32.10 50.46 23.21
C ILE A 568 30.75 51.05 22.79
N GLU A 569 29.77 50.99 23.69
CA GLU A 569 28.50 51.71 23.55
C GLU A 569 28.68 53.22 23.71
N SER A 577 27.95 58.73 20.70
CA SER A 577 28.79 57.54 20.83
C SER A 577 27.96 56.27 21.11
N ARG A 578 26.93 56.03 20.30
CA ARG A 578 25.95 54.96 20.51
C ARG A 578 26.58 53.57 20.49
N ILE A 579 27.27 53.24 19.40
CA ILE A 579 28.06 52.01 19.24
C ILE A 579 29.21 52.30 18.28
N LEU A 580 30.44 52.39 18.79
CA LEU A 580 31.57 52.63 17.91
C LEU A 580 32.71 51.58 18.14
N ILE A 581 33.54 51.46 17.10
CA ILE A 581 34.53 50.43 16.88
C ILE A 581 35.91 51.06 16.83
N ASN A 582 36.82 50.66 17.73
CA ASN A 582 38.18 51.20 17.83
C ASN A 582 38.29 52.77 17.80
N PRO A 583 37.50 53.46 18.70
CA PRO A 583 37.42 54.92 18.63
C PRO A 583 38.75 55.62 18.86
N GLY A 584 38.91 56.80 18.25
CA GLY A 584 40.15 57.58 18.24
C GLY A 584 40.61 58.08 19.61
N ASN A 585 41.87 58.50 19.69
CA ASN A 585 42.51 58.93 20.93
C ASN A 585 41.91 60.20 21.58
N HIS A 586 41.05 60.90 20.86
CA HIS A 586 40.35 62.04 21.45
C HIS A 586 39.11 61.62 22.31
N LEU A 587 38.64 60.37 22.16
CA LEU A 587 37.46 59.89 22.85
C LEU A 587 37.80 59.29 24.23
N LYS A 588 37.45 60.03 25.29
CA LYS A 588 37.54 59.57 26.69
C LYS A 588 36.26 58.88 27.16
N ILE A 589 36.43 57.88 28.02
CA ILE A 589 35.36 57.00 28.50
C ILE A 589 34.45 57.69 29.52
N GLN A 590 33.14 57.56 29.33
CA GLN A 590 32.09 57.97 30.27
C GLN A 590 31.81 56.88 31.31
N GLU A 591 31.16 57.22 32.42
CA GLU A 591 30.66 56.19 33.34
C GLU A 591 29.53 55.36 32.71
N GLY A 592 29.49 54.06 33.01
CA GLY A 592 28.43 53.15 32.56
C GLY A 592 28.52 52.70 31.09
N THR A 593 29.65 52.89 30.40
CA THR A 593 29.83 52.35 29.04
C THR A 593 29.97 50.84 29.06
N LEU A 594 29.25 50.14 28.16
CA LEU A 594 29.41 48.71 27.85
C LEU A 594 30.67 48.54 26.98
N GLY A 595 31.56 47.56 27.26
CA GLY A 595 32.76 47.41 26.44
C GLY A 595 33.03 46.01 25.85
N PHE A 596 33.10 45.85 24.52
CA PHE A 596 33.14 44.57 23.83
C PHE A 596 34.55 43.99 23.85
N PHE A 597 34.66 42.71 24.15
CA PHE A 597 35.91 42.00 24.39
C PHE A 597 35.98 40.68 23.63
N ILE A 598 37.19 40.26 23.25
CA ILE A 598 37.43 38.88 22.81
C ILE A 598 38.16 38.16 23.95
N ALA A 599 37.66 37.00 24.35
CA ALA A 599 38.20 36.27 25.50
C ALA A 599 37.96 34.78 25.38
N SER A 600 38.77 33.97 26.08
CA SER A 600 38.67 32.52 26.06
C SER A 600 37.34 31.99 26.59
N ASP A 601 36.74 32.70 27.56
CA ASP A 601 35.51 32.28 28.24
C ASP A 601 34.81 33.50 28.86
N ALA A 602 33.50 33.41 29.13
CA ALA A 602 32.72 34.48 29.74
C ALA A 602 33.24 34.87 31.13
N LYS A 603 33.61 33.89 31.97
CA LYS A 603 34.12 34.12 33.32
C LYS A 603 35.40 34.96 33.35
N GLU A 604 36.10 35.01 32.21
CA GLU A 604 37.33 35.79 32.10
C GLU A 604 37.09 37.28 31.82
N VAL A 605 35.93 37.63 31.26
CA VAL A 605 35.66 39.05 30.97
C VAL A 605 35.33 39.85 32.24
N LYS A 606 34.92 39.17 33.32
CA LYS A 606 34.48 39.79 34.59
C LYS A 606 35.52 40.70 35.20
N ARG A 607 36.81 40.42 34.96
CA ARG A 607 37.89 41.27 35.48
C ARG A 607 37.78 42.72 34.96
N ALA A 608 37.28 42.91 33.75
CA ALA A 608 37.11 44.27 33.20
C ALA A 608 36.19 45.16 34.07
N PHE A 609 35.27 44.55 34.81
CA PHE A 609 34.40 45.21 35.78
C PHE A 609 35.00 45.22 37.20
N PHE A 610 35.52 44.08 37.65
CA PHE A 610 36.09 43.89 39.00
C PHE A 610 37.44 44.60 39.23
N TYR A 611 38.20 44.92 38.19
CA TYR A 611 39.48 45.63 38.32
C TYR A 611 39.33 47.01 38.96
N CYS A 612 40.18 47.32 39.94
CA CYS A 612 40.33 48.66 40.50
C CYS A 612 41.74 48.85 41.09
N LYS A 613 42.69 49.25 40.23
CA LYS A 613 44.13 49.44 40.52
C LYS A 613 44.84 48.16 40.99
N ALA A 614 44.68 47.77 42.25
CA ALA A 614 45.13 46.51 42.81
C ALA A 614 46.58 46.12 42.42
N CYS A 615 46.78 44.93 41.86
CA CYS A 615 48.09 44.43 41.41
C CYS A 615 48.69 45.28 40.28
N SER A 681 31.53 70.60 -2.98
CA SER A 681 30.23 70.50 -2.31
C SER A 681 29.02 70.73 -3.24
N ASN A 682 29.25 71.17 -4.47
CA ASN A 682 28.23 71.43 -5.49
C ASN A 682 27.69 70.18 -6.20
N VAL A 683 28.26 68.99 -5.94
CA VAL A 683 27.87 67.70 -6.54
C VAL A 683 27.70 66.62 -5.47
N LYS A 684 26.80 65.66 -5.73
CA LYS A 684 26.46 64.57 -4.80
C LYS A 684 27.50 63.43 -4.87
N LYS A 685 28.48 63.46 -3.96
CA LYS A 685 29.52 62.41 -3.82
C LYS A 685 29.09 61.23 -2.95
N TYR A 686 28.09 61.41 -2.10
CA TYR A 686 27.71 60.47 -1.05
C TYR A 686 26.20 60.28 -0.97
N ASP A 687 25.78 59.26 -0.24
CA ASP A 687 24.38 59.13 0.16
C ASP A 687 23.94 60.29 1.09
N SER A 688 22.64 60.39 1.33
CA SER A 688 22.01 61.43 2.15
C SER A 688 22.58 61.60 3.57
N THR A 689 23.26 60.63 4.15
CA THR A 689 23.90 60.75 5.48
C THR A 689 25.42 60.57 5.47
N GLY A 690 26.07 60.49 4.30
CA GLY A 690 27.52 60.40 4.20
C GLY A 690 28.14 59.06 4.63
N MET A 691 27.35 58.02 4.88
CA MET A 691 27.83 56.70 5.26
C MET A 691 28.47 55.93 4.08
N PHE A 692 28.00 56.19 2.86
CA PHE A 692 28.42 55.51 1.63
C PHE A 692 28.70 56.50 0.48
N HIS A 693 29.64 56.14 -0.39
CA HIS A 693 29.82 56.79 -1.69
C HIS A 693 28.59 56.60 -2.58
N TRP A 694 28.37 57.52 -3.50
CA TRP A 694 27.18 57.52 -4.36
C TRP A 694 27.48 58.14 -5.73
N CYS A 695 26.68 57.80 -6.74
CA CYS A 695 26.68 58.49 -8.03
C CYS A 695 25.26 58.55 -8.61
N ALA A 696 25.07 59.45 -9.58
CA ALA A 696 23.84 59.52 -10.34
C ALA A 696 23.52 58.17 -11.00
N PRO A 697 22.25 57.76 -11.10
CA PRO A 697 21.87 56.43 -11.53
C PRO A 697 22.26 56.19 -12.99
N LYS A 698 23.21 55.30 -13.21
CA LYS A 698 23.72 54.93 -14.53
C LYS A 698 22.70 54.08 -15.30
N GLU A 699 22.88 53.99 -16.61
CA GLU A 699 22.21 52.99 -17.45
C GLU A 699 23.08 51.74 -17.57
N ILE A 700 22.50 50.55 -17.69
CA ILE A 700 23.26 49.29 -17.68
C ILE A 700 24.20 49.19 -18.90
N GLU A 701 23.78 49.76 -20.03
CA GLU A 701 24.58 49.89 -21.25
C GLU A 701 25.84 50.74 -21.07
N LYS A 702 25.91 51.58 -20.03
CA LYS A 702 27.10 52.38 -19.71
C LYS A 702 28.18 51.57 -18.98
N VAL A 703 27.82 50.47 -18.32
CA VAL A 703 28.72 49.67 -17.47
C VAL A 703 29.02 48.27 -18.00
N ILE A 704 28.24 47.76 -18.96
CA ILE A 704 28.53 46.51 -19.65
C ILE A 704 29.78 46.64 -20.54
N LEU A 705 30.58 45.57 -20.64
CA LEU A 705 31.82 45.50 -21.43
C LEU A 705 31.80 44.25 -22.31
N THR A 706 32.26 44.33 -23.56
CA THR A 706 32.69 43.11 -24.29
C THR A 706 34.15 42.74 -23.94
N ARG A 707 34.55 41.51 -24.23
CA ARG A 707 35.91 41.03 -23.91
C ARG A 707 37.05 41.99 -24.28
N SER A 708 36.99 42.53 -25.49
CA SER A 708 37.98 43.48 -25.98
C SER A 708 38.07 44.74 -25.11
N GLU A 709 36.93 45.26 -24.65
CA GLU A 709 36.87 46.44 -23.78
C GLU A 709 37.42 46.13 -22.39
N ALA A 710 37.04 44.98 -21.84
CA ALA A 710 37.61 44.52 -20.58
C ALA A 710 39.13 44.33 -20.69
N ALA A 711 39.60 43.73 -21.79
CA ALA A 711 41.02 43.45 -21.99
C ALA A 711 41.90 44.70 -22.07
N MET A 712 41.45 45.76 -22.76
CA MET A 712 42.23 47.02 -22.81
C MET A 712 41.99 47.92 -21.59
N THR A 713 40.90 47.74 -20.84
CA THR A 713 40.75 48.37 -19.52
C THR A 713 41.75 47.78 -18.54
N VAL A 714 42.64 48.58 -17.97
CA VAL A 714 43.71 48.09 -17.10
C VAL A 714 43.20 47.85 -15.68
N LEU A 715 42.35 46.84 -15.52
CA LEU A 715 41.86 46.37 -14.22
C LEU A 715 43.01 45.77 -13.41
N SER A 716 43.23 46.28 -12.20
CA SER A 716 44.22 45.76 -11.25
C SER A 716 43.79 46.09 -9.82
N GLY A 717 44.09 45.23 -8.84
CA GLY A 717 43.70 45.40 -7.43
C GLY A 717 42.18 45.37 -7.15
N HIS A 718 41.44 44.94 -8.17
CA HIS A 718 39.99 44.92 -8.18
C HIS A 718 39.32 43.62 -7.65
N VAL A 719 37.99 43.63 -7.55
CA VAL A 719 37.23 42.44 -7.14
C VAL A 719 36.49 41.87 -8.35
N VAL A 720 36.58 40.57 -8.58
CA VAL A 720 35.78 39.88 -9.60
C VAL A 720 34.71 39.06 -8.92
N VAL A 721 33.46 39.21 -9.33
CA VAL A 721 32.36 38.41 -8.81
C VAL A 721 31.84 37.51 -9.92
N CYS A 722 31.98 36.21 -9.74
CA CYS A 722 31.57 35.20 -10.69
C CYS A 722 30.21 34.67 -10.28
N ILE A 723 29.19 34.85 -11.11
CA ILE A 723 27.82 34.48 -10.78
C ILE A 723 27.30 33.41 -11.71
N PHE A 724 26.99 32.25 -11.16
CA PHE A 724 26.12 31.28 -11.82
C PHE A 724 24.68 31.70 -11.56
N GLY A 725 23.96 32.05 -12.61
CA GLY A 725 22.62 32.61 -12.53
C GLY A 725 21.91 32.57 -13.87
N ASP A 726 20.59 32.65 -13.82
CA ASP A 726 19.71 32.44 -14.97
C ASP A 726 18.36 33.12 -14.73
N VAL A 727 17.55 33.32 -15.77
CA VAL A 727 16.27 34.05 -15.68
C VAL A 727 15.24 33.40 -14.75
N SER A 728 15.35 32.10 -14.48
CA SER A 728 14.51 31.37 -13.54
C SER A 728 14.96 31.51 -12.06
N SER A 729 16.20 31.93 -11.82
CA SER A 729 16.86 31.79 -10.50
C SER A 729 16.59 32.96 -9.55
N ALA A 730 16.55 32.70 -8.25
CA ALA A 730 16.23 33.71 -7.24
C ALA A 730 17.34 34.76 -7.07
N LEU A 731 16.93 35.95 -6.61
CA LEU A 731 17.83 37.08 -6.43
C LEU A 731 18.87 36.87 -5.30
N ILE A 732 20.17 36.97 -5.62
CA ILE A 732 21.21 36.82 -4.61
C ILE A 732 21.18 37.95 -3.58
N GLY A 733 20.86 39.18 -3.98
CA GLY A 733 20.86 40.35 -3.09
C GLY A 733 22.16 41.13 -3.13
N LEU A 734 22.71 41.34 -4.32
CA LEU A 734 24.08 41.83 -4.55
C LEU A 734 24.36 43.20 -3.94
N ARG A 735 23.34 44.02 -3.65
CA ARG A 735 23.50 45.30 -2.93
C ARG A 735 24.30 45.10 -1.63
N ASN A 736 24.10 43.98 -0.96
CA ASN A 736 24.77 43.66 0.32
C ASN A 736 26.25 43.31 0.16
N LEU A 737 26.68 42.87 -1.03
CA LEU A 737 28.08 42.69 -1.37
C LEU A 737 28.73 44.03 -1.70
N VAL A 738 28.06 44.87 -2.50
CA VAL A 738 28.61 46.15 -2.96
C VAL A 738 28.66 47.21 -1.85
N MET A 739 27.65 47.32 -0.99
CA MET A 739 27.61 48.40 0.00
C MET A 739 28.79 48.43 0.97
N PRO A 740 29.21 47.34 1.63
CA PRO A 740 30.37 47.38 2.51
C PRO A 740 31.66 47.80 1.78
N LEU A 741 31.75 47.54 0.48
CA LEU A 741 32.86 47.96 -0.40
C LEU A 741 32.73 49.41 -0.89
N ARG A 742 31.62 50.08 -0.62
CA ARG A 742 31.39 51.49 -0.97
C ARG A 742 31.25 52.44 0.26
N ALA A 743 31.59 51.97 1.46
CA ALA A 743 31.58 52.79 2.65
C ALA A 743 32.43 54.06 2.46
N SER A 744 31.96 55.21 2.93
CA SER A 744 32.70 56.48 2.86
C SER A 744 33.97 56.51 3.71
N ASN A 745 34.31 55.43 4.45
CA ASN A 745 35.62 55.28 5.07
C ASN A 745 36.77 55.21 4.03
N PHE A 746 36.51 54.65 2.84
CA PHE A 746 37.54 54.60 1.81
C PHE A 746 37.59 55.94 1.07
N HIS A 747 38.77 56.38 0.66
CA HIS A 747 38.88 57.45 -0.33
C HIS A 747 38.44 56.97 -1.72
N TYR A 748 38.03 57.86 -2.61
CA TYR A 748 37.53 57.43 -3.93
C TYR A 748 38.58 56.69 -4.76
N HIS A 749 39.86 57.04 -4.58
CA HIS A 749 40.97 56.30 -5.22
C HIS A 749 41.31 54.93 -4.51
N GLU A 750 40.87 54.76 -3.26
CA GLU A 750 41.07 53.56 -2.44
C GLU A 750 39.97 52.51 -2.69
N LEU A 751 38.87 52.88 -3.34
CA LEU A 751 37.78 51.98 -3.72
C LEU A 751 38.25 50.92 -4.72
N LYS A 752 38.10 49.64 -4.36
CA LYS A 752 38.32 48.51 -5.28
C LYS A 752 37.23 48.49 -6.33
N HIS A 753 37.60 48.44 -7.61
CA HIS A 753 36.65 48.29 -8.72
C HIS A 753 35.94 46.94 -8.63
N ILE A 754 34.69 46.81 -9.08
CA ILE A 754 33.94 45.55 -9.04
C ILE A 754 33.50 45.15 -10.43
N VAL A 755 33.79 43.91 -10.84
CA VAL A 755 33.33 43.34 -12.11
C VAL A 755 32.42 42.15 -11.87
N PHE A 756 31.21 42.15 -12.40
CA PHE A 756 30.36 40.97 -12.39
C PHE A 756 30.54 40.18 -13.68
N VAL A 757 30.92 38.93 -13.59
CA VAL A 757 31.03 38.01 -14.72
C VAL A 757 29.90 37.00 -14.60
N GLY A 758 29.03 36.92 -15.59
CA GLY A 758 27.89 36.00 -15.56
C GLY A 758 26.84 36.31 -16.62
N SER A 759 25.68 35.64 -16.54
CA SER A 759 24.54 35.95 -17.39
C SER A 759 24.09 37.40 -17.21
N ILE A 760 24.03 38.15 -18.31
CA ILE A 760 23.45 39.49 -18.32
C ILE A 760 21.94 39.42 -18.10
N GLU A 761 21.28 38.40 -18.62
CA GLU A 761 19.85 38.23 -18.45
C GLU A 761 19.49 38.23 -16.98
N TYR A 762 20.35 37.64 -16.17
CA TYR A 762 20.13 37.59 -14.74
C TYR A 762 20.48 38.93 -14.11
N LEU A 763 21.65 39.46 -14.44
CA LEU A 763 22.03 40.76 -13.84
C LEU A 763 21.03 41.88 -14.16
N LYS A 764 20.43 41.86 -15.35
CA LYS A 764 19.44 42.84 -15.83
C LYS A 764 18.25 43.04 -14.91
N ARG A 765 17.86 42.05 -14.10
CA ARG A 765 16.73 42.18 -13.15
C ARG A 765 17.15 42.36 -11.70
N GLU A 766 18.44 42.61 -11.46
CA GLU A 766 18.96 42.99 -10.15
C GLU A 766 19.68 44.35 -10.16
N TRP A 767 20.22 44.76 -11.29
CA TRP A 767 21.20 45.84 -11.34
C TRP A 767 20.68 47.22 -10.89
N GLU A 768 19.38 47.50 -11.02
CA GLU A 768 18.77 48.73 -10.51
C GLU A 768 18.92 48.89 -8.98
N THR A 769 19.21 47.80 -8.26
CA THR A 769 19.50 47.87 -6.82
C THR A 769 20.90 48.39 -6.51
N LEU A 770 21.78 48.27 -7.49
CA LEU A 770 23.18 48.68 -7.39
C LEU A 770 23.64 49.54 -8.58
N HIS A 771 22.70 50.35 -9.12
CA HIS A 771 23.01 51.33 -10.21
C HIS A 771 23.45 52.77 -9.78
N ASN A 772 23.50 53.02 -8.47
CA ASN A 772 23.98 54.25 -7.83
C ASN A 772 25.38 54.13 -7.20
N PHE A 773 26.07 53.00 -7.34
CA PHE A 773 27.45 52.86 -6.86
C PHE A 773 28.47 53.14 -7.99
N PRO A 774 29.59 53.82 -7.70
CA PRO A 774 30.43 54.42 -8.73
C PRO A 774 31.18 53.43 -9.63
N LYS A 775 32.18 52.73 -9.09
CA LYS A 775 33.11 51.85 -9.83
C LYS A 775 32.54 50.44 -9.97
N VAL A 776 31.68 50.21 -10.94
CA VAL A 776 31.05 48.91 -11.20
C VAL A 776 31.03 48.62 -12.70
N SER A 777 31.25 47.36 -13.09
CA SER A 777 31.21 46.90 -14.48
C SER A 777 30.59 45.52 -14.59
N ILE A 778 30.13 45.16 -15.78
CA ILE A 778 29.57 43.84 -16.06
C ILE A 778 30.23 43.27 -17.31
N LEU A 779 30.60 42.00 -17.30
CA LEU A 779 31.00 41.26 -18.49
C LEU A 779 29.97 40.15 -18.74
N PRO A 780 29.22 40.17 -19.86
CA PRO A 780 28.29 39.11 -20.19
C PRO A 780 29.07 37.85 -20.56
N GLY A 781 28.90 36.77 -19.82
CA GLY A 781 29.79 35.63 -19.95
C GLY A 781 29.50 34.49 -18.98
N THR A 782 30.47 33.59 -18.82
CA THR A 782 30.38 32.45 -17.91
C THR A 782 31.69 32.29 -17.14
N PRO A 783 31.68 32.12 -15.81
CA PRO A 783 32.91 31.95 -15.03
C PRO A 783 33.78 30.74 -15.43
N LEU A 784 33.22 29.76 -16.13
CA LEU A 784 33.96 28.61 -16.67
C LEU A 784 34.78 28.95 -17.94
N SER A 785 34.59 30.14 -18.53
CA SER A 785 35.34 30.57 -19.71
C SER A 785 36.71 31.12 -19.35
N ARG A 786 37.80 30.47 -19.78
CA ARG A 786 39.13 31.01 -19.52
C ARG A 786 39.27 32.38 -20.20
N ALA A 787 38.73 32.51 -21.41
CA ALA A 787 38.79 33.78 -22.13
C ALA A 787 38.14 34.93 -21.34
N ASP A 788 37.03 34.69 -20.66
CA ASP A 788 36.37 35.73 -19.86
C ASP A 788 37.23 36.08 -18.63
N LEU A 789 37.77 35.09 -17.94
CA LEU A 789 38.65 35.31 -16.80
C LEU A 789 39.94 36.06 -17.19
N ARG A 790 40.50 35.78 -18.37
CA ARG A 790 41.64 36.54 -18.90
C ARG A 790 41.26 37.96 -19.26
N ALA A 791 40.11 38.16 -19.90
CA ALA A 791 39.65 39.48 -20.30
C ALA A 791 39.48 40.42 -19.10
N VAL A 792 39.10 39.91 -17.93
CA VAL A 792 39.00 40.70 -16.69
C VAL A 792 40.25 40.64 -15.81
N ASN A 793 41.40 40.19 -16.31
CA ASN A 793 42.67 40.14 -15.58
C ASN A 793 42.63 39.40 -14.23
N ILE A 794 42.04 38.20 -14.19
CA ILE A 794 41.90 37.40 -12.95
C ILE A 794 43.20 37.21 -12.15
N ASN A 795 44.38 37.26 -12.77
CA ASN A 795 45.65 37.21 -12.07
C ASN A 795 45.99 38.46 -11.25
N LEU A 796 45.31 39.59 -11.47
CA LEU A 796 45.60 40.89 -10.85
C LEU A 796 44.59 41.35 -9.79
N CYS A 797 43.49 40.63 -9.56
CA CYS A 797 42.48 41.03 -8.60
C CYS A 797 42.93 40.83 -7.14
N ASP A 798 42.34 41.57 -6.21
CA ASP A 798 42.50 41.36 -4.77
C ASP A 798 41.56 40.26 -4.23
N MET A 799 40.47 39.98 -4.93
CA MET A 799 39.59 38.85 -4.62
C MET A 799 38.82 38.39 -5.85
N CYS A 800 38.63 37.09 -5.99
CA CYS A 800 37.62 36.49 -6.83
C CYS A 800 36.54 35.85 -5.94
N VAL A 801 35.29 36.25 -6.09
CA VAL A 801 34.16 35.73 -5.31
C VAL A 801 33.33 34.83 -6.22
N ILE A 802 33.04 33.61 -5.81
CA ILE A 802 32.23 32.68 -6.61
C ILE A 802 30.91 32.43 -5.90
N LEU A 803 29.81 32.75 -6.56
CA LEU A 803 28.43 32.67 -6.06
C LEU A 803 27.57 31.85 -7.02
N SER A 804 26.51 31.24 -6.49
CA SER A 804 25.48 30.62 -7.32
C SER A 804 24.08 30.99 -6.84
N ALA A 805 23.21 31.39 -7.77
CA ALA A 805 21.80 31.57 -7.52
C ALA A 805 21.03 30.23 -7.52
N ASN A 806 21.56 29.19 -8.20
CA ASN A 806 20.91 27.90 -8.43
C ASN A 806 20.93 26.96 -7.21
N GLN A 807 21.02 27.48 -5.99
CA GLN A 807 21.15 26.68 -4.77
C GLN A 807 19.93 25.79 -4.46
N ASN A 808 18.73 26.23 -4.85
CA ASN A 808 17.45 25.65 -4.41
C ASN A 808 16.72 24.80 -5.48
N ASN A 809 17.20 24.72 -6.73
CA ASN A 809 16.41 24.08 -7.81
C ASN A 809 16.61 22.56 -7.96
N ILE A 810 17.62 21.97 -7.33
CA ILE A 810 17.71 20.51 -7.10
C ILE A 810 18.54 20.24 -5.83
N ASP A 811 18.19 19.20 -5.07
CA ASP A 811 18.62 19.05 -3.66
C ASP A 811 19.58 17.87 -3.41
N ASP A 812 20.17 17.29 -4.45
CA ASP A 812 20.83 15.97 -4.42
C ASP A 812 22.20 15.90 -3.71
N THR A 813 22.58 16.93 -2.94
CA THR A 813 23.87 17.13 -2.23
C THR A 813 25.13 17.21 -3.12
N SER A 814 25.26 16.38 -4.15
CA SER A 814 26.26 16.50 -5.21
C SER A 814 25.94 17.68 -6.14
N LEU A 815 24.72 17.68 -6.70
CA LEU A 815 24.29 18.63 -7.74
C LEU A 815 24.26 20.10 -7.29
N GLN A 816 24.34 20.40 -6.00
CA GLN A 816 24.21 21.76 -5.51
C GLN A 816 25.45 22.65 -5.71
N ASP A 817 26.65 22.09 -5.79
CA ASP A 817 27.91 22.86 -5.79
C ASP A 817 28.84 22.60 -6.99
N LYS A 818 28.43 21.80 -7.99
CA LYS A 818 29.27 21.41 -9.13
C LYS A 818 29.94 22.60 -9.80
N GLU A 819 29.18 23.64 -10.12
CA GLU A 819 29.65 24.80 -10.85
C GLU A 819 30.74 25.53 -10.08
N CYS A 820 30.54 25.78 -8.78
CA CYS A 820 31.50 26.47 -7.96
C CYS A 820 32.81 25.71 -7.81
N ILE A 821 32.74 24.39 -7.68
CA ILE A 821 33.92 23.55 -7.57
C ILE A 821 34.67 23.52 -8.91
N LEU A 822 33.97 23.38 -10.02
CA LEU A 822 34.59 23.48 -11.34
C LEU A 822 35.18 24.85 -11.59
N ALA A 823 34.50 25.93 -11.21
CA ALA A 823 35.00 27.29 -11.38
C ALA A 823 36.28 27.55 -10.59
N SER A 824 36.31 27.18 -9.32
CA SER A 824 37.50 27.36 -8.50
C SER A 824 38.66 26.51 -9.00
N LEU A 825 38.43 25.26 -9.43
CA LEU A 825 39.47 24.46 -10.09
C LEU A 825 39.94 25.08 -11.39
N ASN A 826 39.04 25.60 -12.21
CA ASN A 826 39.38 26.23 -13.47
C ASN A 826 40.23 27.48 -13.29
N ILE A 827 40.03 28.26 -12.23
CA ILE A 827 40.88 29.42 -11.94
C ILE A 827 42.23 28.94 -11.39
N LYS A 828 42.26 27.96 -10.48
CA LYS A 828 43.51 27.42 -9.94
C LYS A 828 44.45 26.87 -11.02
N SER A 829 43.93 26.20 -12.04
CA SER A 829 44.75 25.58 -13.09
C SER A 829 45.23 26.54 -14.18
N MET A 830 44.85 27.83 -14.17
CA MET A 830 45.27 28.79 -15.18
C MET A 830 46.79 28.92 -15.26
N GLN A 831 47.29 29.38 -16.41
CA GLN A 831 48.68 29.80 -16.60
C GLN A 831 48.72 31.21 -17.18
N PHE A 832 49.69 32.02 -16.75
CA PHE A 832 49.91 33.41 -17.18
C PHE A 832 51.40 33.64 -17.45
N ASP A 833 51.74 34.60 -18.31
CA ASP A 833 53.14 34.87 -18.68
C ASP A 833 53.94 35.49 -17.53
N THR A 871 53.35 32.87 -14.17
CA THR A 871 52.82 32.19 -12.99
C THR A 871 51.63 31.28 -13.29
N THR A 872 51.47 30.22 -12.49
CA THR A 872 50.21 29.50 -12.34
C THR A 872 49.17 30.37 -11.61
N GLY A 873 47.89 30.07 -11.78
CA GLY A 873 46.77 30.69 -11.07
C GLY A 873 46.54 30.21 -9.63
N VAL A 874 47.28 29.21 -9.13
CA VAL A 874 47.02 28.66 -7.77
C VAL A 874 47.23 29.67 -6.63
N ASN A 875 47.97 30.75 -6.88
CA ASN A 875 48.18 31.85 -5.93
C ASN A 875 47.02 32.88 -5.87
N ILE A 876 46.03 32.81 -6.75
CA ILE A 876 44.96 33.81 -6.82
C ILE A 876 44.01 33.69 -5.63
N PRO A 877 43.62 34.79 -4.96
CA PRO A 877 42.70 34.77 -3.84
C PRO A 877 41.28 34.50 -4.31
N ILE A 878 40.68 33.41 -3.86
CA ILE A 878 39.31 33.00 -4.20
C ILE A 878 38.53 32.80 -2.92
N ILE A 879 37.26 33.19 -2.89
CA ILE A 879 36.31 32.76 -1.88
C ILE A 879 35.07 32.18 -2.54
N THR A 880 34.66 31.00 -2.10
CA THR A 880 33.56 30.24 -2.70
C THR A 880 32.42 30.07 -1.72
N GLU A 881 31.21 30.49 -2.07
CA GLU A 881 30.03 30.13 -1.29
C GLU A 881 29.62 28.68 -1.57
N LEU A 882 29.46 27.85 -0.54
CA LEU A 882 29.01 26.46 -0.64
C LEU A 882 27.60 26.29 -0.08
N VAL A 883 26.76 25.55 -0.78
CA VAL A 883 25.40 25.24 -0.34
C VAL A 883 25.37 24.02 0.59
N ASN A 884 26.33 23.12 0.37
CA ASN A 884 26.52 21.93 1.21
C ASN A 884 27.95 21.98 1.81
N ASP A 885 28.10 22.20 3.11
CA ASP A 885 29.41 22.29 3.73
C ASP A 885 30.23 20.99 3.62
N THR A 886 29.60 19.82 3.44
CA THR A 886 30.32 18.57 3.17
C THR A 886 31.11 18.61 1.86
N ASN A 887 30.69 19.40 0.86
CA ASN A 887 31.41 19.53 -0.41
C ASN A 887 32.73 20.29 -0.28
N VAL A 888 32.99 20.90 0.87
CA VAL A 888 34.25 21.65 1.06
C VAL A 888 35.52 20.80 0.81
N GLN A 889 35.40 19.48 1.01
CA GLN A 889 36.46 18.52 0.78
C GLN A 889 37.02 18.53 -0.65
N PHE A 890 36.24 18.95 -1.65
CA PHE A 890 36.69 19.01 -3.04
C PHE A 890 37.45 20.28 -3.40
N LEU A 891 37.43 21.32 -2.55
CA LEU A 891 38.06 22.60 -2.89
C LEU A 891 39.59 22.59 -2.82
N ASP A 892 40.18 21.71 -2.03
CA ASP A 892 41.63 21.53 -1.91
C ASP A 892 42.03 20.05 -2.02
N GLN A 893 43.28 19.80 -2.43
CA GLN A 893 43.83 18.47 -2.66
C GLN A 893 45.09 18.15 -1.83
N ASP A 894 45.79 19.16 -1.32
CA ASP A 894 46.90 18.98 -0.35
C ASP A 894 46.41 18.96 1.12
N ASP A 895 45.11 18.82 1.32
CA ASP A 895 44.44 18.69 2.62
C ASP A 895 44.23 17.21 3.00
N ASP A 896 43.51 16.96 4.08
CA ASP A 896 43.03 15.63 4.47
C ASP A 896 41.51 15.71 4.69
N ASP A 897 40.73 14.79 4.11
CA ASP A 897 39.27 14.87 4.06
C ASP A 897 38.60 13.74 4.85
N ASP A 898 37.52 14.04 5.58
CA ASP A 898 36.79 13.02 6.31
C ASP A 898 35.34 13.52 6.54
N PRO A 899 34.32 12.76 6.07
CA PRO A 899 32.89 13.13 6.23
C PRO A 899 32.34 13.52 7.62
N ASP A 900 32.99 13.10 8.72
CA ASP A 900 32.55 13.47 10.07
C ASP A 900 33.19 14.76 10.65
N THR A 901 34.12 15.38 9.92
CA THR A 901 34.75 16.62 10.37
C THR A 901 33.77 17.80 10.30
N GLU A 902 33.66 18.61 11.34
CA GLU A 902 32.91 19.87 11.26
C GLU A 902 33.65 20.91 10.42
N LEU A 903 32.91 21.73 9.65
CA LEU A 903 33.48 22.65 8.66
C LEU A 903 34.61 23.52 9.22
N TYR A 904 34.50 24.00 10.45
CA TYR A 904 35.47 24.92 11.02
C TYR A 904 36.89 24.35 11.12
N LEU A 905 37.05 23.03 11.18
CA LEU A 905 38.35 22.36 11.26
C LEU A 905 39.05 22.26 9.90
N THR A 906 38.32 22.31 8.79
CA THR A 906 38.84 21.99 7.47
C THR A 906 39.81 23.06 6.96
N GLN A 907 40.83 22.65 6.22
CA GLN A 907 41.85 23.55 5.68
C GLN A 907 41.25 24.72 4.85
N PRO A 908 40.35 24.51 3.88
CA PRO A 908 39.87 25.61 3.05
C PRO A 908 39.04 26.64 3.81
N PHE A 909 38.34 26.24 4.87
CA PHE A 909 37.64 27.15 5.77
C PHE A 909 38.60 27.89 6.70
N ALA A 910 39.55 27.18 7.33
CA ALA A 910 40.56 27.78 8.18
C ALA A 910 41.43 28.80 7.44
N CYS A 911 41.66 28.58 6.14
CA CYS A 911 42.39 29.51 5.30
C CYS A 911 41.54 30.69 4.80
N GLY A 912 40.23 30.65 4.99
CA GLY A 912 39.32 31.73 4.56
C GLY A 912 38.96 31.72 3.09
N THR A 913 38.96 30.55 2.44
CA THR A 913 38.66 30.40 1.00
C THR A 913 37.30 29.75 0.71
N ALA A 914 36.61 29.28 1.73
CA ALA A 914 35.26 28.76 1.63
C ALA A 914 34.35 29.42 2.66
N PHE A 915 33.10 29.62 2.32
CA PHE A 915 32.09 30.08 3.26
C PHE A 915 30.78 29.34 3.01
N ALA A 916 30.05 28.98 4.06
CA ALA A 916 28.75 28.34 3.94
C ALA A 916 27.80 28.99 4.93
N VAL A 917 26.55 29.25 4.51
CA VAL A 917 25.57 29.93 5.35
C VAL A 917 25.26 29.16 6.63
N SER A 918 25.53 27.85 6.68
CA SER A 918 25.40 27.04 7.90
C SER A 918 26.30 27.50 9.05
N VAL A 919 27.41 28.21 8.83
CA VAL A 919 28.22 28.73 9.96
C VAL A 919 27.50 29.83 10.74
N LEU A 920 26.47 30.45 10.16
CA LEU A 920 25.64 31.44 10.82
C LEU A 920 24.51 30.82 11.66
N ASP A 921 24.31 29.50 11.65
CA ASP A 921 23.29 28.85 12.49
C ASP A 921 23.51 29.09 13.98
N SER A 922 24.76 29.13 14.45
CA SER A 922 25.08 29.47 15.84
C SER A 922 24.92 30.95 16.17
N LEU A 923 24.63 31.82 15.20
CA LEU A 923 24.34 33.22 15.49
C LEU A 923 22.98 33.39 16.16
N MET A 924 22.05 32.44 15.97
CA MET A 924 20.79 32.39 16.73
C MET A 924 21.05 32.27 18.23
N SER A 925 21.77 31.22 18.65
CA SER A 925 22.10 31.01 20.06
C SER A 925 22.99 32.10 20.61
N ALA A 926 23.99 32.58 19.86
CA ALA A 926 24.81 33.70 20.31
C ALA A 926 23.98 34.94 20.60
N THR A 927 22.99 35.25 19.76
CA THR A 927 22.15 36.44 19.93
C THR A 927 21.13 36.29 21.05
N TYR A 928 20.61 35.09 21.30
CA TYR A 928 19.78 34.87 22.49
C TYR A 928 20.55 35.19 23.77
N PHE A 929 21.73 34.59 23.97
CA PHE A 929 22.51 34.77 25.19
C PHE A 929 23.10 36.16 25.35
N ASN A 930 23.30 36.91 24.26
CA ASN A 930 23.76 38.28 24.35
C ASN A 930 23.26 39.12 23.17
N ASP A 931 22.30 40.01 23.42
CA ASP A 931 21.64 40.82 22.40
C ASP A 931 22.57 41.84 21.74
N ASN A 932 23.67 42.22 22.39
CA ASN A 932 24.58 43.23 21.85
C ASN A 932 25.39 42.71 20.66
N ILE A 933 25.60 41.40 20.58
CA ILE A 933 26.48 40.77 19.59
C ILE A 933 26.03 41.10 18.17
N LEU A 934 24.76 40.85 17.84
CA LEU A 934 24.24 41.10 16.50
C LEU A 934 24.37 42.58 16.11
N THR A 935 24.30 43.50 17.08
CA THR A 935 24.53 44.93 16.83
C THR A 935 25.98 45.20 16.43
N LEU A 936 26.95 44.60 17.14
CA LEU A 936 28.36 44.73 16.79
C LEU A 936 28.63 44.14 15.41
N ILE A 937 28.16 42.93 15.14
CA ILE A 937 28.41 42.27 13.87
C ILE A 937 27.85 43.09 12.73
N ARG A 938 26.63 43.55 12.91
CA ARG A 938 26.00 44.39 11.92
C ARG A 938 26.85 45.62 11.60
N THR A 939 27.30 46.39 12.58
CA THR A 939 28.07 47.61 12.33
C THR A 939 29.45 47.30 11.72
N LEU A 940 30.11 46.24 12.19
CA LEU A 940 31.42 45.81 11.70
C LEU A 940 31.40 45.30 10.26
N VAL A 941 30.31 44.66 9.84
CA VAL A 941 30.19 43.94 8.58
C VAL A 941 29.48 44.72 7.47
N THR A 942 28.44 45.48 7.78
CA THR A 942 27.58 46.12 6.75
C THR A 942 28.18 47.39 6.16
N GLY A 943 29.34 47.83 6.66
CA GLY A 943 29.83 49.19 6.42
C GLY A 943 29.15 50.21 7.32
N GLY A 944 28.76 49.79 8.54
CA GLY A 944 28.23 50.67 9.57
C GLY A 944 26.85 51.27 9.29
N ALA A 945 25.95 50.56 8.61
CA ALA A 945 24.60 51.07 8.33
C ALA A 945 23.83 51.35 9.64
N THR A 946 23.29 52.57 9.77
CA THR A 946 22.59 53.07 10.97
C THR A 946 21.07 52.84 10.88
N PRO A 947 20.33 52.86 12.00
CA PRO A 947 18.87 52.83 12.00
C PRO A 947 18.23 53.89 11.08
N GLU A 948 18.84 55.08 10.97
CA GLU A 948 18.43 56.11 10.02
C GLU A 948 18.56 55.65 8.57
N LEU A 949 19.65 54.96 8.22
CA LEU A 949 19.82 54.35 6.90
C LEU A 949 18.73 53.29 6.65
N GLU A 950 18.43 52.45 7.64
CA GLU A 950 17.35 51.46 7.49
C GLU A 950 16.03 52.15 7.13
N ALA A 951 15.69 53.24 7.83
CA ALA A 951 14.46 53.98 7.59
C ALA A 951 14.41 54.61 6.20
N LEU A 952 15.48 55.27 5.76
CA LEU A 952 15.56 55.86 4.43
C LEU A 952 15.42 54.80 3.33
N ILE A 953 16.10 53.67 3.45
CA ILE A 953 16.00 52.58 2.47
C ILE A 953 14.62 51.93 2.51
N ALA A 954 14.00 51.77 3.69
CA ALA A 954 12.66 51.21 3.81
C ALA A 954 11.60 52.09 3.12
N GLU A 955 11.73 53.40 3.21
CA GLU A 955 10.85 54.34 2.51
C GLU A 955 11.11 54.33 0.99
N GLU A 956 12.34 54.61 0.56
CA GLU A 956 12.62 54.96 -0.84
C GLU A 956 13.11 53.78 -1.70
N ASN A 957 13.36 52.61 -1.11
CA ASN A 957 13.85 51.35 -1.71
C ASN A 957 15.18 51.43 -2.51
N ALA A 958 15.81 52.59 -2.58
CA ALA A 958 17.11 52.83 -3.19
C ALA A 958 17.91 53.86 -2.37
N LEU A 959 19.23 53.76 -2.42
CA LEU A 959 20.13 54.69 -1.73
C LEU A 959 20.08 56.05 -2.43
N ARG A 960 19.71 57.12 -1.71
CA ARG A 960 19.48 58.46 -2.28
C ARG A 960 20.64 59.40 -1.97
N GLY A 961 21.22 60.00 -3.00
CA GLY A 961 22.37 60.90 -2.89
C GLY A 961 22.06 62.22 -2.19
N GLY A 962 23.03 62.79 -1.49
CA GLY A 962 22.92 64.09 -0.82
C GLY A 962 24.17 64.95 -0.96
N TYR A 963 24.00 66.27 -0.87
CA TYR A 963 25.10 67.23 -0.93
C TYR A 963 25.93 67.21 0.36
N SER A 964 27.20 67.61 0.24
CA SER A 964 28.14 67.67 1.35
C SER A 964 27.70 68.66 2.42
N THR A 965 27.93 68.30 3.69
CA THR A 965 27.83 69.18 4.86
C THR A 965 28.89 68.76 5.88
N PRO A 966 29.31 69.61 6.82
CA PRO A 966 30.26 69.24 7.87
C PRO A 966 29.87 68.00 8.68
N GLN A 967 28.56 67.76 8.90
CA GLN A 967 28.08 66.56 9.59
C GLN A 967 28.15 65.30 8.69
N THR A 968 27.75 65.42 7.42
CA THR A 968 27.94 64.38 6.40
C THR A 968 29.41 63.97 6.26
N LEU A 969 30.34 64.91 6.41
CA LEU A 969 31.78 64.66 6.41
C LEU A 969 32.29 64.07 7.73
N ALA A 970 31.80 64.51 8.88
CA ALA A 970 32.19 63.94 10.17
C ALA A 970 31.80 62.45 10.30
N ASN A 971 30.70 62.04 9.66
CA ASN A 971 30.26 60.65 9.58
C ASN A 971 31.26 59.69 8.91
N ARG A 972 32.30 60.18 8.22
CA ARG A 972 33.35 59.32 7.63
C ARG A 972 34.37 58.81 8.65
N ASP A 973 34.47 59.40 9.83
CA ASP A 973 35.55 59.18 10.78
C ASP A 973 35.37 57.91 11.65
N ARG A 974 35.12 56.76 11.02
CA ARG A 974 35.07 55.44 11.66
C ARG A 974 36.38 54.68 11.41
N CYS A 975 36.59 53.54 12.06
CA CYS A 975 37.63 52.61 11.63
C CYS A 975 37.18 51.71 10.47
N ARG A 976 38.17 51.18 9.76
CA ARG A 976 37.92 50.24 8.69
C ARG A 976 38.90 49.07 8.89
N VAL A 977 38.48 47.86 8.54
CA VAL A 977 39.33 46.67 8.66
C VAL A 977 40.35 46.61 7.52
N ALA A 978 41.58 46.22 7.84
CA ALA A 978 42.68 46.18 6.87
C ALA A 978 43.73 45.12 7.27
N GLN A 979 44.53 44.70 6.29
CA GLN A 979 45.68 43.83 6.51
C GLN A 979 46.99 44.60 6.36
N LEU A 980 47.89 44.45 7.34
CA LEU A 980 49.20 45.07 7.37
C LEU A 980 50.29 44.03 7.09
N ALA A 981 51.21 44.35 6.20
CA ALA A 981 52.35 43.50 5.86
C ALA A 981 53.55 43.78 6.76
N LEU A 982 54.04 42.74 7.44
CA LEU A 982 55.15 42.83 8.38
C LEU A 982 56.55 42.90 7.70
N LEU A 983 56.61 43.28 6.43
CA LEU A 983 57.82 43.56 5.67
C LEU A 983 58.10 45.07 5.49
N ASP A 984 57.15 45.93 5.88
CA ASP A 984 57.32 47.38 5.79
C ASP A 984 58.13 47.99 6.96
N GLY A 985 58.89 49.04 6.66
CA GLY A 985 59.79 49.73 7.59
C GLY A 985 59.27 50.01 9.01
N PRO A 986 58.02 50.48 9.23
CA PRO A 986 57.54 50.81 10.57
C PRO A 986 57.32 49.59 11.49
N PHE A 987 57.37 48.36 10.98
CA PHE A 987 57.11 47.16 11.78
C PHE A 987 58.06 45.97 11.52
N ALA A 988 58.76 45.93 10.38
CA ALA A 988 59.55 44.77 9.98
C ALA A 988 60.71 44.44 10.94
N ASP A 989 61.26 45.45 11.61
CA ASP A 989 62.31 45.26 12.62
C ASP A 989 61.82 44.44 13.83
N LEU A 990 60.53 44.45 14.11
CA LEU A 990 59.89 43.61 15.13
C LEU A 990 59.40 42.27 14.58
N GLY A 991 59.21 42.18 13.26
CA GLY A 991 58.93 40.95 12.53
C GLY A 991 60.16 40.05 12.36
N ASP A 992 60.90 39.79 13.41
CA ASP A 992 62.14 38.99 13.38
C ASP A 992 62.08 37.75 14.30
N GLY A 993 60.89 37.37 14.75
CA GLY A 993 60.65 36.49 15.89
C GLY A 993 60.24 37.24 17.17
N GLY A 994 60.24 38.57 17.16
CA GLY A 994 59.75 39.42 18.24
C GLY A 994 58.27 39.25 18.56
N CYS A 995 57.83 39.79 19.70
CA CYS A 995 56.51 39.52 20.28
C CYS A 995 55.35 40.29 19.62
N TYR A 996 54.24 39.60 19.36
CA TYR A 996 52.97 40.20 18.92
C TYR A 996 52.49 41.30 19.87
N GLY A 997 52.64 41.09 21.18
CA GLY A 997 52.26 42.04 22.20
C GLY A 997 52.96 43.39 22.07
N ASP A 998 54.24 43.40 21.70
CA ASP A 998 54.99 44.62 21.47
C ASP A 998 54.49 45.35 20.21
N LEU A 999 54.14 44.59 19.17
CA LEU A 999 53.59 45.12 17.92
C LEU A 999 52.23 45.76 18.19
N PHE A 1000 51.36 45.03 18.89
CA PHE A 1000 50.06 45.52 19.36
C PHE A 1000 50.23 46.83 20.12
N CYS A 1001 51.08 46.86 21.15
CA CYS A 1001 51.27 48.04 21.98
C CYS A 1001 51.72 49.25 21.15
N LYS A 1002 52.76 49.12 20.31
CA LYS A 1002 53.25 50.27 19.56
C LYS A 1002 52.30 50.70 18.46
N ALA A 1003 51.71 49.76 17.70
CA ALA A 1003 50.80 50.11 16.62
C ALA A 1003 49.53 50.79 17.15
N LEU A 1004 49.01 50.31 18.30
CA LEU A 1004 47.94 50.96 19.03
C LEU A 1004 48.34 52.37 19.48
N LYS A 1005 49.44 52.52 20.21
CA LYS A 1005 49.80 53.82 20.81
C LYS A 1005 50.29 54.87 19.81
N THR A 1006 50.85 54.45 18.67
CA THR A 1006 51.39 55.39 17.66
C THR A 1006 50.42 55.71 16.52
N TYR A 1007 49.56 54.77 16.10
CA TYR A 1007 48.65 54.96 14.97
C TYR A 1007 47.17 54.69 15.29
N ASN A 1008 46.84 54.23 16.50
CA ASN A 1008 45.52 53.71 16.85
C ASN A 1008 45.09 52.57 15.91
N MET A 1009 46.00 51.60 15.69
CA MET A 1009 45.88 50.55 14.67
C MET A 1009 45.14 49.27 15.12
N LEU A 1010 45.13 49.04 16.43
CA LEU A 1010 44.54 47.85 17.07
C LEU A 1010 44.42 46.53 16.27
N CYS A 1011 45.54 45.85 16.09
CA CYS A 1011 45.56 44.52 15.51
C CYS A 1011 44.82 43.51 16.40
N PHE A 1012 44.13 42.55 15.78
CA PHE A 1012 43.30 41.57 16.49
C PHE A 1012 43.52 40.12 16.06
N GLY A 1013 44.42 39.89 15.11
CA GLY A 1013 44.84 38.56 14.69
C GLY A 1013 45.96 38.62 13.67
N ILE A 1014 46.53 37.46 13.36
CA ILE A 1014 47.52 37.30 12.29
C ILE A 1014 47.10 36.21 11.33
N TYR A 1015 47.46 36.40 10.07
CA TYR A 1015 47.24 35.49 8.98
C TYR A 1015 48.61 34.88 8.63
N ARG A 1016 48.84 33.67 9.14
CA ARG A 1016 50.11 33.01 9.06
C ARG A 1016 50.18 32.01 7.90
N LEU A 1017 51.34 31.88 7.27
CA LEU A 1017 51.52 30.88 6.21
C LEU A 1017 51.41 29.47 6.78
N ARG A 1018 50.64 28.58 6.13
CA ARG A 1018 50.39 27.21 6.58
C ARG A 1018 51.62 26.39 6.92
N ASP A 1019 52.69 26.68 6.22
CA ASP A 1019 53.93 25.94 6.37
C ASP A 1019 55.01 26.68 7.19
N ALA A 1020 54.74 27.88 7.72
CA ALA A 1020 55.77 28.71 8.37
C ALA A 1020 56.43 28.09 9.62
N HIS A 1021 55.77 27.09 10.22
CA HIS A 1021 56.33 26.34 11.34
C HIS A 1021 57.39 25.28 10.92
N LEU A 1022 57.40 24.89 9.65
CA LEU A 1022 58.36 23.93 9.12
C LEU A 1022 59.76 24.52 8.99
N SER A 1023 60.78 23.68 9.15
CA SER A 1023 62.20 24.04 8.95
C SER A 1023 62.57 24.22 7.48
N THR A 1024 62.01 23.39 6.59
CA THR A 1024 62.15 23.54 5.13
C THR A 1024 61.36 24.75 4.61
N PRO A 1025 61.89 25.50 3.63
CA PRO A 1025 61.07 26.33 2.75
C PRO A 1025 59.98 25.51 2.04
N SER A 1026 58.97 26.21 1.50
CA SER A 1026 57.86 25.63 0.75
C SER A 1026 57.34 26.60 -0.32
N GLN A 1027 56.75 26.08 -1.37
CA GLN A 1027 56.06 26.86 -2.40
C GLN A 1027 54.61 27.20 -2.03
N CYS A 1028 54.09 26.66 -0.92
CA CYS A 1028 52.70 26.88 -0.50
C CYS A 1028 52.42 28.32 -0.05
N THR A 1029 51.52 29.01 -0.75
CA THR A 1029 51.13 30.40 -0.48
C THR A 1029 49.93 30.50 0.47
N LYS A 1030 49.30 29.39 0.85
CA LYS A 1030 48.12 29.39 1.72
C LYS A 1030 48.45 29.95 3.10
N ARG A 1031 47.58 30.80 3.63
CA ARG A 1031 47.63 31.31 5.01
C ARG A 1031 46.42 30.86 5.79
N TYR A 1032 46.52 30.78 7.10
CA TYR A 1032 45.43 30.45 8.02
C TYR A 1032 45.36 31.47 9.16
N VAL A 1033 44.21 31.53 9.82
CA VAL A 1033 43.84 32.64 10.70
C VAL A 1033 44.11 32.32 12.16
N ILE A 1034 44.86 33.20 12.83
CA ILE A 1034 45.05 33.22 14.29
C ILE A 1034 44.32 34.43 14.85
N THR A 1035 43.39 34.20 15.78
CA THR A 1035 42.56 35.24 16.39
C THR A 1035 43.01 35.51 17.82
N ASN A 1036 43.25 36.78 18.17
CA ASN A 1036 43.72 37.18 19.50
C ASN A 1036 44.96 36.38 19.99
N PRO A 1037 46.13 36.51 19.36
CA PRO A 1037 47.35 35.85 19.78
C PRO A 1037 47.72 36.18 21.25
N PRO A 1038 48.19 35.21 22.05
CA PRO A 1038 48.13 35.26 23.51
C PRO A 1038 49.17 36.14 24.23
N TYR A 1039 49.80 37.12 23.58
CA TYR A 1039 51.04 37.77 24.03
C TYR A 1039 52.21 36.76 24.11
N GLU A 1040 53.45 37.25 24.19
CA GLU A 1040 54.69 36.45 24.06
C GLU A 1040 54.77 35.55 22.80
N PHE A 1041 53.96 35.86 21.78
CA PHE A 1041 53.76 35.07 20.58
C PHE A 1041 54.64 35.62 19.44
N GLU A 1042 55.41 34.78 18.77
CA GLU A 1042 56.44 35.21 17.82
C GLU A 1042 55.87 35.70 16.48
N LEU A 1043 56.42 36.77 15.94
CA LEU A 1043 56.12 37.27 14.60
C LEU A 1043 57.21 36.89 13.59
N VAL A 1044 56.90 35.96 12.69
CA VAL A 1044 57.69 35.66 11.50
C VAL A 1044 57.53 36.80 10.48
N PRO A 1045 58.56 37.23 9.74
CA PRO A 1045 58.46 38.39 8.84
C PRO A 1045 57.44 38.24 7.71
N THR A 1046 57.03 37.01 7.40
CA THR A 1046 56.02 36.69 6.39
C THR A 1046 54.57 36.96 6.79
N ASP A 1047 54.28 37.22 8.07
CA ASP A 1047 52.91 37.33 8.56
C ASP A 1047 52.18 38.58 8.06
N LEU A 1048 50.86 38.44 7.92
CA LEU A 1048 49.94 39.53 7.68
C LEU A 1048 49.13 39.77 8.96
N ILE A 1049 48.98 41.03 9.33
CA ILE A 1049 48.31 41.48 10.55
C ILE A 1049 46.90 41.93 10.21
N PHE A 1050 45.86 41.34 10.84
CA PHE A 1050 44.51 41.87 10.80
C PHE A 1050 44.41 43.06 11.75
N CYS A 1051 43.93 44.21 11.27
CA CYS A 1051 43.87 45.43 12.07
C CYS A 1051 42.66 46.30 11.74
N LEU A 1052 42.31 47.20 12.66
CA LEU A 1052 41.28 48.22 12.47
C LEU A 1052 41.97 49.58 12.41
N MET A 1053 41.85 50.30 11.30
CA MET A 1053 42.62 51.54 11.11
C MET A 1053 41.74 52.75 10.87
N GLN A 1054 42.19 53.88 11.45
CA GLN A 1054 41.49 55.15 11.46
C GLN A 1054 41.32 55.72 10.06
N PHE A 1055 40.27 56.49 9.83
CA PHE A 1055 40.16 57.36 8.67
C PHE A 1055 41.17 58.52 8.74
N ASP A 1056 41.34 59.28 7.66
CA ASP A 1056 42.21 60.46 7.60
C ASP A 1056 41.65 61.53 6.63
N ARG B 20 -27.30 -57.76 5.11
CA ARG B 20 -28.34 -56.83 4.63
C ARG B 20 -27.96 -56.27 3.26
N MET B 21 -28.93 -56.01 2.39
CA MET B 21 -28.74 -55.23 1.16
C MET B 21 -28.30 -53.79 1.44
N TRP B 22 -27.46 -53.23 0.57
CA TRP B 22 -27.09 -51.81 0.54
C TRP B 22 -26.60 -51.38 -0.84
N TRP B 23 -25.84 -52.22 -1.53
CA TRP B 23 -25.19 -51.87 -2.81
C TRP B 23 -26.16 -51.66 -3.97
N ALA B 24 -27.38 -52.23 -3.96
CA ALA B 24 -28.37 -51.98 -4.99
C ALA B 24 -28.84 -50.52 -5.02
N PHE B 25 -28.95 -49.86 -3.87
CA PHE B 25 -29.29 -48.44 -3.79
C PHE B 25 -28.21 -47.59 -4.44
N LEU B 26 -26.94 -47.83 -4.08
CA LEU B 26 -25.79 -47.14 -4.66
C LEU B 26 -25.68 -47.37 -6.17
N ALA B 27 -25.82 -48.62 -6.61
CA ALA B 27 -25.77 -48.96 -8.03
C ALA B 27 -26.83 -48.21 -8.85
N SER B 28 -28.03 -47.98 -8.32
CA SER B 28 -29.07 -47.23 -9.04
C SER B 28 -28.61 -45.82 -9.45
N SER B 29 -27.83 -45.14 -8.62
CA SER B 29 -27.22 -43.85 -8.96
C SER B 29 -26.01 -43.97 -9.87
N MET B 30 -25.07 -44.87 -9.57
CA MET B 30 -23.86 -45.03 -10.38
C MET B 30 -24.19 -45.43 -11.82
N VAL B 31 -25.10 -46.39 -11.99
CA VAL B 31 -25.54 -46.88 -13.30
C VAL B 31 -26.33 -45.83 -14.04
N THR B 32 -27.28 -45.11 -13.40
CA THR B 32 -28.03 -44.08 -14.12
C THR B 32 -27.11 -42.95 -14.59
N PHE B 33 -26.16 -42.51 -13.77
CA PHE B 33 -25.26 -41.41 -14.13
C PHE B 33 -24.29 -41.81 -15.24
N PHE B 34 -23.51 -42.88 -15.06
CA PHE B 34 -22.54 -43.32 -16.08
C PHE B 34 -23.21 -43.87 -17.34
N GLY B 35 -24.29 -44.64 -17.20
CA GLY B 35 -25.06 -45.11 -18.34
C GLY B 35 -25.66 -43.96 -19.14
N GLY B 36 -26.27 -42.99 -18.47
CA GLY B 36 -26.78 -41.79 -19.11
C GLY B 36 -25.69 -40.95 -19.77
N LEU B 37 -24.51 -40.83 -19.17
CA LEU B 37 -23.36 -40.19 -19.82
C LEU B 37 -23.02 -40.94 -21.12
N PHE B 38 -22.89 -42.26 -21.08
CA PHE B 38 -22.58 -43.04 -22.27
C PHE B 38 -23.67 -42.97 -23.35
N ILE B 39 -24.97 -43.11 -23.05
CA ILE B 39 -25.99 -43.03 -24.10
C ILE B 39 -26.04 -41.64 -24.73
N ILE B 40 -25.84 -40.56 -23.96
CA ILE B 40 -25.77 -39.20 -24.51
C ILE B 40 -24.52 -39.04 -25.38
N LEU B 41 -23.35 -39.51 -24.91
CA LEU B 41 -22.11 -39.49 -25.69
C LEU B 41 -22.25 -40.29 -26.99
N LEU B 42 -22.86 -41.48 -26.94
CA LEU B 42 -23.01 -42.34 -28.10
C LEU B 42 -24.08 -41.83 -29.08
N TRP B 43 -25.13 -41.18 -28.61
CA TRP B 43 -26.09 -40.47 -29.46
C TRP B 43 -25.43 -39.33 -30.24
N ARG B 44 -24.51 -38.59 -29.61
CA ARG B 44 -23.63 -37.63 -30.32
C ARG B 44 -22.65 -38.34 -31.27
N THR B 45 -22.10 -39.47 -30.85
CA THR B 45 -21.12 -40.23 -31.66
C THR B 45 -21.75 -40.82 -32.92
N LEU B 46 -22.96 -41.40 -32.86
CA LEU B 46 -23.61 -41.98 -34.04
C LEU B 46 -24.01 -40.90 -35.06
N LYS B 47 -24.34 -39.68 -34.62
CA LYS B 47 -24.54 -38.54 -35.54
C LYS B 47 -23.25 -38.15 -36.25
N TYR B 48 -22.11 -38.20 -35.57
CA TYR B 48 -20.79 -38.06 -36.19
C TYR B 48 -20.50 -39.20 -37.19
N LEU B 49 -20.79 -40.46 -36.84
CA LEU B 49 -20.61 -41.59 -37.76
C LEU B 49 -21.54 -41.54 -38.99
N TRP B 50 -22.74 -40.96 -38.88
CA TRP B 50 -23.73 -40.94 -39.97
C TRP B 50 -23.21 -40.27 -41.25
N THR B 51 -22.52 -39.13 -41.15
CA THR B 51 -21.92 -38.47 -42.32
C THR B 51 -20.63 -39.15 -42.81
N VAL B 52 -20.00 -40.01 -42.02
CA VAL B 52 -18.93 -40.91 -42.47
C VAL B 52 -19.50 -42.16 -43.17
N CYS B 53 -20.67 -42.62 -42.75
CA CYS B 53 -21.42 -43.71 -43.38
C CYS B 53 -21.94 -43.32 -44.78
N CYS B 54 -22.45 -42.09 -44.95
CA CYS B 54 -22.94 -41.57 -46.23
C CYS B 54 -21.83 -41.55 -47.30
N MET B 94 -41.84 -32.19 -33.20
CA MET B 94 -41.95 -31.99 -31.75
C MET B 94 -40.74 -31.23 -31.17
N THR B 95 -39.68 -31.04 -31.96
CA THR B 95 -38.49 -30.25 -31.58
C THR B 95 -38.82 -28.77 -31.32
N SER B 96 -39.94 -28.28 -31.85
CA SER B 96 -40.50 -26.95 -31.53
C SER B 96 -41.23 -26.90 -30.17
N VAL B 97 -41.81 -28.02 -29.71
CA VAL B 97 -42.66 -28.07 -28.51
C VAL B 97 -41.83 -27.89 -27.23
N LYS B 98 -40.60 -28.42 -27.19
CA LYS B 98 -39.70 -28.30 -26.03
C LYS B 98 -39.32 -26.85 -25.68
N ASP B 99 -39.28 -25.96 -26.67
CA ASP B 99 -38.98 -24.53 -26.46
C ASP B 99 -40.21 -23.76 -25.96
N TRP B 100 -41.41 -24.28 -26.21
CA TRP B 100 -42.69 -23.74 -25.75
C TRP B 100 -43.01 -24.20 -24.33
N ALA B 101 -43.14 -25.52 -24.12
CA ALA B 101 -43.62 -26.09 -22.87
C ALA B 101 -42.55 -26.05 -21.76
N GLY B 102 -42.92 -25.64 -20.55
CA GLY B 102 -42.06 -25.56 -19.36
C GLY B 102 -41.02 -24.43 -19.38
N VAL B 103 -40.33 -24.24 -20.50
CA VAL B 103 -39.31 -23.18 -20.66
C VAL B 103 -39.88 -21.81 -20.34
N MET B 104 -41.10 -21.52 -20.80
CA MET B 104 -41.82 -20.26 -20.57
C MET B 104 -42.21 -19.96 -19.11
N ILE B 105 -41.95 -20.88 -18.18
CA ILE B 105 -42.20 -20.68 -16.73
C ILE B 105 -40.97 -21.06 -15.88
N SER B 106 -39.88 -21.67 -16.38
CA SER B 106 -38.78 -22.07 -15.52
C SER B 106 -37.88 -20.92 -15.10
N ALA B 107 -37.42 -20.11 -16.05
CA ALA B 107 -36.53 -19.02 -15.69
C ALA B 107 -36.73 -17.71 -16.47
N GLN B 108 -36.41 -16.57 -15.83
CA GLN B 108 -36.53 -15.19 -16.38
C GLN B 108 -37.92 -14.76 -16.93
N THR B 109 -38.94 -15.30 -16.28
CA THR B 109 -40.36 -15.18 -16.63
C THR B 109 -41.27 -14.80 -15.45
N LEU B 110 -40.68 -14.14 -14.45
CA LEU B 110 -41.31 -13.42 -13.32
C LEU B 110 -42.18 -14.27 -12.37
N THR B 111 -43.26 -14.87 -12.86
CA THR B 111 -44.15 -15.77 -12.12
C THR B 111 -43.60 -17.21 -12.00
N GLY B 112 -42.35 -17.45 -12.39
CA GLY B 112 -41.64 -18.74 -12.35
C GLY B 112 -41.33 -19.32 -10.97
N ARG B 113 -41.82 -18.74 -9.85
CA ARG B 113 -41.72 -19.30 -8.49
C ARG B 113 -42.09 -20.80 -8.34
N VAL B 114 -43.05 -21.27 -9.11
CA VAL B 114 -43.43 -22.70 -9.16
C VAL B 114 -42.32 -23.63 -9.68
N LEU B 115 -41.29 -23.12 -10.35
CA LEU B 115 -40.14 -23.92 -10.83
C LEU B 115 -38.80 -23.51 -10.17
N VAL B 116 -38.82 -22.66 -9.14
CA VAL B 116 -37.64 -22.28 -8.35
C VAL B 116 -37.95 -22.26 -6.86
N VAL B 117 -38.80 -21.34 -6.39
CA VAL B 117 -39.17 -21.24 -4.96
C VAL B 117 -39.78 -22.55 -4.46
N LEU B 118 -40.60 -23.21 -5.27
CA LEU B 118 -41.19 -24.49 -4.91
C LEU B 118 -40.14 -25.61 -4.83
N VAL B 119 -39.28 -25.79 -5.84
CA VAL B 119 -38.27 -26.86 -5.81
C VAL B 119 -37.21 -26.63 -4.73
N PHE B 120 -36.90 -25.37 -4.41
CA PHE B 120 -36.13 -25.01 -3.23
C PHE B 120 -36.85 -25.44 -1.94
N ALA B 121 -38.10 -25.04 -1.72
CA ALA B 121 -38.84 -25.41 -0.51
C ALA B 121 -39.00 -26.93 -0.36
N LEU B 122 -39.21 -27.65 -1.46
CA LEU B 122 -39.21 -29.11 -1.48
C LEU B 122 -37.82 -29.68 -1.17
N SER B 123 -36.74 -29.08 -1.65
CA SER B 123 -35.38 -29.52 -1.31
C SER B 123 -35.06 -29.31 0.17
N ILE B 124 -35.48 -28.19 0.76
CA ILE B 124 -35.38 -27.96 2.20
C ILE B 124 -36.24 -28.98 2.95
N GLY B 125 -37.44 -29.28 2.48
CA GLY B 125 -38.27 -30.32 3.09
C GLY B 125 -37.63 -31.70 3.03
N ALA B 126 -37.06 -32.10 1.89
CA ALA B 126 -36.33 -33.35 1.75
C ALA B 126 -35.09 -33.43 2.64
N LEU B 127 -34.36 -32.32 2.80
CA LEU B 127 -33.24 -32.21 3.73
C LEU B 127 -33.70 -32.31 5.19
N VAL B 128 -34.78 -31.63 5.58
CA VAL B 128 -35.35 -31.79 6.91
C VAL B 128 -35.77 -33.23 7.16
N ILE B 129 -36.44 -33.89 6.21
CA ILE B 129 -36.78 -35.31 6.33
C ILE B 129 -35.52 -36.17 6.50
N TYR B 130 -34.39 -35.85 5.85
CA TYR B 130 -33.13 -36.54 6.12
C TYR B 130 -32.63 -36.33 7.56
N PHE B 131 -32.80 -35.13 8.10
CA PHE B 131 -32.43 -34.83 9.49
C PHE B 131 -33.27 -35.69 10.46
N ILE B 132 -34.57 -35.78 10.17
CA ILE B 132 -35.47 -36.64 10.96
C ILE B 132 -34.98 -38.09 10.87
N ASP B 133 -34.79 -38.60 9.66
CA ASP B 133 -34.46 -40.00 9.39
C ASP B 133 -33.14 -40.44 10.07
N SER B 134 -32.10 -39.62 10.01
CA SER B 134 -30.80 -39.94 10.61
C SER B 134 -30.81 -40.02 12.14
N SER B 135 -31.86 -39.54 12.81
CA SER B 135 -31.92 -39.54 14.28
C SER B 135 -32.26 -40.91 14.88
N ASN B 136 -32.87 -41.82 14.10
CA ASN B 136 -33.31 -43.13 14.58
C ASN B 136 -32.22 -44.21 14.46
N PRO B 137 -32.31 -45.30 15.26
CA PRO B 137 -31.40 -46.44 15.21
C PRO B 137 -31.66 -47.40 14.02
N ILE B 138 -32.46 -46.95 13.06
CA ILE B 138 -32.86 -47.71 11.86
C ILE B 138 -33.49 -49.12 12.08
N GLU B 139 -33.94 -49.44 13.28
CA GLU B 139 -34.60 -50.72 13.53
C GLU B 139 -36.15 -50.72 13.41
N SER B 140 -36.76 -49.53 13.30
CA SER B 140 -38.22 -49.41 13.23
C SER B 140 -38.86 -50.11 12.02
N CYS B 141 -40.04 -50.70 12.23
CA CYS B 141 -40.83 -51.38 11.22
C CYS B 141 -42.28 -50.82 11.14
N GLN B 142 -42.53 -49.59 11.63
CA GLN B 142 -43.87 -49.00 11.68
C GLN B 142 -43.89 -47.50 11.32
N ASN B 143 -43.08 -46.66 11.95
CA ASN B 143 -42.98 -45.24 11.59
C ASN B 143 -42.25 -45.03 10.23
N PHE B 144 -41.40 -45.96 9.80
CA PHE B 144 -40.68 -45.78 8.52
C PHE B 144 -41.45 -46.09 7.21
N TYR B 145 -42.77 -46.18 7.31
CA TYR B 145 -43.65 -46.50 6.18
C TYR B 145 -44.78 -45.46 5.99
N LYS B 146 -46.03 -45.79 6.35
CA LYS B 146 -47.25 -44.99 6.08
C LYS B 146 -47.43 -43.73 6.96
N ASP B 147 -46.32 -43.10 7.33
CA ASP B 147 -46.23 -42.01 8.29
C ASP B 147 -45.49 -40.81 7.67
N PHE B 148 -45.09 -39.82 8.47
CA PHE B 148 -44.24 -38.71 8.02
C PHE B 148 -42.76 -39.13 7.72
N THR B 149 -42.58 -40.21 6.95
CA THR B 149 -41.30 -40.74 6.48
C THR B 149 -41.35 -41.08 4.99
N LEU B 150 -41.26 -42.34 4.58
CA LEU B 150 -41.05 -42.74 3.18
C LEU B 150 -42.19 -42.33 2.25
N GLN B 151 -43.42 -42.31 2.74
CA GLN B 151 -44.57 -41.89 1.92
C GLN B 151 -44.42 -40.42 1.48
N ILE B 152 -44.22 -39.53 2.44
CA ILE B 152 -44.00 -38.11 2.15
C ILE B 152 -42.67 -37.87 1.43
N ASP B 153 -41.62 -38.64 1.72
CA ASP B 153 -40.34 -38.53 1.01
C ASP B 153 -40.48 -38.81 -0.49
N MET B 154 -41.24 -39.85 -0.86
CA MET B 154 -41.54 -40.14 -2.25
C MET B 154 -42.42 -39.04 -2.90
N ALA B 155 -43.39 -38.51 -2.16
CA ALA B 155 -44.23 -37.40 -2.63
C ALA B 155 -43.43 -36.12 -2.91
N PHE B 156 -42.33 -35.87 -2.19
CA PHE B 156 -41.41 -34.79 -2.49
C PHE B 156 -40.47 -35.15 -3.66
N ASN B 157 -39.92 -36.37 -3.67
CA ASN B 157 -38.93 -36.76 -4.69
C ASN B 157 -39.52 -36.95 -6.09
N VAL B 158 -40.80 -37.30 -6.25
CA VAL B 158 -41.41 -37.40 -7.59
C VAL B 158 -41.41 -36.06 -8.32
N PHE B 159 -41.54 -34.94 -7.60
CA PHE B 159 -41.40 -33.60 -8.20
C PHE B 159 -40.02 -33.43 -8.84
N PHE B 160 -38.95 -33.85 -8.16
CA PHE B 160 -37.60 -33.73 -8.69
C PHE B 160 -37.42 -34.56 -9.97
N LEU B 161 -38.08 -35.71 -10.13
CA LEU B 161 -38.06 -36.44 -11.39
C LEU B 161 -38.68 -35.60 -12.52
N LEU B 162 -39.86 -35.03 -12.28
CA LEU B 162 -40.55 -34.20 -13.28
C LEU B 162 -39.73 -32.96 -13.63
N TYR B 163 -39.22 -32.26 -12.63
CA TYR B 163 -38.41 -31.07 -12.81
C TYR B 163 -37.07 -31.36 -13.51
N PHE B 164 -36.44 -32.50 -13.23
CA PHE B 164 -35.27 -32.96 -13.96
C PHE B 164 -35.59 -33.22 -15.43
N GLY B 165 -36.69 -33.94 -15.72
CA GLY B 165 -37.12 -34.17 -17.09
C GLY B 165 -37.41 -32.87 -17.85
N LEU B 166 -38.09 -31.92 -17.21
CA LEU B 166 -38.38 -30.60 -17.77
C LEU B 166 -37.10 -29.83 -18.09
N ARG B 167 -36.12 -29.84 -17.18
CA ARG B 167 -34.79 -29.27 -17.46
C ARG B 167 -34.06 -30.01 -18.58
N PHE B 168 -34.16 -31.33 -18.65
CA PHE B 168 -33.51 -32.13 -19.69
C PHE B 168 -34.06 -31.84 -21.09
N ILE B 169 -35.37 -31.68 -21.21
CA ILE B 169 -35.98 -31.40 -22.50
C ILE B 169 -35.81 -29.95 -22.97
N ALA B 170 -35.45 -29.07 -22.03
CA ALA B 170 -35.25 -27.66 -22.33
C ALA B 170 -33.79 -27.42 -22.65
N ALA B 171 -32.91 -27.81 -21.73
CA ALA B 171 -31.48 -27.66 -21.93
C ALA B 171 -31.06 -28.50 -23.14
N ASN B 172 -31.04 -27.87 -24.32
CA ASN B 172 -30.68 -28.58 -25.54
C ASN B 172 -29.37 -29.36 -25.46
N ASP B 173 -28.30 -28.73 -24.99
CA ASP B 173 -27.02 -29.40 -24.92
C ASP B 173 -27.17 -30.46 -23.83
N LYS B 174 -27.39 -31.71 -24.22
CA LYS B 174 -27.58 -32.75 -23.19
C LYS B 174 -26.30 -33.03 -22.41
N LEU B 175 -25.12 -32.99 -23.04
CA LEU B 175 -23.88 -33.43 -22.42
C LEU B 175 -23.44 -32.46 -21.31
N TRP B 176 -23.36 -31.17 -21.61
CA TRP B 176 -23.09 -30.15 -20.60
C TRP B 176 -24.14 -30.17 -19.48
N PHE B 177 -25.41 -30.44 -19.80
CA PHE B 177 -26.45 -30.55 -18.80
C PHE B 177 -26.30 -31.80 -17.91
N TRP B 178 -25.89 -32.93 -18.48
CA TRP B 178 -25.82 -34.20 -17.74
C TRP B 178 -24.81 -34.10 -16.60
N LEU B 179 -23.58 -33.67 -16.90
CA LEU B 179 -22.54 -33.44 -15.90
C LEU B 179 -22.57 -32.02 -15.28
N GLU B 180 -23.73 -31.37 -15.25
CA GLU B 180 -23.95 -30.16 -14.45
C GLU B 180 -24.17 -30.52 -12.97
N VAL B 181 -23.59 -29.76 -12.02
CA VAL B 181 -23.58 -30.14 -10.60
C VAL B 181 -24.97 -30.43 -10.04
N ASN B 182 -25.96 -29.58 -10.34
CA ASN B 182 -27.32 -29.77 -9.87
C ASN B 182 -27.97 -31.03 -10.46
N SER B 183 -27.57 -31.45 -11.67
CA SER B 183 -27.99 -32.74 -12.26
C SER B 183 -27.38 -33.92 -11.49
N VAL B 184 -26.11 -33.82 -11.12
CA VAL B 184 -25.43 -34.85 -10.34
C VAL B 184 -26.11 -35.04 -8.97
N VAL B 185 -26.53 -33.97 -8.31
CA VAL B 185 -27.30 -34.04 -7.06
C VAL B 185 -28.61 -34.81 -7.25
N ASP B 186 -29.28 -34.72 -8.39
CA ASP B 186 -30.48 -35.51 -8.67
C ASP B 186 -30.17 -36.99 -8.90
N PHE B 187 -29.11 -37.34 -9.65
CA PHE B 187 -28.78 -38.76 -9.86
C PHE B 187 -28.38 -39.49 -8.58
N PHE B 188 -27.75 -38.82 -7.63
CA PHE B 188 -27.43 -39.41 -6.33
C PHE B 188 -28.54 -39.30 -5.29
N THR B 189 -29.67 -38.65 -5.61
CA THR B 189 -30.84 -38.59 -4.71
C THR B 189 -32.01 -39.46 -5.20
N VAL B 190 -32.47 -39.25 -6.43
CA VAL B 190 -33.69 -39.90 -6.92
C VAL B 190 -33.78 -41.42 -7.13
N PRO B 191 -32.84 -42.04 -7.86
CA PRO B 191 -33.02 -43.49 -7.98
C PRO B 191 -33.03 -44.25 -6.64
N PRO B 192 -32.13 -43.87 -5.68
CA PRO B 192 -32.21 -44.62 -4.41
C PRO B 192 -33.57 -44.62 -3.74
N VAL B 193 -34.33 -43.53 -3.86
CA VAL B 193 -35.66 -43.49 -3.25
C VAL B 193 -36.66 -44.39 -3.99
N PHE B 194 -36.56 -44.54 -5.32
CA PHE B 194 -37.35 -45.56 -6.02
C PHE B 194 -37.02 -46.97 -5.51
N VAL B 195 -35.73 -47.30 -5.39
CA VAL B 195 -35.31 -48.58 -4.79
C VAL B 195 -35.89 -48.75 -3.39
N SER B 196 -35.90 -47.68 -2.58
CA SER B 196 -36.41 -47.73 -1.21
C SER B 196 -37.91 -48.03 -1.14
N VAL B 197 -38.74 -47.43 -2.01
CA VAL B 197 -40.18 -47.71 -2.00
C VAL B 197 -40.52 -49.03 -2.69
N TYR B 198 -39.71 -49.46 -3.66
CA TYR B 198 -39.81 -50.80 -4.27
C TYR B 198 -39.51 -51.93 -3.27
N LEU B 199 -38.40 -51.82 -2.52
CA LEU B 199 -38.06 -52.77 -1.46
C LEU B 199 -38.83 -52.54 -0.14
N ASN B 200 -39.61 -51.46 -0.06
CA ASN B 200 -40.29 -50.99 1.16
C ASN B 200 -39.35 -50.90 2.37
N ARG B 201 -38.18 -50.27 2.18
CA ARG B 201 -37.06 -50.19 3.12
C ARG B 201 -36.27 -48.90 2.91
N SER B 202 -36.29 -47.98 3.88
CA SER B 202 -35.50 -46.75 3.80
C SER B 202 -33.99 -47.04 3.81
N TRP B 203 -33.19 -46.22 3.11
CA TRP B 203 -31.74 -46.23 3.18
C TRP B 203 -31.20 -44.83 3.42
N LEU B 204 -30.39 -44.67 4.45
CA LEU B 204 -29.79 -43.40 4.86
C LEU B 204 -28.49 -43.11 4.08
N GLY B 205 -28.57 -43.18 2.76
CA GLY B 205 -27.43 -42.97 1.86
C GLY B 205 -27.09 -41.50 1.65
N LEU B 206 -26.63 -41.15 0.46
CA LEU B 206 -26.16 -39.81 0.07
C LEU B 206 -27.24 -38.71 0.05
N ARG B 207 -28.48 -38.92 0.52
CA ARG B 207 -29.52 -37.89 0.63
C ARG B 207 -29.08 -36.52 1.19
N PHE B 208 -28.14 -36.51 2.13
CA PHE B 208 -27.60 -35.23 2.61
C PHE B 208 -27.15 -34.30 1.46
N LEU B 209 -26.85 -34.82 0.27
CA LEU B 209 -26.46 -33.99 -0.88
C LEU B 209 -27.56 -33.00 -1.27
N ARG B 210 -28.77 -33.19 -0.77
CA ARG B 210 -29.84 -32.22 -1.00
C ARG B 210 -29.49 -30.83 -0.39
N ALA B 211 -28.61 -30.79 0.61
CA ALA B 211 -28.10 -29.54 1.18
C ALA B 211 -27.33 -28.68 0.16
N LEU B 212 -26.78 -29.28 -0.90
CA LEU B 212 -26.09 -28.56 -1.95
C LEU B 212 -27.06 -27.68 -2.79
N ARG B 213 -28.38 -27.89 -2.67
CA ARG B 213 -29.42 -27.03 -3.26
C ARG B 213 -29.52 -25.65 -2.63
N LEU B 214 -29.00 -25.43 -1.42
CA LEU B 214 -29.05 -24.12 -0.76
C LEU B 214 -28.21 -23.07 -1.48
N ILE B 215 -27.23 -23.45 -2.31
CA ILE B 215 -26.31 -22.51 -2.97
C ILE B 215 -27.06 -21.41 -3.74
N GLN B 216 -28.11 -21.78 -4.47
CA GLN B 216 -28.93 -20.86 -5.25
C GLN B 216 -30.04 -20.13 -4.45
N PHE B 217 -30.00 -20.12 -3.12
CA PHE B 217 -30.94 -19.36 -2.28
C PHE B 217 -30.91 -17.85 -2.56
N SER B 218 -29.79 -17.31 -3.06
CA SER B 218 -29.70 -15.90 -3.48
C SER B 218 -30.69 -15.56 -4.59
N GLU B 219 -30.94 -16.47 -5.52
CA GLU B 219 -31.92 -16.29 -6.61
C GLU B 219 -33.31 -16.04 -6.06
N ILE B 220 -33.73 -16.79 -5.03
CA ILE B 220 -35.05 -16.60 -4.40
C ILE B 220 -35.14 -15.20 -3.80
N LEU B 221 -34.18 -14.76 -2.98
CA LEU B 221 -34.25 -13.43 -2.38
C LEU B 221 -34.13 -12.29 -3.42
N GLN B 222 -33.44 -12.54 -4.53
CA GLN B 222 -33.33 -11.59 -5.64
C GLN B 222 -34.62 -11.51 -6.48
N PHE B 223 -35.23 -12.64 -6.86
CA PHE B 223 -36.51 -12.67 -7.58
C PHE B 223 -37.64 -12.06 -6.77
N LEU B 224 -37.68 -12.31 -5.45
CA LEU B 224 -38.66 -11.71 -4.55
C LEU B 224 -38.31 -10.25 -4.17
N ASN B 225 -37.24 -9.68 -4.73
CA ASN B 225 -36.76 -8.32 -4.47
C ASN B 225 -36.51 -8.00 -2.97
N ILE B 226 -36.24 -9.04 -2.16
CA ILE B 226 -35.85 -8.89 -0.75
C ILE B 226 -34.39 -8.40 -0.64
N LEU B 227 -33.53 -8.86 -1.56
CA LEU B 227 -32.09 -8.60 -1.54
C LEU B 227 -31.72 -7.54 -2.58
N LYS B 228 -31.01 -6.49 -2.12
CA LYS B 228 -30.77 -5.24 -2.83
C LYS B 228 -29.54 -5.25 -3.74
N THR B 229 -28.39 -4.77 -3.26
CA THR B 229 -27.20 -4.50 -4.05
C THR B 229 -26.54 -5.78 -4.56
N SER B 230 -25.86 -5.72 -5.71
CA SER B 230 -25.03 -6.82 -6.22
C SER B 230 -23.99 -7.29 -5.19
N ASN B 231 -23.42 -6.34 -4.44
CA ASN B 231 -22.57 -6.60 -3.28
C ASN B 231 -23.25 -7.51 -2.23
N SER B 232 -24.49 -7.21 -1.82
CA SER B 232 -25.22 -8.08 -0.88
C SER B 232 -25.57 -9.44 -1.49
N ILE B 233 -25.79 -9.52 -2.81
CA ILE B 233 -25.96 -10.79 -3.52
C ILE B 233 -24.67 -11.63 -3.47
N LYS B 234 -23.50 -11.03 -3.69
CA LYS B 234 -22.21 -11.72 -3.55
C LYS B 234 -22.00 -12.20 -2.11
N LEU B 235 -22.31 -11.38 -1.11
CA LEU B 235 -22.21 -11.76 0.30
C LEU B 235 -23.10 -12.96 0.64
N VAL B 236 -24.37 -12.95 0.23
CA VAL B 236 -25.28 -14.08 0.49
C VAL B 236 -24.88 -15.32 -0.30
N ASN B 237 -24.36 -15.17 -1.53
CA ASN B 237 -23.82 -16.29 -2.29
C ASN B 237 -22.65 -16.97 -1.56
N LEU B 238 -21.69 -16.21 -1.05
CA LEU B 238 -20.59 -16.75 -0.24
C LEU B 238 -21.10 -17.42 1.04
N LEU B 239 -21.98 -16.76 1.78
CA LEU B 239 -22.50 -17.30 3.04
C LEU B 239 -23.25 -18.62 2.82
N SER B 240 -24.03 -18.74 1.75
CA SER B 240 -24.74 -19.98 1.46
C SER B 240 -23.81 -21.12 1.00
N ILE B 241 -22.72 -20.80 0.30
CA ILE B 241 -21.70 -21.80 -0.03
C ILE B 241 -21.04 -22.34 1.23
N PHE B 242 -20.80 -21.52 2.26
CA PHE B 242 -20.28 -22.01 3.54
C PHE B 242 -21.27 -22.96 4.22
N ILE B 243 -22.54 -22.56 4.42
CA ILE B 243 -23.51 -23.42 5.12
C ILE B 243 -23.73 -24.74 4.39
N SER B 244 -23.93 -24.72 3.07
CA SER B 244 -24.15 -25.94 2.30
C SER B 244 -22.93 -26.85 2.30
N THR B 245 -21.71 -26.31 2.25
CA THR B 245 -20.48 -27.12 2.33
C THR B 245 -20.31 -27.73 3.72
N TRP B 246 -20.59 -26.98 4.79
CA TRP B 246 -20.53 -27.49 6.15
C TRP B 246 -21.49 -28.66 6.35
N LEU B 247 -22.76 -28.50 5.95
CA LEU B 247 -23.75 -29.58 6.08
C LEU B 247 -23.46 -30.78 5.18
N THR B 248 -22.87 -30.57 4.00
CA THR B 248 -22.46 -31.66 3.12
C THR B 248 -21.29 -32.46 3.71
N ALA B 249 -20.22 -31.80 4.14
CA ALA B 249 -19.06 -32.47 4.72
C ALA B 249 -19.44 -33.23 5.99
N ALA B 250 -20.33 -32.66 6.82
CA ALA B 250 -20.86 -33.37 7.96
C ALA B 250 -21.63 -34.64 7.57
N GLY B 251 -22.29 -34.65 6.42
CA GLY B 251 -22.95 -35.85 5.90
C GLY B 251 -21.97 -36.94 5.51
N PHE B 252 -20.88 -36.59 4.84
CA PHE B 252 -19.85 -37.55 4.49
C PHE B 252 -19.19 -38.16 5.73
N ILE B 253 -18.83 -37.36 6.74
CA ILE B 253 -18.31 -37.91 7.99
C ILE B 253 -19.35 -38.80 8.67
N HIS B 254 -20.61 -38.37 8.71
CA HIS B 254 -21.67 -39.17 9.31
C HIS B 254 -21.72 -40.57 8.71
N LEU B 255 -21.83 -40.63 7.40
CA LEU B 255 -21.86 -41.89 6.65
C LEU B 255 -20.62 -42.75 6.92
N VAL B 256 -19.44 -42.14 6.82
CA VAL B 256 -18.16 -42.83 6.90
C VAL B 256 -17.82 -43.27 8.33
N GLU B 257 -18.35 -42.66 9.38
CA GLU B 257 -18.13 -43.11 10.75
C GLU B 257 -19.17 -44.11 11.24
N ASN B 258 -20.44 -43.98 10.86
CA ASN B 258 -21.47 -44.95 11.28
C ASN B 258 -21.33 -46.32 10.60
N SER B 259 -20.65 -46.39 9.47
CA SER B 259 -20.21 -47.65 8.84
C SER B 259 -18.71 -47.83 9.07
N GLY B 260 -18.24 -49.00 9.48
CA GLY B 260 -16.81 -49.17 9.77
C GLY B 260 -15.92 -49.14 8.53
N ASP B 261 -14.62 -49.31 8.71
CA ASP B 261 -13.72 -49.63 7.60
C ASP B 261 -14.00 -51.05 7.05
N PRO B 262 -14.02 -51.28 5.73
CA PRO B 262 -14.36 -52.58 5.18
C PRO B 262 -13.27 -53.64 5.46
N TRP B 263 -12.00 -53.27 5.44
CA TRP B 263 -10.90 -54.16 5.85
C TRP B 263 -10.95 -54.56 7.33
N GLU B 264 -11.75 -53.86 8.13
CA GLU B 264 -12.01 -54.20 9.53
C GLU B 264 -13.34 -54.95 9.69
N ASN B 265 -13.87 -55.54 8.62
CA ASN B 265 -15.18 -56.19 8.55
C ASN B 265 -16.33 -55.27 8.98
N PHE B 266 -16.18 -53.95 8.83
CA PHE B 266 -17.11 -52.94 9.34
C PHE B 266 -17.32 -52.95 10.86
N GLN B 267 -16.41 -53.55 11.65
CA GLN B 267 -16.57 -53.69 13.10
C GLN B 267 -16.18 -52.43 13.89
N ASN B 268 -15.27 -51.60 13.38
CA ASN B 268 -14.76 -50.41 14.09
C ASN B 268 -15.63 -49.15 13.90
N ASN B 269 -16.91 -49.28 13.60
CA ASN B 269 -17.79 -48.13 13.43
C ASN B 269 -17.98 -47.33 14.73
N GLN B 270 -18.41 -46.07 14.61
CA GLN B 270 -18.68 -45.19 15.74
C GLN B 270 -20.05 -44.52 15.58
N ALA B 271 -20.87 -44.54 16.63
CA ALA B 271 -22.26 -44.09 16.58
C ALA B 271 -22.42 -42.57 16.69
N LEU B 272 -21.70 -41.79 15.90
CA LEU B 272 -21.88 -40.33 15.84
C LEU B 272 -23.26 -39.97 15.30
N THR B 273 -24.00 -39.07 15.95
CA THR B 273 -25.18 -38.47 15.31
C THR B 273 -24.76 -37.49 14.22
N TYR B 274 -25.68 -37.08 13.36
CA TYR B 274 -25.38 -36.07 12.35
C TYR B 274 -24.97 -34.73 13.00
N TRP B 275 -25.61 -34.37 14.10
CA TRP B 275 -25.28 -33.15 14.81
C TRP B 275 -23.91 -33.19 15.48
N GLU B 276 -23.45 -34.34 15.96
CA GLU B 276 -22.08 -34.50 16.41
C GLU B 276 -21.09 -34.32 15.25
N CYS B 277 -21.43 -34.72 14.04
CA CYS B 277 -20.58 -34.48 12.87
C CYS B 277 -20.56 -33.01 12.45
N VAL B 278 -21.69 -32.31 12.54
CA VAL B 278 -21.75 -30.86 12.29
C VAL B 278 -20.90 -30.10 13.30
N TYR B 279 -21.01 -30.44 14.59
CA TYR B 279 -20.19 -29.88 15.66
C TYR B 279 -18.71 -30.21 15.48
N LEU B 280 -18.34 -31.45 15.18
CA LEU B 280 -16.97 -31.85 14.90
C LEU B 280 -16.36 -31.03 13.76
N LEU B 281 -17.09 -30.81 12.67
CA LEU B 281 -16.59 -29.97 11.58
C LEU B 281 -16.37 -28.55 12.07
N MET B 282 -17.24 -27.97 12.87
CA MET B 282 -17.04 -26.60 13.34
C MET B 282 -15.87 -26.47 14.30
N VAL B 283 -15.76 -27.38 15.27
CA VAL B 283 -14.65 -27.43 16.21
C VAL B 283 -13.32 -27.70 15.50
N THR B 284 -13.34 -28.43 14.40
CA THR B 284 -12.14 -28.63 13.59
C THR B 284 -11.79 -27.44 12.71
N MET B 285 -12.73 -26.88 11.94
CA MET B 285 -12.40 -25.83 10.98
C MET B 285 -12.10 -24.48 11.62
N SER B 286 -12.62 -24.20 12.81
CA SER B 286 -12.16 -23.09 13.65
C SER B 286 -10.76 -23.34 14.24
N THR B 287 -10.21 -24.54 14.09
CA THR B 287 -8.94 -25.04 14.64
C THR B 287 -8.91 -25.12 16.16
N VAL B 288 -10.04 -25.11 16.85
CA VAL B 288 -10.11 -25.36 18.29
C VAL B 288 -9.70 -26.79 18.60
N GLY B 289 -10.38 -27.78 18.02
CA GLY B 289 -10.06 -29.20 18.16
C GLY B 289 -10.02 -29.70 19.60
N TYR B 290 -11.14 -29.68 20.33
CA TYR B 290 -11.15 -30.20 21.71
C TYR B 290 -10.78 -31.68 21.78
N GLY B 291 -11.19 -32.49 20.81
CA GLY B 291 -11.01 -33.94 20.88
C GLY B 291 -11.99 -34.63 21.84
N ASP B 292 -13.08 -33.98 22.23
CA ASP B 292 -14.21 -34.66 22.88
C ASP B 292 -14.95 -35.57 21.88
N VAL B 293 -15.02 -35.13 20.64
CA VAL B 293 -15.45 -35.88 19.45
C VAL B 293 -14.35 -35.77 18.40
N TYR B 294 -14.04 -36.87 17.73
CA TYR B 294 -13.10 -36.93 16.61
C TYR B 294 -13.38 -38.19 15.78
N ALA B 295 -12.89 -38.23 14.54
CA ALA B 295 -13.09 -39.38 13.66
C ALA B 295 -12.15 -40.54 14.03
N LYS B 296 -12.67 -41.74 14.28
CA LYS B 296 -11.88 -42.92 14.68
C LYS B 296 -11.61 -43.90 13.54
N THR B 297 -12.47 -43.99 12.52
CA THR B 297 -12.21 -44.92 11.42
C THR B 297 -11.08 -44.43 10.53
N THR B 298 -10.46 -45.33 9.78
CA THR B 298 -9.37 -44.97 8.86
C THR B 298 -9.89 -44.10 7.74
N LEU B 299 -11.05 -44.41 7.19
CA LEU B 299 -11.70 -43.56 6.19
C LEU B 299 -12.06 -42.19 6.77
N GLY B 300 -12.62 -42.11 7.97
CA GLY B 300 -12.92 -40.83 8.61
C GLY B 300 -11.68 -39.96 8.80
N ARG B 301 -10.56 -40.55 9.22
CA ARG B 301 -9.30 -39.81 9.32
C ARG B 301 -8.79 -39.34 7.96
N LEU B 302 -8.93 -40.12 6.90
CA LEU B 302 -8.62 -39.67 5.53
C LEU B 302 -9.51 -38.50 5.11
N PHE B 303 -10.80 -38.55 5.39
CA PHE B 303 -11.70 -37.45 5.11
C PHE B 303 -11.35 -36.21 5.93
N MET B 304 -11.05 -36.33 7.22
CA MET B 304 -10.67 -35.16 8.01
C MET B 304 -9.38 -34.54 7.52
N VAL B 305 -8.39 -35.31 7.10
CA VAL B 305 -7.17 -34.75 6.50
C VAL B 305 -7.49 -33.99 5.23
N PHE B 306 -8.39 -34.51 4.39
CA PHE B 306 -8.84 -33.79 3.21
C PHE B 306 -9.62 -32.52 3.56
N PHE B 307 -10.60 -32.57 4.46
CA PHE B 307 -11.37 -31.39 4.85
C PHE B 307 -10.55 -30.34 5.59
N ILE B 308 -9.52 -30.71 6.35
CA ILE B 308 -8.59 -29.74 6.93
C ILE B 308 -7.77 -29.06 5.83
N LEU B 309 -7.18 -29.83 4.90
CA LEU B 309 -6.33 -29.28 3.83
C LEU B 309 -7.09 -28.52 2.75
N GLY B 310 -8.34 -28.91 2.45
CA GLY B 310 -9.19 -28.22 1.48
C GLY B 310 -10.00 -27.08 2.09
N GLY B 311 -10.44 -27.25 3.33
CA GLY B 311 -11.23 -26.25 4.05
C GLY B 311 -10.38 -25.03 4.41
N LEU B 312 -9.26 -25.22 5.12
CA LEU B 312 -8.25 -24.18 5.25
C LEU B 312 -7.53 -24.02 3.91
N ALA B 313 -6.81 -22.93 3.71
CA ALA B 313 -5.85 -22.76 2.62
C ALA B 313 -6.36 -22.94 1.17
N MET B 314 -7.66 -23.11 0.93
CA MET B 314 -8.26 -23.12 -0.40
C MET B 314 -9.71 -22.64 -0.37
N PHE B 315 -10.57 -23.27 0.42
CA PHE B 315 -11.97 -22.87 0.53
C PHE B 315 -12.14 -21.62 1.40
N ALA B 316 -11.60 -21.60 2.62
CA ALA B 316 -11.20 -20.37 3.28
C ALA B 316 -9.90 -19.84 2.64
N SER B 317 -9.33 -18.75 3.15
CA SER B 317 -8.24 -18.01 2.49
C SER B 317 -8.61 -17.42 1.12
N TYR B 318 -9.89 -17.07 0.97
CA TYR B 318 -10.34 -16.02 0.07
C TYR B 318 -9.76 -14.65 0.46
N VAL B 319 -9.83 -13.69 -0.47
CA VAL B 319 -9.74 -12.25 -0.20
C VAL B 319 -11.03 -11.45 -0.49
N PRO B 320 -11.97 -11.84 -1.39
CA PRO B 320 -13.14 -11.00 -1.61
C PRO B 320 -14.11 -10.94 -0.44
N GLU B 321 -14.04 -11.83 0.55
CA GLU B 321 -14.94 -11.75 1.70
C GLU B 321 -14.71 -10.50 2.56
N ILE B 322 -13.53 -9.87 2.51
CA ILE B 322 -13.30 -8.56 3.13
C ILE B 322 -13.61 -7.40 2.17
N ILE B 323 -13.31 -7.54 0.88
CA ILE B 323 -13.60 -6.45 -0.09
C ILE B 323 -15.12 -6.22 -0.21
N GLU B 324 -15.90 -7.30 -0.24
CA GLU B 324 -17.36 -7.17 -0.23
C GLU B 324 -17.87 -6.67 1.13
N LEU B 325 -17.22 -7.00 2.25
CA LEU B 325 -17.64 -6.51 3.56
C LEU B 325 -17.49 -5.00 3.66
N ILE B 326 -16.36 -4.42 3.24
CA ILE B 326 -16.20 -2.96 3.20
C ILE B 326 -16.99 -2.32 2.04
N GLY B 327 -17.20 -3.03 0.93
CA GLY B 327 -18.06 -2.59 -0.18
C GLY B 327 -19.53 -2.39 0.24
N ASN B 328 -20.00 -3.12 1.26
CA ASN B 328 -21.31 -2.92 1.86
C ASN B 328 -21.40 -1.61 2.70
N ARG B 329 -20.25 -1.05 3.14
CA ARG B 329 -20.18 0.15 3.99
C ARG B 329 -20.07 1.46 3.21
N LYS B 330 -19.52 1.46 1.99
CA LYS B 330 -19.34 2.68 1.18
C LYS B 330 -20.65 3.31 0.68
N LYS B 331 -21.72 2.51 0.50
CA LYS B 331 -22.88 2.93 -0.29
C LYS B 331 -23.76 3.94 0.44
N TYR B 332 -23.75 5.18 -0.03
CA TYR B 332 -24.68 6.22 0.37
C TYR B 332 -25.96 6.18 -0.45
N GLY B 333 -26.85 5.29 -0.05
CA GLY B 333 -28.26 5.29 -0.40
C GLY B 333 -28.61 4.91 -1.85
N GLY B 334 -29.88 4.93 -2.15
CA GLY B 334 -30.46 4.60 -3.44
C GLY B 334 -31.57 5.57 -3.82
N SER B 335 -32.74 5.43 -3.22
CA SER B 335 -33.84 6.31 -3.56
C SER B 335 -34.23 7.18 -2.38
N TYR B 336 -34.78 8.35 -2.66
CA TYR B 336 -35.20 9.25 -1.61
C TYR B 336 -36.71 9.15 -1.51
N SER B 337 -37.20 8.28 -0.63
CA SER B 337 -38.64 8.09 -0.43
C SER B 337 -39.22 9.46 -0.12
N ALA B 338 -39.87 10.09 -1.09
CA ALA B 338 -40.40 11.43 -0.89
C ALA B 338 -41.70 11.30 -0.10
N VAL B 339 -41.75 11.85 1.12
CA VAL B 339 -42.95 11.73 1.93
C VAL B 339 -43.91 12.93 1.67
N SER B 340 -45.22 12.69 1.58
CA SER B 340 -46.19 13.74 1.27
C SER B 340 -46.33 14.77 2.40
N GLY B 341 -46.80 15.98 2.09
CA GLY B 341 -46.96 17.09 3.04
C GLY B 341 -45.65 17.83 3.36
N ARG B 342 -44.53 17.14 3.50
CA ARG B 342 -43.21 17.79 3.60
C ARG B 342 -42.83 18.44 2.28
N LYS B 343 -42.33 19.68 2.36
CA LYS B 343 -41.55 20.31 1.29
C LYS B 343 -40.21 19.58 1.15
N HIS B 344 -39.50 19.87 0.07
CA HIS B 344 -38.32 19.16 -0.37
C HIS B 344 -37.39 20.16 -1.08
N ILE B 345 -36.07 19.95 -1.08
CA ILE B 345 -35.10 20.76 -1.82
C ILE B 345 -33.90 19.87 -2.18
N VAL B 346 -33.18 20.16 -3.27
CA VAL B 346 -31.99 19.39 -3.67
C VAL B 346 -30.78 20.29 -3.77
N VAL B 347 -29.68 19.92 -3.13
CA VAL B 347 -28.43 20.69 -3.15
C VAL B 347 -27.32 19.92 -3.84
N CYS B 348 -26.59 20.56 -4.75
CA CYS B 348 -25.54 19.93 -5.55
C CYS B 348 -24.44 20.93 -5.94
N GLY B 349 -23.55 20.53 -6.83
CA GLY B 349 -22.34 21.30 -7.13
C GLY B 349 -21.22 20.97 -6.15
N HIS B 350 -20.36 21.95 -5.86
CA HIS B 350 -19.24 21.71 -4.96
C HIS B 350 -19.65 21.64 -3.50
N ILE B 351 -20.11 20.49 -3.01
CA ILE B 351 -20.51 20.29 -1.62
C ILE B 351 -19.37 19.62 -0.83
N THR B 352 -18.87 20.33 0.16
CA THR B 352 -17.74 19.97 1.03
C THR B 352 -17.86 20.78 2.31
N LEU B 353 -17.11 20.44 3.36
CA LEU B 353 -17.31 21.03 4.69
C LEU B 353 -17.26 22.57 4.66
N GLU B 354 -16.32 23.17 3.93
CA GLU B 354 -16.19 24.63 3.84
C GLU B 354 -17.30 25.31 3.02
N SER B 355 -18.08 24.57 2.21
CA SER B 355 -19.21 25.14 1.47
C SER B 355 -20.56 24.86 2.15
N VAL B 356 -20.80 23.64 2.64
CA VAL B 356 -22.12 23.30 3.23
C VAL B 356 -22.30 23.84 4.64
N SER B 357 -21.23 24.04 5.41
CA SER B 357 -21.38 24.36 6.84
C SER B 357 -22.01 25.72 7.08
N ASN B 358 -21.64 26.76 6.35
CA ASN B 358 -22.30 28.07 6.44
C ASN B 358 -23.72 28.05 5.88
N PHE B 359 -24.01 27.21 4.89
CA PHE B 359 -25.35 27.06 4.34
C PHE B 359 -26.28 26.38 5.34
N LEU B 360 -25.89 25.22 5.86
CA LEU B 360 -26.70 24.43 6.79
C LEU B 360 -27.03 25.20 8.06
N LYS B 361 -26.05 25.86 8.70
CA LYS B 361 -26.33 26.58 9.94
C LYS B 361 -27.24 27.78 9.79
N ASP B 362 -27.45 28.28 8.58
CA ASP B 362 -28.48 29.28 8.29
C ASP B 362 -29.79 28.62 7.87
N PHE B 363 -29.77 27.68 6.93
CA PHE B 363 -31.02 27.04 6.50
C PHE B 363 -31.78 26.35 7.65
N LEU B 364 -31.05 25.61 8.46
CA LEU B 364 -31.61 24.91 9.63
C LEU B 364 -31.54 25.74 10.93
N HIS B 365 -31.39 27.06 10.81
CA HIS B 365 -31.32 27.95 11.98
C HIS B 365 -32.63 27.96 12.76
N LYS B 366 -32.54 28.00 14.09
CA LYS B 366 -33.70 27.80 14.98
C LYS B 366 -34.67 28.97 14.98
N ASP B 367 -34.20 30.17 14.68
CA ASP B 367 -35.00 31.39 14.85
C ASP B 367 -36.06 31.62 13.76
N ARG B 368 -35.88 31.04 12.58
CA ARG B 368 -36.87 31.28 11.54
C ARG B 368 -38.23 30.68 11.84
N ASP B 369 -38.24 29.39 12.18
CA ASP B 369 -39.45 28.56 12.41
C ASP B 369 -38.97 27.11 12.64
N ASP B 370 -39.88 26.21 13.00
CA ASP B 370 -39.53 24.80 13.17
C ASP B 370 -40.15 23.98 12.03
N VAL B 371 -39.82 24.35 10.80
CA VAL B 371 -40.35 23.66 9.61
C VAL B 371 -39.33 22.73 8.98
N ASN B 372 -39.81 21.74 8.23
CA ASN B 372 -38.94 20.77 7.56
C ASN B 372 -38.99 20.92 6.03
N VAL B 373 -37.87 21.31 5.40
CA VAL B 373 -37.82 21.48 3.95
C VAL B 373 -36.62 20.81 3.27
N GLU B 374 -35.42 21.17 3.75
CA GLU B 374 -34.23 20.61 3.26
C GLU B 374 -33.96 19.19 3.64
N ILE B 375 -34.04 18.24 2.70
CA ILE B 375 -33.81 16.84 3.06
C ILE B 375 -32.90 16.01 2.14
N VAL B 376 -32.18 16.62 1.20
CA VAL B 376 -31.34 15.80 0.31
C VAL B 376 -30.12 16.50 -0.34
N PHE B 377 -29.02 15.75 -0.51
CA PHE B 377 -27.81 16.24 -1.18
C PHE B 377 -27.34 15.23 -2.24
N LEU B 378 -26.69 15.70 -3.31
CA LEU B 378 -26.14 14.79 -4.33
C LEU B 378 -24.83 15.39 -4.85
N HIS B 379 -23.85 14.51 -5.14
CA HIS B 379 -22.54 14.89 -5.62
C HIS B 379 -21.90 13.59 -6.11
N ASN B 380 -20.98 13.69 -7.05
CA ASN B 380 -20.33 12.50 -7.60
C ASN B 380 -19.33 11.82 -6.66
N ILE B 381 -18.88 12.53 -5.64
CA ILE B 381 -17.92 11.96 -4.70
C ILE B 381 -18.57 11.57 -3.36
N SER B 382 -18.02 10.54 -2.69
CA SER B 382 -18.54 10.11 -1.38
C SER B 382 -18.19 11.10 -0.26
N PRO B 383 -19.05 11.27 0.76
CA PRO B 383 -18.93 12.32 1.76
C PRO B 383 -17.98 11.93 2.91
N ASN B 384 -16.73 11.59 2.58
CA ASN B 384 -15.72 11.20 3.55
C ASN B 384 -15.32 12.36 4.50
N LEU B 385 -14.48 12.05 5.49
CA LEU B 385 -13.92 12.96 6.51
C LEU B 385 -14.99 13.68 7.35
N GLU B 386 -14.60 14.74 8.07
CA GLU B 386 -15.46 15.58 8.91
C GLU B 386 -16.52 16.32 8.08
N LEU B 387 -17.53 15.59 7.63
CA LEU B 387 -18.64 16.06 6.80
C LEU B 387 -19.85 15.16 7.07
N GLU B 388 -19.66 13.84 7.05
CA GLU B 388 -20.69 12.92 7.52
C GLU B 388 -21.09 13.20 8.98
N ALA B 389 -20.17 13.63 9.83
CA ALA B 389 -20.43 14.09 11.18
C ALA B 389 -21.41 15.27 11.24
N LEU B 390 -21.26 16.24 10.32
CA LEU B 390 -22.18 17.36 10.20
C LEU B 390 -23.56 16.93 9.69
N PHE B 391 -23.63 15.85 8.90
CA PHE B 391 -24.91 15.20 8.58
C PHE B 391 -25.49 14.47 9.80
N LYS B 392 -24.68 13.80 10.64
CA LYS B 392 -25.18 13.15 11.88
C LYS B 392 -25.86 14.16 12.80
N ARG B 393 -25.25 15.35 12.96
CA ARG B 393 -25.81 16.48 13.75
C ARG B 393 -27.17 16.98 13.26
N HIS B 394 -27.63 16.58 12.07
CA HIS B 394 -28.91 16.97 11.49
C HIS B 394 -29.69 15.77 10.90
N PHE B 395 -29.50 14.57 11.45
CA PHE B 395 -29.95 13.28 10.91
C PHE B 395 -31.34 13.26 10.27
N THR B 396 -32.34 13.88 10.90
CA THR B 396 -33.75 13.83 10.47
C THR B 396 -34.08 14.69 9.23
N GLN B 397 -33.19 15.56 8.84
CA GLN B 397 -33.49 16.32 7.68
C GLN B 397 -32.21 16.75 7.06
N VAL B 398 -31.46 15.83 6.39
CA VAL B 398 -30.29 16.04 5.52
C VAL B 398 -30.17 15.02 4.38
N GLU B 399 -30.14 13.71 4.68
CA GLU B 399 -30.02 12.60 3.73
C GLU B 399 -29.17 12.87 2.46
N PHE B 400 -27.84 12.77 2.56
CA PHE B 400 -26.97 12.71 1.39
C PHE B 400 -27.23 11.45 0.55
N TYR B 401 -27.18 11.54 -0.77
CA TYR B 401 -27.21 10.41 -1.71
C TYR B 401 -26.07 10.51 -2.72
N GLN B 402 -25.34 9.42 -2.99
CA GLN B 402 -24.27 9.45 -3.99
C GLN B 402 -24.85 9.31 -5.41
N GLY B 403 -24.50 10.24 -6.29
CA GLY B 403 -24.96 10.30 -7.69
C GLY B 403 -24.58 11.64 -8.32
N SER B 404 -24.60 11.73 -9.64
CA SER B 404 -24.16 12.92 -10.40
C SER B 404 -25.32 13.63 -11.08
N VAL B 405 -25.43 14.94 -10.87
CA VAL B 405 -26.51 15.77 -11.42
C VAL B 405 -26.48 15.89 -12.95
N LEU B 406 -25.41 15.42 -13.62
CA LEU B 406 -25.36 15.29 -15.08
C LEU B 406 -26.15 14.09 -15.61
N ASN B 407 -26.55 13.14 -14.76
CA ASN B 407 -27.19 11.89 -15.15
C ASN B 407 -28.70 11.91 -14.85
N PRO B 408 -29.60 11.76 -15.82
CA PRO B 408 -31.03 11.87 -15.59
C PRO B 408 -31.60 10.73 -14.74
N HIS B 409 -30.91 9.61 -14.61
CA HIS B 409 -31.32 8.56 -13.66
C HIS B 409 -31.10 9.02 -12.22
N ASP B 410 -30.03 9.77 -11.95
CA ASP B 410 -29.78 10.32 -10.62
C ASP B 410 -30.70 11.50 -10.30
N LEU B 411 -31.06 12.33 -11.28
CA LEU B 411 -32.13 13.32 -11.12
C LEU B 411 -33.46 12.64 -10.81
N ALA B 412 -33.77 11.52 -11.48
CA ALA B 412 -34.95 10.74 -11.21
C ALA B 412 -34.92 10.05 -9.84
N ARG B 413 -33.76 9.70 -9.31
CA ARG B 413 -33.77 9.14 -7.95
C ARG B 413 -34.17 10.27 -6.98
N VAL B 414 -33.37 11.30 -6.92
CA VAL B 414 -33.69 12.36 -5.95
C VAL B 414 -34.99 13.14 -6.24
N LYS B 415 -35.89 12.63 -7.09
CA LYS B 415 -37.24 13.17 -7.31
C LYS B 415 -37.28 14.65 -7.72
N ILE B 416 -36.46 15.02 -8.69
CA ILE B 416 -36.42 16.39 -9.17
C ILE B 416 -37.81 16.87 -9.63
N GLU B 417 -38.67 15.96 -10.10
CA GLU B 417 -40.04 16.31 -10.49
C GLU B 417 -40.82 17.20 -9.48
N SER B 418 -40.70 16.91 -8.18
CA SER B 418 -41.40 17.68 -7.16
C SER B 418 -40.46 18.21 -6.06
N ALA B 419 -39.22 18.48 -6.44
CA ALA B 419 -38.21 18.97 -5.51
C ALA B 419 -38.28 20.46 -5.14
N ASP B 420 -39.32 21.21 -5.50
CA ASP B 420 -39.48 22.66 -5.25
C ASP B 420 -38.38 23.57 -5.84
N ALA B 421 -37.15 23.49 -5.31
CA ALA B 421 -35.98 24.18 -5.84
C ALA B 421 -34.72 23.32 -5.82
N CYS B 422 -33.78 23.62 -6.70
CA CYS B 422 -32.44 23.06 -6.72
C CYS B 422 -31.39 24.16 -6.48
N LEU B 423 -30.45 23.92 -5.56
CA LEU B 423 -29.39 24.86 -5.23
C LEU B 423 -28.05 24.31 -5.73
N ILE B 424 -27.32 25.10 -6.51
CA ILE B 424 -26.02 24.70 -7.07
C ILE B 424 -24.93 25.57 -6.45
N LEU B 425 -23.99 24.96 -5.73
CA LEU B 425 -22.88 25.63 -5.05
C LEU B 425 -21.61 25.60 -5.90
N ALA B 426 -20.88 26.71 -5.98
CA ALA B 426 -19.66 26.81 -6.77
C ALA B 426 -18.40 26.50 -5.95
N ASN B 427 -17.34 26.04 -6.61
CA ASN B 427 -16.02 25.96 -5.99
C ASN B 427 -15.34 27.34 -6.03
N LYS B 428 -15.54 28.15 -5.00
CA LYS B 428 -15.03 29.52 -4.87
C LYS B 428 -13.51 29.64 -5.05
N TYR B 429 -12.77 28.56 -4.86
CA TYR B 429 -11.32 28.52 -4.87
C TYR B 429 -10.74 27.82 -6.11
N CYS B 430 -11.54 27.64 -7.16
CA CYS B 430 -11.11 26.95 -8.38
C CYS B 430 -10.07 27.73 -9.21
N ALA B 431 -9.25 27.00 -9.96
CA ALA B 431 -8.20 27.54 -10.82
C ALA B 431 -8.71 28.22 -12.10
N ASP B 432 -9.95 27.98 -12.49
CA ASP B 432 -10.46 28.62 -13.70
C ASP B 432 -11.93 29.01 -13.52
N PRO B 433 -12.20 30.28 -13.19
CA PRO B 433 -13.59 30.74 -12.99
C PRO B 433 -14.59 30.55 -14.14
N ASP B 434 -14.10 30.66 -15.36
CA ASP B 434 -14.92 30.53 -16.56
C ASP B 434 -15.27 29.06 -16.84
N ALA B 435 -14.36 28.13 -16.54
CA ALA B 435 -14.66 26.70 -16.59
C ALA B 435 -15.66 26.31 -15.51
N GLU B 436 -15.54 26.83 -14.28
CA GLU B 436 -16.53 26.62 -13.23
C GLU B 436 -17.90 27.08 -13.65
N ASP B 437 -18.06 28.31 -14.12
CA ASP B 437 -19.40 28.79 -14.46
C ASP B 437 -19.97 28.03 -15.66
N ALA B 438 -19.17 27.71 -16.68
CA ALA B 438 -19.64 26.82 -17.74
C ALA B 438 -20.06 25.45 -17.19
N SER B 439 -19.27 24.86 -16.28
CA SER B 439 -19.63 23.60 -15.62
C SER B 439 -20.95 23.72 -14.86
N ASN B 440 -21.14 24.76 -14.08
CA ASN B 440 -22.39 24.92 -13.35
C ASN B 440 -23.55 25.24 -14.30
N ILE B 441 -23.32 25.88 -15.44
CA ILE B 441 -24.36 25.99 -16.47
C ILE B 441 -24.68 24.63 -17.09
N MET B 442 -23.70 23.74 -17.29
CA MET B 442 -23.98 22.35 -17.69
C MET B 442 -24.94 21.68 -16.69
N ARG B 443 -24.72 21.87 -15.38
CA ARG B 443 -25.65 21.37 -14.37
C ARG B 443 -27.02 22.01 -14.51
N VAL B 444 -27.10 23.33 -14.71
CA VAL B 444 -28.40 24.00 -14.89
C VAL B 444 -29.16 23.44 -16.09
N ILE B 445 -28.50 23.31 -17.25
CA ILE B 445 -29.19 22.78 -18.43
C ILE B 445 -29.52 21.30 -18.24
N SER B 446 -28.66 20.49 -17.60
CA SER B 446 -28.99 19.12 -17.24
C SER B 446 -30.30 19.05 -16.45
N ILE B 447 -30.43 19.86 -15.39
CA ILE B 447 -31.62 19.85 -14.56
C ILE B 447 -32.85 20.37 -15.32
N LYS B 448 -32.74 21.48 -16.06
CA LYS B 448 -33.87 22.03 -16.82
C LYS B 448 -34.31 21.13 -17.97
N ASN B 449 -33.36 20.48 -18.64
CA ASN B 449 -33.58 19.49 -19.69
C ASN B 449 -34.37 18.29 -19.15
N TYR B 450 -34.06 17.83 -17.94
CA TYR B 450 -34.85 16.79 -17.26
C TYR B 450 -36.24 17.25 -16.80
N HIS B 451 -36.31 18.46 -16.19
CA HIS B 451 -37.57 19.08 -15.65
C HIS B 451 -37.70 20.63 -15.92
N PRO B 452 -38.71 21.05 -16.76
CA PRO B 452 -38.82 22.48 -17.06
C PRO B 452 -39.04 23.40 -15.84
N LYS B 453 -39.88 22.98 -14.88
CA LYS B 453 -40.50 23.91 -13.92
C LYS B 453 -39.87 23.94 -12.52
N ILE B 454 -38.80 23.19 -12.27
CA ILE B 454 -38.06 23.35 -11.01
C ILE B 454 -37.40 24.73 -10.94
N ARG B 455 -37.46 25.36 -9.77
CA ARG B 455 -36.75 26.60 -9.47
C ARG B 455 -35.26 26.35 -9.25
N ILE B 456 -34.37 27.15 -9.82
CA ILE B 456 -32.93 26.97 -9.66
C ILE B 456 -32.26 28.23 -9.11
N ILE B 457 -31.43 28.06 -8.08
CA ILE B 457 -30.55 29.09 -7.54
C ILE B 457 -29.11 28.64 -7.69
N THR B 458 -28.24 29.45 -8.27
CA THR B 458 -26.84 29.05 -8.56
C THR B 458 -25.82 30.12 -8.21
N GLN B 459 -24.67 29.75 -7.70
CA GLN B 459 -23.53 30.67 -7.56
C GLN B 459 -22.75 30.78 -8.86
N MET B 460 -22.46 32.00 -9.30
CA MET B 460 -21.57 32.29 -10.43
C MET B 460 -20.30 32.98 -9.93
N LEU B 461 -19.13 32.56 -10.38
CA LEU B 461 -17.89 33.20 -9.99
C LEU B 461 -17.58 34.48 -10.77
N GLN B 462 -18.06 34.57 -12.02
CA GLN B 462 -17.82 35.75 -12.88
C GLN B 462 -19.14 36.40 -13.35
N TYR B 463 -19.14 37.71 -13.61
CA TYR B 463 -20.39 38.39 -14.00
C TYR B 463 -20.86 38.03 -15.41
N HIS B 464 -19.96 38.04 -16.39
CA HIS B 464 -20.34 37.76 -17.79
C HIS B 464 -21.08 36.44 -18.03
N ASN B 465 -20.70 35.41 -17.29
CA ASN B 465 -21.34 34.11 -17.41
C ASN B 465 -22.82 34.10 -17.02
N LYS B 466 -23.35 35.13 -16.34
CA LYS B 466 -24.79 35.25 -16.14
C LYS B 466 -25.58 35.49 -17.42
N ALA B 467 -24.96 35.97 -18.49
CA ALA B 467 -25.63 36.11 -19.78
C ALA B 467 -26.01 34.74 -20.36
N HIS B 468 -25.07 33.80 -20.25
CA HIS B 468 -25.25 32.43 -20.76
C HIS B 468 -26.45 31.70 -20.14
N LEU B 469 -26.74 32.00 -18.89
CA LEU B 469 -27.86 31.45 -18.13
C LEU B 469 -29.22 31.91 -18.67
N LEU B 470 -29.27 33.02 -19.39
CA LEU B 470 -30.48 33.56 -20.00
C LEU B 470 -30.77 32.95 -21.39
N ASN B 471 -29.80 32.24 -22.00
CA ASN B 471 -29.99 31.52 -23.26
C ASN B 471 -30.85 30.26 -23.11
N ILE B 472 -30.87 29.64 -21.93
CA ILE B 472 -31.63 28.43 -21.65
C ILE B 472 -33.12 28.74 -21.79
N PRO B 473 -33.88 28.05 -22.64
CA PRO B 473 -35.24 28.46 -22.96
C PRO B 473 -36.23 28.26 -21.80
N SER B 474 -35.93 27.30 -20.91
CA SER B 474 -36.76 26.94 -19.76
C SER B 474 -36.38 27.65 -18.45
N TRP B 475 -35.56 28.70 -18.54
CA TRP B 475 -35.14 29.54 -17.41
C TRP B 475 -35.96 30.83 -17.41
N ASN B 476 -36.57 31.21 -16.29
CA ASN B 476 -37.22 32.53 -16.21
C ASN B 476 -37.17 33.14 -14.82
N TRP B 477 -36.44 34.26 -14.71
CA TRP B 477 -36.27 34.96 -13.45
C TRP B 477 -37.56 35.56 -12.92
N LYS B 478 -38.56 35.79 -13.79
CA LYS B 478 -39.92 36.18 -13.40
C LYS B 478 -40.64 35.12 -12.55
N GLU B 479 -40.14 33.88 -12.49
CA GLU B 479 -40.67 32.80 -11.66
C GLU B 479 -39.63 32.30 -10.63
N GLY B 480 -38.62 33.11 -10.31
CA GLY B 480 -37.72 32.88 -9.19
C GLY B 480 -36.48 32.02 -9.48
N ASP B 481 -36.16 31.72 -10.73
CA ASP B 481 -34.81 31.27 -11.09
C ASP B 481 -33.83 32.44 -10.99
N ASP B 482 -32.69 32.30 -10.30
CA ASP B 482 -31.68 33.37 -10.26
C ASP B 482 -30.25 32.91 -9.96
N ALA B 483 -29.29 33.75 -10.31
CA ALA B 483 -27.88 33.53 -10.06
C ALA B 483 -27.29 34.57 -9.13
N ILE B 484 -26.60 34.10 -8.11
CA ILE B 484 -25.86 34.91 -7.15
C ILE B 484 -24.44 35.03 -7.68
N CYS B 485 -24.11 36.11 -8.36
CA CYS B 485 -22.75 36.31 -8.84
C CYS B 485 -21.85 36.80 -7.71
N LEU B 486 -20.87 36.00 -7.32
CA LEU B 486 -20.00 36.33 -6.20
C LEU B 486 -19.09 37.52 -6.50
N ALA B 487 -18.50 37.62 -7.69
CA ALA B 487 -17.69 38.79 -8.03
C ALA B 487 -18.51 40.09 -8.06
N GLU B 488 -19.73 40.05 -8.60
CA GLU B 488 -20.62 41.21 -8.64
C GLU B 488 -20.97 41.69 -7.24
N LEU B 489 -21.43 40.81 -6.36
CA LEU B 489 -21.83 41.21 -5.02
C LEU B 489 -20.63 41.56 -4.15
N LYS B 490 -19.54 40.80 -4.19
CA LYS B 490 -18.32 41.10 -3.44
C LYS B 490 -17.80 42.50 -3.75
N LEU B 491 -17.54 42.79 -5.02
CA LEU B 491 -16.99 44.09 -5.39
C LEU B 491 -18.04 45.19 -5.29
N GLY B 492 -19.32 44.87 -5.42
CA GLY B 492 -20.39 45.80 -5.18
C GLY B 492 -20.50 46.23 -3.72
N PHE B 493 -20.38 45.33 -2.75
CA PHE B 493 -20.44 45.69 -1.34
C PHE B 493 -19.26 46.58 -0.97
N ILE B 494 -18.06 46.23 -1.43
CA ILE B 494 -16.87 47.06 -1.28
C ILE B 494 -17.08 48.43 -1.92
N ALA B 495 -17.61 48.51 -3.14
CA ALA B 495 -17.88 49.77 -3.80
C ALA B 495 -18.82 50.66 -3.00
N GLN B 496 -19.94 50.15 -2.49
CA GLN B 496 -20.84 50.96 -1.68
C GLN B 496 -20.21 51.33 -0.33
N SER B 497 -19.32 50.50 0.24
CA SER B 497 -18.52 50.91 1.41
C SER B 497 -17.56 52.06 1.14
N CYS B 498 -17.12 52.30 -0.09
CA CYS B 498 -16.37 53.51 -0.42
C CYS B 498 -17.22 54.78 -0.37
N LEU B 499 -18.55 54.67 -0.37
CA LEU B 499 -19.47 55.79 -0.19
C LEU B 499 -19.85 55.98 1.27
N ALA B 500 -19.97 54.89 2.03
CA ALA B 500 -20.22 54.90 3.47
C ALA B 500 -19.55 53.69 4.13
N GLN B 501 -18.45 53.88 4.84
CA GLN B 501 -17.77 52.77 5.53
C GLN B 501 -18.72 51.97 6.41
N GLY B 502 -18.53 50.66 6.50
CA GLY B 502 -19.36 49.80 7.33
C GLY B 502 -20.62 49.29 6.65
N LEU B 503 -21.01 49.86 5.51
CA LEU B 503 -22.19 49.40 4.80
C LEU B 503 -22.07 47.94 4.37
N SER B 504 -20.91 47.49 3.94
CA SER B 504 -20.69 46.09 3.57
C SER B 504 -20.93 45.12 4.73
N THR B 505 -20.66 45.49 5.98
CA THR B 505 -21.00 44.64 7.13
C THR B 505 -22.45 44.81 7.54
N MET B 506 -23.04 45.99 7.37
CA MET B 506 -24.48 46.16 7.55
C MET B 506 -25.28 45.23 6.65
N LEU B 507 -25.05 45.30 5.34
CA LEU B 507 -25.75 44.45 4.37
C LEU B 507 -25.50 42.97 4.67
N ALA B 508 -24.26 42.54 4.87
CA ALA B 508 -23.99 41.14 5.16
C ALA B 508 -24.70 40.61 6.42
N ASN B 509 -25.01 41.48 7.40
CA ASN B 509 -25.76 41.07 8.59
C ASN B 509 -27.27 41.05 8.38
N LEU B 510 -27.80 41.69 7.34
CA LEU B 510 -29.24 41.68 7.04
C LEU B 510 -29.71 40.37 6.41
N PHE B 511 -28.84 39.55 5.86
CA PHE B 511 -29.29 38.28 5.29
C PHE B 511 -29.19 37.11 6.28
N SER B 512 -28.07 37.03 6.99
CA SER B 512 -27.83 35.92 7.89
C SER B 512 -28.83 35.95 9.03
N MET B 513 -29.54 34.84 9.23
CA MET B 513 -30.56 34.71 10.23
C MET B 513 -29.91 34.61 11.61
N ARG B 514 -30.12 35.62 12.46
CA ARG B 514 -29.55 35.58 13.75
C ARG B 514 -30.59 35.98 14.83
N SER B 515 -30.55 35.29 15.97
CA SER B 515 -31.34 35.64 17.14
C SER B 515 -30.78 36.88 17.84
N PHE B 516 -31.57 37.51 18.72
CA PHE B 516 -31.07 38.54 19.63
C PHE B 516 -30.25 37.89 20.75
N ILE B 517 -29.02 38.34 20.96
CA ILE B 517 -28.15 37.87 22.04
C ILE B 517 -28.07 38.95 23.12
N LYS B 518 -28.45 38.61 24.36
CA LYS B 518 -28.35 39.51 25.51
C LYS B 518 -26.91 39.56 26.03
N ILE B 519 -26.41 40.77 26.25
CA ILE B 519 -25.11 41.06 26.85
C ILE B 519 -25.31 42.05 27.99
N GLU B 520 -24.76 41.77 29.16
CA GLU B 520 -24.88 42.62 30.34
C GLU B 520 -23.72 43.62 30.50
N GLU B 521 -22.49 43.27 30.10
CA GLU B 521 -21.35 44.20 30.14
C GLU B 521 -21.51 45.34 29.13
N ASP B 522 -21.13 46.56 29.48
CA ASP B 522 -21.40 47.74 28.64
C ASP B 522 -20.42 47.94 27.47
N THR B 523 -19.92 46.85 26.88
CA THR B 523 -18.96 46.88 25.76
C THR B 523 -19.64 47.15 24.42
N TRP B 524 -18.88 47.46 23.36
CA TRP B 524 -19.43 47.71 22.03
C TRP B 524 -20.21 46.51 21.47
N GLN B 525 -19.85 45.27 21.86
CA GLN B 525 -20.59 44.08 21.47
C GLN B 525 -22.07 44.12 21.90
N LYS B 526 -22.42 44.80 22.99
CA LYS B 526 -23.81 44.85 23.45
C LYS B 526 -24.71 45.53 22.44
N TYR B 527 -24.32 46.71 21.95
CA TYR B 527 -25.09 47.43 20.95
C TYR B 527 -24.98 46.76 19.57
N TYR B 528 -23.84 46.19 19.24
CA TYR B 528 -23.66 45.48 17.98
C TYR B 528 -24.58 44.26 17.86
N LEU B 529 -24.60 43.36 18.85
CA LEU B 529 -25.42 42.16 18.80
C LEU B 529 -26.93 42.45 18.80
N GLU B 530 -27.36 43.59 19.32
CA GLU B 530 -28.73 44.07 19.14
C GLU B 530 -29.02 44.42 17.67
N GLY B 531 -28.14 45.16 17.00
CA GLY B 531 -28.29 45.50 15.59
C GLY B 531 -28.16 44.31 14.63
N VAL B 532 -27.39 43.29 14.98
CA VAL B 532 -27.23 42.05 14.21
C VAL B 532 -28.50 41.18 14.20
N SER B 533 -29.36 41.34 15.20
CA SER B 533 -30.53 40.49 15.44
C SER B 533 -31.63 40.60 14.40
N ASN B 534 -31.62 41.64 13.56
CA ASN B 534 -32.62 41.82 12.51
C ASN B 534 -32.17 41.34 11.12
N GLU B 535 -33.14 41.16 10.24
CA GLU B 535 -32.97 40.75 8.84
C GLU B 535 -33.84 41.60 7.93
N MET B 536 -33.52 41.56 6.63
CA MET B 536 -34.41 42.04 5.58
C MET B 536 -35.59 41.08 5.42
N TYR B 537 -36.81 41.60 5.44
CA TYR B 537 -38.07 40.89 5.26
C TYR B 537 -38.96 41.69 4.31
N THR B 538 -40.04 41.09 3.81
CA THR B 538 -40.98 41.81 2.97
C THR B 538 -42.40 41.27 3.09
N GLU B 539 -43.37 42.15 2.87
CA GLU B 539 -44.79 41.90 3.08
C GLU B 539 -45.62 42.87 2.22
N TYR B 540 -46.86 42.53 1.89
CA TYR B 540 -47.78 43.42 1.20
C TYR B 540 -48.36 44.46 2.14
N LEU B 541 -48.36 45.73 1.75
CA LEU B 541 -48.89 46.79 2.61
C LEU B 541 -50.41 46.63 2.83
N SER B 542 -50.88 46.85 4.05
CA SER B 542 -52.31 46.96 4.36
C SER B 542 -53.01 47.99 3.45
N SER B 543 -54.26 47.73 3.07
CA SER B 543 -55.09 48.68 2.33
C SER B 543 -55.22 50.04 3.03
N ALA B 544 -55.03 50.07 4.36
CA ALA B 544 -55.02 51.31 5.13
C ALA B 544 -53.92 52.31 4.69
N PHE B 545 -52.86 51.84 4.03
CA PHE B 545 -51.77 52.67 3.51
C PHE B 545 -51.96 53.11 2.04
N VAL B 546 -53.01 52.67 1.35
CA VAL B 546 -53.20 52.95 -0.08
C VAL B 546 -53.66 54.38 -0.31
N GLY B 547 -53.06 55.06 -1.28
CA GLY B 547 -53.42 56.42 -1.68
C GLY B 547 -52.61 57.55 -1.02
N LEU B 548 -51.64 57.23 -0.16
CA LEU B 548 -50.81 58.21 0.55
C LEU B 548 -49.31 57.99 0.30
N SER B 549 -48.52 59.05 0.49
CA SER B 549 -47.12 59.13 0.04
C SER B 549 -46.14 58.31 0.89
N PHE B 550 -45.14 57.71 0.25
CA PHE B 550 -44.20 56.78 0.88
C PHE B 550 -43.53 57.29 2.18
N PRO B 551 -43.00 58.53 2.26
CA PRO B 551 -42.42 59.03 3.50
C PRO B 551 -43.40 59.02 4.67
N THR B 552 -44.68 59.28 4.39
CA THR B 552 -45.71 59.35 5.43
C THR B 552 -46.01 57.96 6.01
N VAL B 553 -46.06 56.92 5.17
CA VAL B 553 -46.23 55.56 5.69
C VAL B 553 -44.98 55.06 6.38
N CYS B 554 -43.79 55.48 5.95
CA CYS B 554 -42.55 55.17 6.65
C CYS B 554 -42.57 55.72 8.07
N GLU B 555 -42.94 56.99 8.24
CA GLU B 555 -43.03 57.59 9.56
C GLU B 555 -44.10 56.89 10.43
N LEU B 556 -45.27 56.58 9.85
CA LEU B 556 -46.32 55.83 10.54
C LEU B 556 -45.85 54.45 10.98
N CYS B 557 -45.28 53.64 10.09
CA CYS B 557 -44.92 52.27 10.44
C CYS B 557 -43.69 52.19 11.34
N PHE B 558 -42.76 53.15 11.27
CA PHE B 558 -41.68 53.24 12.24
C PHE B 558 -42.23 53.62 13.62
N VAL B 559 -42.99 54.71 13.71
CA VAL B 559 -43.44 55.26 15.01
C VAL B 559 -44.47 54.36 15.67
N LYS B 560 -45.56 54.02 14.98
CA LYS B 560 -46.74 53.36 15.59
C LYS B 560 -46.61 51.85 15.70
N LEU B 561 -45.89 51.21 14.78
CA LEU B 561 -45.75 49.75 14.73
C LEU B 561 -44.30 49.24 14.58
N LYS B 562 -43.29 50.08 14.85
CA LYS B 562 -41.89 49.68 15.09
C LYS B 562 -41.22 48.91 13.94
N LEU B 563 -41.62 49.16 12.69
CA LEU B 563 -41.00 48.58 11.49
C LEU B 563 -40.32 49.66 10.65
N LEU B 564 -39.07 49.44 10.28
CA LEU B 564 -38.36 50.28 9.32
C LEU B 564 -38.67 49.80 7.90
N MET B 565 -39.26 50.65 7.05
CA MET B 565 -39.57 50.33 5.64
C MET B 565 -38.59 51.00 4.68
N ILE B 566 -38.05 50.24 3.74
CA ILE B 566 -36.89 50.65 2.92
C ILE B 566 -37.26 50.92 1.46
N ALA B 567 -38.05 50.03 0.87
CA ALA B 567 -38.30 49.98 -0.56
C ALA B 567 -39.68 49.37 -0.84
N ILE B 568 -40.18 49.52 -2.07
CA ILE B 568 -41.45 48.94 -2.52
C ILE B 568 -41.36 48.44 -3.96
N GLU B 569 -42.18 47.46 -4.32
CA GLU B 569 -42.41 47.04 -5.69
C GLU B 569 -43.19 48.09 -6.49
N SER B 577 -42.84 51.89 -11.53
CA SER B 577 -42.43 51.71 -10.13
C SER B 577 -42.17 50.23 -9.80
N ARG B 578 -41.38 49.55 -10.64
CA ARG B 578 -41.15 48.09 -10.55
C ARG B 578 -40.50 47.67 -9.24
N ILE B 579 -39.35 48.26 -8.90
CA ILE B 579 -38.66 48.10 -7.62
C ILE B 579 -37.88 49.37 -7.33
N LEU B 580 -38.34 50.17 -6.36
CA LEU B 580 -37.61 51.38 -6.02
C LEU B 580 -37.32 51.47 -4.48
N ILE B 581 -36.31 52.28 -4.18
CA ILE B 581 -35.62 52.38 -2.90
C ILE B 581 -35.82 53.81 -2.37
N ASN B 582 -36.42 53.97 -1.18
CA ASN B 582 -36.68 55.25 -0.55
C ASN B 582 -37.34 56.35 -1.49
N PRO B 583 -38.47 55.97 -2.19
CA PRO B 583 -39.03 56.86 -3.20
C PRO B 583 -39.49 58.21 -2.66
N GLY B 584 -39.43 59.24 -3.51
CA GLY B 584 -39.72 60.63 -3.15
C GLY B 584 -41.16 60.90 -2.71
N ASN B 585 -41.37 62.06 -2.07
CA ASN B 585 -42.65 62.46 -1.50
C ASN B 585 -43.79 62.65 -2.51
N HIS B 586 -43.48 62.67 -3.80
CA HIS B 586 -44.52 62.73 -4.81
C HIS B 586 -45.15 61.33 -5.13
N LEU B 587 -44.50 60.24 -4.70
CA LEU B 587 -44.97 58.89 -4.98
C LEU B 587 -45.94 58.38 -3.91
N LYS B 588 -47.23 58.31 -4.27
CA LYS B 588 -48.30 57.70 -3.45
C LYS B 588 -48.47 56.21 -3.74
N ILE B 589 -48.81 55.46 -2.69
CA ILE B 589 -48.90 54.00 -2.71
C ILE B 589 -50.15 53.50 -3.46
N GLN B 590 -49.97 52.53 -4.34
CA GLN B 590 -51.03 51.78 -5.02
C GLN B 590 -51.51 50.60 -4.17
N GLU B 591 -52.68 50.03 -4.47
CA GLU B 591 -53.10 48.77 -3.86
C GLU B 591 -52.21 47.60 -4.31
N GLY B 592 -51.93 46.66 -3.41
CA GLY B 592 -51.17 45.44 -3.70
C GLY B 592 -49.65 45.62 -3.84
N THR B 593 -49.06 46.75 -3.41
CA THR B 593 -47.59 46.90 -3.38
C THR B 593 -46.97 46.04 -2.30
N LEU B 594 -45.88 45.31 -2.65
CA LEU B 594 -44.98 44.60 -1.73
C LEU B 594 -44.08 45.65 -1.03
N GLY B 595 -43.90 45.59 0.30
CA GLY B 595 -43.04 46.58 0.97
C GLY B 595 -41.90 46.05 1.85
N PHE B 596 -40.63 46.35 1.56
CA PHE B 596 -39.46 45.76 2.18
C PHE B 596 -39.18 46.40 3.54
N PHE B 597 -38.90 45.58 4.54
CA PHE B 597 -38.78 45.97 5.93
C PHE B 597 -37.52 45.39 6.58
N ILE B 598 -36.95 46.08 7.57
CA ILE B 598 -35.96 45.51 8.48
C ILE B 598 -36.65 45.26 9.82
N ALA B 599 -36.54 44.05 10.35
CA ALA B 599 -37.25 43.66 11.57
C ALA B 599 -36.52 42.57 12.33
N SER B 600 -36.77 42.45 13.63
CA SER B 600 -36.14 41.46 14.49
C SER B 600 -36.44 40.01 14.08
N ASP B 601 -37.63 39.77 13.53
CA ASP B 601 -38.12 38.44 13.17
C ASP B 601 -39.22 38.54 12.11
N ALA B 602 -39.48 37.47 11.36
CA ALA B 602 -40.51 37.41 10.32
C ALA B 602 -41.91 37.66 10.90
N LYS B 603 -42.24 37.06 12.04
CA LYS B 603 -43.54 37.22 12.71
C LYS B 603 -43.88 38.66 13.06
N GLU B 604 -42.86 39.52 13.14
CA GLU B 604 -43.05 40.92 13.45
C GLU B 604 -43.43 41.77 12.24
N VAL B 605 -43.12 41.32 11.03
CA VAL B 605 -43.47 42.10 9.83
C VAL B 605 -44.97 42.03 9.51
N LYS B 606 -45.66 41.00 10.01
CA LYS B 606 -47.09 40.74 9.73
C LYS B 606 -48.00 41.91 10.06
N ARG B 607 -47.62 42.72 11.06
CA ARG B 607 -48.41 43.90 11.43
C ARG B 607 -48.57 44.88 10.26
N ALA B 608 -47.57 44.96 9.39
CA ALA B 608 -47.66 45.86 8.22
C ALA B 608 -48.86 45.53 7.30
N PHE B 609 -49.30 44.28 7.30
CA PHE B 609 -50.49 43.80 6.59
C PHE B 609 -51.75 43.85 7.46
N PHE B 610 -51.65 43.38 8.71
CA PHE B 610 -52.77 43.30 9.66
C PHE B 610 -53.24 44.66 10.22
N TYR B 611 -52.41 45.70 10.21
CA TYR B 611 -52.78 47.04 10.67
C TYR B 611 -53.97 47.64 9.90
N CYS B 612 -54.95 48.18 10.61
CA CYS B 612 -56.02 48.98 10.04
C CYS B 612 -56.58 49.96 11.09
N LYS B 613 -55.95 51.13 11.20
CA LYS B 613 -56.24 52.21 12.17
C LYS B 613 -56.09 51.78 13.63
N ALA B 614 -57.08 51.08 14.19
CA ALA B 614 -57.02 50.44 15.51
C ALA B 614 -56.46 51.35 16.62
N CYS B 615 -55.43 50.89 17.35
CA CYS B 615 -54.78 51.63 18.42
C CYS B 615 -54.10 52.91 17.91
N SER B 681 -26.40 68.51 -24.47
CA SER B 681 -27.01 67.33 -25.10
C SER B 681 -26.31 66.86 -26.38
N ASN B 682 -25.36 67.64 -26.89
CA ASN B 682 -24.60 67.36 -28.12
C ASN B 682 -23.44 66.35 -27.92
N VAL B 683 -23.14 65.95 -26.68
CA VAL B 683 -22.08 65.00 -26.31
C VAL B 683 -22.58 63.90 -25.38
N LYS B 684 -21.97 62.71 -25.47
CA LYS B 684 -22.35 61.52 -24.71
C LYS B 684 -21.77 61.56 -23.29
N LYS B 685 -22.56 62.04 -22.32
CA LYS B 685 -22.21 62.09 -20.88
C LYS B 685 -22.50 60.78 -20.12
N TYR B 686 -23.38 59.94 -20.66
CA TYR B 686 -23.94 58.79 -19.97
C TYR B 686 -23.99 57.55 -20.86
N ASP B 687 -24.24 56.39 -20.26
CA ASP B 687 -24.59 55.20 -21.01
C ASP B 687 -25.93 55.36 -21.75
N SER B 688 -26.23 54.42 -22.65
CA SER B 688 -27.44 54.41 -23.48
C SER B 688 -28.78 54.55 -22.74
N THR B 689 -28.88 54.25 -21.44
CA THR B 689 -30.10 54.43 -20.64
C THR B 689 -29.96 55.42 -19.48
N GLY B 690 -28.84 56.14 -19.37
CA GLY B 690 -28.66 57.16 -18.33
C GLY B 690 -28.46 56.64 -16.90
N MET B 691 -28.27 55.33 -16.70
CA MET B 691 -28.03 54.73 -15.39
C MET B 691 -26.63 55.04 -14.85
N PHE B 692 -25.64 55.19 -15.72
CA PHE B 692 -24.23 55.40 -15.42
C PHE B 692 -23.61 56.54 -16.23
N HIS B 693 -22.64 57.24 -15.64
CA HIS B 693 -21.72 58.14 -16.35
C HIS B 693 -20.89 57.37 -17.38
N TRP B 694 -20.44 58.05 -18.43
CA TRP B 694 -19.71 57.44 -19.54
C TRP B 694 -18.72 58.42 -20.18
N CYS B 695 -17.69 57.90 -20.84
CA CYS B 695 -16.83 58.68 -21.72
C CYS B 695 -16.38 57.86 -22.93
N ALA B 696 -15.90 58.56 -23.95
CA ALA B 696 -15.28 57.93 -25.10
C ALA B 696 -14.11 57.02 -24.66
N PRO B 697 -13.90 55.88 -25.33
CA PRO B 697 -12.96 54.87 -24.88
C PRO B 697 -11.52 55.39 -24.93
N LYS B 698 -10.91 55.58 -23.76
CA LYS B 698 -9.53 56.06 -23.63
C LYS B 698 -8.51 55.00 -24.04
N GLU B 699 -7.28 55.43 -24.29
CA GLU B 699 -6.11 54.55 -24.39
C GLU B 699 -5.45 54.41 -23.01
N ILE B 700 -4.85 53.25 -22.70
CA ILE B 700 -4.30 53.00 -21.35
C ILE B 700 -3.12 53.96 -21.05
N GLU B 701 -2.36 54.32 -22.07
CA GLU B 701 -1.29 55.32 -22.00
C GLU B 701 -1.77 56.72 -21.62
N LYS B 702 -3.07 57.02 -21.76
CA LYS B 702 -3.66 58.30 -21.35
C LYS B 702 -3.92 58.35 -19.84
N VAL B 703 -4.07 57.22 -19.17
CA VAL B 703 -4.46 57.13 -17.74
C VAL B 703 -3.38 56.59 -16.82
N ILE B 704 -2.33 55.97 -17.35
CA ILE B 704 -1.16 55.57 -16.57
C ILE B 704 -0.36 56.79 -16.08
N LEU B 705 0.21 56.72 -14.88
CA LEU B 705 1.00 57.78 -14.23
C LEU B 705 2.33 57.22 -13.73
N THR B 706 3.44 57.94 -13.87
CA THR B 706 4.64 57.68 -13.03
C THR B 706 4.53 58.39 -11.68
N ARG B 707 5.34 57.98 -10.70
CA ARG B 707 5.30 58.57 -9.34
C ARG B 707 5.25 60.10 -9.30
N SER B 708 6.11 60.72 -10.08
CA SER B 708 6.18 62.19 -10.17
C SER B 708 4.86 62.82 -10.63
N GLU B 709 4.19 62.20 -11.60
CA GLU B 709 2.90 62.67 -12.11
C GLU B 709 1.80 62.48 -11.08
N ALA B 710 1.77 61.33 -10.41
CA ALA B 710 0.85 61.11 -9.32
C ALA B 710 1.08 62.11 -8.18
N ALA B 711 2.35 62.37 -7.83
CA ALA B 711 2.70 63.26 -6.73
C ALA B 711 2.26 64.71 -6.95
N MET B 712 2.41 65.26 -8.17
CA MET B 712 1.96 66.63 -8.45
C MET B 712 0.46 66.70 -8.80
N THR B 713 -0.18 65.59 -9.19
CA THR B 713 -1.64 65.52 -9.27
C THR B 713 -2.24 65.60 -7.86
N VAL B 714 -3.07 66.60 -7.57
CA VAL B 714 -3.61 66.82 -6.22
C VAL B 714 -4.81 65.91 -5.96
N LEU B 715 -4.55 64.61 -5.85
CA LEU B 715 -5.54 63.61 -5.47
C LEU B 715 -5.97 63.83 -4.02
N SER B 716 -7.28 63.98 -3.79
CA SER B 716 -7.89 64.11 -2.46
C SER B 716 -9.34 63.61 -2.50
N GLY B 717 -9.84 63.02 -1.42
CA GLY B 717 -11.21 62.46 -1.34
C GLY B 717 -11.49 61.27 -2.27
N HIS B 718 -10.41 60.74 -2.84
CA HIS B 718 -10.44 59.68 -3.84
C HIS B 718 -10.40 58.23 -3.30
N VAL B 719 -10.53 57.24 -4.18
CA VAL B 719 -10.41 55.82 -3.81
C VAL B 719 -9.11 55.27 -4.36
N VAL B 720 -8.35 54.55 -3.54
CA VAL B 720 -7.15 53.82 -3.98
C VAL B 720 -7.47 52.35 -3.97
N VAL B 721 -7.19 51.65 -5.07
CA VAL B 721 -7.36 50.20 -5.15
C VAL B 721 -6.00 49.56 -5.30
N CYS B 722 -5.59 48.79 -4.31
CA CYS B 722 -4.32 48.11 -4.26
C CYS B 722 -4.51 46.68 -4.73
N ILE B 723 -3.86 46.28 -5.81
CA ILE B 723 -4.07 44.97 -6.41
C ILE B 723 -2.77 44.17 -6.40
N PHE B 724 -2.78 43.05 -5.69
CA PHE B 724 -1.82 41.99 -5.88
C PHE B 724 -2.27 41.14 -7.06
N GLY B 725 -1.49 41.15 -8.14
CA GLY B 725 -1.86 40.52 -9.39
C GLY B 725 -0.64 40.34 -10.30
N ASP B 726 -0.77 39.43 -11.25
CA ASP B 726 0.32 38.97 -12.11
C ASP B 726 -0.23 38.36 -13.40
N VAL B 727 0.60 38.20 -14.43
CA VAL B 727 0.16 37.71 -15.75
C VAL B 727 -0.44 36.30 -15.74
N SER B 728 -0.12 35.47 -14.75
CA SER B 728 -0.69 34.15 -14.54
C SER B 728 -2.06 34.15 -13.84
N SER B 729 -2.42 35.25 -13.16
CA SER B 729 -3.53 35.28 -12.20
C SER B 729 -4.90 35.57 -12.81
N ALA B 730 -5.97 35.03 -12.25
CA ALA B 730 -7.32 35.16 -12.78
C ALA B 730 -7.88 36.58 -12.64
N LEU B 731 -8.82 36.92 -13.53
CA LEU B 731 -9.44 38.23 -13.57
C LEU B 731 -10.34 38.55 -12.35
N ILE B 732 -10.05 39.63 -11.62
CA ILE B 732 -10.85 40.01 -10.46
C ILE B 732 -12.27 40.43 -10.86
N GLY B 733 -12.45 41.08 -12.02
CA GLY B 733 -13.74 41.58 -12.48
C GLY B 733 -14.00 43.03 -12.09
N LEU B 734 -13.00 43.89 -12.23
CA LEU B 734 -12.96 45.25 -11.67
C LEU B 734 -14.08 46.16 -12.17
N ARG B 735 -14.73 45.87 -13.29
CA ARG B 735 -15.92 46.60 -13.75
C ARG B 735 -16.98 46.70 -12.66
N ASN B 736 -17.12 45.65 -11.85
CA ASN B 736 -18.10 45.58 -10.78
C ASN B 736 -17.75 46.47 -9.57
N LEU B 737 -16.49 46.83 -9.39
CA LEU B 737 -16.06 47.81 -8.40
C LEU B 737 -16.30 49.23 -8.93
N VAL B 738 -15.97 49.49 -10.19
CA VAL B 738 -16.07 50.83 -10.78
C VAL B 738 -17.52 51.24 -11.06
N MET B 739 -18.39 50.36 -11.55
CA MET B 739 -19.75 50.74 -11.94
C MET B 739 -20.59 51.35 -10.83
N PRO B 740 -20.72 50.77 -9.62
CA PRO B 740 -21.49 51.40 -8.56
C PRO B 740 -20.97 52.78 -8.18
N LEU B 741 -19.67 53.04 -8.38
CA LEU B 741 -19.02 54.34 -8.17
C LEU B 741 -19.19 55.31 -9.35
N ARG B 742 -19.77 54.87 -10.44
CA ARG B 742 -20.06 55.69 -11.63
C ARG B 742 -21.58 55.87 -11.93
N ALA B 743 -22.45 55.49 -11.00
CA ALA B 743 -23.89 55.67 -11.15
C ALA B 743 -24.23 57.14 -11.43
N SER B 744 -25.16 57.41 -12.35
CA SER B 744 -25.61 58.77 -12.66
C SER B 744 -26.34 59.47 -11.52
N ASN B 745 -26.54 58.83 -10.36
CA ASN B 745 -26.99 59.51 -9.15
C ASN B 745 -25.99 60.57 -8.65
N PHE B 746 -24.67 60.36 -8.86
CA PHE B 746 -23.69 61.34 -8.47
C PHE B 746 -23.59 62.44 -9.52
N HIS B 747 -23.37 63.68 -9.13
CA HIS B 747 -22.93 64.71 -10.07
C HIS B 747 -21.48 64.47 -10.52
N TYR B 748 -21.06 64.98 -11.66
CA TYR B 748 -19.71 64.70 -12.17
C TYR B 748 -18.60 65.22 -11.23
N HIS B 749 -18.87 66.32 -10.52
CA HIS B 749 -17.95 66.81 -9.49
C HIS B 749 -17.99 66.00 -8.14
N GLU B 750 -19.06 65.23 -7.93
CA GLU B 750 -19.29 64.39 -6.75
C GLU B 750 -18.65 63.00 -6.91
N LEU B 751 -18.26 62.62 -8.14
CA LEU B 751 -17.57 61.36 -8.42
C LEU B 751 -16.19 61.29 -7.76
N LYS B 752 -15.98 60.27 -6.92
CA LYS B 752 -14.66 59.97 -6.35
C LYS B 752 -13.73 59.46 -7.43
N HIS B 753 -12.55 60.04 -7.57
CA HIS B 753 -11.51 59.57 -8.49
C HIS B 753 -11.04 58.17 -8.09
N ILE B 754 -10.62 57.32 -9.02
CA ILE B 754 -10.16 55.95 -8.71
C ILE B 754 -8.72 55.76 -9.22
N VAL B 755 -7.83 55.29 -8.36
CA VAL B 755 -6.45 54.94 -8.73
C VAL B 755 -6.19 53.47 -8.51
N PHE B 756 -5.75 52.74 -9.53
CA PHE B 756 -5.28 51.37 -9.36
C PHE B 756 -3.77 51.37 -9.16
N VAL B 757 -3.32 50.81 -8.04
CA VAL B 757 -1.89 50.61 -7.76
C VAL B 757 -1.60 49.12 -7.85
N GLY B 758 -0.71 48.71 -8.73
CA GLY B 758 -0.39 47.30 -8.92
C GLY B 758 0.41 47.02 -10.19
N SER B 759 0.57 45.75 -10.54
CA SER B 759 1.18 45.34 -11.81
C SER B 759 0.37 45.90 -12.99
N ILE B 760 1.04 46.64 -13.87
CA ILE B 760 0.46 47.08 -15.14
C ILE B 760 0.24 45.88 -16.07
N GLU B 761 1.13 44.90 -16.04
CA GLU B 761 1.00 43.71 -16.88
C GLU B 761 -0.34 43.05 -16.64
N TYR B 762 -0.79 43.07 -15.39
CA TYR B 762 -2.06 42.49 -15.04
C TYR B 762 -3.20 43.42 -15.45
N LEU B 763 -3.09 44.70 -15.09
CA LEU B 763 -4.17 45.63 -15.47
C LEU B 763 -4.40 45.72 -16.98
N LYS B 764 -3.32 45.59 -17.78
CA LYS B 764 -3.36 45.64 -19.25
C LYS B 764 -4.31 44.66 -19.90
N ARG B 765 -4.62 43.51 -19.27
CA ARG B 765 -5.58 42.54 -19.82
C ARG B 765 -6.96 42.55 -19.16
N GLU B 766 -7.24 43.58 -18.36
CA GLU B 766 -8.56 43.83 -17.81
C GLU B 766 -9.12 45.22 -18.19
N TRP B 767 -8.24 46.18 -18.44
CA TRP B 767 -8.63 47.59 -18.49
C TRP B 767 -9.64 47.96 -19.58
N GLU B 768 -9.68 47.25 -20.70
CA GLU B 768 -10.70 47.45 -21.74
C GLU B 768 -12.13 47.24 -21.24
N THR B 769 -12.32 46.57 -20.10
CA THR B 769 -13.64 46.41 -19.47
C THR B 769 -14.10 47.67 -18.74
N LEU B 770 -13.12 48.51 -18.36
CA LEU B 770 -13.34 49.74 -17.63
C LEU B 770 -12.61 50.94 -18.26
N HIS B 771 -12.51 50.93 -19.60
CA HIS B 771 -11.93 52.07 -20.37
C HIS B 771 -12.92 53.20 -20.86
N ASN B 772 -14.21 53.03 -20.56
CA ASN B 772 -15.30 53.99 -20.80
C ASN B 772 -15.76 54.74 -19.54
N PHE B 773 -15.13 54.56 -18.38
CA PHE B 773 -15.46 55.35 -17.18
C PHE B 773 -14.53 56.56 -17.03
N PRO B 774 -15.04 57.73 -16.59
CA PRO B 774 -14.33 58.99 -16.75
C PRO B 774 -13.06 59.14 -15.87
N LYS B 775 -13.23 59.28 -14.55
CA LYS B 775 -12.15 59.58 -13.59
C LYS B 775 -11.45 58.31 -13.13
N VAL B 776 -10.50 57.81 -13.90
CA VAL B 776 -9.72 56.60 -13.57
C VAL B 776 -8.25 56.81 -13.91
N SER B 777 -7.35 56.28 -13.08
CA SER B 777 -5.90 56.34 -13.27
C SER B 777 -5.23 55.04 -12.84
N ILE B 778 -4.02 54.80 -13.33
CA ILE B 778 -3.22 53.64 -12.96
C ILE B 778 -1.83 54.09 -12.54
N LEU B 779 -1.28 53.54 -11.46
CA LEU B 779 0.12 53.69 -11.11
C LEU B 779 0.79 52.31 -11.19
N PRO B 780 1.77 52.09 -12.09
CA PRO B 780 2.49 50.84 -12.17
C PRO B 780 3.38 50.70 -10.94
N GLY B 781 3.18 49.68 -10.13
CA GLY B 781 3.80 49.63 -8.80
C GLY B 781 3.40 48.44 -7.96
N THR B 782 3.68 48.51 -6.66
CA THR B 782 3.34 47.47 -5.69
C THR B 782 2.76 48.10 -4.43
N PRO B 783 1.62 47.63 -3.89
CA PRO B 783 1.05 48.19 -2.66
C PRO B 783 1.94 48.16 -1.42
N LEU B 784 2.98 47.32 -1.41
CA LEU B 784 3.99 47.27 -0.34
C LEU B 784 5.01 48.42 -0.41
N SER B 785 5.04 49.20 -1.49
CA SER B 785 5.94 50.34 -1.65
C SER B 785 5.41 51.59 -0.92
N ARG B 786 6.12 52.07 0.10
CA ARG B 786 5.72 53.30 0.77
C ARG B 786 5.74 54.46 -0.25
N ALA B 787 6.77 54.49 -1.10
CA ALA B 787 6.87 55.53 -2.11
C ALA B 787 5.65 55.59 -3.05
N ASP B 788 5.09 54.45 -3.44
CA ASP B 788 3.90 54.41 -4.29
C ASP B 788 2.68 54.93 -3.52
N LEU B 789 2.49 54.49 -2.28
CA LEU B 789 1.40 54.96 -1.43
C LEU B 789 1.48 56.46 -1.15
N ARG B 790 2.69 57.01 -0.97
CA ARG B 790 2.87 58.46 -0.85
C ARG B 790 2.59 59.19 -2.14
N ALA B 791 3.03 58.66 -3.27
CA ALA B 791 2.82 59.28 -4.57
C ALA B 791 1.33 59.43 -4.90
N VAL B 792 0.47 58.51 -4.44
CA VAL B 792 -0.99 58.60 -4.62
C VAL B 792 -1.72 59.22 -3.43
N ASN B 793 -1.04 59.91 -2.50
CA ASN B 793 -1.63 60.59 -1.35
C ASN B 793 -2.53 59.72 -0.45
N ILE B 794 -2.08 58.51 -0.08
CA ILE B 794 -2.86 57.58 0.73
C ILE B 794 -3.46 58.17 2.02
N ASN B 795 -2.88 59.21 2.60
CA ASN B 795 -3.44 59.92 3.75
C ASN B 795 -4.72 60.74 3.45
N LEU B 796 -5.02 61.01 2.18
CA LEU B 796 -6.12 61.89 1.75
C LEU B 796 -7.31 61.16 1.10
N CYS B 797 -7.25 59.85 0.89
CA CYS B 797 -8.33 59.11 0.24
C CYS B 797 -9.54 58.91 1.16
N ASP B 798 -10.72 58.70 0.59
CA ASP B 798 -11.93 58.29 1.31
C ASP B 798 -11.98 56.77 1.54
N MET B 799 -11.25 55.98 0.74
CA MET B 799 -11.09 54.56 0.96
C MET B 799 -9.80 54.04 0.32
N CYS B 800 -9.13 53.11 0.98
CA CYS B 800 -8.15 52.22 0.38
C CYS B 800 -8.71 50.81 0.33
N VAL B 801 -8.80 50.20 -0.84
CA VAL B 801 -9.31 48.84 -1.04
C VAL B 801 -8.14 47.93 -1.32
N ILE B 802 -8.00 46.82 -0.61
CA ILE B 802 -6.91 45.86 -0.83
C ILE B 802 -7.49 44.55 -1.35
N LEU B 803 -7.06 44.14 -2.55
CA LEU B 803 -7.52 42.98 -3.27
C LEU B 803 -6.34 42.09 -3.68
N SER B 804 -6.59 40.80 -3.83
CA SER B 804 -5.61 39.87 -4.42
C SER B 804 -6.26 38.98 -5.47
N ALA B 805 -5.61 38.86 -6.63
CA ALA B 805 -5.96 37.88 -7.65
C ALA B 805 -5.42 36.48 -7.31
N ASN B 806 -4.35 36.38 -6.51
CA ASN B 806 -3.61 35.16 -6.20
C ASN B 806 -4.31 34.23 -5.18
N GLN B 807 -5.63 34.30 -5.05
CA GLN B 807 -6.38 33.55 -4.05
C GLN B 807 -6.33 32.02 -4.22
N ASN B 808 -6.21 31.54 -5.46
CA ASN B 808 -6.39 30.13 -5.83
C ASN B 808 -5.09 29.35 -6.14
N ASN B 809 -3.91 29.98 -6.17
CA ASN B 809 -2.70 29.31 -6.67
C ASN B 809 -1.90 28.53 -5.60
N ILE B 810 -2.18 28.71 -4.31
CA ILE B 810 -1.77 27.78 -3.23
C ILE B 810 -2.77 27.86 -2.07
N ASP B 811 -3.03 26.74 -1.39
CA ASP B 811 -4.21 26.56 -0.54
C ASP B 811 -3.91 26.44 0.97
N ASP B 812 -2.70 26.78 1.41
CA ASP B 812 -2.14 26.40 2.73
C ASP B 812 -2.71 27.15 3.95
N THR B 813 -3.82 27.87 3.82
CA THR B 813 -4.51 28.73 4.81
C THR B 813 -3.70 29.94 5.33
N SER B 814 -2.41 29.78 5.61
CA SER B 814 -1.46 30.87 5.89
C SER B 814 -1.14 31.64 4.60
N LEU B 815 -0.68 30.92 3.58
CA LEU B 815 -0.16 31.50 2.31
C LEU B 815 -1.19 32.30 1.50
N GLN B 816 -2.48 32.19 1.79
CA GLN B 816 -3.52 32.82 0.99
C GLN B 816 -3.67 34.34 1.21
N ASP B 817 -3.31 34.87 2.39
CA ASP B 817 -3.60 36.27 2.76
C ASP B 817 -2.38 37.11 3.18
N LYS B 818 -1.15 36.57 3.07
CA LYS B 818 0.09 37.23 3.52
C LYS B 818 0.19 38.67 3.00
N GLU B 819 0.02 38.86 1.70
CA GLU B 819 0.20 40.15 1.04
C GLU B 819 -0.77 41.19 1.58
N CYS B 820 -2.04 40.85 1.71
CA CYS B 820 -3.07 41.75 2.20
C CYS B 820 -2.82 42.17 3.65
N ILE B 821 -2.38 41.24 4.48
CA ILE B 821 -2.09 41.53 5.89
C ILE B 821 -0.84 42.41 5.98
N LEU B 822 0.21 42.12 5.21
CA LEU B 822 1.38 43.00 5.15
C LEU B 822 1.04 44.37 4.59
N ALA B 823 0.21 44.46 3.55
CA ALA B 823 -0.20 45.73 2.97
C ALA B 823 -0.98 46.60 3.95
N SER B 824 -1.97 46.04 4.63
CA SER B 824 -2.75 46.79 5.61
C SER B 824 -1.89 47.21 6.80
N LEU B 825 -0.98 46.38 7.29
CA LEU B 825 -0.01 46.79 8.31
C LEU B 825 0.93 47.89 7.81
N ASN B 826 1.41 47.79 6.58
CA ASN B 826 2.29 48.78 6.00
C ASN B 826 1.63 50.14 5.85
N ILE B 827 0.33 50.21 5.54
CA ILE B 827 -0.40 51.48 5.50
C ILE B 827 -0.65 51.99 6.92
N LYS B 828 -1.05 51.13 7.86
CA LYS B 828 -1.27 51.56 9.25
C LYS B 828 -0.02 52.18 9.89
N SER B 829 1.17 51.64 9.63
CA SER B 829 2.40 52.13 10.25
C SER B 829 3.00 53.39 9.61
N MET B 830 2.43 53.93 8.53
CA MET B 830 2.94 55.13 7.86
C MET B 830 3.02 56.33 8.81
N GLN B 831 3.88 57.30 8.49
CA GLN B 831 3.92 58.62 9.12
C GLN B 831 3.83 59.71 8.04
N PHE B 832 3.14 60.80 8.34
CA PHE B 832 2.93 61.95 7.46
C PHE B 832 3.13 63.25 8.25
N ASP B 833 3.52 64.35 7.60
CA ASP B 833 3.78 65.63 8.25
C ASP B 833 2.50 66.28 8.79
N THR B 871 0.57 63.27 11.17
CA THR B 871 -0.23 62.13 11.63
C THR B 871 0.40 60.79 11.30
N THR B 872 0.11 59.78 12.12
CA THR B 872 0.24 58.36 11.77
C THR B 872 -0.82 57.96 10.74
N GLY B 873 -0.58 56.89 9.98
CA GLY B 873 -1.53 56.30 9.04
C GLY B 873 -2.63 55.43 9.67
N VAL B 874 -2.64 55.18 10.98
CA VAL B 874 -3.63 54.28 11.60
C VAL B 874 -5.09 54.75 11.47
N ASN B 875 -5.30 56.05 11.20
CA ASN B 875 -6.62 56.64 10.96
C ASN B 875 -7.15 56.46 9.53
N ILE B 876 -6.36 55.93 8.59
CA ILE B 876 -6.76 55.81 7.19
C ILE B 876 -7.83 54.72 7.00
N PRO B 877 -8.91 54.98 6.24
CA PRO B 877 -9.94 53.98 5.99
C PRO B 877 -9.45 52.91 5.01
N ILE B 878 -9.41 51.66 5.46
CA ILE B 878 -8.97 50.52 4.66
C ILE B 878 -10.07 49.47 4.67
N ILE B 879 -10.32 48.80 3.54
CA ILE B 879 -11.07 47.56 3.51
C ILE B 879 -10.28 46.48 2.80
N THR B 880 -10.18 45.31 3.42
CA THR B 880 -9.35 44.20 2.95
C THR B 880 -10.21 43.01 2.59
N GLU B 881 -10.11 42.49 1.37
CA GLU B 881 -10.70 41.20 1.04
C GLU B 881 -9.83 40.05 1.59
N LEU B 882 -10.43 39.13 2.35
CA LEU B 882 -9.76 37.95 2.89
C LEU B 882 -10.23 36.67 2.20
N VAL B 883 -9.32 35.78 1.88
CA VAL B 883 -9.63 34.48 1.28
C VAL B 883 -9.95 33.43 2.35
N ASN B 884 -9.34 33.61 3.52
CA ASN B 884 -9.57 32.76 4.67
C ASN B 884 -10.09 33.67 5.84
N ASP B 885 -11.36 33.55 6.24
CA ASP B 885 -11.90 34.38 7.30
C ASP B 885 -11.23 34.17 8.66
N THR B 886 -10.59 33.04 8.91
CA THR B 886 -9.78 32.83 10.12
C THR B 886 -8.59 33.78 10.20
N ASN B 887 -8.04 34.25 9.09
CA ASN B 887 -6.93 35.19 9.08
C ASN B 887 -7.33 36.60 9.55
N VAL B 888 -8.62 36.87 9.71
CA VAL B 888 -9.07 38.19 10.17
C VAL B 888 -8.42 38.63 11.51
N GLN B 889 -8.06 37.66 12.34
CA GLN B 889 -7.38 37.87 13.62
C GLN B 889 -6.09 38.67 13.52
N PHE B 890 -5.40 38.66 12.38
CA PHE B 890 -4.14 39.39 12.20
C PHE B 890 -4.34 40.85 11.80
N LEU B 891 -5.54 41.28 11.40
CA LEU B 891 -5.77 42.63 10.89
C LEU B 891 -5.77 43.70 11.98
N ASP B 892 -6.09 43.36 13.23
CA ASP B 892 -6.08 44.26 14.39
C ASP B 892 -5.33 43.63 15.56
N GLN B 893 -4.82 44.49 16.46
CA GLN B 893 -4.01 44.09 17.62
C GLN B 893 -4.58 44.57 18.97
N ASP B 894 -5.45 45.58 18.98
CA ASP B 894 -6.21 45.99 20.18
C ASP B 894 -7.55 45.24 20.34
N ASP B 895 -7.72 44.15 19.59
CA ASP B 895 -8.85 43.23 19.64
C ASP B 895 -8.57 42.03 20.57
N ASP B 896 -9.47 41.05 20.59
CA ASP B 896 -9.27 39.75 21.23
C ASP B 896 -9.56 38.64 20.21
N ASP B 897 -8.67 37.67 20.06
CA ASP B 897 -8.71 36.67 18.99
C ASP B 897 -8.95 35.25 19.51
N ASP B 898 -9.78 34.46 18.80
CA ASP B 898 -10.04 33.09 19.19
C ASP B 898 -10.51 32.30 17.95
N PRO B 899 -9.79 31.21 17.57
CA PRO B 899 -10.14 30.37 16.40
C PRO B 899 -11.58 29.84 16.23
N ASP B 900 -12.37 29.73 17.31
CA ASP B 900 -13.76 29.29 17.22
C ASP B 900 -14.82 30.41 17.01
N THR B 901 -14.40 31.68 17.03
CA THR B 901 -15.31 32.80 16.81
C THR B 901 -15.78 32.87 15.36
N GLU B 902 -17.08 33.02 15.10
CA GLU B 902 -17.57 33.30 13.74
C GLU B 902 -17.23 34.73 13.31
N LEU B 903 -16.90 34.93 12.03
CA LEU B 903 -16.38 36.20 11.50
C LEU B 903 -17.21 37.41 11.90
N TYR B 904 -18.54 37.29 11.94
CA TYR B 904 -19.41 38.44 12.20
C TYR B 904 -19.22 39.07 13.57
N LEU B 905 -18.70 38.32 14.56
CA LEU B 905 -18.43 38.81 15.91
C LEU B 905 -17.14 39.62 16.02
N THR B 906 -16.19 39.43 15.11
CA THR B 906 -14.84 39.96 15.25
C THR B 906 -14.80 41.48 15.07
N GLN B 907 -13.92 42.16 15.80
CA GLN B 907 -13.78 43.62 15.72
C GLN B 907 -13.56 44.16 14.31
N PRO B 908 -12.63 43.64 13.49
CA PRO B 908 -12.36 44.22 12.17
C PRO B 908 -13.51 44.07 11.20
N PHE B 909 -14.32 43.02 11.32
CA PHE B 909 -15.55 42.86 10.54
C PHE B 909 -16.67 43.75 11.04
N ALA B 910 -16.91 43.81 12.35
CA ALA B 910 -17.90 44.70 12.96
C ALA B 910 -17.63 46.18 12.66
N CYS B 911 -16.36 46.56 12.54
CA CYS B 911 -15.96 47.91 12.16
C CYS B 911 -16.05 48.18 10.66
N GLY B 912 -16.25 47.16 9.82
CA GLY B 912 -16.35 47.31 8.37
C GLY B 912 -15.02 47.44 7.64
N THR B 913 -13.93 46.87 8.18
CA THR B 913 -12.59 46.95 7.59
C THR B 913 -12.10 45.65 6.98
N ALA B 914 -12.84 44.56 7.13
CA ALA B 914 -12.57 43.29 6.50
C ALA B 914 -13.81 42.78 5.78
N PHE B 915 -13.64 42.09 4.66
CA PHE B 915 -14.72 41.39 3.98
C PHE B 915 -14.23 40.05 3.48
N ALA B 916 -15.04 39.02 3.54
CA ALA B 916 -14.71 37.70 3.02
C ALA B 916 -15.91 37.15 2.27
N VAL B 917 -15.67 36.55 1.10
CA VAL B 917 -16.76 36.04 0.26
C VAL B 917 -17.61 34.97 0.97
N SER B 918 -17.09 34.32 2.00
CA SER B 918 -17.84 33.38 2.83
C SER B 918 -19.05 34.01 3.55
N VAL B 919 -19.11 35.32 3.78
CA VAL B 919 -20.33 35.92 4.38
C VAL B 919 -21.53 35.89 3.43
N LEU B 920 -21.30 35.70 2.13
CA LEU B 920 -22.36 35.55 1.13
C LEU B 920 -22.88 34.11 1.04
N ASP B 921 -22.31 33.13 1.75
CA ASP B 921 -22.83 31.76 1.73
C ASP B 921 -24.29 31.66 2.22
N SER B 922 -24.68 32.45 3.20
CA SER B 922 -26.06 32.52 3.67
C SER B 922 -27.00 33.26 2.71
N LEU B 923 -26.51 33.87 1.64
CA LEU B 923 -27.37 34.47 0.64
C LEU B 923 -28.10 33.41 -0.20
N MET B 924 -27.56 32.19 -0.30
CA MET B 924 -28.27 31.05 -0.88
C MET B 924 -29.55 30.75 -0.12
N SER B 925 -29.46 30.48 1.18
CA SER B 925 -30.64 30.19 2.01
C SER B 925 -31.57 31.39 2.10
N ALA B 926 -31.07 32.61 2.24
CA ALA B 926 -31.92 33.79 2.25
C ALA B 926 -32.75 33.91 0.96
N THR B 927 -32.14 33.62 -0.19
CA THR B 927 -32.84 33.74 -1.48
C THR B 927 -33.81 32.59 -1.73
N TYR B 928 -33.55 31.38 -1.23
CA TYR B 928 -34.57 30.33 -1.27
C TYR B 928 -35.83 30.73 -0.52
N PHE B 929 -35.71 31.14 0.75
CA PHE B 929 -36.87 31.47 1.57
C PHE B 929 -37.58 32.75 1.13
N ASN B 930 -36.92 33.67 0.44
CA ASN B 930 -37.56 34.85 -0.11
C ASN B 930 -36.87 35.35 -1.38
N ASP B 931 -37.51 35.15 -2.52
CA ASP B 931 -36.97 35.48 -3.84
C ASP B 931 -36.76 36.98 -4.07
N ASN B 932 -37.47 37.83 -3.33
CA ASN B 932 -37.38 39.28 -3.53
C ASN B 932 -36.07 39.86 -3.02
N ILE B 933 -35.43 39.19 -2.06
CA ILE B 933 -34.23 39.71 -1.39
C ILE B 933 -33.11 39.97 -2.38
N LEU B 934 -32.74 39.00 -3.20
CA LEU B 934 -31.66 39.14 -4.17
C LEU B 934 -31.95 40.28 -5.15
N THR B 935 -33.21 40.54 -5.47
CA THR B 935 -33.58 41.69 -6.31
C THR B 935 -33.29 43.01 -5.61
N LEU B 936 -33.63 43.15 -4.34
CA LEU B 936 -33.33 44.33 -3.55
C LEU B 936 -31.81 44.54 -3.43
N ILE B 937 -31.08 43.50 -3.06
CA ILE B 937 -29.63 43.61 -2.88
C ILE B 937 -28.98 44.05 -4.19
N ARG B 938 -29.38 43.41 -5.27
CA ARG B 938 -28.86 43.76 -6.56
C ARG B 938 -29.07 45.23 -6.87
N THR B 939 -30.26 45.78 -6.73
CA THR B 939 -30.54 47.19 -7.06
C THR B 939 -29.80 48.15 -6.11
N LEU B 940 -29.75 47.83 -4.82
CA LEU B 940 -29.09 48.62 -3.80
C LEU B 940 -27.56 48.69 -3.95
N VAL B 941 -26.95 47.61 -4.44
CA VAL B 941 -25.51 47.40 -4.47
C VAL B 941 -24.86 47.70 -5.82
N THR B 942 -25.51 47.34 -6.93
CA THR B 942 -24.87 47.42 -8.28
C THR B 942 -24.87 48.82 -8.87
N GLY B 943 -25.46 49.80 -8.19
CA GLY B 943 -25.80 51.08 -8.81
C GLY B 943 -27.08 50.99 -9.63
N GLY B 944 -28.02 50.12 -9.23
CA GLY B 944 -29.34 50.01 -9.82
C GLY B 944 -29.38 49.48 -11.26
N ALA B 945 -28.51 48.55 -11.64
CA ALA B 945 -28.52 47.99 -12.99
C ALA B 945 -29.85 47.25 -13.28
N THR B 946 -30.50 47.60 -14.39
CA THR B 946 -31.82 47.08 -14.80
C THR B 946 -31.69 45.87 -15.73
N PRO B 947 -32.75 45.05 -15.91
CA PRO B 947 -32.78 43.97 -16.90
C PRO B 947 -32.43 44.44 -18.33
N GLU B 948 -32.81 45.67 -18.69
CA GLU B 948 -32.41 46.28 -19.96
C GLU B 948 -30.89 46.49 -20.04
N LEU B 949 -30.25 46.92 -18.97
CA LEU B 949 -28.79 47.01 -18.89
C LEU B 949 -28.15 45.63 -19.04
N GLU B 950 -28.69 44.59 -18.39
CA GLU B 950 -28.18 43.23 -18.55
C GLU B 950 -28.19 42.82 -20.02
N ALA B 951 -29.29 43.08 -20.72
CA ALA B 951 -29.44 42.73 -22.13
C ALA B 951 -28.45 43.48 -23.03
N LEU B 952 -28.30 44.80 -22.86
CA LEU B 952 -27.34 45.59 -23.62
C LEU B 952 -25.90 45.11 -23.41
N ILE B 953 -25.50 44.85 -22.16
CA ILE B 953 -24.17 44.35 -21.86
C ILE B 953 -23.97 42.93 -22.38
N ALA B 954 -24.98 42.07 -22.32
CA ALA B 954 -24.90 40.71 -22.84
C ALA B 954 -24.69 40.69 -24.36
N GLU B 955 -25.33 41.59 -25.10
CA GLU B 955 -25.11 41.76 -26.53
C GLU B 955 -23.73 42.35 -26.84
N GLU B 956 -23.42 43.53 -26.32
CA GLU B 956 -22.30 44.33 -26.81
C GLU B 956 -21.00 44.18 -26.01
N ASN B 957 -21.02 43.46 -24.88
CA ASN B 957 -19.93 43.17 -23.94
C ASN B 957 -19.20 44.39 -23.32
N ALA B 958 -19.61 45.60 -23.66
CA ALA B 958 -19.12 46.86 -23.12
C ALA B 958 -20.27 47.86 -22.95
N LEU B 959 -20.14 48.77 -21.99
CA LEU B 959 -21.12 49.83 -21.74
C LEU B 959 -21.08 50.85 -22.88
N ARG B 960 -22.20 51.06 -23.58
CA ARG B 960 -22.26 51.91 -24.79
C ARG B 960 -22.89 53.25 -24.48
N GLY B 961 -22.20 54.34 -24.82
CA GLY B 961 -22.65 55.70 -24.55
C GLY B 961 -23.84 56.14 -25.39
N GLY B 962 -24.70 57.00 -24.84
CA GLY B 962 -25.85 57.57 -25.54
C GLY B 962 -26.05 59.06 -25.28
N TYR B 963 -26.71 59.74 -26.21
CA TYR B 963 -27.03 61.16 -26.08
C TYR B 963 -28.15 61.41 -25.07
N SER B 964 -28.17 62.61 -24.49
CA SER B 964 -29.17 63.03 -23.51
C SER B 964 -30.58 63.04 -24.11
N THR B 965 -31.56 62.63 -23.30
CA THR B 965 -33.00 62.80 -23.53
C THR B 965 -33.71 63.02 -22.19
N PRO B 966 -34.91 63.61 -22.14
CA PRO B 966 -35.66 63.77 -20.90
C PRO B 966 -35.87 62.46 -20.12
N GLN B 967 -36.02 61.32 -20.78
CA GLN B 967 -36.14 60.01 -20.11
C GLN B 967 -34.80 59.51 -19.55
N THR B 968 -33.72 59.64 -20.33
CA THR B 968 -32.34 59.39 -19.87
C THR B 968 -31.99 60.24 -18.64
N LEU B 969 -32.50 61.47 -18.56
CA LEU B 969 -32.33 62.34 -17.39
C LEU B 969 -33.26 61.98 -16.22
N ALA B 970 -34.51 61.58 -16.47
CA ALA B 970 -35.41 61.14 -15.40
C ALA B 970 -34.90 59.88 -14.68
N ASN B 971 -34.19 59.01 -15.39
CA ASN B 971 -33.54 57.82 -14.83
C ASN B 971 -32.49 58.12 -13.73
N ARG B 972 -32.05 59.36 -13.55
CA ARG B 972 -31.12 59.74 -12.48
C ARG B 972 -31.77 59.87 -11.11
N ASP B 973 -33.10 60.00 -11.03
CA ASP B 973 -33.82 60.37 -9.81
C ASP B 973 -34.08 59.19 -8.84
N ARG B 974 -33.03 58.45 -8.49
CA ARG B 974 -33.04 57.41 -7.45
C ARG B 974 -32.44 57.93 -6.16
N CYS B 975 -32.53 57.18 -5.06
CA CYS B 975 -31.71 57.45 -3.88
C CYS B 975 -30.30 56.88 -4.00
N ARG B 976 -29.39 57.44 -3.20
CA ARG B 976 -28.04 56.95 -3.14
C ARG B 976 -27.68 56.87 -1.64
N VAL B 977 -26.86 55.89 -1.26
CA VAL B 977 -26.43 55.71 0.13
C VAL B 977 -25.35 56.73 0.49
N ALA B 978 -25.42 57.27 1.70
CA ALA B 978 -24.50 58.30 2.18
C ALA B 978 -24.36 58.27 3.70
N GLN B 979 -23.28 58.86 4.21
CA GLN B 979 -23.06 59.07 5.64
C GLN B 979 -23.21 60.54 6.01
N LEU B 980 -23.99 60.82 7.04
CA LEU B 980 -24.25 62.16 7.56
C LEU B 980 -23.53 62.35 8.90
N ALA B 981 -22.82 63.47 9.04
CA ALA B 981 -22.10 63.84 10.25
C ALA B 981 -23.00 64.63 11.21
N LEU B 982 -23.16 64.14 12.43
CA LEU B 982 -24.01 64.75 13.46
C LEU B 982 -23.38 65.98 14.15
N LEU B 983 -22.38 66.62 13.53
CA LEU B 983 -21.78 67.88 13.95
C LEU B 983 -22.25 69.08 13.11
N ASP B 984 -22.99 68.85 12.02
CA ASP B 984 -23.53 69.92 11.17
C ASP B 984 -24.81 70.57 11.74
N GLY B 985 -24.97 71.87 11.49
CA GLY B 985 -26.08 72.70 11.98
C GLY B 985 -27.50 72.11 11.91
N PRO B 986 -27.94 71.46 10.81
CA PRO B 986 -29.30 70.95 10.71
C PRO B 986 -29.62 69.76 11.64
N PHE B 987 -28.63 69.15 12.30
CA PHE B 987 -28.86 67.99 13.16
C PHE B 987 -28.08 67.99 14.49
N ALA B 988 -27.02 68.77 14.62
CA ALA B 988 -26.13 68.71 15.78
C ALA B 988 -26.81 69.07 17.11
N ASP B 989 -27.83 69.93 17.07
CA ASP B 989 -28.62 70.29 18.25
C ASP B 989 -29.39 69.09 18.83
N LEU B 990 -29.69 68.08 18.03
CA LEU B 990 -30.29 66.81 18.45
C LEU B 990 -29.22 65.75 18.78
N GLY B 991 -28.00 65.93 18.28
CA GLY B 991 -26.82 65.13 18.65
C GLY B 991 -26.24 65.49 20.02
N ASP B 992 -27.06 65.58 21.05
CA ASP B 992 -26.65 65.97 22.41
C ASP B 992 -26.95 64.88 23.47
N GLY B 993 -27.23 63.65 23.03
CA GLY B 993 -27.90 62.61 23.81
C GLY B 993 -29.38 62.45 23.47
N GLY B 994 -29.94 63.31 22.61
CA GLY B 994 -31.30 63.19 22.08
C GLY B 994 -31.57 61.92 21.26
N CYS B 995 -32.84 61.64 20.99
CA CYS B 995 -33.30 60.36 20.45
C CYS B 995 -33.08 60.19 18.92
N TYR B 996 -32.58 59.02 18.52
CA TYR B 996 -32.48 58.61 17.11
C TYR B 996 -33.83 58.70 16.38
N GLY B 997 -34.91 58.32 17.05
CA GLY B 997 -36.26 58.38 16.51
C GLY B 997 -36.68 59.78 16.08
N ASP B 998 -36.31 60.80 16.85
CA ASP B 998 -36.60 62.19 16.50
C ASP B 998 -35.79 62.64 15.28
N LEU B 999 -34.53 62.18 15.18
CA LEU B 999 -33.65 62.46 14.05
C LEU B 999 -34.23 61.82 12.78
N PHE B 1000 -34.57 60.54 12.88
CA PHE B 1000 -35.24 59.78 11.82
C PHE B 1000 -36.48 60.53 11.34
N CYS B 1001 -37.39 60.88 12.26
CA CYS B 1001 -38.64 61.54 11.90
C CYS B 1001 -38.40 62.87 11.17
N LYS B 1002 -37.56 63.76 11.69
CA LYS B 1002 -37.34 65.06 11.04
C LYS B 1002 -36.56 64.95 9.74
N ALA B 1003 -35.51 64.14 9.69
CA ALA B 1003 -34.70 63.99 8.48
C ALA B 1003 -35.52 63.35 7.34
N LEU B 1004 -36.37 62.37 7.67
CA LEU B 1004 -37.34 61.81 6.75
C LEU B 1004 -38.33 62.88 6.27
N LYS B 1005 -39.03 63.56 7.18
CA LYS B 1005 -40.11 64.48 6.79
C LYS B 1005 -39.64 65.78 6.13
N THR B 1006 -38.41 66.24 6.41
CA THR B 1006 -37.87 67.49 5.84
C THR B 1006 -37.02 67.31 4.59
N TYR B 1007 -36.26 66.21 4.46
CA TYR B 1007 -35.35 65.97 3.34
C TYR B 1007 -35.58 64.65 2.59
N ASN B 1008 -36.49 63.80 3.06
CA ASN B 1008 -36.64 62.42 2.59
C ASN B 1008 -35.31 61.64 2.72
N MET B 1009 -34.67 61.73 3.89
CA MET B 1009 -33.30 61.26 4.16
C MET B 1009 -33.19 59.78 4.60
N LEU B 1010 -34.27 59.27 5.18
CA LEU B 1010 -34.37 57.91 5.75
C LEU B 1010 -33.07 57.20 6.25
N CYS B 1011 -32.59 57.63 7.41
CA CYS B 1011 -31.49 56.96 8.08
C CYS B 1011 -31.89 55.53 8.50
N PHE B 1012 -30.95 54.60 8.45
CA PHE B 1012 -31.20 53.18 8.73
C PHE B 1012 -30.19 52.54 9.67
N GLY B 1013 -29.20 53.29 10.13
CA GLY B 1013 -28.24 52.86 11.13
C GLY B 1013 -27.29 53.99 11.54
N ILE B 1014 -26.51 53.75 12.59
CA ILE B 1014 -25.44 54.66 13.01
C ILE B 1014 -24.11 53.91 13.10
N TYR B 1015 -23.05 54.64 12.81
CA TYR B 1015 -21.68 54.21 12.89
C TYR B 1015 -21.07 54.90 14.11
N ARG B 1016 -21.00 54.15 15.23
CA ARG B 1016 -20.60 54.67 16.50
C ARG B 1016 -19.12 54.39 16.80
N LEU B 1017 -18.46 55.33 17.47
CA LEU B 1017 -17.06 55.11 17.90
C LEU B 1017 -16.99 53.98 18.91
N ARG B 1018 -16.04 53.04 18.74
CA ARG B 1018 -15.87 51.86 19.60
C ARG B 1018 -15.78 52.13 21.08
N ASP B 1019 -15.23 53.28 21.40
CA ASP B 1019 -15.02 53.67 22.80
C ASP B 1019 -16.04 54.69 23.33
N ALA B 1020 -17.05 55.11 22.55
CA ALA B 1020 -17.95 56.20 22.94
C ALA B 1020 -18.78 55.94 24.21
N HIS B 1021 -18.92 54.66 24.59
CA HIS B 1021 -19.60 54.29 25.84
C HIS B 1021 -18.73 54.48 27.11
N LEU B 1022 -17.41 54.59 26.95
CA LEU B 1022 -16.49 54.81 28.06
C LEU B 1022 -16.59 56.24 28.61
N SER B 1023 -16.33 56.40 29.91
CA SER B 1023 -16.25 57.70 30.59
C SER B 1023 -14.99 58.48 30.24
N THR B 1024 -13.85 57.80 30.09
CA THR B 1024 -12.59 58.40 29.62
C THR B 1024 -12.67 58.74 28.12
N PRO B 1025 -12.08 59.86 27.68
CA PRO B 1025 -11.66 60.04 26.30
C PRO B 1025 -10.72 58.93 25.82
N SER B 1026 -10.56 58.80 24.50
CA SER B 1026 -9.66 57.83 23.86
C SER B 1026 -9.14 58.38 22.53
N GLN B 1027 -7.98 57.90 22.10
CA GLN B 1027 -7.41 58.18 20.78
C GLN B 1027 -7.94 57.24 19.68
N CYS B 1028 -8.74 56.23 20.03
CA CYS B 1028 -9.25 55.25 19.08
C CYS B 1028 -10.28 55.85 18.10
N THR B 1029 -9.97 55.82 16.81
CA THR B 1029 -10.83 56.36 15.74
C THR B 1029 -11.77 55.29 15.14
N LYS B 1030 -11.66 54.03 15.56
CA LYS B 1030 -12.48 52.94 15.02
C LYS B 1030 -13.95 53.15 15.35
N ARG B 1031 -14.83 52.93 14.37
CA ARG B 1031 -16.29 52.91 14.53
C ARG B 1031 -16.85 51.53 14.23
N TYR B 1032 -18.00 51.21 14.79
CA TYR B 1032 -18.72 49.96 14.55
C TYR B 1032 -20.19 50.24 14.23
N VAL B 1033 -20.85 49.26 13.62
CA VAL B 1033 -22.14 49.47 12.93
C VAL B 1033 -23.32 49.06 13.81
N ILE B 1034 -24.27 49.97 13.98
CA ILE B 1034 -25.58 49.72 14.57
C ILE B 1034 -26.63 49.82 13.48
N THR B 1035 -27.41 48.75 13.30
CA THR B 1035 -28.43 48.64 12.24
C THR B 1035 -29.82 48.75 12.86
N ASN B 1036 -30.67 49.64 12.33
CA ASN B 1036 -32.03 49.87 12.83
C ASN B 1036 -32.09 50.11 14.37
N PRO B 1037 -31.53 51.22 14.89
CA PRO B 1037 -31.59 51.56 16.30
C PRO B 1037 -33.05 51.64 16.82
N PRO B 1038 -33.33 51.13 18.03
CA PRO B 1038 -34.68 50.72 18.44
C PRO B 1038 -35.67 51.84 18.84
N TYR B 1039 -35.48 53.09 18.41
CA TYR B 1039 -36.13 54.27 19.02
C TYR B 1039 -35.72 54.45 20.50
N GLU B 1040 -35.96 55.64 21.07
CA GLU B 1040 -35.46 56.06 22.39
C GLU B 1040 -33.94 55.89 22.61
N PHE B 1041 -33.17 55.79 21.52
CA PHE B 1041 -31.76 55.47 21.49
C PHE B 1041 -30.94 56.76 21.37
N GLU B 1042 -29.95 56.96 22.23
CA GLU B 1042 -29.24 58.24 22.35
C GLU B 1042 -28.25 58.50 21.20
N LEU B 1043 -28.21 59.74 20.71
CA LEU B 1043 -27.22 60.20 19.75
C LEU B 1043 -26.10 61.02 20.41
N VAL B 1044 -24.90 60.44 20.50
CA VAL B 1044 -23.67 61.15 20.85
C VAL B 1044 -23.24 62.03 19.67
N PRO B 1045 -22.73 63.27 19.86
CA PRO B 1045 -22.42 64.18 18.75
C PRO B 1045 -21.36 63.65 17.76
N THR B 1046 -20.58 62.65 18.17
CA THR B 1046 -19.55 62.01 17.35
C THR B 1046 -20.08 61.02 16.30
N ASP B 1047 -21.35 60.63 16.35
CA ASP B 1047 -21.89 59.57 15.50
C ASP B 1047 -22.00 59.98 14.02
N LEU B 1048 -21.85 58.98 13.15
CA LEU B 1048 -22.14 59.08 11.73
C LEU B 1048 -23.42 58.30 11.44
N ILE B 1049 -24.31 58.88 10.64
CA ILE B 1049 -25.62 58.37 10.30
C ILE B 1049 -25.55 57.71 8.93
N PHE B 1050 -25.91 56.43 8.80
CA PHE B 1050 -26.14 55.81 7.50
C PHE B 1050 -27.51 56.22 6.97
N CYS B 1051 -27.59 56.75 5.76
CA CYS B 1051 -28.83 57.26 5.19
C CYS B 1051 -28.94 57.03 3.69
N LEU B 1052 -30.17 57.10 3.18
CA LEU B 1052 -30.47 57.07 1.75
C LEU B 1052 -30.97 58.44 1.32
N MET B 1053 -30.29 59.12 0.41
CA MET B 1053 -30.61 60.51 0.09
C MET B 1053 -30.96 60.72 -1.38
N GLN B 1054 -31.93 61.60 -1.60
CA GLN B 1054 -32.51 61.90 -2.90
C GLN B 1054 -31.49 62.53 -3.84
N PHE B 1055 -31.65 62.31 -5.14
CA PHE B 1055 -30.98 63.12 -6.16
C PHE B 1055 -31.51 64.56 -6.18
N ASP B 1056 -30.84 65.47 -6.90
CA ASP B 1056 -31.26 66.86 -7.09
C ASP B 1056 -30.87 67.41 -8.47
N ARG C 20 19.12 -57.82 19.89
CA ARG C 20 19.12 -57.85 18.40
C ARG C 20 20.12 -56.84 17.86
N MET C 21 20.77 -57.14 16.73
CA MET C 21 21.56 -56.17 15.96
C MET C 21 20.70 -55.01 15.43
N TRP C 22 21.28 -53.81 15.38
CA TRP C 22 20.71 -52.63 14.70
C TRP C 22 21.80 -51.63 14.30
N TRP C 23 22.80 -51.42 15.16
CA TRP C 23 23.82 -50.39 14.96
C TRP C 23 24.75 -50.63 13.76
N ALA C 24 24.94 -51.88 13.31
CA ALA C 24 25.74 -52.16 12.11
C ALA C 24 25.13 -51.55 10.83
N PHE C 25 23.79 -51.54 10.72
CA PHE C 25 23.11 -50.90 9.59
C PHE C 25 23.37 -49.39 9.57
N LEU C 26 23.20 -48.73 10.72
CA LEU C 26 23.45 -47.30 10.90
C LEU C 26 24.92 -46.95 10.63
N ALA C 27 25.86 -47.73 11.19
CA ALA C 27 27.28 -47.54 10.97
C ALA C 27 27.67 -47.58 9.49
N SER C 28 27.05 -48.44 8.68
CA SER C 28 27.34 -48.52 7.24
C SER C 28 27.13 -47.18 6.52
N SER C 29 26.11 -46.41 6.90
CA SER C 29 25.89 -45.06 6.36
C SER C 29 26.80 -44.02 7.00
N MET C 30 26.94 -44.00 8.32
CA MET C 30 27.79 -43.00 9.00
C MET C 30 29.25 -43.09 8.55
N VAL C 31 29.78 -44.31 8.48
CA VAL C 31 31.15 -44.59 8.06
C VAL C 31 31.36 -44.29 6.58
N THR C 32 30.44 -44.68 5.69
CA THR C 32 30.62 -44.37 4.27
C THR C 32 30.60 -42.86 4.02
N PHE C 33 29.70 -42.12 4.67
CA PHE C 33 29.60 -40.68 4.46
C PHE C 33 30.80 -39.93 5.02
N PHE C 34 31.12 -40.10 6.32
CA PHE C 34 32.25 -39.39 6.93
C PHE C 34 33.60 -39.88 6.41
N GLY C 35 33.77 -41.19 6.20
CA GLY C 35 34.98 -41.74 5.59
C GLY C 35 35.18 -41.21 4.17
N GLY C 36 34.14 -41.22 3.36
CA GLY C 36 34.21 -40.65 2.02
C GLY C 36 34.48 -39.15 2.01
N LEU C 37 33.92 -38.38 2.95
CA LEU C 37 34.27 -36.97 3.13
C LEU C 37 35.77 -36.85 3.41
N PHE C 38 36.31 -37.61 4.37
CA PHE C 38 37.73 -37.55 4.69
C PHE C 38 38.64 -38.00 3.53
N ILE C 39 38.38 -39.10 2.82
CA ILE C 39 39.26 -39.50 1.72
C ILE C 39 39.23 -38.48 0.58
N ILE C 40 38.08 -37.86 0.29
CA ILE C 40 38.01 -36.79 -0.72
C ILE C 40 38.77 -35.54 -0.24
N LEU C 41 38.59 -35.14 1.01
CA LEU C 41 39.32 -34.01 1.60
C LEU C 41 40.83 -34.27 1.60
N LEU C 42 41.27 -35.47 1.96
CA LEU C 42 42.69 -35.82 2.02
C LEU C 42 43.32 -36.00 0.64
N TRP C 43 42.57 -36.47 -0.36
CA TRP C 43 43.02 -36.48 -1.76
C TRP C 43 43.26 -35.05 -2.28
N ARG C 44 42.40 -34.09 -1.92
CA ARG C 44 42.66 -32.66 -2.17
C ARG C 44 43.85 -32.14 -1.35
N THR C 45 43.98 -32.57 -0.09
CA THR C 45 45.07 -32.13 0.80
C THR C 45 46.44 -32.62 0.34
N LEU C 46 46.58 -33.87 -0.10
CA LEU C 46 47.87 -34.39 -0.58
C LEU C 46 48.32 -33.72 -1.89
N LYS C 47 47.39 -33.30 -2.76
CA LYS C 47 47.73 -32.46 -3.93
C LYS C 47 48.25 -31.09 -3.52
N TYR C 48 47.69 -30.48 -2.46
CA TYR C 48 48.23 -29.27 -1.85
C TYR C 48 49.64 -29.51 -1.24
N LEU C 49 49.86 -30.62 -0.52
CA LEU C 49 51.18 -30.96 0.02
C LEU C 49 52.23 -31.27 -1.06
N TRP C 50 51.84 -31.79 -2.23
CA TRP C 50 52.79 -32.19 -3.28
C TRP C 50 53.68 -31.04 -3.77
N THR C 51 53.12 -29.84 -3.99
CA THR C 51 53.92 -28.67 -4.39
C THR C 51 54.70 -28.04 -3.23
N VAL C 52 54.37 -28.35 -1.97
CA VAL C 52 55.20 -28.02 -0.79
C VAL C 52 56.34 -29.04 -0.61
N CYS C 53 56.12 -30.30 -1.00
CA CYS C 53 57.14 -31.36 -1.02
C CYS C 53 58.22 -31.10 -2.10
N CYS C 54 57.83 -30.64 -3.29
CA CYS C 54 58.75 -30.31 -4.38
C CYS C 54 59.73 -29.19 -3.98
N MET C 94 42.33 -41.53 -19.21
CA MET C 94 40.93 -41.87 -18.93
C MET C 94 40.13 -40.68 -18.40
N THR C 95 40.79 -39.58 -18.04
CA THR C 95 40.14 -38.33 -17.60
C THR C 95 39.27 -37.69 -18.70
N SER C 96 39.50 -38.04 -19.97
CA SER C 96 38.63 -37.70 -21.09
C SER C 96 37.36 -38.56 -21.18
N VAL C 97 37.40 -39.81 -20.71
CA VAL C 97 36.30 -40.78 -20.88
C VAL C 97 35.10 -40.42 -20.00
N LYS C 98 35.33 -39.89 -18.80
CA LYS C 98 34.26 -39.47 -17.87
C LYS C 98 33.34 -38.38 -18.42
N ASP C 99 33.86 -37.50 -19.29
CA ASP C 99 33.07 -36.44 -19.93
C ASP C 99 32.24 -36.97 -21.12
N TRP C 100 32.65 -38.10 -21.69
CA TRP C 100 31.96 -38.80 -22.78
C TRP C 100 30.86 -39.73 -22.22
N ALA C 101 31.23 -40.72 -21.41
CA ALA C 101 30.33 -41.76 -20.95
C ALA C 101 29.35 -41.26 -19.87
N GLY C 102 28.07 -41.62 -20.00
CA GLY C 102 26.98 -41.27 -19.06
C GLY C 102 26.56 -39.79 -19.08
N VAL C 103 27.51 -38.86 -19.09
CA VAL C 103 27.24 -37.42 -19.11
C VAL C 103 26.34 -37.03 -20.29
N MET C 104 26.59 -37.61 -21.47
CA MET C 104 25.83 -37.39 -22.71
C MET C 104 24.37 -37.87 -22.68
N ILE C 105 23.92 -38.52 -21.61
CA ILE C 105 22.53 -38.99 -21.43
C ILE C 105 21.95 -38.56 -20.06
N SER C 106 22.70 -38.03 -19.08
CA SER C 106 22.14 -37.72 -17.78
C SER C 106 21.29 -36.46 -17.75
N ALA C 107 21.83 -35.36 -18.26
CA ALA C 107 21.06 -34.12 -18.23
C ALA C 107 21.20 -33.21 -19.47
N GLN C 108 20.14 -32.44 -19.76
CA GLN C 108 20.05 -31.48 -20.92
C GLN C 108 20.32 -32.07 -22.33
N THR C 109 19.92 -33.32 -22.49
CA THR C 109 20.15 -34.18 -23.66
C THR C 109 18.88 -34.92 -24.13
N LEU C 110 17.71 -34.35 -23.83
CA LEU C 110 16.37 -34.66 -24.35
C LEU C 110 15.83 -36.07 -24.11
N THR C 111 16.51 -37.10 -24.62
CA THR C 111 16.19 -38.53 -24.41
C THR C 111 16.72 -39.08 -23.07
N GLY C 112 17.21 -38.21 -22.18
CA GLY C 112 17.76 -38.54 -20.85
C GLY C 112 16.76 -39.07 -19.80
N ARG C 113 15.49 -39.36 -20.15
CA ARG C 113 14.50 -40.02 -19.27
C ARG C 113 14.98 -41.27 -18.53
N VAL C 114 15.87 -42.06 -19.14
CA VAL C 114 16.51 -43.23 -18.50
C VAL C 114 17.41 -42.88 -17.30
N LEU C 115 17.84 -41.63 -17.14
CA LEU C 115 18.63 -41.17 -15.99
C LEU C 115 17.92 -40.14 -15.10
N VAL C 116 16.62 -39.88 -15.34
CA VAL C 116 15.79 -39.00 -14.49
C VAL C 116 14.42 -39.63 -14.24
N VAL C 117 13.57 -39.77 -15.25
CA VAL C 117 12.23 -40.38 -15.11
C VAL C 117 12.31 -41.78 -14.51
N LEU C 118 13.30 -42.57 -14.93
CA LEU C 118 13.51 -43.92 -14.40
C LEU C 118 13.94 -43.89 -12.92
N VAL C 119 14.95 -43.11 -12.55
CA VAL C 119 15.42 -43.07 -11.15
C VAL C 119 14.38 -42.46 -10.20
N PHE C 120 13.56 -41.53 -10.69
CA PHE C 120 12.36 -41.07 -10.00
C PHE C 120 11.37 -42.21 -9.80
N ALA C 121 10.96 -42.91 -10.85
CA ALA C 121 9.99 -44.00 -10.73
C ALA C 121 10.51 -45.14 -9.81
N LEU C 122 11.80 -45.45 -9.86
CA LEU C 122 12.44 -46.36 -8.92
C LEU C 122 12.45 -45.81 -7.49
N SER C 123 12.66 -44.52 -7.30
CA SER C 123 12.59 -43.92 -5.96
C SER C 123 11.18 -43.96 -5.38
N ILE C 124 10.15 -43.70 -6.20
CA ILE C 124 8.75 -43.88 -5.80
C ILE C 124 8.49 -45.35 -5.49
N GLY C 125 9.00 -46.30 -6.29
CA GLY C 125 8.86 -47.72 -6.00
C GLY C 125 9.52 -48.11 -4.68
N ALA C 126 10.73 -47.64 -4.42
CA ALA C 126 11.44 -47.88 -3.16
C ALA C 126 10.69 -47.28 -1.95
N LEU C 127 10.10 -46.09 -2.11
CA LEU C 127 9.26 -45.47 -1.09
C LEU C 127 7.96 -46.25 -0.87
N VAL C 128 7.28 -46.72 -1.92
CA VAL C 128 6.12 -47.60 -1.77
C VAL C 128 6.51 -48.89 -1.06
N ILE C 129 7.63 -49.53 -1.41
CA ILE C 129 8.12 -50.71 -0.70
C ILE C 129 8.37 -50.39 0.78
N TYR C 130 8.85 -49.20 1.14
CA TYR C 130 8.94 -48.81 2.56
C TYR C 130 7.56 -48.71 3.24
N PHE C 131 6.56 -48.21 2.52
CA PHE C 131 5.19 -48.13 3.05
C PHE C 131 4.65 -49.54 3.33
N ILE C 132 4.92 -50.46 2.40
CA ILE C 132 4.55 -51.87 2.58
C ILE C 132 5.26 -52.42 3.82
N ASP C 133 6.58 -52.28 3.89
CA ASP C 133 7.43 -52.85 4.93
C ASP C 133 7.05 -52.38 6.34
N SER C 134 6.78 -51.08 6.52
CA SER C 134 6.42 -50.51 7.83
C SER C 134 5.06 -50.99 8.37
N SER C 135 4.22 -51.62 7.56
CA SER C 135 2.89 -52.08 8.01
C SER C 135 2.92 -53.35 8.84
N ASN C 136 4.00 -54.15 8.75
CA ASN C 136 4.11 -55.44 9.44
C ASN C 136 4.71 -55.31 10.85
N PRO C 137 4.45 -56.29 11.74
CA PRO C 137 5.02 -56.35 13.10
C PRO C 137 6.49 -56.82 13.14
N ILE C 138 7.14 -56.85 11.99
CA ILE C 138 8.54 -57.29 11.80
C ILE C 138 8.92 -58.69 12.34
N GLU C 139 7.95 -59.56 12.62
CA GLU C 139 8.25 -60.92 13.07
C GLU C 139 8.31 -62.00 11.96
N SER C 140 7.89 -61.65 10.74
CA SER C 140 7.84 -62.62 9.63
C SER C 140 9.22 -63.19 9.25
N CYS C 141 9.24 -64.47 8.88
CA CYS C 141 10.42 -65.20 8.41
C CYS C 141 10.20 -65.87 7.03
N GLN C 142 9.23 -65.39 6.24
CA GLN C 142 8.88 -65.99 4.95
C GLN C 142 8.56 -64.96 3.84
N ASN C 143 7.66 -64.01 4.08
CA ASN C 143 7.40 -62.93 3.12
C ASN C 143 8.55 -61.91 3.05
N PHE C 144 9.37 -61.76 4.09
CA PHE C 144 10.47 -60.78 4.05
C PHE C 144 11.77 -61.18 3.28
N TYR C 145 11.66 -62.21 2.46
CA TYR C 145 12.80 -62.75 1.68
C TYR C 145 12.48 -62.84 0.17
N LYS C 146 12.26 -64.04 -0.37
CA LYS C 146 12.11 -64.35 -1.81
C LYS C 146 10.79 -63.91 -2.46
N ASP C 147 10.22 -62.82 -1.97
CA ASP C 147 8.88 -62.32 -2.30
C ASP C 147 8.95 -60.85 -2.75
N PHE C 148 7.82 -60.15 -2.84
CA PHE C 148 7.78 -58.70 -3.12
C PHE C 148 8.28 -57.84 -1.94
N THR C 149 9.44 -58.17 -1.37
CA THR C 149 10.14 -57.46 -0.28
C THR C 149 11.63 -57.30 -0.60
N LEU C 150 12.55 -57.94 0.14
CA LEU C 150 13.98 -57.66 0.09
C LEU C 150 14.61 -57.95 -1.28
N GLN C 151 14.12 -58.97 -1.98
CA GLN C 151 14.64 -59.30 -3.31
C GLN C 151 14.43 -58.14 -4.30
N ILE C 152 13.18 -57.69 -4.42
CA ILE C 152 12.85 -56.55 -5.28
C ILE C 152 13.43 -55.23 -4.74
N ASP C 153 13.53 -55.05 -3.43
CA ASP C 153 14.17 -53.86 -2.85
C ASP C 153 15.64 -53.73 -3.26
N MET C 154 16.39 -54.84 -3.23
CA MET C 154 17.77 -54.85 -3.72
C MET C 154 17.85 -54.61 -5.24
N ALA C 155 16.92 -55.18 -6.01
CA ALA C 155 16.85 -54.96 -7.45
C ALA C 155 16.58 -53.48 -7.82
N PHE C 156 15.87 -52.73 -6.99
CA PHE C 156 15.70 -51.28 -7.14
C PHE C 156 16.94 -50.53 -6.63
N ASN C 157 17.49 -50.89 -5.48
CA ASN C 157 18.61 -50.16 -4.88
C ASN C 157 19.94 -50.31 -5.63
N VAL C 158 20.19 -51.42 -6.34
CA VAL C 158 21.42 -51.56 -7.14
C VAL C 158 21.51 -50.50 -8.24
N PHE C 159 20.38 -50.07 -8.82
CA PHE C 159 20.35 -48.97 -9.77
C PHE C 159 20.90 -47.68 -9.14
N PHE C 160 20.51 -47.37 -7.91
CA PHE C 160 20.98 -46.17 -7.22
C PHE C 160 22.50 -46.21 -6.99
N LEU C 161 23.11 -47.39 -6.75
CA LEU C 161 24.56 -47.49 -6.69
C LEU C 161 25.20 -47.10 -8.03
N LEU C 162 24.70 -47.64 -9.14
CA LEU C 162 25.23 -47.35 -10.47
C LEU C 162 25.05 -45.86 -10.82
N TYR C 163 23.86 -45.33 -10.58
CA TYR C 163 23.54 -43.93 -10.84
C TYR C 163 24.34 -42.96 -9.96
N PHE C 164 24.59 -43.32 -8.70
CA PHE C 164 25.48 -42.55 -7.84
C PHE C 164 26.92 -42.55 -8.37
N GLY C 165 27.45 -43.72 -8.77
CA GLY C 165 28.78 -43.80 -9.37
C GLY C 165 28.90 -42.97 -10.65
N LEU C 166 27.89 -43.04 -11.53
CA LEU C 166 27.83 -42.26 -12.76
C LEU C 166 27.82 -40.75 -12.47
N ARG C 167 27.04 -40.30 -11.49
CA ARG C 167 27.09 -38.91 -11.02
C ARG C 167 28.45 -38.55 -10.42
N PHE C 168 29.07 -39.44 -9.66
CA PHE C 168 30.37 -39.19 -9.04
C PHE C 168 31.50 -39.02 -10.06
N ILE C 169 31.48 -39.83 -11.11
CA ILE C 169 32.52 -39.74 -12.15
C ILE C 169 32.32 -38.57 -13.11
N ALA C 170 31.11 -38.00 -13.12
CA ALA C 170 30.79 -36.88 -13.98
C ALA C 170 31.03 -35.58 -13.23
N ALA C 171 30.40 -35.45 -12.07
CA ALA C 171 30.56 -34.26 -11.23
C ALA C 171 32.02 -34.17 -10.81
N ASN C 172 32.82 -33.43 -11.59
CA ASN C 172 34.24 -33.29 -11.29
C ASN C 172 34.54 -32.87 -9.85
N ASP C 173 33.89 -31.82 -9.37
CA ASP C 173 34.15 -31.33 -8.01
C ASP C 173 33.62 -32.42 -7.09
N LYS C 174 34.49 -33.28 -6.55
CA LYS C 174 34.00 -34.35 -5.69
C LYS C 174 33.46 -33.82 -4.36
N LEU C 175 34.05 -32.77 -3.78
CA LEU C 175 33.71 -32.33 -2.43
C LEU C 175 32.32 -31.70 -2.38
N TRP C 176 32.04 -30.74 -3.26
CA TRP C 176 30.69 -30.17 -3.39
C TRP C 176 29.66 -31.24 -3.74
N PHE C 177 30.03 -32.24 -4.55
CA PHE C 177 29.13 -33.35 -4.86
C PHE C 177 28.87 -34.27 -3.67
N TRP C 178 29.88 -34.54 -2.85
CA TRP C 178 29.75 -35.49 -1.74
C TRP C 178 28.72 -35.01 -0.73
N LEU C 179 28.84 -33.78 -0.26
CA LEU C 179 27.87 -33.15 0.65
C LEU C 179 26.71 -32.44 -0.08
N GLU C 180 26.37 -32.87 -1.29
CA GLU C 180 25.11 -32.48 -1.97
C GLU C 180 23.93 -33.27 -1.38
N VAL C 181 22.77 -32.64 -1.18
CA VAL C 181 21.63 -33.25 -0.44
C VAL C 181 21.21 -34.60 -1.04
N ASN C 182 21.09 -34.68 -2.36
CA ASN C 182 20.69 -35.92 -3.02
C ASN C 182 21.76 -37.03 -2.87
N SER C 183 23.03 -36.68 -2.73
CA SER C 183 24.10 -37.64 -2.37
C SER C 183 23.93 -38.16 -0.95
N VAL C 184 23.59 -37.27 -0.01
CA VAL C 184 23.35 -37.67 1.39
C VAL C 184 22.18 -38.65 1.48
N VAL C 185 21.10 -38.44 0.72
CA VAL C 185 19.99 -39.39 0.65
C VAL C 185 20.44 -40.77 0.18
N ASP C 186 21.41 -40.88 -0.72
CA ASP C 186 21.96 -42.17 -1.14
C ASP C 186 22.81 -42.84 -0.05
N PHE C 187 23.67 -42.10 0.66
CA PHE C 187 24.48 -42.69 1.73
C PHE C 187 23.65 -43.23 2.90
N PHE C 188 22.52 -42.60 3.22
CA PHE C 188 21.61 -43.10 4.25
C PHE C 188 20.59 -44.12 3.74
N THR C 189 20.55 -44.43 2.44
CA THR C 189 19.69 -45.48 1.89
C THR C 189 20.46 -46.75 1.48
N VAL C 190 21.47 -46.61 0.62
CA VAL C 190 22.15 -47.77 0.03
C VAL C 190 22.98 -48.75 0.88
N PRO C 191 23.94 -48.26 1.68
CA PRO C 191 24.66 -49.29 2.45
C PRO C 191 23.77 -50.13 3.37
N PRO C 192 22.77 -49.51 4.06
CA PRO C 192 21.94 -50.38 4.92
C PRO C 192 21.30 -51.56 4.19
N VAL C 193 20.92 -51.38 2.92
CA VAL C 193 20.29 -52.49 2.19
C VAL C 193 21.31 -53.56 1.83
N PHE C 194 22.59 -53.23 1.55
CA PHE C 194 23.63 -54.26 1.43
C PHE C 194 23.78 -55.05 2.73
N VAL C 195 23.85 -54.37 3.88
CA VAL C 195 23.88 -55.04 5.19
C VAL C 195 22.66 -55.96 5.35
N SER C 196 21.47 -55.51 4.93
CA SER C 196 20.24 -56.28 5.05
C SER C 196 20.24 -57.57 4.24
N VAL C 197 20.75 -57.56 2.99
CA VAL C 197 20.82 -58.77 2.17
C VAL C 197 21.99 -59.67 2.56
N TYR C 198 23.08 -59.09 3.08
CA TYR C 198 24.20 -59.84 3.66
C TYR C 198 23.79 -60.62 4.92
N LEU C 199 23.10 -59.96 5.87
CA LEU C 199 22.56 -60.61 7.07
C LEU C 199 21.25 -61.37 6.82
N ASN C 200 20.68 -61.27 5.61
CA ASN C 200 19.36 -61.80 5.24
C ASN C 200 18.26 -61.39 6.23
N ARG C 201 18.20 -60.10 6.57
CA ARG C 201 17.35 -59.50 7.61
C ARG C 201 17.02 -58.05 7.26
N SER C 202 15.75 -57.75 6.98
CA SER C 202 15.32 -56.37 6.70
C SER C 202 15.49 -55.47 7.95
N TRP C 203 15.79 -54.19 7.73
CA TRP C 203 15.79 -53.16 8.77
C TRP C 203 14.99 -51.94 8.33
N LEU C 204 14.02 -51.54 9.13
CA LEU C 204 13.13 -50.41 8.85
C LEU C 204 13.74 -49.08 9.31
N GLY C 205 14.98 -48.82 8.87
CA GLY C 205 15.72 -47.62 9.23
C GLY C 205 15.30 -46.38 8.46
N LEU C 206 16.25 -45.50 8.15
CA LEU C 206 16.04 -44.20 7.50
C LEU C 206 15.55 -44.27 6.04
N ARG C 207 15.18 -45.44 5.46
CA ARG C 207 14.61 -45.55 4.11
C ARG C 207 13.53 -44.52 3.72
N PHE C 208 12.71 -44.08 4.67
CA PHE C 208 11.74 -43.01 4.38
C PHE C 208 12.40 -41.79 3.73
N LEU C 209 13.71 -41.57 3.88
CA LEU C 209 14.40 -40.46 3.23
C LEU C 209 14.31 -40.50 1.71
N ARG C 210 13.90 -41.64 1.15
CA ARG C 210 13.65 -41.73 -0.29
C ARG C 210 12.51 -40.75 -0.73
N ALA C 211 11.62 -40.37 0.18
CA ALA C 211 10.60 -39.36 -0.08
C ALA C 211 11.17 -37.98 -0.44
N LEU C 212 12.40 -37.68 -0.03
CA LEU C 212 13.07 -36.43 -0.36
C LEU C 212 13.43 -36.34 -1.86
N ARG C 213 13.35 -37.46 -2.61
CA ARG C 213 13.49 -37.49 -4.07
C ARG C 213 12.32 -36.86 -4.82
N LEU C 214 11.15 -36.68 -4.20
CA LEU C 214 10.00 -36.08 -4.86
C LEU C 214 10.22 -34.59 -5.20
N ILE C 215 11.18 -33.91 -4.55
CA ILE C 215 11.39 -32.45 -4.73
C ILE C 215 11.60 -32.09 -6.20
N GLN C 216 12.38 -32.88 -6.93
CA GLN C 216 12.67 -32.67 -8.35
C GLN C 216 11.60 -33.22 -9.32
N PHE C 217 10.40 -33.57 -8.86
CA PHE C 217 9.28 -33.97 -9.73
C PHE C 217 8.88 -32.92 -10.77
N SER C 218 9.14 -31.64 -10.52
CA SER C 218 8.93 -30.55 -11.48
C SER C 218 9.74 -30.75 -12.75
N GLU C 219 10.98 -31.27 -12.65
CA GLU C 219 11.84 -31.54 -13.80
C GLU C 219 11.19 -32.54 -14.75
N ILE C 220 10.56 -33.61 -14.21
CA ILE C 220 9.88 -34.61 -15.04
C ILE C 220 8.72 -33.94 -15.81
N LEU C 221 7.84 -33.19 -15.16
CA LEU C 221 6.73 -32.56 -15.87
C LEU C 221 7.18 -31.47 -16.85
N GLN C 222 8.31 -30.82 -16.59
CA GLN C 222 8.91 -29.84 -17.48
C GLN C 222 9.60 -30.49 -18.69
N PHE C 223 10.40 -31.54 -18.51
CA PHE C 223 11.03 -32.28 -19.62
C PHE C 223 9.99 -32.94 -20.52
N LEU C 224 8.91 -33.48 -19.96
CA LEU C 224 7.81 -34.05 -20.74
C LEU C 224 6.85 -32.97 -21.30
N ASN C 225 7.15 -31.68 -21.12
CA ASN C 225 6.33 -30.54 -21.57
C ASN C 225 4.86 -30.58 -21.10
N ILE C 226 4.58 -31.26 -19.99
CA ILE C 226 3.26 -31.27 -19.35
C ILE C 226 3.00 -29.95 -18.62
N LEU C 227 4.06 -29.36 -18.03
CA LEU C 227 3.98 -28.17 -17.19
C LEU C 227 4.47 -26.93 -17.96
N LYS C 228 3.63 -25.89 -17.98
CA LYS C 228 3.75 -24.71 -18.86
C LYS C 228 4.62 -23.59 -18.30
N THR C 229 4.01 -22.60 -17.66
CA THR C 229 4.66 -21.34 -17.26
C THR C 229 5.69 -21.55 -16.15
N SER C 230 6.72 -20.69 -16.10
CA SER C 230 7.68 -20.66 -14.98
C SER C 230 6.99 -20.48 -13.63
N ASN C 231 5.92 -19.67 -13.59
CA ASN C 231 5.01 -19.56 -12.46
C ASN C 231 4.43 -20.91 -12.00
N SER C 232 3.88 -21.72 -12.91
CA SER C 232 3.38 -23.05 -12.55
C SER C 232 4.50 -24.01 -12.12
N ILE C 233 5.72 -23.86 -12.65
CA ILE C 233 6.91 -24.60 -12.19
C ILE C 233 7.27 -24.22 -10.75
N LYS C 234 7.25 -22.93 -10.39
CA LYS C 234 7.45 -22.48 -9.00
C LYS C 234 6.36 -23.03 -8.08
N LEU C 235 5.09 -23.00 -8.50
CA LEU C 235 3.99 -23.55 -7.72
C LEU C 235 4.16 -25.05 -7.45
N VAL C 236 4.49 -25.85 -8.47
CA VAL C 236 4.70 -27.29 -8.29
C VAL C 236 5.97 -27.58 -7.48
N ASN C 237 7.02 -26.78 -7.61
CA ASN C 237 8.21 -26.89 -6.77
C ASN C 237 7.88 -26.70 -5.29
N LEU C 238 7.12 -25.64 -4.94
CA LEU C 238 6.66 -25.42 -3.57
C LEU C 238 5.77 -26.56 -3.08
N LEU C 239 4.78 -26.98 -3.87
CA LEU C 239 3.87 -28.04 -3.46
C LEU C 239 4.61 -29.37 -3.21
N SER C 240 5.60 -29.71 -4.01
CA SER C 240 6.37 -30.94 -3.81
C SER C 240 7.30 -30.86 -2.58
N ILE C 241 7.84 -29.68 -2.27
CA ILE C 241 8.59 -29.49 -1.03
C ILE C 241 7.71 -29.71 0.20
N PHE C 242 6.44 -29.29 0.17
CA PHE C 242 5.51 -29.58 1.27
C PHE C 242 5.26 -31.09 1.41
N ILE C 243 4.87 -31.80 0.35
CA ILE C 243 4.57 -33.24 0.45
C ILE C 243 5.79 -34.04 0.91
N SER C 244 6.96 -33.80 0.32
CA SER C 244 8.17 -34.53 0.70
C SER C 244 8.61 -34.23 2.14
N THR C 245 8.46 -32.99 2.61
CA THR C 245 8.77 -32.66 4.01
C THR C 245 7.79 -33.29 4.97
N TRP C 246 6.49 -33.31 4.66
CA TRP C 246 5.48 -33.96 5.47
C TRP C 246 5.76 -35.46 5.62
N LEU C 247 6.01 -36.16 4.52
CA LEU C 247 6.33 -37.59 4.56
C LEU C 247 7.66 -37.90 5.23
N THR C 248 8.64 -37.02 5.13
CA THR C 248 9.94 -37.17 5.83
C THR C 248 9.78 -37.01 7.33
N ALA C 249 9.15 -35.93 7.79
CA ALA C 249 8.95 -35.68 9.22
C ALA C 249 8.11 -36.79 9.86
N ALA C 250 7.09 -37.29 9.15
CA ALA C 250 6.34 -38.45 9.62
C ALA C 250 7.21 -39.70 9.77
N GLY C 251 8.23 -39.88 8.95
CA GLY C 251 9.19 -40.97 9.08
C GLY C 251 10.04 -40.85 10.34
N PHE C 252 10.53 -39.65 10.64
CA PHE C 252 11.29 -39.43 11.86
C PHE C 252 10.46 -39.67 13.11
N ILE C 253 9.22 -39.19 13.18
CA ILE C 253 8.33 -39.51 14.31
C ILE C 253 8.06 -41.00 14.39
N HIS C 254 7.81 -41.65 13.25
CA HIS C 254 7.56 -43.09 13.23
C HIS C 254 8.71 -43.85 13.88
N LEU C 255 9.92 -43.61 13.42
CA LEU C 255 11.13 -44.23 13.96
C LEU C 255 11.29 -43.95 15.46
N VAL C 256 11.17 -42.69 15.85
CA VAL C 256 11.43 -42.23 17.21
C VAL C 256 10.34 -42.65 18.21
N GLU C 257 9.11 -42.93 17.79
CA GLU C 257 8.07 -43.43 18.69
C GLU C 257 8.03 -44.96 18.76
N ASN C 258 8.27 -45.69 17.67
CA ASN C 258 8.27 -47.16 17.71
C ASN C 258 9.47 -47.75 18.47
N SER C 259 10.55 -46.99 18.63
CA SER C 259 11.66 -47.30 19.53
C SER C 259 11.58 -46.40 20.76
N GLY C 260 11.73 -46.92 21.96
CA GLY C 260 11.58 -46.07 23.17
C GLY C 260 12.72 -45.08 23.35
N ASP C 261 12.68 -44.30 24.42
CA ASP C 261 13.84 -43.54 24.88
C ASP C 261 14.94 -44.50 25.42
N PRO C 262 16.23 -44.30 25.12
CA PRO C 262 17.27 -45.22 25.54
C PRO C 262 17.50 -45.19 27.06
N TRP C 263 17.40 -44.03 27.70
CA TRP C 263 17.46 -43.92 29.17
C TRP C 263 16.29 -44.62 29.87
N GLU C 264 15.24 -44.96 29.14
CA GLU C 264 14.11 -45.75 29.64
C GLU C 264 14.24 -47.24 29.25
N ASN C 265 15.44 -47.69 28.91
CA ASN C 265 15.74 -49.03 28.40
C ASN C 265 14.92 -49.39 27.15
N PHE C 266 14.50 -48.41 26.36
CA PHE C 266 13.58 -48.57 25.24
C PHE C 266 12.20 -49.15 25.60
N GLN C 267 11.77 -49.09 26.87
CA GLN C 267 10.51 -49.69 27.32
C GLN C 267 9.27 -48.83 27.05
N ASN C 268 9.41 -47.50 26.98
CA ASN C 268 8.28 -46.58 26.79
C ASN C 268 7.88 -46.35 25.33
N ASN C 269 8.16 -47.27 24.43
CA ASN C 269 7.80 -47.13 23.01
C ASN C 269 6.28 -47.10 22.80
N GLN C 270 5.84 -46.59 21.65
CA GLN C 270 4.43 -46.53 21.27
C GLN C 270 4.24 -47.04 19.85
N ALA C 271 3.27 -47.93 19.64
CA ALA C 271 3.08 -48.64 18.37
C ALA C 271 2.32 -47.82 17.30
N LEU C 272 2.74 -46.58 17.05
CA LEU C 272 2.16 -45.77 15.97
C LEU C 272 2.45 -46.39 14.61
N THR C 273 1.45 -46.52 13.73
CA THR C 273 1.73 -46.81 12.32
C THR C 273 2.31 -45.58 11.62
N TYR C 274 2.88 -45.75 10.43
CA TYR C 274 3.38 -44.62 9.66
C TYR C 274 2.23 -43.65 9.30
N TRP C 275 1.06 -44.18 8.99
CA TRP C 275 -0.10 -43.36 8.66
C TRP C 275 -0.64 -42.59 9.86
N GLU C 276 -0.56 -43.12 11.08
CA GLU C 276 -0.85 -42.35 12.28
C GLU C 276 0.14 -41.22 12.47
N CYS C 277 1.41 -41.38 12.09
CA CYS C 277 2.38 -40.29 12.14
C CYS C 277 2.14 -39.23 11.07
N VAL C 278 1.72 -39.62 9.87
CA VAL C 278 1.32 -38.67 8.80
C VAL C 278 0.12 -37.85 9.24
N TYR C 279 -0.90 -38.50 9.81
CA TYR C 279 -2.08 -37.85 10.37
C TYR C 279 -1.73 -36.93 11.55
N LEU C 280 -0.93 -37.39 12.51
CA LEU C 280 -0.44 -36.57 13.62
C LEU C 280 0.25 -35.30 13.13
N LEU C 281 1.12 -35.38 12.13
CA LEU C 281 1.76 -34.21 11.58
C LEU C 281 0.73 -33.26 10.98
N MET C 282 -0.28 -33.74 10.27
CA MET C 282 -1.28 -32.85 9.69
C MET C 282 -2.17 -32.19 10.72
N VAL C 283 -2.66 -32.95 11.70
CA VAL C 283 -3.45 -32.45 12.81
C VAL C 283 -2.65 -31.47 13.67
N THR C 284 -1.33 -31.63 13.77
CA THR C 284 -0.47 -30.68 14.47
C THR C 284 -0.18 -29.44 13.66
N MET C 285 0.24 -29.55 12.39
CA MET C 285 0.67 -28.38 11.62
C MET C 285 -0.47 -27.48 11.18
N SER C 286 -1.68 -28.00 11.02
CA SER C 286 -2.90 -27.19 10.91
C SER C 286 -3.28 -26.50 12.23
N THR C 287 -2.61 -26.82 13.34
CA THR C 287 -2.86 -26.38 14.71
C THR C 287 -4.20 -26.81 15.30
N VAL C 288 -4.85 -27.82 14.73
CA VAL C 288 -6.06 -28.43 15.31
C VAL C 288 -5.71 -29.12 16.62
N GLY C 289 -4.79 -30.09 16.59
CA GLY C 289 -4.30 -30.79 17.77
C GLY C 289 -5.38 -31.48 18.59
N TYR C 290 -6.10 -32.47 18.05
CA TYR C 290 -7.11 -33.19 18.83
C TYR C 290 -6.54 -33.89 20.06
N GLY C 291 -5.34 -34.43 19.97
CA GLY C 291 -4.77 -35.25 21.05
C GLY C 291 -5.37 -36.65 21.14
N ASP C 292 -6.04 -37.13 20.08
CA ASP C 292 -6.37 -38.56 19.95
C ASP C 292 -5.12 -39.39 19.70
N VAL C 293 -4.16 -38.82 18.96
CA VAL C 293 -2.80 -39.29 18.75
C VAL C 293 -1.86 -38.14 19.10
N TYR C 294 -0.77 -38.42 19.80
CA TYR C 294 0.31 -37.48 20.12
C TYR C 294 1.57 -38.26 20.46
N ALA C 295 2.73 -37.60 20.42
CA ALA C 295 4.00 -38.23 20.73
C ALA C 295 4.21 -38.39 22.26
N LYS C 296 4.48 -39.60 22.74
CA LYS C 296 4.65 -39.89 24.17
C LYS C 296 6.09 -40.01 24.61
N THR C 297 7.03 -40.40 23.75
CA THR C 297 8.43 -40.51 24.16
C THR C 297 9.07 -39.14 24.34
N THR C 298 10.15 -39.05 25.10
CA THR C 298 10.86 -37.79 25.32
C THR C 298 11.48 -37.30 24.03
N LEU C 299 12.08 -38.19 23.25
CA LEU C 299 12.59 -37.84 21.92
C LEU C 299 11.47 -37.38 20.98
N GLY C 300 10.33 -38.06 20.94
CA GLY C 300 9.20 -37.65 20.11
C GLY C 300 8.70 -36.25 20.48
N ARG C 301 8.62 -35.93 21.77
CA ARG C 301 8.26 -34.58 22.20
C ARG C 301 9.29 -33.54 21.80
N LEU C 302 10.59 -33.85 21.86
CA LEU C 302 11.63 -32.96 21.34
C LEU C 302 11.48 -32.74 19.84
N PHE C 303 11.21 -33.79 19.06
CA PHE C 303 10.97 -33.66 17.63
C PHE C 303 9.71 -32.84 17.36
N MET C 304 8.59 -33.06 18.05
CA MET C 304 7.39 -32.25 17.83
C MET C 304 7.62 -30.78 18.17
N VAL C 305 8.36 -30.45 19.22
CA VAL C 305 8.71 -29.05 19.50
C VAL C 305 9.53 -28.45 18.36
N PHE C 306 10.47 -29.19 17.81
CA PHE C 306 11.22 -28.74 16.64
C PHE C 306 10.32 -28.59 15.40
N PHE C 307 9.50 -29.57 15.06
CA PHE C 307 8.62 -29.49 13.90
C PHE C 307 7.54 -28.43 14.03
N ILE C 308 7.03 -28.13 15.22
CA ILE C 308 6.13 -27.01 15.43
C ILE C 308 6.87 -25.68 15.21
N LEU C 309 8.04 -25.49 15.80
CA LEU C 309 8.81 -24.24 15.69
C LEU C 309 9.43 -24.00 14.31
N GLY C 310 9.82 -25.06 13.60
CA GLY C 310 10.38 -24.97 12.26
C GLY C 310 9.32 -25.01 11.17
N GLY C 311 8.25 -25.76 11.37
CA GLY C 311 7.15 -25.89 10.43
C GLY C 311 6.32 -24.61 10.35
N LEU C 312 5.82 -24.13 11.48
CA LEU C 312 5.30 -22.76 11.56
C LEU C 312 6.46 -21.77 11.51
N ALA C 313 6.19 -20.50 11.24
CA ALA C 313 7.13 -19.39 11.44
C ALA C 313 8.51 -19.49 10.74
N MET C 314 8.74 -20.47 9.85
CA MET C 314 9.94 -20.53 9.01
C MET C 314 9.67 -21.29 7.71
N PHE C 315 9.18 -22.52 7.78
CA PHE C 315 8.87 -23.32 6.59
C PHE C 315 7.54 -22.89 5.95
N ALA C 316 6.46 -22.81 6.71
CA ALA C 316 5.34 -21.92 6.41
C ALA C 316 5.74 -20.47 6.76
N SER C 317 4.83 -19.51 6.62
CA SER C 317 5.15 -18.06 6.69
C SER C 317 6.12 -17.58 5.60
N TYR C 318 6.07 -18.24 4.44
CA TYR C 318 6.41 -17.65 3.16
C TYR C 318 5.50 -16.46 2.81
N VAL C 319 5.92 -15.66 1.84
CA VAL C 319 5.07 -14.74 1.07
C VAL C 319 4.95 -15.09 -0.43
N PRO C 320 5.90 -15.77 -1.13
CA PRO C 320 5.70 -16.00 -2.55
C PRO C 320 4.58 -17.00 -2.88
N GLU C 321 4.07 -17.78 -1.93
CA GLU C 321 2.97 -18.69 -2.23
C GLU C 321 1.66 -17.97 -2.59
N ILE C 322 1.48 -16.71 -2.18
CA ILE C 322 0.36 -15.88 -2.67
C ILE C 322 0.72 -15.10 -3.95
N ILE C 323 1.97 -14.61 -4.07
CA ILE C 323 2.36 -13.87 -5.29
C ILE C 323 2.32 -14.78 -6.54
N GLU C 324 2.78 -16.02 -6.40
CA GLU C 324 2.67 -17.00 -7.48
C GLU C 324 1.21 -17.42 -7.71
N LEU C 325 0.36 -17.47 -6.68
CA LEU C 325 -1.04 -17.82 -6.86
C LEU C 325 -1.78 -16.77 -7.69
N ILE C 326 -1.61 -15.48 -7.40
CA ILE C 326 -2.18 -14.41 -8.25
C ILE C 326 -1.44 -14.27 -9.59
N GLY C 327 -0.13 -14.56 -9.65
CA GLY C 327 0.64 -14.60 -10.89
C GLY C 327 0.13 -15.64 -11.90
N ASN C 328 -0.48 -16.72 -11.42
CA ASN C 328 -1.18 -17.71 -12.26
C ASN C 328 -2.47 -17.17 -12.89
N ARG C 329 -3.08 -16.12 -12.30
CA ARG C 329 -4.36 -15.53 -12.75
C ARG C 329 -4.22 -14.39 -13.76
N LYS C 330 -3.09 -13.67 -13.78
CA LYS C 330 -2.88 -12.54 -14.72
C LYS C 330 -2.73 -12.95 -16.19
N LYS C 331 -2.28 -14.17 -16.48
CA LYS C 331 -1.76 -14.53 -17.80
C LYS C 331 -2.89 -14.72 -18.83
N TYR C 332 -2.99 -13.79 -19.77
CA TYR C 332 -3.85 -13.91 -20.96
C TYR C 332 -3.12 -14.64 -22.09
N GLY C 333 -3.14 -15.95 -21.99
CA GLY C 333 -2.86 -16.87 -23.09
C GLY C 333 -1.40 -16.96 -23.55
N GLY C 334 -1.18 -17.78 -24.55
CA GLY C 334 0.11 -18.06 -25.17
C GLY C 334 0.01 -18.13 -26.68
N SER C 335 -0.52 -19.24 -27.21
CA SER C 335 -0.62 -19.38 -28.65
C SER C 335 -2.08 -19.44 -29.08
N TYR C 336 -2.34 -19.00 -30.31
CA TYR C 336 -3.69 -19.02 -30.84
C TYR C 336 -3.79 -20.20 -31.78
N SER C 337 -4.23 -21.36 -31.26
CA SER C 337 -4.38 -22.56 -32.08
C SER C 337 -5.27 -22.20 -33.26
N ALA C 338 -4.67 -22.00 -34.43
CA ALA C 338 -5.45 -21.58 -35.59
C ALA C 338 -6.15 -22.81 -36.15
N VAL C 339 -7.48 -22.84 -36.15
CA VAL C 339 -8.21 -24.01 -36.63
C VAL C 339 -8.51 -23.85 -38.15
N SER C 340 -8.38 -24.93 -38.92
CA SER C 340 -8.57 -24.87 -40.38
C SER C 340 -10.04 -24.63 -40.76
N GLY C 341 -10.29 -24.11 -41.97
CA GLY C 341 -11.63 -23.78 -42.48
C GLY C 341 -12.19 -22.46 -41.95
N ARG C 342 -11.99 -22.12 -40.66
CA ARG C 342 -12.31 -20.78 -40.15
C ARG C 342 -11.38 -19.73 -40.74
N LYS C 343 -11.96 -18.60 -41.16
CA LYS C 343 -11.25 -17.36 -41.38
C LYS C 343 -10.76 -16.82 -40.03
N HIS C 344 -9.88 -15.82 -40.09
CA HIS C 344 -9.14 -15.30 -38.95
C HIS C 344 -8.90 -13.80 -39.17
N ILE C 345 -8.77 -12.99 -38.13
CA ILE C 345 -8.41 -11.56 -38.21
C ILE C 345 -7.66 -11.16 -36.94
N VAL C 346 -6.78 -10.17 -36.99
CA VAL C 346 -6.05 -9.69 -35.80
C VAL C 346 -6.30 -8.21 -35.57
N VAL C 347 -6.68 -7.83 -34.36
CA VAL C 347 -6.95 -6.43 -34.00
C VAL C 347 -5.97 -5.94 -32.96
N CYS C 348 -5.40 -4.75 -33.17
CA CYS C 348 -4.37 -4.18 -32.31
C CYS C 348 -4.39 -2.65 -32.31
N GLY C 349 -3.40 -2.01 -31.73
CA GLY C 349 -3.41 -0.56 -31.48
C GLY C 349 -4.11 -0.24 -30.17
N HIS C 350 -4.78 0.91 -30.11
CA HIS C 350 -5.44 1.33 -28.89
C HIS C 350 -6.75 0.59 -28.64
N ILE C 351 -6.71 -0.60 -28.07
CA ILE C 351 -7.91 -1.39 -27.75
C ILE C 351 -8.29 -1.22 -26.28
N THR C 352 -9.47 -0.68 -26.06
CA THR C 352 -10.07 -0.34 -24.76
C THR C 352 -11.58 -0.26 -24.94
N LEU C 353 -12.36 -0.24 -23.86
CA LEU C 353 -13.82 -0.35 -23.95
C LEU C 353 -14.44 0.67 -24.91
N GLU C 354 -14.01 1.93 -24.88
CA GLU C 354 -14.54 2.98 -25.75
C GLU C 354 -14.12 2.84 -27.23
N SER C 355 -13.12 2.03 -27.56
CA SER C 355 -12.72 1.77 -28.95
C SER C 355 -13.26 0.43 -29.48
N VAL C 356 -13.19 -0.65 -28.71
CA VAL C 356 -13.62 -1.97 -29.21
C VAL C 356 -15.13 -2.14 -29.22
N SER C 357 -15.88 -1.47 -28.34
CA SER C 357 -17.31 -1.75 -28.18
C SER C 357 -18.14 -1.42 -29.41
N ASN C 358 -17.90 -0.28 -30.07
CA ASN C 358 -18.57 0.05 -31.34
C ASN C 358 -18.11 -0.83 -32.50
N PHE C 359 -16.85 -1.30 -32.48
CA PHE C 359 -16.34 -2.21 -33.49
C PHE C 359 -16.99 -3.59 -33.37
N LEU C 360 -16.94 -4.20 -32.18
CA LEU C 360 -17.48 -5.53 -31.93
C LEU C 360 -18.97 -5.62 -32.24
N LYS C 361 -19.79 -4.68 -31.77
CA LYS C 361 -21.24 -4.77 -32.02
C LYS C 361 -21.63 -4.61 -33.48
N ASP C 362 -20.75 -4.10 -34.34
CA ASP C 362 -20.97 -4.14 -35.78
C ASP C 362 -20.35 -5.40 -36.41
N PHE C 363 -19.10 -5.71 -36.10
CA PHE C 363 -18.48 -6.91 -36.69
C PHE C 363 -19.24 -8.21 -36.40
N LEU C 364 -19.64 -8.38 -35.15
CA LEU C 364 -20.41 -9.53 -34.70
C LEU C 364 -21.93 -9.32 -34.77
N HIS C 365 -22.39 -8.34 -35.55
CA HIS C 365 -23.82 -8.04 -35.69
C HIS C 365 -24.57 -9.19 -36.34
N LYS C 366 -25.78 -9.47 -35.87
CA LYS C 366 -26.55 -10.67 -36.25
C LYS C 366 -27.08 -10.64 -37.68
N ASP C 367 -27.31 -9.44 -38.22
CA ASP C 367 -28.01 -9.29 -39.50
C ASP C 367 -27.16 -9.62 -40.73
N ARG C 368 -25.84 -9.53 -40.63
CA ARG C 368 -25.03 -9.80 -41.81
C ARG C 368 -25.09 -11.25 -42.27
N ASP C 369 -24.85 -12.17 -41.33
CA ASP C 369 -24.75 -13.64 -41.56
C ASP C 369 -24.31 -14.28 -40.23
N ASP C 370 -24.27 -15.60 -40.16
CA ASP C 370 -23.83 -16.29 -38.96
C ASP C 370 -22.47 -16.95 -39.23
N VAL C 371 -21.50 -16.14 -39.64
CA VAL C 371 -20.16 -16.63 -39.97
C VAL C 371 -19.14 -16.32 -38.85
N ASN C 372 -18.06 -17.09 -38.81
CA ASN C 372 -17.02 -16.91 -37.81
C ASN C 372 -15.69 -16.42 -38.43
N VAL C 373 -15.26 -15.19 -38.12
CA VAL C 373 -14.02 -14.65 -38.67
C VAL C 373 -13.08 -14.02 -37.64
N GLU C 374 -13.63 -13.07 -36.87
CA GLU C 374 -12.90 -12.43 -35.86
C GLU C 374 -12.63 -13.25 -34.63
N ILE C 375 -11.38 -13.64 -34.38
CA ILE C 375 -11.10 -14.47 -33.22
C ILE C 375 -9.89 -14.09 -32.35
N VAL C 376 -9.27 -12.92 -32.53
CA VAL C 376 -8.09 -12.59 -31.73
C VAL C 376 -7.75 -11.10 -31.55
N PHE C 377 -7.26 -10.73 -30.37
CA PHE C 377 -6.82 -9.36 -30.07
C PHE C 377 -5.41 -9.38 -29.43
N LEU C 378 -4.62 -8.32 -29.63
CA LEU C 378 -3.30 -8.23 -29.02
C LEU C 378 -3.03 -6.75 -28.66
N HIS C 379 -2.37 -6.52 -27.52
CA HIS C 379 -2.06 -5.20 -27.00
C HIS C 379 -1.03 -5.44 -25.89
N ASN C 380 -0.18 -4.45 -25.62
CA ASN C 380 0.84 -4.60 -24.59
C ASN C 380 0.31 -4.57 -23.16
N ILE C 381 -0.90 -4.06 -22.96
CA ILE C 381 -1.48 -4.00 -21.63
C ILE C 381 -2.55 -5.08 -21.38
N SER C 382 -2.69 -5.52 -20.13
CA SER C 382 -3.70 -6.53 -19.78
C SER C 382 -5.13 -5.95 -19.80
N PRO C 383 -6.16 -6.74 -20.16
CA PRO C 383 -7.51 -6.27 -20.43
C PRO C 383 -8.34 -6.14 -19.15
N ASN C 384 -7.86 -5.38 -18.17
CA ASN C 384 -8.54 -5.14 -16.90
C ASN C 384 -9.87 -4.39 -17.05
N LEU C 385 -10.61 -4.24 -15.94
CA LEU C 385 -11.90 -3.56 -15.81
C LEU C 385 -13.01 -4.09 -16.73
N GLU C 386 -14.10 -3.34 -16.90
CA GLU C 386 -15.24 -3.65 -17.77
C GLU C 386 -14.84 -3.71 -19.26
N LEU C 387 -14.15 -4.79 -19.63
CA LEU C 387 -13.64 -5.06 -20.96
C LEU C 387 -13.54 -6.57 -21.15
N GLU C 388 -12.96 -7.27 -20.18
CA GLU C 388 -13.02 -8.73 -20.13
C GLU C 388 -14.47 -9.24 -20.12
N ALA C 389 -15.39 -8.54 -19.47
CA ALA C 389 -16.82 -8.79 -19.50
C ALA C 389 -17.41 -8.76 -20.92
N LEU C 390 -16.99 -7.80 -21.74
CA LEU C 390 -17.39 -7.71 -23.15
C LEU C 390 -16.80 -8.85 -23.99
N PHE C 391 -15.63 -9.36 -23.61
CA PHE C 391 -15.10 -10.61 -24.17
C PHE C 391 -15.90 -11.83 -23.71
N LYS C 392 -16.35 -11.90 -22.44
CA LYS C 392 -17.21 -13.01 -21.96
C LYS C 392 -18.50 -13.11 -22.78
N ARG C 393 -19.13 -11.96 -23.07
CA ARG C 393 -20.33 -11.87 -23.91
C ARG C 393 -20.17 -12.40 -25.34
N HIS C 394 -18.93 -12.65 -25.79
CA HIS C 394 -18.61 -13.17 -27.12
C HIS C 394 -17.59 -14.33 -27.10
N PHE C 395 -17.57 -15.11 -26.00
CA PHE C 395 -16.55 -16.11 -25.66
C PHE C 395 -16.00 -16.95 -26.83
N THR C 396 -16.87 -17.45 -27.71
CA THR C 396 -16.50 -18.37 -28.80
C THR C 396 -15.76 -17.72 -29.98
N GLN C 397 -15.76 -16.43 -30.06
CA GLN C 397 -15.04 -15.84 -31.14
C GLN C 397 -14.63 -14.46 -30.73
N VAL C 398 -13.61 -14.32 -29.84
CA VAL C 398 -12.86 -13.12 -29.46
C VAL C 398 -11.39 -13.36 -29.08
N GLU C 399 -11.11 -14.26 -28.14
CA GLU C 399 -9.76 -14.62 -27.64
C GLU C 399 -8.70 -13.48 -27.63
N PHE C 400 -8.72 -12.61 -26.63
CA PHE C 400 -7.60 -11.71 -26.37
C PHE C 400 -6.31 -12.47 -26.01
N TYR C 401 -5.16 -12.01 -26.47
CA TYR C 401 -3.83 -12.50 -26.08
C TYR C 401 -2.92 -11.34 -25.68
N GLN C 402 -2.19 -11.43 -24.57
CA GLN C 402 -1.26 -10.36 -24.19
C GLN C 402 0.07 -10.48 -24.95
N GLY C 403 0.48 -9.40 -25.60
CA GLY C 403 1.69 -9.30 -26.41
C GLY C 403 1.72 -8.00 -27.22
N SER C 404 2.87 -7.59 -27.72
CA SER C 404 3.06 -6.33 -28.43
C SER C 404 3.33 -6.51 -29.92
N VAL C 405 2.57 -5.83 -30.77
CA VAL C 405 2.68 -5.92 -32.24
C VAL C 405 4.02 -5.40 -32.79
N LEU C 406 4.85 -4.75 -31.97
CA LEU C 406 6.22 -4.39 -32.34
C LEU C 406 7.20 -5.58 -32.28
N ASN C 407 6.82 -6.71 -31.67
CA ASN C 407 7.69 -7.85 -31.44
C ASN C 407 7.35 -9.01 -32.39
N PRO C 408 8.28 -9.49 -33.24
CA PRO C 408 7.96 -10.51 -34.23
C PRO C 408 7.66 -11.88 -33.61
N HIS C 409 8.05 -12.14 -32.37
CA HIS C 409 7.63 -13.36 -31.67
C HIS C 409 6.14 -13.30 -31.34
N ASP C 410 5.61 -12.13 -30.98
CA ASP C 410 4.18 -11.96 -30.73
C ASP C 410 3.36 -11.96 -32.02
N LEU C 411 3.88 -11.42 -33.13
CA LEU C 411 3.28 -11.61 -34.45
C LEU C 411 3.24 -13.09 -34.83
N ALA C 412 4.31 -13.83 -34.55
CA ALA C 412 4.36 -15.27 -34.77
C ALA C 412 3.41 -16.05 -33.86
N ARG C 413 3.13 -15.59 -32.65
CA ARG C 413 2.14 -16.32 -31.86
C ARG C 413 0.76 -16.17 -32.54
N VAL C 414 0.30 -14.93 -32.63
CA VAL C 414 -1.05 -14.77 -33.21
C VAL C 414 -1.15 -15.13 -34.70
N LYS C 415 -0.21 -15.86 -35.28
CA LYS C 415 -0.27 -16.43 -36.63
C LYS C 415 -0.54 -15.41 -37.74
N ILE C 416 0.20 -14.32 -37.73
CA ILE C 416 0.06 -13.29 -38.75
C ILE C 416 0.23 -13.85 -40.17
N GLU C 417 1.00 -14.93 -40.33
CA GLU C 417 1.16 -15.58 -41.64
C GLU C 417 -0.16 -15.85 -42.40
N SER C 418 -1.21 -16.31 -41.72
CA SER C 418 -2.49 -16.60 -42.37
C SER C 418 -3.66 -15.89 -41.69
N ALA C 419 -3.40 -14.72 -41.13
CA ALA C 419 -4.41 -13.93 -40.45
C ALA C 419 -5.39 -13.14 -41.32
N ASP C 420 -5.41 -13.31 -42.65
CA ASP C 420 -6.26 -12.57 -43.61
C ASP C 420 -6.08 -11.04 -43.62
N ALA C 421 -6.48 -10.34 -42.55
CA ALA C 421 -6.26 -8.92 -42.35
C ALA C 421 -5.87 -8.57 -40.92
N CYS C 422 -5.17 -7.45 -40.76
CA CYS C 422 -4.89 -6.84 -39.47
C CYS C 422 -5.52 -5.44 -39.37
N LEU C 423 -6.22 -5.17 -38.28
CA LEU C 423 -6.88 -3.90 -38.01
C LEU C 423 -6.15 -3.15 -36.92
N ILE C 424 -5.76 -1.90 -37.17
CA ILE C 424 -5.05 -1.07 -36.20
C ILE C 424 -5.93 0.11 -35.79
N LEU C 425 -6.30 0.18 -34.51
CA LEU C 425 -7.16 1.23 -33.96
C LEU C 425 -6.34 2.37 -33.34
N ALA C 426 -6.72 3.61 -33.57
CA ALA C 426 -6.00 4.77 -33.05
C ALA C 426 -6.57 5.26 -31.71
N ASN C 427 -5.74 5.90 -30.89
CA ASN C 427 -6.22 6.64 -29.73
C ASN C 427 -6.75 8.02 -30.15
N LYS C 428 -8.04 8.11 -30.48
CA LYS C 428 -8.73 9.32 -30.96
C LYS C 428 -8.56 10.54 -30.05
N TYR C 429 -8.25 10.33 -28.77
CA TYR C 429 -8.17 11.36 -27.74
C TYR C 429 -6.73 11.66 -27.30
N CYS C 430 -5.73 11.26 -28.09
CA CYS C 430 -4.32 11.47 -27.75
C CYS C 430 -3.88 12.94 -27.80
N ALA C 431 -2.86 13.28 -27.01
CA ALA C 431 -2.28 14.61 -26.91
C ALA C 431 -1.42 15.03 -28.13
N ASP C 432 -1.02 14.08 -28.96
CA ASP C 432 -0.21 14.45 -30.11
C ASP C 432 -0.58 13.58 -31.33
N PRO C 433 -1.44 14.12 -32.23
CA PRO C 433 -1.86 13.37 -33.42
C PRO C 433 -0.77 12.83 -34.36
N ASP C 434 0.29 13.59 -34.50
CA ASP C 434 1.42 13.23 -35.37
C ASP C 434 2.27 12.12 -34.76
N ALA C 435 2.44 12.12 -33.44
CA ALA C 435 3.08 11.00 -32.75
C ALA C 435 2.24 9.73 -32.84
N GLU C 436 0.92 9.82 -32.69
CA GLU C 436 0.02 8.68 -32.88
C GLU C 436 0.16 8.10 -34.27
N ASP C 437 0.05 8.90 -35.32
CA ASP C 437 0.11 8.33 -36.66
C ASP C 437 1.50 7.77 -36.97
N ALA C 438 2.59 8.41 -36.55
CA ALA C 438 3.90 7.80 -36.64
C ALA C 438 3.98 6.48 -35.88
N SER C 439 3.44 6.41 -34.65
CA SER C 439 3.37 5.17 -33.87
C SER C 439 2.59 4.09 -34.62
N ASN C 440 1.43 4.41 -35.16
CA ASN C 440 0.66 3.41 -35.89
C ASN C 440 1.34 3.03 -37.20
N ILE C 441 2.11 3.91 -37.84
CA ILE C 441 2.95 3.52 -38.97
C ILE C 441 4.08 2.60 -38.52
N MET C 442 4.68 2.78 -37.32
CA MET C 442 5.62 1.80 -36.77
C MET C 442 4.98 0.42 -36.68
N ARG C 443 3.72 0.35 -36.21
CA ARG C 443 2.99 -0.93 -36.19
C ARG C 443 2.79 -1.46 -37.60
N VAL C 444 2.40 -0.64 -38.58
CA VAL C 444 2.24 -1.10 -39.96
C VAL C 444 3.54 -1.67 -40.52
N ILE C 445 4.66 -0.96 -40.38
CA ILE C 445 5.93 -1.47 -40.89
C ILE C 445 6.38 -2.69 -40.11
N SER C 446 6.19 -2.76 -38.78
CA SER C 446 6.43 -3.98 -38.02
C SER C 446 5.70 -5.18 -38.61
N ILE C 447 4.40 -5.05 -38.88
CA ILE C 447 3.60 -6.14 -39.44
C ILE C 447 4.03 -6.48 -40.85
N LYS C 448 4.23 -5.50 -41.74
CA LYS C 448 4.64 -5.75 -43.13
C LYS C 448 6.06 -6.33 -43.23
N ASN C 449 6.96 -5.88 -42.37
CA ASN C 449 8.33 -6.39 -42.23
C ASN C 449 8.33 -7.87 -41.83
N TYR C 450 7.44 -8.27 -40.92
CA TYR C 450 7.25 -9.68 -40.58
C TYR C 450 6.59 -10.51 -41.69
N HIS C 451 5.52 -9.97 -42.31
CA HIS C 451 4.73 -10.62 -43.40
C HIS C 451 4.31 -9.67 -44.58
N PRO C 452 4.85 -9.89 -45.82
CA PRO C 452 4.50 -8.97 -46.90
C PRO C 452 3.01 -8.89 -47.26
N LYS C 453 2.29 -10.01 -47.26
CA LYS C 453 1.00 -10.15 -47.96
C LYS C 453 -0.25 -10.05 -47.10
N ILE C 454 -0.14 -9.81 -45.79
CA ILE C 454 -1.31 -9.53 -44.96
C ILE C 454 -1.93 -8.20 -45.36
N ARG C 455 -3.28 -8.16 -45.42
CA ARG C 455 -4.06 -6.94 -45.63
C ARG C 455 -4.08 -6.08 -44.37
N ILE C 456 -3.88 -4.78 -44.46
CA ILE C 456 -3.90 -3.90 -43.28
C ILE C 456 -4.90 -2.77 -43.45
N ILE C 457 -5.74 -2.56 -42.43
CA ILE C 457 -6.65 -1.41 -42.31
C ILE C 457 -6.27 -0.63 -41.06
N THR C 458 -6.06 0.69 -41.17
CA THR C 458 -5.59 1.51 -40.05
C THR C 458 -6.31 2.83 -39.92
N GLN C 459 -6.58 3.30 -38.70
CA GLN C 459 -7.07 4.65 -38.46
C GLN C 459 -5.91 5.65 -38.43
N MET C 460 -6.02 6.76 -39.15
CA MET C 460 -5.09 7.88 -39.08
C MET C 460 -5.80 9.10 -38.49
N LEU C 461 -5.17 9.81 -37.57
CA LEU C 461 -5.76 11.00 -36.98
C LEU C 461 -5.59 12.25 -37.85
N GLN C 462 -4.52 12.31 -38.65
CA GLN C 462 -4.24 13.46 -39.52
C GLN C 462 -4.13 13.06 -41.02
N TYR C 463 -4.46 13.97 -41.94
CA TYR C 463 -4.44 13.61 -43.37
C TYR C 463 -3.03 13.41 -43.92
N HIS C 464 -2.12 14.35 -43.64
CA HIS C 464 -0.74 14.28 -44.17
C HIS C 464 0.01 12.96 -43.92
N ASN C 465 -0.20 12.38 -42.75
CA ASN C 465 0.44 11.12 -42.40
C ASN C 465 0.04 9.95 -43.30
N LYS C 466 -1.03 10.04 -44.09
CA LYS C 466 -1.32 9.02 -45.11
C LYS C 466 -0.28 8.94 -46.22
N ALA C 467 0.50 10.00 -46.46
CA ALA C 467 1.59 9.96 -47.43
C ALA C 467 2.68 8.98 -47.00
N HIS C 468 3.02 9.02 -45.71
CA HIS C 468 4.05 8.15 -45.13
C HIS C 468 3.77 6.65 -45.29
N LEU C 469 2.49 6.29 -45.26
CA LEU C 469 2.01 4.93 -45.44
C LEU C 469 2.25 4.38 -46.86
N LEU C 470 2.43 5.26 -47.85
CA LEU C 470 2.72 4.90 -49.23
C LEU C 470 4.22 4.68 -49.49
N ASN C 471 5.10 5.10 -48.57
CA ASN C 471 6.55 4.85 -48.65
C ASN C 471 6.92 3.39 -48.39
N ILE C 472 6.12 2.65 -47.62
CA ILE C 472 6.36 1.25 -47.27
C ILE C 472 6.29 0.41 -48.56
N PRO C 473 7.33 -0.34 -48.91
CA PRO C 473 7.40 -0.98 -50.22
C PRO C 473 6.41 -2.13 -50.38
N SER C 474 6.02 -2.76 -49.27
CA SER C 474 5.11 -3.91 -49.25
C SER C 474 3.64 -3.53 -49.00
N TRP C 475 3.29 -2.26 -49.14
CA TRP C 475 1.94 -1.73 -49.03
C TRP C 475 1.35 -1.50 -50.41
N ASN C 476 0.15 -2.01 -50.72
CA ASN C 476 -0.49 -1.66 -51.98
C ASN C 476 -2.02 -1.61 -51.89
N TRP C 477 -2.57 -0.42 -52.06
CA TRP C 477 -4.01 -0.17 -51.98
C TRP C 477 -4.79 -0.87 -53.09
N LYS C 478 -4.13 -1.20 -54.21
CA LYS C 478 -4.70 -2.05 -55.26
C LYS C 478 -5.03 -3.48 -54.81
N GLU C 479 -4.54 -3.91 -53.65
CA GLU C 479 -4.85 -5.22 -53.04
C GLU C 479 -5.53 -5.08 -51.67
N GLY C 480 -6.12 -3.92 -51.39
CA GLY C 480 -7.00 -3.72 -50.24
C GLY C 480 -6.34 -3.29 -48.93
N ASP C 481 -5.06 -2.90 -48.93
CA ASP C 481 -4.50 -2.12 -47.82
C ASP C 481 -5.06 -0.70 -47.85
N ASP C 482 -5.59 -0.15 -46.75
CA ASP C 482 -6.05 1.24 -46.73
C ASP C 482 -6.08 1.89 -45.34
N ALA C 483 -6.10 3.23 -45.34
CA ALA C 483 -6.16 4.02 -44.13
C ALA C 483 -7.44 4.86 -44.09
N ILE C 484 -8.14 4.78 -42.98
CA ILE C 484 -9.32 5.56 -42.67
C ILE C 484 -8.85 6.80 -41.93
N CYS C 485 -8.68 7.93 -42.63
CA CYS C 485 -8.29 9.16 -41.97
C CYS C 485 -9.49 9.82 -41.29
N LEU C 486 -9.48 9.90 -39.96
CA LEU C 486 -10.60 10.44 -39.21
C LEU C 486 -10.81 11.92 -39.44
N ALA C 487 -9.75 12.74 -39.50
CA ALA C 487 -9.91 14.17 -39.80
C ALA C 487 -10.47 14.40 -41.20
N GLU C 488 -10.00 13.66 -42.21
CA GLU C 488 -10.49 13.76 -43.58
C GLU C 488 -11.97 13.43 -43.66
N LEU C 489 -12.40 12.30 -43.13
CA LEU C 489 -13.80 11.89 -43.21
C LEU C 489 -14.70 12.75 -42.33
N LYS C 490 -14.30 13.07 -41.10
CA LYS C 490 -15.08 13.92 -40.21
C LYS C 490 -15.37 15.27 -40.83
N LEU C 491 -14.34 15.99 -41.26
CA LEU C 491 -14.53 17.32 -41.85
C LEU C 491 -15.13 17.23 -43.24
N GLY C 492 -14.92 16.14 -43.96
CA GLY C 492 -15.58 15.90 -45.23
C GLY C 492 -17.09 15.70 -45.10
N PHE C 493 -17.56 14.94 -44.12
CA PHE C 493 -19.00 14.74 -43.93
C PHE C 493 -19.67 16.06 -43.57
N ILE C 494 -19.07 16.82 -42.67
CA ILE C 494 -19.52 18.17 -42.32
C ILE C 494 -19.52 19.07 -43.56
N ALA C 495 -18.48 19.07 -44.38
CA ALA C 495 -18.43 19.87 -45.58
C ALA C 495 -19.57 19.53 -46.55
N GLN C 496 -19.84 18.26 -46.82
CA GLN C 496 -20.95 17.92 -47.69
C GLN C 496 -22.30 18.23 -47.05
N SER C 497 -22.44 18.18 -45.72
CA SER C 497 -23.65 18.68 -45.05
C SER C 497 -23.86 20.19 -45.22
N CYS C 498 -22.84 20.99 -45.46
CA CYS C 498 -23.03 22.41 -45.83
C CYS C 498 -23.66 22.59 -47.22
N LEU C 499 -23.64 21.56 -48.06
CA LEU C 499 -24.31 21.56 -49.36
C LEU C 499 -25.74 21.00 -49.26
N ALA C 500 -25.95 20.02 -48.40
CA ALA C 500 -27.26 19.45 -48.11
C ALA C 500 -27.33 18.97 -46.65
N GLN C 501 -28.01 19.69 -45.77
CA GLN C 501 -28.14 19.30 -44.36
C GLN C 501 -28.62 17.86 -44.22
N GLY C 502 -28.13 17.14 -43.22
CA GLY C 502 -28.55 15.76 -42.96
C GLY C 502 -27.76 14.72 -43.73
N LEU C 503 -27.00 15.10 -44.74
CA LEU C 503 -26.19 14.15 -45.50
C LEU C 503 -25.17 13.43 -44.63
N SER C 504 -24.55 14.10 -43.67
CA SER C 504 -23.62 13.46 -42.74
C SER C 504 -24.25 12.36 -41.90
N THR C 505 -25.53 12.46 -41.54
CA THR C 505 -26.22 11.36 -40.85
C THR C 505 -26.72 10.30 -41.83
N MET C 506 -27.08 10.67 -43.05
CA MET C 506 -27.37 9.69 -44.10
C MET C 506 -26.18 8.77 -44.36
N LEU C 507 -25.02 9.34 -44.67
CA LEU C 507 -23.80 8.56 -44.92
C LEU C 507 -23.44 7.72 -43.71
N ALA C 508 -23.38 8.28 -42.51
CA ALA C 508 -23.04 7.50 -41.32
C ALA C 508 -23.99 6.32 -41.07
N ASN C 509 -25.25 6.37 -41.50
CA ASN C 509 -26.18 5.25 -41.38
C ASN C 509 -26.03 4.19 -42.48
N LEU C 510 -25.38 4.51 -43.60
CA LEU C 510 -25.14 3.54 -44.68
C LEU C 510 -24.04 2.54 -44.38
N PHE C 511 -23.16 2.81 -43.43
CA PHE C 511 -22.12 1.83 -43.11
C PHE C 511 -22.51 0.87 -41.97
N SER C 512 -23.09 1.44 -40.91
CA SER C 512 -23.41 0.67 -39.73
C SER C 512 -24.49 -0.35 -40.07
N MET C 513 -24.21 -1.62 -39.78
CA MET C 513 -25.10 -2.72 -40.08
C MET C 513 -26.29 -2.69 -39.11
N ARG C 514 -27.49 -2.43 -39.63
CA ARG C 514 -28.62 -2.40 -38.77
C ARG C 514 -29.80 -3.18 -39.39
N SER C 515 -30.53 -3.90 -38.55
CA SER C 515 -31.77 -4.57 -38.94
C SER C 515 -32.92 -3.57 -39.12
N PHE C 516 -34.00 -3.98 -39.77
CA PHE C 516 -35.24 -3.23 -39.80
C PHE C 516 -35.95 -3.34 -38.43
N ILE C 517 -36.30 -2.22 -37.81
CA ILE C 517 -37.05 -2.21 -36.55
C ILE C 517 -38.48 -1.75 -36.83
N LYS C 518 -39.47 -2.58 -36.47
CA LYS C 518 -40.89 -2.25 -36.60
C LYS C 518 -41.33 -1.34 -35.47
N ILE C 519 -42.03 -0.26 -35.82
CA ILE C 519 -42.65 0.70 -34.90
C ILE C 519 -44.10 0.88 -35.32
N GLU C 520 -45.03 0.77 -34.36
CA GLU C 520 -46.47 0.90 -34.61
C GLU C 520 -46.99 2.33 -34.39
N GLU C 521 -46.44 3.11 -33.46
CA GLU C 521 -46.83 4.50 -33.24
C GLU C 521 -46.41 5.39 -34.42
N ASP C 522 -47.24 6.36 -34.82
CA ASP C 522 -47.01 7.14 -36.05
C ASP C 522 -46.00 8.29 -35.88
N THR C 523 -44.98 8.12 -35.04
CA THR C 523 -43.95 9.14 -34.75
C THR C 523 -42.87 9.19 -35.84
N TRP C 524 -42.02 10.23 -35.85
CA TRP C 524 -40.95 10.35 -36.83
C TRP C 524 -39.95 9.17 -36.78
N GLN C 525 -39.76 8.55 -35.61
CA GLN C 525 -38.92 7.36 -35.50
C GLN C 525 -39.38 6.20 -36.40
N LYS C 526 -40.67 6.08 -36.72
CA LYS C 526 -41.16 4.98 -37.56
C LYS C 526 -40.56 5.04 -38.96
N TYR C 527 -40.61 6.20 -39.60
CA TYR C 527 -40.03 6.38 -40.93
C TYR C 527 -38.50 6.42 -40.89
N TYR C 528 -37.92 6.97 -39.83
CA TYR C 528 -36.47 6.99 -39.67
C TYR C 528 -35.88 5.58 -39.56
N LEU C 529 -36.39 4.73 -38.67
CA LEU C 529 -35.86 3.38 -38.48
C LEU C 529 -36.03 2.48 -39.71
N GLU C 530 -36.99 2.76 -40.58
CA GLU C 530 -37.09 2.13 -41.89
C GLU C 530 -35.92 2.54 -42.79
N GLY C 531 -35.60 3.83 -42.88
CA GLY C 531 -34.47 4.32 -43.68
C GLY C 531 -33.09 3.92 -43.13
N VAL C 532 -32.94 3.73 -41.81
CA VAL C 532 -31.71 3.26 -41.16
C VAL C 532 -31.38 1.81 -41.49
N SER C 533 -32.38 1.00 -41.86
CA SER C 533 -32.27 -0.45 -42.04
C SER C 533 -31.42 -0.88 -43.23
N ASN C 534 -31.10 0.02 -44.17
CA ASN C 534 -30.28 -0.30 -45.32
C ASN C 534 -28.79 0.11 -45.16
N GLU C 535 -27.95 -0.48 -46.00
CA GLU C 535 -26.51 -0.23 -46.08
C GLU C 535 -26.07 -0.06 -47.53
N MET C 536 -24.87 0.50 -47.71
CA MET C 536 -24.16 0.45 -48.97
C MET C 536 -23.64 -0.97 -49.24
N TYR C 537 -23.92 -1.52 -50.41
CA TYR C 537 -23.49 -2.83 -50.89
C TYR C 537 -23.01 -2.71 -52.33
N THR C 538 -22.35 -3.73 -52.85
CA THR C 538 -21.91 -3.71 -54.24
C THR C 538 -21.84 -5.11 -54.83
N GLU C 539 -22.06 -5.19 -56.15
CA GLU C 539 -22.18 -6.43 -56.90
C GLU C 539 -21.84 -6.18 -58.38
N TYR C 540 -21.45 -7.20 -59.12
CA TYR C 540 -21.23 -7.10 -60.57
C TYR C 540 -22.56 -7.12 -61.32
N LEU C 541 -22.75 -6.21 -62.26
CA LEU C 541 -23.98 -6.15 -63.04
C LEU C 541 -24.16 -7.40 -63.91
N SER C 542 -25.38 -7.93 -63.98
CA SER C 542 -25.74 -8.98 -64.93
C SER C 542 -25.39 -8.59 -66.37
N SER C 543 -24.98 -9.55 -67.20
CA SER C 543 -24.75 -9.34 -68.63
C SER C 543 -25.97 -8.76 -69.36
N ALA C 544 -27.17 -8.97 -68.83
CA ALA C 544 -28.40 -8.38 -69.35
C ALA C 544 -28.39 -6.84 -69.38
N PHE C 545 -27.56 -6.18 -68.56
CA PHE C 545 -27.40 -4.73 -68.51
C PHE C 545 -26.28 -4.18 -69.41
N VAL C 546 -25.50 -5.04 -70.08
CA VAL C 546 -24.33 -4.59 -70.85
C VAL C 546 -24.75 -3.95 -72.18
N GLY C 547 -24.14 -2.82 -72.51
CA GLY C 547 -24.37 -2.11 -73.77
C GLY C 547 -25.41 -0.98 -73.72
N LEU C 548 -26.04 -0.72 -72.56
CA LEU C 548 -27.06 0.31 -72.37
C LEU C 548 -26.71 1.31 -71.27
N SER C 549 -27.29 2.51 -71.35
CA SER C 549 -26.88 3.69 -70.57
C SER C 549 -27.25 3.63 -69.09
N PHE C 550 -26.38 4.16 -68.22
CA PHE C 550 -26.53 4.06 -66.77
C PHE C 550 -27.90 4.52 -66.21
N PRO C 551 -28.49 5.67 -66.60
CA PRO C 551 -29.81 6.07 -66.12
C PRO C 551 -30.89 5.03 -66.40
N THR C 552 -30.79 4.35 -67.54
CA THR C 552 -31.79 3.36 -67.96
C THR C 552 -31.73 2.12 -67.09
N VAL C 553 -30.53 1.64 -66.73
CA VAL C 553 -30.42 0.51 -65.81
C VAL C 553 -30.79 0.90 -64.39
N CYS C 554 -30.54 2.15 -63.98
CA CYS C 554 -31.00 2.65 -62.69
C CYS C 554 -32.53 2.59 -62.60
N GLU C 555 -33.23 3.09 -63.61
CA GLU C 555 -34.69 3.05 -63.61
C GLU C 555 -35.20 1.60 -63.63
N LEU C 556 -34.59 0.71 -64.43
CA LEU C 556 -34.92 -0.71 -64.45
C LEU C 556 -34.72 -1.38 -63.08
N CYS C 557 -33.54 -1.24 -62.47
CA CYS C 557 -33.27 -1.95 -61.23
C CYS C 557 -34.00 -1.35 -60.02
N PHE C 558 -34.32 -0.05 -60.03
CA PHE C 558 -35.21 0.51 -59.00
C PHE C 558 -36.63 -0.02 -59.18
N VAL C 559 -37.20 0.10 -60.38
CA VAL C 559 -38.62 -0.22 -60.62
C VAL C 559 -38.88 -1.73 -60.53
N LYS C 560 -38.14 -2.54 -61.30
CA LYS C 560 -38.45 -3.97 -61.50
C LYS C 560 -37.90 -4.87 -60.39
N LEU C 561 -36.77 -4.50 -59.79
CA LEU C 561 -36.09 -5.32 -58.77
C LEU C 561 -35.70 -4.57 -57.48
N LYS C 562 -36.26 -3.37 -57.24
CA LYS C 562 -36.26 -2.68 -55.94
C LYS C 562 -34.87 -2.37 -55.36
N LEU C 563 -33.86 -2.17 -56.20
CA LEU C 563 -32.51 -1.75 -55.79
C LEU C 563 -32.19 -0.35 -56.29
N LEU C 564 -31.72 0.52 -55.41
CA LEU C 564 -31.19 1.83 -55.78
C LEU C 564 -29.70 1.69 -56.15
N MET C 565 -29.32 2.03 -57.38
CA MET C 565 -27.93 1.99 -57.84
C MET C 565 -27.32 3.39 -57.91
N ILE C 566 -26.12 3.56 -57.37
CA ILE C 566 -25.52 4.88 -57.09
C ILE C 566 -24.32 5.18 -58.00
N ALA C 567 -23.43 4.21 -58.18
CA ALA C 567 -22.13 4.39 -58.79
C ALA C 567 -21.66 3.09 -59.44
N ILE C 568 -20.64 3.16 -60.30
CA ILE C 568 -20.03 1.99 -60.94
C ILE C 568 -18.50 2.13 -61.05
N GLU C 569 -17.79 1.01 -61.09
CA GLU C 569 -16.36 0.96 -61.44
C GLU C 569 -16.13 1.28 -62.92
N SER C 577 -13.19 5.33 -66.77
CA SER C 577 -14.35 5.12 -65.91
C SER C 577 -14.01 4.29 -64.68
N ARG C 578 -12.94 4.65 -63.96
CA ARG C 578 -12.39 3.87 -62.84
C ARG C 578 -13.37 3.71 -61.69
N ILE C 579 -13.88 4.81 -61.16
CA ILE C 579 -14.97 4.86 -60.15
C ILE C 579 -15.74 6.16 -60.33
N LEU C 580 -16.97 6.07 -60.85
CA LEU C 580 -17.77 7.28 -61.00
C LEU C 580 -19.19 7.12 -60.36
N ILE C 581 -19.77 8.28 -60.08
CA ILE C 581 -20.95 8.49 -59.25
C ILE C 581 -22.05 9.11 -60.12
N ASN C 582 -23.20 8.44 -60.25
CA ASN C 582 -24.33 8.90 -61.07
C ASN C 582 -23.97 9.38 -62.52
N PRO C 583 -23.23 8.53 -63.29
CA PRO C 583 -22.70 8.97 -64.58
C PRO C 583 -23.79 9.35 -65.59
N GLY C 584 -23.45 10.27 -66.49
CA GLY C 584 -24.38 10.85 -67.46
C GLY C 584 -24.95 9.86 -68.49
N ASN C 585 -26.02 10.28 -69.17
CA ASN C 585 -26.76 9.45 -70.11
C ASN C 585 -25.96 9.02 -71.37
N HIS C 586 -24.80 9.63 -71.59
CA HIS C 586 -23.94 9.18 -72.69
C HIS C 586 -23.08 7.92 -72.33
N LEU C 587 -22.98 7.59 -71.04
CA LEU C 587 -22.16 6.46 -70.58
C LEU C 587 -22.94 5.15 -70.58
N LYS C 588 -22.63 4.27 -71.53
CA LYS C 588 -23.15 2.89 -71.62
C LYS C 588 -22.26 1.89 -70.88
N ILE C 589 -22.89 0.88 -70.29
CA ILE C 589 -22.25 -0.11 -69.43
C ILE C 589 -21.41 -1.12 -70.22
N GLN C 590 -20.19 -1.36 -69.75
CA GLN C 590 -19.30 -2.42 -70.23
C GLN C 590 -19.57 -3.76 -69.52
N GLU C 591 -19.09 -4.88 -70.06
CA GLU C 591 -19.13 -6.15 -69.34
C GLU C 591 -18.19 -6.13 -68.11
N GLY C 592 -18.59 -6.78 -67.02
CA GLY C 592 -17.78 -6.92 -65.81
C GLY C 592 -17.69 -5.67 -64.92
N THR C 593 -18.54 -4.65 -65.11
CA THR C 593 -18.58 -3.50 -64.18
C THR C 593 -19.17 -3.89 -62.83
N LEU C 594 -18.50 -3.47 -61.73
CA LEU C 594 -19.00 -3.53 -60.36
C LEU C 594 -20.05 -2.41 -60.16
N GLY C 595 -21.22 -2.67 -59.56
CA GLY C 595 -22.21 -1.61 -59.39
C GLY C 595 -22.75 -1.38 -57.97
N PHE C 596 -22.57 -0.18 -57.38
CA PHE C 596 -22.85 0.10 -55.98
C PHE C 596 -24.33 0.35 -55.76
N PHE C 597 -24.88 -0.24 -54.70
CA PHE C 597 -26.30 -0.30 -54.40
C PHE C 597 -26.59 0.06 -52.95
N ILE C 598 -27.76 0.65 -52.68
CA ILE C 598 -28.31 0.75 -51.33
C ILE C 598 -29.44 -0.27 -51.20
N ALA C 599 -29.41 -1.11 -50.18
CA ALA C 599 -30.37 -2.20 -50.02
C ALA C 599 -30.55 -2.58 -48.55
N SER C 600 -31.69 -3.20 -48.24
CA SER C 600 -32.03 -3.61 -46.87
C SER C 600 -31.04 -4.63 -46.29
N ASP C 601 -30.48 -5.50 -47.13
CA ASP C 601 -29.60 -6.60 -46.74
C ASP C 601 -28.72 -7.04 -47.91
N ALA C 602 -27.60 -7.69 -47.65
CA ALA C 602 -26.67 -8.18 -48.67
C ALA C 602 -27.34 -9.21 -49.61
N LYS C 603 -28.14 -10.13 -49.07
CA LYS C 603 -28.84 -11.16 -49.85
C LYS C 603 -29.80 -10.57 -50.90
N GLU C 604 -30.19 -9.32 -50.72
CA GLU C 604 -31.08 -8.64 -51.65
C GLU C 604 -30.36 -8.04 -52.87
N VAL C 605 -29.06 -7.78 -52.75
CA VAL C 605 -28.33 -7.20 -53.90
C VAL C 605 -28.06 -8.24 -54.98
N LYS C 606 -28.10 -9.54 -54.64
CA LYS C 606 -27.78 -10.66 -55.55
C LYS C 606 -28.61 -10.66 -56.83
N ARG C 607 -29.85 -10.13 -56.75
CA ARG C 607 -30.71 -10.06 -57.94
C ARG C 607 -30.08 -9.23 -59.06
N ALA C 608 -29.29 -8.22 -58.72
CA ALA C 608 -28.62 -7.40 -59.74
C ALA C 608 -27.68 -8.21 -60.66
N PHE C 609 -27.17 -9.33 -60.17
CA PHE C 609 -26.36 -10.29 -60.91
C PHE C 609 -27.21 -11.42 -61.53
N PHE C 610 -28.13 -11.98 -60.75
CA PHE C 610 -28.99 -13.10 -61.16
C PHE C 610 -30.10 -12.73 -62.17
N TYR C 611 -30.50 -11.46 -62.27
CA TYR C 611 -31.51 -11.00 -63.24
C TYR C 611 -31.10 -11.26 -64.69
N CYS C 612 -32.01 -11.82 -65.49
CA CYS C 612 -31.87 -11.93 -66.93
C CYS C 612 -33.26 -12.00 -67.61
N LYS C 613 -33.84 -10.82 -67.88
CA LYS C 613 -35.19 -10.61 -68.46
C LYS C 613 -36.32 -11.18 -67.60
N ALA C 614 -36.56 -12.49 -67.65
CA ALA C 614 -37.47 -13.23 -66.76
C ALA C 614 -38.85 -12.54 -66.59
N CYS C 615 -39.27 -12.30 -65.34
CA CYS C 615 -40.55 -11.65 -65.01
C CYS C 615 -40.61 -10.20 -65.54
N SER C 681 -8.03 31.32 -70.32
CA SER C 681 -6.99 30.30 -70.19
C SER C 681 -5.61 30.85 -69.81
N ASN C 682 -5.44 32.17 -69.84
CA ASN C 682 -4.19 32.87 -69.53
C ASN C 682 -3.90 33.03 -68.02
N VAL C 683 -4.83 32.64 -67.15
CA VAL C 683 -4.73 32.71 -65.68
C VAL C 683 -5.12 31.38 -65.01
N LYS C 684 -4.51 31.10 -63.86
CA LYS C 684 -4.70 29.85 -63.09
C LYS C 684 -5.99 29.90 -62.26
N LYS C 685 -7.09 29.37 -62.80
CA LYS C 685 -8.40 29.26 -62.10
C LYS C 685 -8.53 28.01 -61.23
N TYR C 686 -7.72 26.99 -61.47
CA TYR C 686 -7.87 25.66 -60.89
C TYR C 686 -6.54 25.08 -60.43
N ASP C 687 -6.59 24.01 -59.65
CA ASP C 687 -5.41 23.20 -59.38
C ASP C 687 -4.86 22.54 -60.66
N SER C 688 -3.66 21.96 -60.55
CA SER C 688 -2.95 21.31 -61.66
C SER C 688 -3.71 20.23 -62.42
N THR C 689 -4.77 19.63 -61.88
CA THR C 689 -5.61 18.63 -62.58
C THR C 689 -7.07 19.05 -62.73
N GLY C 690 -7.45 20.28 -62.38
CA GLY C 690 -8.82 20.77 -62.57
C GLY C 690 -9.88 20.20 -61.63
N MET C 691 -9.50 19.46 -60.59
CA MET C 691 -10.42 18.88 -59.61
C MET C 691 -10.99 19.93 -58.65
N PHE C 692 -10.23 20.99 -58.37
CA PHE C 692 -10.54 22.04 -57.42
C PHE C 692 -10.29 23.46 -57.99
N HIS C 693 -11.08 24.43 -57.57
CA HIS C 693 -10.78 25.86 -57.75
C HIS C 693 -9.50 26.25 -57.02
N TRP C 694 -8.83 27.29 -57.50
CA TRP C 694 -7.54 27.74 -56.95
C TRP C 694 -7.35 29.24 -57.11
N CYS C 695 -6.50 29.83 -56.29
CA CYS C 695 -6.01 31.20 -56.47
C CYS C 695 -4.55 31.33 -56.03
N ALA C 696 -3.90 32.41 -56.49
CA ALA C 696 -2.57 32.77 -56.03
C ALA C 696 -2.54 32.91 -54.50
N PRO C 697 -1.45 32.51 -53.83
CA PRO C 697 -1.40 32.43 -52.38
C PRO C 697 -1.52 33.82 -51.75
N LYS C 698 -2.63 34.06 -51.05
CA LYS C 698 -2.92 35.31 -50.37
C LYS C 698 -2.06 35.49 -49.12
N GLU C 699 -1.97 36.72 -48.62
CA GLU C 699 -1.47 37.02 -47.28
C GLU C 699 -2.63 37.04 -46.28
N ILE C 700 -2.41 36.65 -45.02
CA ILE C 700 -3.49 36.52 -44.04
C ILE C 700 -4.14 37.88 -43.72
N GLU C 701 -3.34 38.95 -43.78
CA GLU C 701 -3.79 40.33 -43.64
C GLU C 701 -4.76 40.78 -44.76
N LYS C 702 -4.80 40.07 -45.89
CA LYS C 702 -5.74 40.34 -46.98
C LYS C 702 -7.14 39.78 -46.71
N VAL C 703 -7.26 38.76 -45.85
CA VAL C 703 -8.52 38.04 -45.61
C VAL C 703 -9.09 38.23 -44.21
N ILE C 704 -8.31 38.73 -43.26
CA ILE C 704 -8.81 39.10 -41.92
C ILE C 704 -9.75 40.31 -42.00
N LEU C 705 -10.78 40.36 -41.17
CA LEU C 705 -11.79 41.43 -41.09
C LEU C 705 -11.96 41.90 -39.64
N THR C 706 -12.11 43.19 -39.38
CA THR C 706 -12.71 43.65 -38.12
C THR C 706 -14.24 43.66 -38.20
N ARG C 707 -14.93 43.71 -37.06
CA ARG C 707 -16.41 43.68 -37.02
C ARG C 707 -17.10 44.61 -38.02
N SER C 708 -16.63 45.85 -38.08
CA SER C 708 -17.17 46.85 -39.00
C SER C 708 -17.07 46.43 -40.47
N GLU C 709 -15.95 45.82 -40.85
CA GLU C 709 -15.73 45.33 -42.21
C GLU C 709 -16.62 44.13 -42.53
N ALA C 710 -16.73 43.19 -41.58
CA ALA C 710 -17.66 42.08 -41.71
C ALA C 710 -19.11 42.59 -41.83
N ALA C 711 -19.50 43.56 -41.00
CA ALA C 711 -20.86 44.09 -40.96
C ALA C 711 -21.29 44.76 -42.27
N MET C 712 -20.41 45.55 -42.92
CA MET C 712 -20.76 46.17 -44.21
C MET C 712 -20.53 45.23 -45.41
N THR C 713 -19.72 44.17 -45.26
CA THR C 713 -19.67 43.09 -46.26
C THR C 713 -20.99 42.32 -46.26
N VAL C 714 -21.70 42.28 -47.38
CA VAL C 714 -23.04 41.67 -47.45
C VAL C 714 -22.93 40.15 -47.61
N LEU C 715 -22.47 39.48 -46.57
CA LEU C 715 -22.42 38.02 -46.47
C LEU C 715 -23.83 37.45 -46.44
N SER C 716 -24.15 36.54 -47.37
CA SER C 716 -25.43 35.82 -47.43
C SER C 716 -25.23 34.47 -48.12
N GLY C 717 -25.97 33.43 -47.74
CA GLY C 717 -25.85 32.07 -48.29
C GLY C 717 -24.51 31.37 -48.04
N HIS C 718 -23.73 31.96 -47.14
CA HIS C 718 -22.38 31.54 -46.81
C HIS C 718 -22.25 30.50 -45.67
N VAL C 719 -21.02 30.01 -45.42
CA VAL C 719 -20.75 29.10 -44.31
C VAL C 719 -19.97 29.83 -43.23
N VAL C 720 -20.39 29.71 -41.97
CA VAL C 720 -19.64 30.23 -40.82
C VAL C 720 -19.03 29.06 -40.09
N VAL C 721 -17.73 29.11 -39.81
CA VAL C 721 -17.04 28.09 -39.02
C VAL C 721 -16.59 28.71 -37.72
N CYS C 722 -17.14 28.23 -36.61
CA CYS C 722 -16.85 28.70 -35.27
C CYS C 722 -15.83 27.78 -34.64
N ILE C 723 -14.65 28.30 -34.30
CA ILE C 723 -13.55 27.47 -33.79
C ILE C 723 -13.18 27.89 -32.39
N PHE C 724 -13.36 26.99 -31.44
CA PHE C 724 -12.69 27.06 -30.15
C PHE C 724 -11.27 26.52 -30.31
N GLY C 725 -10.29 27.37 -30.12
CA GLY C 725 -8.89 27.06 -30.38
C GLY C 725 -7.96 28.06 -29.73
N ASP C 726 -6.71 27.66 -29.55
CA ASP C 726 -5.71 28.38 -28.78
C ASP C 726 -4.29 27.95 -29.20
N VAL C 727 -3.27 28.72 -28.86
CA VAL C 727 -1.88 28.46 -29.29
C VAL C 727 -1.32 27.13 -28.79
N SER C 728 -1.85 26.57 -27.71
CA SER C 728 -1.48 25.24 -27.20
C SER C 728 -2.16 24.07 -27.91
N SER C 729 -3.26 24.32 -28.64
CA SER C 729 -4.18 23.28 -29.10
C SER C 729 -3.79 22.65 -30.44
N ALA C 730 -4.11 21.37 -30.64
CA ALA C 730 -3.72 20.62 -31.84
C ALA C 730 -4.48 21.08 -33.10
N LEU C 731 -3.85 20.87 -34.26
CA LEU C 731 -4.39 21.28 -35.55
C LEU C 731 -5.66 20.49 -35.97
N ILE C 732 -6.78 21.20 -36.22
CA ILE C 732 -8.01 20.54 -36.64
C ILE C 732 -7.87 19.90 -38.03
N GLY C 733 -7.12 20.50 -38.95
CA GLY C 733 -6.96 20.00 -40.32
C GLY C 733 -7.94 20.64 -41.30
N LEU C 734 -8.14 21.95 -41.20
CA LEU C 734 -9.22 22.69 -41.86
C LEU C 734 -9.20 22.59 -43.39
N ARG C 735 -8.08 22.25 -44.02
CA ARG C 735 -8.01 21.98 -45.47
C ARG C 735 -9.08 20.98 -45.90
N ASN C 736 -9.37 19.99 -45.06
CA ASN C 736 -10.35 18.94 -45.35
C ASN C 736 -11.79 19.42 -45.27
N LEU C 737 -12.08 20.52 -44.56
CA LEU C 737 -13.37 21.19 -44.57
C LEU C 737 -13.51 22.05 -45.83
N VAL C 738 -12.47 22.81 -46.18
CA VAL C 738 -12.51 23.75 -47.31
C VAL C 738 -12.48 23.04 -48.67
N MET C 739 -11.68 21.99 -48.87
CA MET C 739 -11.54 21.36 -50.18
C MET C 739 -12.84 20.83 -50.79
N PRO C 740 -13.69 20.05 -50.10
CA PRO C 740 -14.94 19.60 -50.69
C PRO C 740 -15.87 20.75 -51.09
N LEU C 741 -15.76 21.91 -50.43
CA LEU C 741 -16.48 23.15 -50.75
C LEU C 741 -15.83 23.95 -51.88
N ARG C 742 -14.66 23.56 -52.36
CA ARG C 742 -13.96 24.20 -53.48
C ARG C 742 -13.80 23.31 -54.74
N ALA C 743 -14.51 22.17 -54.79
CA ALA C 743 -14.51 21.30 -55.94
C ALA C 743 -14.90 22.08 -57.22
N SER C 744 -14.21 21.82 -58.33
CA SER C 744 -14.52 22.45 -59.63
C SER C 744 -15.87 22.05 -60.21
N ASN C 745 -16.66 21.18 -59.55
CA ASN C 745 -18.06 20.95 -59.90
C ASN C 745 -18.93 22.22 -59.73
N PHE C 746 -18.61 23.08 -58.75
CA PHE C 746 -19.36 24.32 -58.58
C PHE C 746 -18.86 25.37 -59.55
N HIS C 747 -19.74 26.22 -60.07
CA HIS C 747 -19.31 27.45 -60.73
C HIS C 747 -18.76 28.46 -59.72
N TYR C 748 -17.92 29.40 -60.15
CA TYR C 748 -17.31 30.34 -59.20
C TYR C 748 -18.33 31.21 -58.46
N HIS C 749 -19.45 31.53 -59.11
CA HIS C 749 -20.57 32.22 -58.45
C HIS C 749 -21.44 31.31 -57.51
N GLU C 750 -21.34 29.98 -57.70
CA GLU C 750 -22.06 28.96 -56.92
C GLU C 750 -21.29 28.58 -55.64
N LEU C 751 -20.02 28.95 -55.52
CA LEU C 751 -19.18 28.73 -54.34
C LEU C 751 -19.72 29.50 -53.12
N LYS C 752 -20.03 28.77 -52.04
CA LYS C 752 -20.37 29.37 -50.75
C LYS C 752 -19.15 30.01 -50.13
N HIS C 753 -19.23 31.28 -49.73
CA HIS C 753 -18.16 31.98 -49.01
C HIS C 753 -17.91 31.31 -47.65
N ILE C 754 -16.69 31.33 -47.12
CA ILE C 754 -16.37 30.71 -45.82
C ILE C 754 -15.78 31.75 -44.88
N VAL C 755 -16.34 31.87 -43.67
CA VAL C 755 -15.80 32.75 -42.62
C VAL C 755 -15.37 31.93 -41.41
N PHE C 756 -14.12 32.07 -40.98
CA PHE C 756 -13.67 31.48 -39.72
C PHE C 756 -13.80 32.50 -38.60
N VAL C 757 -14.56 32.18 -37.56
CA VAL C 757 -14.68 33.00 -36.36
C VAL C 757 -13.95 32.28 -35.23
N GLY C 758 -12.94 32.91 -34.64
CA GLY C 758 -12.16 32.30 -33.56
C GLY C 758 -10.87 33.05 -33.26
N SER C 759 -10.01 32.45 -32.44
CA SER C 759 -8.66 32.97 -32.19
C SER C 759 -7.87 33.07 -33.48
N ILE C 760 -7.36 34.27 -33.78
CA ILE C 760 -6.42 34.48 -34.89
C ILE C 760 -5.07 33.81 -34.57
N GLU C 761 -4.66 33.82 -33.32
CA GLU C 761 -3.40 33.20 -32.92
C GLU C 761 -3.38 31.74 -33.36
N TYR C 762 -4.53 31.10 -33.26
CA TYR C 762 -4.63 29.70 -33.66
C TYR C 762 -4.70 29.60 -35.17
N LEU C 763 -5.56 30.39 -35.80
CA LEU C 763 -5.67 30.31 -37.27
C LEU C 763 -4.34 30.62 -37.98
N LYS C 764 -3.52 31.52 -37.43
CA LYS C 764 -2.22 31.94 -37.96
C LYS C 764 -1.25 30.80 -38.20
N ARG C 765 -1.35 29.67 -37.48
CA ARG C 765 -0.46 28.51 -37.68
C ARG C 765 -1.11 27.35 -38.44
N GLU C 766 -2.27 27.57 -39.02
CA GLU C 766 -2.92 26.63 -39.93
C GLU C 766 -3.19 27.22 -41.32
N TRP C 767 -3.34 28.54 -41.42
CA TRP C 767 -3.92 29.16 -42.61
C TRP C 767 -3.12 28.98 -43.92
N GLU C 768 -1.81 28.80 -43.85
CA GLU C 768 -0.98 28.48 -45.02
C GLU C 768 -1.39 27.17 -45.71
N THR C 769 -2.15 26.29 -45.04
CA THR C 769 -2.69 25.08 -45.65
C THR C 769 -3.91 25.35 -46.53
N LEU C 770 -4.57 26.48 -46.27
CA LEU C 770 -5.77 26.91 -46.98
C LEU C 770 -5.69 28.37 -47.45
N HIS C 771 -4.46 28.81 -47.81
CA HIS C 771 -4.23 30.16 -48.40
C HIS C 771 -4.31 30.29 -49.96
N ASN C 772 -4.56 29.18 -50.65
CA ASN C 772 -4.78 29.07 -52.09
C ASN C 772 -6.25 28.87 -52.49
N PHE C 773 -7.21 28.88 -51.56
CA PHE C 773 -8.64 28.82 -51.88
C PHE C 773 -9.26 30.22 -51.97
N PRO C 774 -10.17 30.47 -52.93
CA PRO C 774 -10.55 31.83 -53.30
C PRO C 774 -11.36 32.60 -52.25
N LYS C 775 -12.61 32.21 -52.01
CA LYS C 775 -13.58 32.92 -51.14
C LYS C 775 -13.43 32.49 -49.68
N VAL C 776 -12.48 33.08 -48.95
CA VAL C 776 -12.24 32.77 -47.55
C VAL C 776 -11.98 34.06 -46.76
N SER C 777 -12.48 34.13 -45.53
CA SER C 777 -12.28 35.28 -44.63
C SER C 777 -12.08 34.81 -43.19
N ILE C 778 -11.51 35.67 -42.35
CA ILE C 778 -11.32 35.40 -40.93
C ILE C 778 -11.84 36.59 -40.12
N LEU C 779 -12.56 36.33 -39.04
CA LEU C 779 -12.90 37.33 -38.04
C LEU C 779 -12.21 36.96 -36.72
N PRO C 780 -11.27 37.77 -36.20
CA PRO C 780 -10.64 37.51 -34.91
C PRO C 780 -11.67 37.74 -33.81
N GLY C 781 -11.98 36.72 -33.03
CA GLY C 781 -13.12 36.77 -32.14
C GLY C 781 -13.39 35.50 -31.36
N THR C 782 -14.59 35.38 -30.79
CA THR C 782 -15.03 34.20 -30.03
C THR C 782 -16.46 33.85 -30.43
N PRO C 783 -16.79 32.57 -30.73
CA PRO C 783 -18.15 32.19 -31.09
C PRO C 783 -19.23 32.47 -30.04
N LEU C 784 -18.84 32.68 -28.78
CA LEU C 784 -19.76 33.08 -27.70
C LEU C 784 -20.15 34.57 -27.76
N SER C 785 -19.50 35.39 -28.59
CA SER C 785 -19.82 36.81 -28.75
C SER C 785 -21.03 37.01 -29.67
N ARG C 786 -22.13 37.56 -29.16
CA ARG C 786 -23.27 37.87 -30.01
C ARG C 786 -22.85 38.89 -31.07
N ALA C 787 -22.06 39.89 -30.66
CA ALA C 787 -21.59 40.90 -31.59
C ALA C 787 -20.81 40.31 -32.78
N ASP C 788 -19.99 39.29 -32.56
CA ASP C 788 -19.24 38.65 -33.65
C ASP C 788 -20.19 37.89 -34.56
N LEU C 789 -21.13 37.13 -34.01
CA LEU C 789 -22.14 36.41 -34.79
C LEU C 789 -23.03 37.35 -35.60
N ARG C 790 -23.39 38.52 -35.07
CA ARG C 790 -24.12 39.55 -35.83
C ARG C 790 -23.27 40.15 -36.92
N ALA C 791 -22.00 40.45 -36.64
CA ALA C 791 -21.11 41.05 -37.62
C ALA C 791 -20.92 40.16 -38.85
N VAL C 792 -20.97 38.83 -38.70
CA VAL C 792 -20.90 37.88 -39.83
C VAL C 792 -22.27 37.42 -40.35
N ASN C 793 -23.37 38.10 -40.00
CA ASN C 793 -24.72 37.79 -40.48
C ASN C 793 -25.18 36.34 -40.24
N ILE C 794 -25.00 35.80 -39.04
CA ILE C 794 -25.37 34.40 -38.71
C ILE C 794 -26.80 34.00 -39.08
N ASN C 795 -27.75 34.93 -39.16
CA ASN C 795 -29.11 34.65 -39.62
C ASN C 795 -29.22 34.35 -41.13
N LEU C 796 -28.21 34.65 -41.93
CA LEU C 796 -28.23 34.53 -43.39
C LEU C 796 -27.37 33.39 -43.97
N CYS C 797 -26.61 32.65 -43.15
CA CYS C 797 -25.75 31.58 -43.63
C CYS C 797 -26.54 30.33 -44.04
N ASP C 798 -25.96 29.50 -44.92
CA ASP C 798 -26.49 28.17 -45.24
C ASP C 798 -26.05 27.11 -44.23
N MET C 799 -24.97 27.34 -43.50
CA MET C 799 -24.54 26.49 -42.39
C MET C 799 -23.70 27.27 -41.38
N CYS C 800 -23.88 26.98 -40.11
CA CYS C 800 -22.93 27.29 -39.05
C CYS C 800 -22.30 26.00 -38.54
N VAL C 801 -20.98 25.87 -38.59
CA VAL C 801 -20.25 24.69 -38.14
C VAL C 801 -19.55 25.02 -36.84
N ILE C 802 -19.72 24.22 -35.79
CA ILE C 802 -19.08 24.46 -34.50
C ILE C 802 -18.06 23.36 -34.23
N LEU C 803 -16.80 23.74 -34.07
CA LEU C 803 -15.66 22.85 -33.87
C LEU C 803 -14.88 23.25 -32.62
N SER C 804 -14.19 22.29 -32.00
CA SER C 804 -13.23 22.57 -30.94
C SER C 804 -11.92 21.83 -31.15
N ALA C 805 -10.81 22.53 -31.01
CA ALA C 805 -9.48 21.94 -30.96
C ALA C 805 -9.16 21.34 -29.57
N ASN C 806 -9.81 21.83 -28.52
CA ASN C 806 -9.55 21.50 -27.11
C ASN C 806 -10.09 20.12 -26.66
N GLN C 807 -10.28 19.18 -27.58
CA GLN C 807 -10.90 17.89 -27.29
C GLN C 807 -10.08 17.01 -26.32
N ASN C 808 -8.75 17.12 -26.35
CA ASN C 808 -7.83 16.19 -25.69
C ASN C 808 -7.17 16.72 -24.39
N ASN C 809 -7.38 17.99 -23.99
CA ASN C 809 -6.60 18.57 -22.88
C ASN C 809 -7.20 18.34 -21.47
N ILE C 810 -8.45 17.91 -21.35
CA ILE C 810 -9.02 17.32 -20.12
C ILE C 810 -10.14 16.33 -20.47
N ASP C 811 -10.28 15.24 -19.72
CA ASP C 811 -11.01 14.03 -20.15
C ASP C 811 -12.31 13.77 -19.35
N ASP C 812 -12.81 14.74 -18.59
CA ASP C 812 -13.81 14.54 -17.53
C ASP C 812 -15.26 14.27 -18.00
N THR C 813 -15.49 13.96 -19.29
CA THR C 813 -16.79 13.75 -19.99
C THR C 813 -17.73 14.95 -20.03
N SER C 814 -17.89 15.70 -18.93
CA SER C 814 -18.56 17.01 -18.90
C SER C 814 -17.72 18.08 -19.59
N LEU C 815 -16.47 18.24 -19.14
CA LEU C 815 -15.57 19.32 -19.57
C LEU C 815 -15.20 19.31 -21.07
N GLN C 816 -15.46 18.23 -21.79
CA GLN C 816 -15.04 18.11 -23.18
C GLN C 816 -15.89 18.91 -24.19
N ASP C 817 -17.17 19.18 -23.90
CA ASP C 817 -18.12 19.76 -24.88
C ASP C 817 -18.81 21.05 -24.42
N LYS C 818 -18.44 21.63 -23.27
CA LYS C 818 -19.09 22.83 -22.69
C LYS C 818 -19.23 23.95 -23.70
N GLU C 819 -18.14 24.31 -24.38
CA GLU C 819 -18.09 25.43 -25.29
C GLU C 819 -19.05 25.25 -26.46
N CYS C 820 -19.07 24.08 -27.07
CA CYS C 820 -19.93 23.79 -28.21
C CYS C 820 -21.42 23.84 -27.83
N ILE C 821 -21.75 23.33 -26.65
CA ILE C 821 -23.14 23.34 -26.17
C ILE C 821 -23.56 24.77 -25.84
N LEU C 822 -22.70 25.56 -25.18
CA LEU C 822 -22.98 26.98 -24.95
C LEU C 822 -23.08 27.75 -26.26
N ALA C 823 -22.20 27.50 -27.23
CA ALA C 823 -22.23 28.18 -28.52
C ALA C 823 -23.52 27.90 -29.30
N SER C 824 -23.91 26.64 -29.40
CA SER C 824 -25.15 26.29 -30.10
C SER C 824 -26.38 26.86 -29.39
N LEU C 825 -26.44 26.84 -28.05
CA LEU C 825 -27.50 27.53 -27.31
C LEU C 825 -27.49 29.04 -27.53
N ASN C 826 -26.32 29.66 -27.55
CA ASN C 826 -26.18 31.09 -27.76
C ASN C 826 -26.66 31.52 -29.15
N ILE C 827 -26.45 30.70 -30.18
CA ILE C 827 -26.98 31.00 -31.51
C ILE C 827 -28.49 30.76 -31.56
N LYS C 828 -28.99 29.66 -30.97
CA LYS C 828 -30.43 29.39 -30.93
C LYS C 828 -31.24 30.50 -30.26
N SER C 829 -30.74 31.10 -29.18
CA SER C 829 -31.46 32.13 -28.44
C SER C 829 -31.40 33.54 -29.04
N MET C 830 -30.67 33.77 -30.14
CA MET C 830 -30.56 35.09 -30.78
C MET C 830 -31.93 35.64 -31.18
N GLN C 831 -32.02 36.96 -31.32
CA GLN C 831 -33.15 37.66 -31.93
C GLN C 831 -32.65 38.58 -33.04
N PHE C 832 -33.41 38.70 -34.12
CA PHE C 832 -33.11 39.54 -35.30
C PHE C 832 -34.37 40.29 -35.73
N ASP C 833 -34.23 41.44 -36.39
CA ASP C 833 -35.37 42.26 -36.81
C ASP C 833 -36.18 41.61 -37.94
N THR C 871 -37.10 37.65 -36.55
CA THR C 871 -37.06 36.23 -36.23
C THR C 871 -36.17 35.90 -35.04
N THR C 872 -36.49 34.84 -34.32
CA THR C 872 -35.56 34.12 -33.43
C THR C 872 -34.49 33.38 -34.26
N GLY C 873 -33.34 33.09 -33.65
CA GLY C 873 -32.28 32.28 -34.24
C GLY C 873 -32.51 30.76 -34.23
N VAL C 874 -33.59 30.24 -33.65
CA VAL C 874 -33.80 28.78 -33.55
C VAL C 874 -33.94 28.06 -34.90
N ASN C 875 -34.26 28.80 -35.97
CA ASN C 875 -34.33 28.30 -37.35
C ASN C 875 -32.97 28.19 -38.06
N ILE C 876 -31.87 28.68 -37.49
CA ILE C 876 -30.56 28.71 -38.15
C ILE C 876 -29.97 27.30 -38.25
N PRO C 877 -29.42 26.89 -39.41
CA PRO C 877 -28.80 25.58 -39.57
C PRO C 877 -27.46 25.52 -38.86
N ILE C 878 -27.31 24.63 -37.89
CA ILE C 878 -26.09 24.43 -37.11
C ILE C 878 -25.69 22.97 -37.20
N ILE C 879 -24.40 22.68 -37.30
CA ILE C 879 -23.86 21.35 -37.05
C ILE C 879 -22.73 21.43 -36.04
N THR C 880 -22.79 20.59 -35.01
CA THR C 880 -21.86 20.61 -33.89
C THR C 880 -21.05 19.33 -33.83
N GLU C 881 -19.73 19.41 -33.83
CA GLU C 881 -18.89 18.25 -33.52
C GLU C 881 -18.88 17.99 -32.00
N LEU C 882 -19.20 16.78 -31.57
CA LEU C 882 -19.16 16.36 -30.17
C LEU C 882 -18.01 15.38 -29.90
N VAL C 883 -17.30 15.57 -28.80
CA VAL C 883 -16.22 14.69 -28.38
C VAL C 883 -16.74 13.49 -27.58
N ASN C 884 -17.86 13.72 -26.88
CA ASN C 884 -18.55 12.69 -26.12
C ASN C 884 -20.00 12.58 -26.67
N ASP C 885 -20.35 11.48 -27.34
CA ASP C 885 -21.69 11.33 -27.92
C ASP C 885 -22.81 11.30 -26.86
N THR C 886 -22.53 10.97 -25.60
CA THR C 886 -23.51 11.09 -24.51
C THR C 886 -23.95 12.53 -24.27
N ASN C 887 -23.12 13.54 -24.56
CA ASN C 887 -23.48 14.95 -24.40
C ASN C 887 -24.52 15.43 -25.43
N VAL C 888 -24.83 14.61 -26.43
CA VAL C 888 -25.82 15.01 -27.45
C VAL C 888 -27.19 15.39 -26.84
N GLN C 889 -27.52 14.80 -25.69
CA GLN C 889 -28.74 15.07 -24.96
C GLN C 889 -28.95 16.54 -24.59
N PHE C 890 -27.89 17.34 -24.47
CA PHE C 890 -28.00 18.77 -24.15
C PHE C 890 -28.26 19.67 -25.35
N LEU C 891 -28.12 19.17 -26.59
CA LEU C 891 -28.26 20.02 -27.77
C LEU C 891 -29.69 20.40 -28.10
N ASP C 892 -30.68 19.61 -27.71
CA ASP C 892 -32.11 19.87 -27.89
C ASP C 892 -32.89 19.69 -26.58
N GLN C 893 -34.05 20.36 -26.47
CA GLN C 893 -34.90 20.36 -25.29
C GLN C 893 -36.34 19.90 -25.55
N ASP C 894 -36.81 19.90 -26.79
CA ASP C 894 -38.10 19.29 -27.20
C ASP C 894 -37.96 17.80 -27.57
N ASP C 895 -36.83 17.19 -27.24
CA ASP C 895 -36.52 15.77 -27.42
C ASP C 895 -36.84 14.96 -26.16
N ASP C 896 -36.46 13.68 -26.14
CA ASP C 896 -36.49 12.82 -24.96
C ASP C 896 -35.10 12.19 -24.78
N ASP C 897 -34.52 12.26 -23.58
CA ASP C 897 -33.13 11.88 -23.32
C ASP C 897 -33.00 10.65 -22.41
N ASP C 898 -32.06 9.75 -22.72
CA ASP C 898 -31.83 8.59 -21.87
C ASP C 898 -30.38 8.09 -22.10
N PRO C 899 -29.55 8.02 -21.03
CA PRO C 899 -28.15 7.55 -21.13
C PRO C 899 -27.82 6.22 -21.84
N ASP C 900 -28.77 5.29 -21.96
CA ASP C 900 -28.54 4.03 -22.67
C ASP C 900 -28.87 4.04 -24.19
N THR C 901 -29.41 5.15 -24.69
CA THR C 901 -29.73 5.26 -26.12
C THR C 901 -28.46 5.36 -26.97
N GLU C 902 -28.33 4.59 -28.05
CA GLU C 902 -27.24 4.80 -29.02
C GLU C 902 -27.45 6.07 -29.84
N LEU C 903 -26.37 6.78 -30.17
CA LEU C 903 -26.42 8.11 -30.79
C LEU C 903 -27.32 8.17 -32.02
N TYR C 904 -27.34 7.13 -32.86
CA TYR C 904 -28.10 7.15 -34.10
C TYR C 904 -29.61 7.32 -33.91
N LEU C 905 -30.16 6.95 -32.76
CA LEU C 905 -31.58 7.08 -32.45
C LEU C 905 -31.98 8.50 -32.04
N THR C 906 -31.05 9.31 -31.55
CA THR C 906 -31.36 10.59 -30.91
C THR C 906 -31.83 11.63 -31.92
N GLN C 907 -32.75 12.50 -31.51
CA GLN C 907 -33.31 13.54 -32.37
C GLN C 907 -32.25 14.44 -33.03
N PRO C 908 -31.26 15.01 -32.32
CA PRO C 908 -30.31 15.93 -32.94
C PRO C 908 -29.40 15.27 -33.97
N PHE C 909 -29.08 13.98 -33.82
CA PHE C 909 -28.36 13.21 -34.81
C PHE C 909 -29.23 12.83 -36.01
N ALA C 910 -30.44 12.34 -35.77
CA ALA C 910 -31.40 12.02 -36.83
C ALA C 910 -31.76 13.24 -37.69
N CYS C 911 -31.77 14.43 -37.10
CA CYS C 911 -31.99 15.68 -37.82
C CYS C 911 -30.75 16.21 -38.54
N GLY C 912 -29.56 15.63 -38.29
CA GLY C 912 -28.32 16.06 -38.95
C GLY C 912 -27.67 17.30 -38.35
N THR C 913 -27.88 17.58 -37.06
CA THR C 913 -27.34 18.76 -36.36
C THR C 913 -26.21 18.45 -35.39
N ALA C 914 -25.92 17.18 -35.16
CA ALA C 914 -24.79 16.73 -34.36
C ALA C 914 -23.97 15.71 -35.13
N PHE C 915 -22.66 15.71 -34.93
CA PHE C 915 -21.78 14.68 -35.46
C PHE C 915 -20.73 14.32 -34.42
N ALA C 916 -20.38 13.04 -34.30
CA ALA C 916 -19.34 12.60 -33.40
C ALA C 916 -18.46 11.59 -34.12
N VAL C 917 -17.14 11.68 -33.96
CA VAL C 917 -16.20 10.81 -34.65
C VAL C 917 -16.41 9.33 -34.32
N SER C 918 -17.05 9.00 -33.20
CA SER C 918 -17.43 7.63 -32.85
C SER C 918 -18.38 6.96 -33.85
N VAL C 919 -19.15 7.69 -34.66
CA VAL C 919 -19.99 7.04 -35.69
C VAL C 919 -19.16 6.41 -36.81
N LEU C 920 -17.90 6.81 -36.97
CA LEU C 920 -16.97 6.22 -37.93
C LEU C 920 -16.28 4.95 -37.41
N ASP C 921 -16.49 4.55 -36.15
CA ASP C 921 -15.89 3.30 -35.62
C ASP C 921 -16.35 2.06 -36.41
N SER C 922 -17.60 2.02 -36.87
CA SER C 922 -18.09 0.92 -37.72
C SER C 922 -17.58 0.99 -39.15
N LEU C 923 -16.85 2.03 -39.55
CA LEU C 923 -16.22 2.06 -40.87
C LEU C 923 -15.05 1.09 -40.97
N MET C 924 -14.41 0.73 -39.84
CA MET C 924 -13.42 -0.35 -39.79
C MET C 924 -14.02 -1.67 -40.25
N SER C 925 -15.08 -2.14 -39.58
CA SER C 925 -15.75 -3.39 -39.93
C SER C 925 -16.38 -3.33 -41.30
N ALA C 926 -17.00 -2.22 -41.71
CA ALA C 926 -17.54 -2.09 -43.05
C ALA C 926 -16.46 -2.26 -44.13
N THR C 927 -15.27 -1.69 -43.90
CA THR C 927 -14.18 -1.77 -44.88
C THR C 927 -13.50 -3.14 -44.90
N TYR C 928 -13.42 -3.85 -43.78
CA TYR C 928 -12.97 -5.24 -43.81
C TYR C 928 -13.86 -6.10 -44.71
N PHE C 929 -15.18 -6.10 -44.47
CA PHE C 929 -16.10 -6.95 -45.22
C PHE C 929 -16.28 -6.54 -46.67
N ASN C 930 -16.02 -5.27 -47.03
CA ASN C 930 -16.06 -4.85 -48.41
C ASN C 930 -15.10 -3.68 -48.68
N ASP C 931 -14.00 -3.95 -49.36
CA ASP C 931 -12.92 -2.99 -49.62
C ASP C 931 -13.36 -1.82 -50.53
N ASN C 932 -14.41 -1.98 -51.32
CA ASN C 932 -14.84 -0.96 -52.26
C ASN C 932 -15.51 0.23 -51.55
N ILE C 933 -16.07 0.00 -50.37
CA ILE C 933 -16.86 1.00 -49.65
C ILE C 933 -16.04 2.25 -49.37
N LEU C 934 -14.87 2.12 -48.76
CA LEU C 934 -14.02 3.25 -48.42
C LEU C 934 -13.63 4.06 -49.67
N THR C 935 -13.50 3.40 -50.82
CA THR C 935 -13.24 4.09 -52.10
C THR C 935 -14.42 4.95 -52.51
N LEU C 936 -15.64 4.43 -52.41
CA LEU C 936 -16.86 5.20 -52.70
C LEU C 936 -17.00 6.39 -51.75
N ILE C 937 -16.86 6.15 -50.45
CA ILE C 937 -17.02 7.22 -49.46
C ILE C 937 -16.01 8.33 -49.72
N ARG C 938 -14.77 7.92 -49.94
CA ARG C 938 -13.73 8.88 -50.23
C ARG C 938 -14.09 9.75 -51.43
N THR C 939 -14.49 9.20 -52.56
CA THR C 939 -14.81 9.98 -53.76
C THR C 939 -16.05 10.86 -53.56
N LEU C 940 -17.08 10.34 -52.89
CA LEU C 940 -18.32 11.06 -52.61
C LEU C 940 -18.15 12.24 -51.64
N VAL C 941 -17.23 12.11 -50.69
CA VAL C 941 -17.07 13.04 -49.57
C VAL C 941 -15.94 14.06 -49.75
N THR C 942 -14.81 13.67 -50.33
CA THR C 942 -13.61 14.55 -50.39
C THR C 942 -13.67 15.61 -51.48
N GLY C 943 -14.72 15.61 -52.30
CA GLY C 943 -14.74 16.35 -53.56
C GLY C 943 -13.99 15.60 -54.66
N GLY C 944 -14.01 14.27 -54.62
CA GLY C 944 -13.47 13.40 -55.65
C GLY C 944 -11.95 13.42 -55.81
N ALA C 945 -11.18 13.58 -54.74
CA ALA C 945 -9.72 13.57 -54.83
C ALA C 945 -9.18 12.23 -55.38
N THR C 946 -8.35 12.28 -56.42
CA THR C 946 -7.80 11.12 -57.13
C THR C 946 -6.44 10.69 -56.57
N PRO C 947 -5.98 9.45 -56.82
CA PRO C 947 -4.62 9.02 -56.49
C PRO C 947 -3.51 9.95 -57.01
N GLU C 948 -3.72 10.56 -58.18
CA GLU C 948 -2.83 11.60 -58.72
C GLU C 948 -2.78 12.84 -57.83
N LEU C 949 -3.93 13.29 -57.31
CA LEU C 949 -3.98 14.38 -56.34
C LEU C 949 -3.22 14.00 -55.05
N GLU C 950 -3.40 12.78 -54.54
CA GLU C 950 -2.66 12.33 -53.36
C GLU C 950 -1.14 12.45 -53.59
N ALA C 951 -0.65 12.02 -54.76
CA ALA C 951 0.76 12.07 -55.09
C ALA C 951 1.29 13.51 -55.19
N LEU C 952 0.57 14.40 -55.87
CA LEU C 952 0.96 15.81 -55.97
C LEU C 952 1.00 16.49 -54.60
N ILE C 953 0.00 16.26 -53.74
CA ILE C 953 -0.01 16.83 -52.40
C ILE C 953 1.07 16.20 -51.52
N ALA C 954 1.36 14.90 -51.65
CA ALA C 954 2.41 14.25 -50.89
C ALA C 954 3.80 14.80 -51.23
N GLU C 955 4.05 15.12 -52.50
CA GLU C 955 5.29 15.78 -52.92
C GLU C 955 5.37 17.24 -52.45
N GLU C 956 4.40 18.06 -52.83
CA GLU C 956 4.55 19.52 -52.72
C GLU C 956 3.93 20.14 -51.46
N ASN C 957 3.22 19.35 -50.63
CA ASN C 957 2.51 19.70 -49.39
C ASN C 957 1.47 20.84 -49.46
N ALA C 958 1.24 21.41 -50.64
CA ALA C 958 0.23 22.41 -50.93
C ALA C 958 -0.39 22.17 -52.32
N LEU C 959 -1.64 22.58 -52.49
CA LEU C 959 -2.35 22.47 -53.76
C LEU C 959 -1.76 23.47 -54.76
N ARG C 960 -1.25 22.99 -55.91
CA ARG C 960 -0.53 23.81 -56.89
C ARG C 960 -1.39 24.13 -58.10
N GLY C 961 -1.53 25.42 -58.43
CA GLY C 961 -2.37 25.88 -59.53
C GLY C 961 -1.84 25.53 -60.91
N GLY C 962 -2.73 25.32 -61.88
CA GLY C 962 -2.38 25.03 -63.27
C GLY C 962 -3.26 25.77 -64.27
N TYR C 963 -2.73 25.99 -65.47
CA TYR C 963 -3.47 26.63 -66.57
C TYR C 963 -4.52 25.69 -67.17
N SER C 964 -5.56 26.29 -67.76
CA SER C 964 -6.65 25.57 -68.40
C SER C 964 -6.17 24.71 -69.58
N THR C 965 -6.76 23.53 -69.73
CA THR C 965 -6.67 22.67 -70.92
C THR C 965 -7.99 21.92 -71.09
N PRO C 966 -8.33 21.42 -72.30
CA PRO C 966 -9.55 20.64 -72.51
C PRO C 966 -9.71 19.44 -71.56
N GLN C 967 -8.62 18.78 -71.15
CA GLN C 967 -8.67 17.69 -70.17
C GLN C 967 -8.92 18.19 -68.74
N THR C 968 -8.24 19.26 -68.33
CA THR C 968 -8.50 19.97 -67.06
C THR C 968 -9.96 20.42 -66.95
N LEU C 969 -10.58 20.81 -68.07
CA LEU C 969 -12.00 21.17 -68.13
C LEU C 969 -12.93 19.94 -68.16
N ALA C 970 -12.58 18.86 -68.85
CA ALA C 970 -13.39 17.64 -68.84
C ALA C 970 -13.49 17.01 -67.44
N ASN C 971 -12.45 17.17 -66.62
CA ASN C 971 -12.42 16.71 -65.22
C ASN C 971 -13.51 17.36 -64.32
N ARG C 972 -14.19 18.43 -64.76
CA ARG C 972 -15.29 19.05 -64.01
C ARG C 972 -16.61 18.27 -64.09
N ASP C 973 -16.77 17.39 -65.07
CA ASP C 973 -18.06 16.77 -65.41
C ASP C 973 -18.44 15.57 -64.51
N ARG C 974 -18.41 15.76 -63.19
CA ARG C 974 -18.89 14.79 -62.18
C ARG C 974 -20.28 15.19 -61.68
N CYS C 975 -20.95 14.36 -60.90
CA CYS C 975 -22.11 14.80 -60.12
C CYS C 975 -21.70 15.49 -58.81
N ARG C 976 -22.63 16.29 -58.29
CA ARG C 976 -22.44 16.93 -57.02
C ARG C 976 -23.75 16.72 -56.22
N VAL C 977 -23.64 16.59 -54.90
CA VAL C 977 -24.80 16.41 -54.02
C VAL C 977 -25.53 17.73 -53.81
N ALA C 978 -26.86 17.70 -53.81
CA ALA C 978 -27.70 18.88 -53.68
C ALA C 978 -29.06 18.53 -53.06
N GLN C 979 -29.74 19.56 -52.53
CA GLN C 979 -31.10 19.45 -52.03
C GLN C 979 -32.07 20.19 -52.96
N LEU C 980 -33.15 19.51 -53.35
CA LEU C 980 -34.20 20.04 -54.21
C LEU C 980 -35.46 20.32 -53.40
N ALA C 981 -36.05 21.50 -53.57
CA ALA C 981 -37.28 21.92 -52.92
C ALA C 981 -38.51 21.51 -53.74
N LEU C 982 -39.41 20.76 -53.13
CA LEU C 982 -40.62 20.25 -53.77
C LEU C 982 -41.76 21.30 -53.90
N LEU C 983 -41.43 22.58 -53.81
CA LEU C 983 -42.33 23.72 -54.07
C LEU C 983 -42.09 24.37 -55.45
N ASP C 984 -41.05 23.98 -56.18
CA ASP C 984 -40.76 24.51 -57.51
C ASP C 984 -41.59 23.84 -58.62
N GLY C 985 -41.92 24.62 -59.65
CA GLY C 985 -42.75 24.22 -60.79
C GLY C 985 -42.48 22.85 -61.42
N PRO C 986 -41.22 22.42 -61.67
CA PRO C 986 -40.98 21.12 -62.32
C PRO C 986 -41.31 19.89 -61.48
N PHE C 987 -41.62 20.03 -60.18
CA PHE C 987 -41.90 18.88 -59.30
C PHE C 987 -43.07 19.09 -58.33
N ALA C 988 -43.50 20.33 -58.05
CA ALA C 988 -44.49 20.60 -57.01
C ALA C 988 -45.86 19.98 -57.29
N ASP C 989 -46.23 19.81 -58.55
CA ASP C 989 -47.48 19.13 -58.95
C ASP C 989 -47.51 17.66 -58.51
N LEU C 990 -46.36 17.02 -58.34
CA LEU C 990 -46.23 15.67 -57.79
C LEU C 990 -46.04 15.67 -56.26
N GLY C 991 -45.63 16.79 -55.70
CA GLY C 991 -45.57 17.04 -54.26
C GLY C 991 -46.94 17.32 -53.63
N ASP C 992 -47.94 16.49 -53.91
CA ASP C 992 -49.32 16.66 -53.43
C ASP C 992 -49.82 15.47 -52.60
N GLY C 993 -48.92 14.60 -52.16
CA GLY C 993 -49.19 13.24 -51.68
C GLY C 993 -48.87 12.16 -52.71
N GLY C 994 -48.47 12.54 -53.94
CA GLY C 994 -47.99 11.64 -54.98
C GLY C 994 -46.72 10.85 -54.61
N CYS C 995 -46.39 9.83 -55.40
CA CYS C 995 -45.38 8.84 -55.09
C CYS C 995 -43.93 9.31 -55.32
N TYR C 996 -43.04 9.04 -54.36
CA TYR C 996 -41.58 9.23 -54.50
C TYR C 996 -41.01 8.52 -55.71
N GLY C 997 -41.50 7.31 -56.00
CA GLY C 997 -41.07 6.53 -57.16
C GLY C 997 -41.30 7.22 -58.49
N ASP C 998 -42.41 7.94 -58.64
CA ASP C 998 -42.70 8.71 -59.84
C ASP C 998 -41.76 9.91 -59.97
N LEU C 999 -41.44 10.55 -58.84
CA LEU C 999 -40.51 11.68 -58.79
C LEU C 999 -39.11 11.20 -59.18
N PHE C 1000 -38.65 10.12 -58.57
CA PHE C 1000 -37.41 9.44 -58.90
C PHE C 1000 -37.33 9.14 -60.39
N CYS C 1001 -38.33 8.47 -60.95
CA CYS C 1001 -38.34 8.09 -62.36
C CYS C 1001 -38.24 9.30 -63.28
N LYS C 1002 -39.06 10.33 -63.09
CA LYS C 1002 -39.02 11.49 -63.99
C LYS C 1002 -37.78 12.34 -63.80
N ALA C 1003 -37.34 12.60 -62.58
CA ALA C 1003 -36.16 13.42 -62.33
C ALA C 1003 -34.89 12.74 -62.85
N LEU C 1004 -34.80 11.42 -62.70
CA LEU C 1004 -33.75 10.60 -63.33
C LEU C 1004 -33.81 10.70 -64.85
N LYS C 1005 -34.95 10.39 -65.47
CA LYS C 1005 -35.02 10.30 -66.94
C LYS C 1005 -34.96 11.65 -67.66
N THR C 1006 -35.37 12.75 -67.01
CA THR C 1006 -35.38 14.08 -67.64
C THR C 1006 -34.14 14.93 -67.34
N TYR C 1007 -33.54 14.80 -66.15
CA TYR C 1007 -32.38 15.63 -65.74
C TYR C 1007 -31.15 14.82 -65.30
N ASN C 1008 -31.24 13.50 -65.22
CA ASN C 1008 -30.23 12.65 -64.59
C ASN C 1008 -29.97 13.07 -63.13
N MET C 1009 -31.05 13.27 -62.36
CA MET C 1009 -31.03 13.88 -61.02
C MET C 1009 -30.82 12.90 -59.85
N LEU C 1010 -31.15 11.63 -60.08
CA LEU C 1010 -31.08 10.55 -59.08
C LEU C 1010 -31.19 10.89 -57.57
N CYS C 1011 -32.41 11.18 -57.13
CA CYS C 1011 -32.68 11.36 -55.71
C CYS C 1011 -32.48 10.05 -54.94
N PHE C 1012 -31.99 10.15 -53.70
CA PHE C 1012 -31.65 9.00 -52.88
C PHE C 1012 -32.20 9.05 -51.45
N GLY C 1013 -32.90 10.13 -51.09
CA GLY C 1013 -33.59 10.27 -49.82
C GLY C 1013 -34.41 11.55 -49.76
N ILE C 1014 -35.22 11.68 -48.72
CA ILE C 1014 -35.96 12.90 -48.43
C ILE C 1014 -35.67 13.37 -47.00
N TYR C 1015 -35.70 14.68 -46.83
CA TYR C 1015 -35.53 15.37 -45.57
C TYR C 1015 -36.91 15.92 -45.19
N ARG C 1016 -37.60 15.19 -44.30
CA ARG C 1016 -38.96 15.46 -43.94
C ARG C 1016 -39.06 16.27 -42.64
N LEU C 1017 -40.05 17.14 -42.55
CA LEU C 1017 -40.29 17.90 -41.32
C LEU C 1017 -40.72 16.95 -40.19
N ARG C 1018 -40.13 17.09 -38.99
CA ARG C 1018 -40.39 16.23 -37.83
C ARG C 1018 -41.86 16.05 -37.46
N ASP C 1019 -42.62 17.09 -37.72
CA ASP C 1019 -44.04 17.11 -37.35
C ASP C 1019 -44.99 16.88 -38.54
N ALA C 1020 -44.50 16.63 -39.76
CA ALA C 1020 -45.35 16.57 -40.96
C ALA C 1020 -46.41 15.45 -40.95
N HIS C 1021 -46.21 14.44 -40.12
CA HIS C 1021 -47.19 13.37 -39.93
C HIS C 1021 -48.40 13.77 -39.04
N LEU C 1022 -48.25 14.83 -38.24
CA LEU C 1022 -49.33 15.34 -37.38
C LEU C 1022 -50.44 16.03 -38.18
N SER C 1023 -51.67 15.96 -37.68
CA SER C 1023 -52.83 16.65 -38.24
C SER C 1023 -52.81 18.16 -37.98
N THR C 1024 -52.35 18.59 -36.81
CA THR C 1024 -52.13 20.00 -36.47
C THR C 1024 -50.93 20.57 -37.23
N PRO C 1025 -50.99 21.83 -37.69
CA PRO C 1025 -49.81 22.63 -37.98
C PRO C 1025 -48.87 22.74 -36.76
N SER C 1026 -47.62 23.12 -37.00
CA SER C 1026 -46.59 23.32 -35.97
C SER C 1026 -45.60 24.42 -36.39
N GLN C 1027 -44.98 25.06 -35.42
CA GLN C 1027 -43.89 26.03 -35.65
C GLN C 1027 -42.51 25.34 -35.77
N CYS C 1028 -42.41 24.03 -35.56
CA CYS C 1028 -41.16 23.29 -35.60
C CYS C 1028 -40.56 23.20 -37.02
N THR C 1029 -39.37 23.76 -37.21
CA THR C 1029 -38.65 23.78 -38.50
C THR C 1029 -37.70 22.58 -38.68
N LYS C 1030 -37.53 21.75 -37.64
CA LYS C 1030 -36.61 20.61 -37.69
C LYS C 1030 -37.05 19.60 -38.74
N ARG C 1031 -36.10 19.08 -39.52
CA ARG C 1031 -36.28 17.98 -40.47
C ARG C 1031 -35.44 16.78 -40.07
N TYR C 1032 -35.85 15.58 -40.47
CA TYR C 1032 -35.12 14.33 -40.25
C TYR C 1032 -35.00 13.55 -41.55
N VAL C 1033 -34.05 12.62 -41.58
CA VAL C 1033 -33.57 12.01 -42.83
C VAL C 1033 -34.22 10.66 -43.10
N ILE C 1034 -34.80 10.50 -44.29
CA ILE C 1034 -35.27 9.24 -44.84
C ILE C 1034 -34.36 8.84 -45.99
N THR C 1035 -33.77 7.65 -45.90
CA THR C 1035 -32.80 7.13 -46.88
C THR C 1035 -33.45 6.04 -47.72
N ASN C 1036 -33.37 6.14 -49.04
CA ASN C 1036 -33.97 5.16 -49.98
C ASN C 1036 -35.46 4.86 -49.67
N PRO C 1037 -36.38 5.82 -49.82
CA PRO C 1037 -37.82 5.60 -49.61
C PRO C 1037 -38.37 4.47 -50.49
N PRO C 1038 -39.25 3.60 -49.98
CA PRO C 1038 -39.49 2.25 -50.51
C PRO C 1038 -40.36 2.14 -51.78
N TYR C 1039 -40.51 3.19 -52.59
CA TYR C 1039 -41.58 3.32 -53.61
C TYR C 1039 -42.98 3.32 -52.95
N GLU C 1040 -44.01 3.74 -53.69
CA GLU C 1040 -45.37 4.01 -53.17
C GLU C 1040 -45.45 4.94 -51.95
N PHE C 1041 -44.39 5.72 -51.71
CA PHE C 1041 -44.19 6.55 -50.53
C PHE C 1041 -44.59 7.99 -50.83
N GLU C 1042 -45.42 8.60 -49.99
CA GLU C 1042 -46.05 9.89 -50.28
C GLU C 1042 -45.09 11.08 -50.14
N LEU C 1043 -45.17 12.04 -51.07
CA LEU C 1043 -44.48 13.31 -51.00
C LEU C 1043 -45.39 14.46 -50.54
N VAL C 1044 -45.18 14.93 -49.32
CA VAL C 1044 -45.75 16.18 -48.79
C VAL C 1044 -45.04 17.37 -49.45
N PRO C 1045 -45.73 18.47 -49.82
CA PRO C 1045 -45.10 19.58 -50.56
C PRO C 1045 -43.96 20.27 -49.81
N THR C 1046 -43.87 20.09 -48.50
CA THR C 1046 -42.82 20.65 -47.64
C THR C 1046 -41.48 19.92 -47.72
N ASP C 1047 -41.40 18.74 -48.33
CA ASP C 1047 -40.19 17.92 -48.31
C ASP C 1047 -39.03 18.50 -49.13
N LEU C 1048 -37.82 18.21 -48.67
CA LEU C 1048 -36.58 18.45 -49.40
C LEU C 1048 -36.02 17.11 -49.88
N ILE C 1049 -35.59 17.07 -51.14
CA ILE C 1049 -35.09 15.88 -51.82
C ILE C 1049 -33.57 15.90 -51.81
N PHE C 1050 -32.93 14.87 -51.28
CA PHE C 1050 -31.49 14.65 -51.47
C PHE C 1050 -31.24 14.07 -52.85
N CYS C 1051 -30.38 14.68 -53.64
CA CYS C 1051 -30.11 14.27 -55.01
C CYS C 1051 -28.66 14.45 -55.45
N LEU C 1052 -28.27 13.75 -56.52
CA LEU C 1052 -26.98 13.90 -57.16
C LEU C 1052 -27.20 14.54 -58.53
N MET C 1053 -26.65 15.71 -58.78
CA MET C 1053 -26.96 16.45 -60.02
C MET C 1053 -25.73 16.74 -60.87
N GLN C 1054 -25.94 16.65 -62.18
CA GLN C 1054 -24.92 16.79 -63.21
C GLN C 1054 -24.30 18.19 -63.22
N PHE C 1055 -23.04 18.29 -63.62
CA PHE C 1055 -22.44 19.56 -63.99
C PHE C 1055 -23.05 20.11 -65.30
N ASP C 1056 -22.77 21.36 -65.66
CA ASP C 1056 -23.21 22.00 -66.91
C ASP C 1056 -22.17 23.01 -67.43
N ARG D 20 7.36 -28.48 56.92
CA ARG D 20 8.72 -28.09 56.46
C ARG D 20 8.81 -26.58 56.32
N MET D 21 9.98 -25.99 56.59
CA MET D 21 10.28 -24.59 56.27
C MET D 21 10.24 -24.33 54.74
N TRP D 22 9.80 -23.13 54.36
CA TRP D 22 9.88 -22.61 52.99
C TRP D 22 9.84 -21.08 52.96
N TRP D 23 9.03 -20.45 53.80
CA TRP D 23 8.80 -19.00 53.79
C TRP D 23 10.02 -18.16 54.19
N ALA D 24 10.98 -18.69 54.97
CA ALA D 24 12.20 -17.97 55.30
C ALA D 24 13.07 -17.68 54.07
N PHE D 25 13.12 -18.59 53.10
CA PHE D 25 13.84 -18.37 51.84
C PHE D 25 13.22 -17.22 51.05
N LEU D 26 11.90 -17.23 50.88
CA LEU D 26 11.14 -16.18 50.20
C LEU D 26 11.28 -14.83 50.92
N ALA D 27 11.15 -14.81 52.24
CA ALA D 27 11.30 -13.59 53.04
C ALA D 27 12.68 -12.94 52.84
N SER D 28 13.75 -13.72 52.70
CA SER D 28 15.10 -13.16 52.48
C SER D 28 15.17 -12.27 51.23
N SER D 29 14.47 -12.61 50.15
CA SER D 29 14.36 -11.77 48.97
C SER D 29 13.38 -10.62 49.13
N MET D 30 12.18 -10.86 49.65
CA MET D 30 11.17 -9.81 49.82
C MET D 30 11.66 -8.69 50.75
N VAL D 31 12.26 -9.07 51.88
CA VAL D 31 12.81 -8.13 52.86
C VAL D 31 14.02 -7.39 52.32
N THR D 32 14.97 -8.06 51.65
CA THR D 32 16.13 -7.33 51.10
C THR D 32 15.70 -6.32 50.04
N PHE D 33 14.77 -6.68 49.15
CA PHE D 33 14.33 -5.79 48.09
C PHE D 33 13.55 -4.60 48.62
N PHE D 34 12.46 -4.82 49.38
CA PHE D 34 11.64 -3.73 49.92
C PHE D 34 12.38 -2.92 50.98
N GLY D 35 13.13 -3.57 51.88
CA GLY D 35 13.95 -2.89 52.87
C GLY D 35 15.02 -2.02 52.21
N GLY D 36 15.73 -2.55 51.22
CA GLY D 36 16.69 -1.77 50.44
C GLY D 36 16.06 -0.62 49.67
N LEU D 37 14.86 -0.79 49.11
CA LEU D 37 14.12 0.32 48.50
C LEU D 37 13.86 1.40 49.56
N PHE D 38 13.34 1.04 50.73
CA PHE D 38 13.07 2.02 51.78
C PHE D 38 14.33 2.69 52.32
N ILE D 39 15.44 1.99 52.61
CA ILE D 39 16.64 2.69 53.12
C ILE D 39 17.23 3.63 52.07
N ILE D 40 17.20 3.28 50.78
CA ILE D 40 17.65 4.18 49.70
C ILE D 40 16.70 5.38 49.58
N LEU D 41 15.38 5.17 49.62
CA LEU D 41 14.40 6.25 49.60
C LEU D 41 14.57 7.18 50.81
N LEU D 42 14.77 6.63 52.00
CA LEU D 42 14.91 7.42 53.23
C LEU D 42 16.27 8.13 53.33
N TRP D 43 17.34 7.58 52.78
CA TRP D 43 18.62 8.27 52.63
C TRP D 43 18.49 9.50 51.71
N ARG D 44 17.73 9.39 50.62
CA ARG D 44 17.35 10.56 49.80
C ARG D 44 16.42 11.51 50.57
N THR D 45 15.48 10.99 51.34
CA THR D 45 14.52 11.81 52.10
C THR D 45 15.19 12.61 53.22
N LEU D 46 16.13 12.04 53.98
CA LEU D 46 16.83 12.78 55.04
C LEU D 46 17.74 13.88 54.49
N LYS D 47 18.31 13.72 53.29
CA LYS D 47 19.03 14.82 52.61
C LYS D 47 18.08 15.96 52.21
N TYR D 48 16.86 15.64 51.78
CA TYR D 48 15.80 16.65 51.59
C TYR D 48 15.41 17.33 52.92
N LEU D 49 15.23 16.59 54.01
CA LEU D 49 14.94 17.18 55.32
C LEU D 49 16.08 18.04 55.89
N TRP D 50 17.34 17.74 55.57
CA TRP D 50 18.50 18.45 56.15
C TRP D 50 18.47 19.97 55.86
N THR D 51 18.15 20.39 54.63
CA THR D 51 18.03 21.83 54.31
C THR D 51 16.73 22.46 54.81
N VAL D 52 15.73 21.68 55.20
CA VAL D 52 14.55 22.17 55.95
C VAL D 52 14.87 22.31 57.45
N CYS D 53 15.74 21.44 57.98
CA CYS D 53 16.26 21.51 59.35
C CYS D 53 17.15 22.74 59.59
N CYS D 54 18.01 23.08 58.62
CA CYS D 54 18.90 24.25 58.69
C CYS D 54 18.09 25.56 58.79
N MET D 94 36.53 9.33 49.65
CA MET D 94 36.37 8.04 49.00
C MET D 94 35.35 8.07 47.85
N THR D 95 34.58 9.15 47.72
CA THR D 95 33.63 9.36 46.61
C THR D 95 34.32 9.43 45.24
N SER D 96 35.62 9.73 45.20
CA SER D 96 36.47 9.63 44.01
C SER D 96 36.87 8.19 43.65
N VAL D 97 36.99 7.29 44.64
CA VAL D 97 37.51 5.93 44.44
C VAL D 97 36.52 5.04 43.67
N LYS D 98 35.21 5.23 43.88
CA LYS D 98 34.16 4.46 43.19
C LYS D 98 34.16 4.65 41.66
N ASP D 99 34.59 5.81 41.17
CA ASP D 99 34.68 6.09 39.73
C ASP D 99 35.96 5.49 39.12
N TRP D 100 36.98 5.23 39.93
CA TRP D 100 38.22 4.57 39.54
C TRP D 100 38.10 3.05 39.56
N ALA D 101 37.78 2.46 40.71
CA ALA D 101 37.79 1.01 40.92
C ALA D 101 36.57 0.33 40.27
N GLY D 102 36.79 -0.78 39.57
CA GLY D 102 35.76 -1.60 38.91
C GLY D 102 35.13 -0.96 37.66
N VAL D 103 34.76 0.32 37.71
CA VAL D 103 34.16 1.05 36.59
C VAL D 103 35.04 0.97 35.34
N MET D 104 36.36 1.11 35.49
CA MET D 104 37.35 1.04 34.42
C MET D 104 37.49 -0.33 33.71
N ILE D 105 36.79 -1.37 34.18
CA ILE D 105 36.77 -2.71 33.58
C ILE D 105 35.33 -3.23 33.36
N SER D 106 34.25 -2.61 33.86
CA SER D 106 32.91 -3.19 33.70
C SER D 106 32.32 -3.00 32.32
N ALA D 107 32.33 -1.77 31.80
CA ALA D 107 31.74 -1.54 30.49
C ALA D 107 32.49 -0.53 29.60
N GLN D 108 32.38 -0.72 28.27
CA GLN D 108 33.01 0.14 27.21
C GLN D 108 34.56 0.35 27.30
N THR D 109 35.21 -0.69 27.79
CA THR D 109 36.66 -0.76 28.11
C THR D 109 37.35 -2.01 27.55
N LEU D 110 36.79 -2.57 26.47
CA LEU D 110 37.36 -3.59 25.56
C LEU D 110 37.72 -4.95 26.20
N THR D 111 38.64 -4.98 27.15
CA THR D 111 39.05 -6.17 27.92
C THR D 111 38.10 -6.51 29.07
N GLY D 112 36.94 -5.85 29.16
CA GLY D 112 35.89 -6.03 30.18
C GLY D 112 35.14 -7.37 30.17
N ARG D 113 35.53 -8.37 29.36
CA ARG D 113 34.99 -9.75 29.39
C ARG D 113 34.87 -10.40 30.79
N VAL D 114 35.78 -10.10 31.69
CA VAL D 114 35.73 -10.55 33.09
C VAL D 114 34.52 -10.02 33.89
N LEU D 115 33.86 -8.95 33.44
CA LEU D 115 32.65 -8.40 34.08
C LEU D 115 31.38 -8.50 33.20
N VAL D 116 31.44 -9.21 32.07
CA VAL D 116 30.28 -9.48 31.20
C VAL D 116 30.27 -10.94 30.74
N VAL D 117 31.22 -11.36 29.92
CA VAL D 117 31.30 -12.75 29.42
C VAL D 117 31.36 -13.75 30.58
N LEU D 118 32.12 -13.43 31.64
CA LEU D 118 32.21 -14.28 32.81
C LEU D 118 30.88 -14.35 33.58
N VAL D 119 30.25 -13.23 33.91
CA VAL D 119 28.98 -13.25 34.66
C VAL D 119 27.83 -13.87 33.86
N PHE D 120 27.85 -13.74 32.54
CA PHE D 120 26.99 -14.50 31.64
C PHE D 120 27.26 -15.99 31.76
N ALA D 121 28.50 -16.45 31.58
CA ALA D 121 28.82 -17.87 31.65
C ALA D 121 28.49 -18.47 33.03
N LEU D 122 28.71 -17.73 34.11
CA LEU D 122 28.28 -18.11 35.45
C LEU D 122 26.75 -18.14 35.58
N SER D 123 26.03 -17.22 34.95
CA SER D 123 24.55 -17.25 34.96
C SER D 123 24.00 -18.45 34.20
N ILE D 124 24.60 -18.81 33.05
CA ILE D 124 24.27 -20.04 32.34
C ILE D 124 24.61 -21.25 33.19
N GLY D 125 25.75 -21.27 33.89
CA GLY D 125 26.09 -22.35 34.80
C GLY D 125 25.09 -22.49 35.95
N ALA D 126 24.68 -21.38 36.58
CA ALA D 126 23.68 -21.37 37.62
C ALA D 126 22.30 -21.86 37.12
N LEU D 127 21.92 -21.48 35.90
CA LEU D 127 20.71 -21.98 35.26
C LEU D 127 20.79 -23.47 34.93
N VAL D 128 21.93 -23.96 34.41
CA VAL D 128 22.13 -25.40 34.23
C VAL D 128 22.05 -26.14 35.55
N ILE D 129 22.67 -25.65 36.62
CA ILE D 129 22.55 -26.24 37.96
C ILE D 129 21.09 -26.26 38.41
N TYR D 130 20.27 -25.26 38.10
CA TYR D 130 18.83 -25.32 38.38
C TYR D 130 18.12 -26.44 37.60
N PHE D 131 18.51 -26.65 36.33
CA PHE D 131 17.97 -27.73 35.51
C PHE D 131 18.30 -29.10 36.14
N ILE D 132 19.53 -29.24 36.60
CA ILE D 132 19.96 -30.45 37.31
C ILE D 132 19.10 -30.63 38.56
N ASP D 133 19.02 -29.61 39.41
CA ASP D 133 18.36 -29.64 40.71
C ASP D 133 16.87 -30.00 40.60
N SER D 134 16.14 -29.42 39.65
CA SER D 134 14.71 -29.67 39.47
C SER D 134 14.37 -31.10 39.02
N SER D 135 15.35 -31.89 38.57
CA SER D 135 15.10 -33.26 38.09
C SER D 135 14.88 -34.27 39.20
N ASN D 136 15.35 -34.00 40.42
CA ASN D 136 15.28 -34.91 41.56
C ASN D 136 13.96 -34.79 42.36
N PRO D 137 13.57 -35.84 43.11
CA PRO D 137 12.39 -35.84 43.98
C PRO D 137 12.59 -35.09 45.32
N ILE D 138 13.68 -34.33 45.40
CA ILE D 138 14.08 -33.55 46.59
C ILE D 138 14.21 -34.31 47.93
N GLU D 139 14.28 -35.64 47.91
CA GLU D 139 14.47 -36.41 49.15
C GLU D 139 15.94 -36.76 49.51
N SER D 140 16.87 -36.50 48.59
CA SER D 140 18.29 -36.84 48.82
C SER D 140 18.93 -36.11 50.01
N CYS D 141 19.82 -36.82 50.72
CA CYS D 141 20.57 -36.30 51.85
C CYS D 141 22.11 -36.50 51.68
N GLN D 142 22.59 -36.68 50.44
CA GLN D 142 24.00 -36.97 50.16
C GLN D 142 24.54 -36.23 48.92
N ASN D 143 23.90 -36.34 47.76
CA ASN D 143 24.29 -35.59 46.56
C ASN D 143 23.97 -34.09 46.68
N PHE D 144 23.00 -33.69 47.50
CA PHE D 144 22.63 -32.25 47.62
C PHE D 144 23.54 -31.37 48.51
N TYR D 145 24.73 -31.87 48.84
CA TYR D 145 25.69 -31.18 49.71
C TYR D 145 27.08 -31.06 49.05
N LYS D 146 28.09 -31.84 49.49
CA LYS D 146 29.52 -31.74 49.12
C LYS D 146 29.87 -32.24 47.71
N ASP D 147 28.94 -32.09 46.76
CA ASP D 147 28.98 -32.64 45.42
C ASP D 147 28.77 -31.53 44.37
N PHE D 148 28.52 -31.87 43.10
CA PHE D 148 28.14 -30.90 42.06
C PHE D 148 26.71 -30.32 42.24
N THR D 149 26.39 -29.85 43.45
CA THR D 149 25.13 -29.20 43.83
C THR D 149 25.40 -27.93 44.66
N LEU D 150 25.03 -27.87 45.94
CA LEU D 150 25.01 -26.64 46.74
C LEU D 150 26.39 -26.01 46.91
N GLN D 151 27.44 -26.82 46.99
CA GLN D 151 28.81 -26.30 47.13
C GLN D 151 29.19 -25.44 45.90
N ILE D 152 29.06 -26.01 44.71
CA ILE D 152 29.34 -25.29 43.47
C ILE D 152 28.32 -24.18 43.21
N ASP D 153 27.05 -24.36 43.59
CA ASP D 153 26.04 -23.30 43.46
C ASP D 153 26.41 -22.04 44.26
N MET D 154 26.89 -22.21 45.49
CA MET D 154 27.38 -21.10 46.31
C MET D 154 28.66 -20.47 45.71
N ALA D 155 29.56 -21.29 45.18
CA ALA D 155 30.76 -20.81 44.50
C ALA D 155 30.46 -19.96 43.25
N PHE D 156 29.36 -20.22 42.55
CA PHE D 156 28.88 -19.38 41.46
C PHE D 156 28.14 -18.13 41.99
N ASN D 157 27.27 -18.29 42.98
CA ASN D 157 26.46 -17.18 43.50
C ASN D 157 27.24 -16.11 44.27
N VAL D 158 28.36 -16.45 44.91
CA VAL D 158 29.19 -15.43 45.59
C VAL D 158 29.74 -14.39 44.61
N PHE D 159 30.04 -14.77 43.37
CA PHE D 159 30.43 -13.82 42.32
C PHE D 159 29.32 -12.79 42.08
N PHE D 160 28.06 -13.21 42.02
CA PHE D 160 26.95 -12.29 41.81
C PHE D 160 26.80 -11.29 42.95
N LEU D 161 27.11 -11.66 44.20
CA LEU D 161 27.15 -10.70 45.31
C LEU D 161 28.21 -9.62 45.06
N LEU D 162 29.43 -10.03 44.69
CA LEU D 162 30.53 -9.08 44.42
C LEU D 162 30.21 -8.18 43.24
N TYR D 163 29.72 -8.76 42.14
CA TYR D 163 29.36 -8.02 40.94
C TYR D 163 28.17 -7.08 41.15
N PHE D 164 27.19 -7.46 41.98
CA PHE D 164 26.11 -6.57 42.40
C PHE D 164 26.64 -5.39 43.22
N GLY D 165 27.52 -5.63 44.19
CA GLY D 165 28.15 -4.58 44.97
C GLY D 165 28.96 -3.61 44.10
N LEU D 166 29.73 -4.14 43.16
CA LEU D 166 30.51 -3.35 42.20
C LEU D 166 29.60 -2.47 41.32
N ARG D 167 28.49 -3.02 40.82
CA ARG D 167 27.48 -2.22 40.11
C ARG D 167 26.83 -1.18 41.02
N PHE D 168 26.54 -1.51 42.28
CA PHE D 168 25.93 -0.58 43.23
C PHE D 168 26.82 0.62 43.55
N ILE D 169 28.11 0.38 43.72
CA ILE D 169 29.04 1.46 44.03
C ILE D 169 29.40 2.34 42.83
N ALA D 170 29.13 1.83 41.63
CA ALA D 170 29.42 2.55 40.39
C ALA D 170 28.19 3.34 39.97
N ALA D 171 27.07 2.65 39.85
CA ALA D 171 25.82 3.29 39.46
C ALA D 171 25.43 4.30 40.55
N ASN D 172 25.85 5.55 40.39
CA ASN D 172 25.57 6.58 41.37
C ASN D 172 24.09 6.67 41.78
N ASP D 173 23.19 6.74 40.82
CA ASP D 173 21.78 6.87 41.13
C ASP D 173 21.38 5.53 41.77
N LYS D 174 21.29 5.48 43.09
CA LYS D 174 20.96 4.21 43.73
C LYS D 174 19.52 3.77 43.45
N LEU D 175 18.57 4.72 43.37
CA LEU D 175 17.14 4.39 43.31
C LEU D 175 16.78 3.77 41.95
N TRP D 176 17.15 4.43 40.85
CA TRP D 176 16.99 3.85 39.52
C TRP D 176 17.72 2.52 39.37
N PHE D 177 18.89 2.37 39.99
CA PHE D 177 19.62 1.11 39.99
C PHE D 177 18.92 0.00 40.79
N TRP D 178 18.32 0.33 41.93
CA TRP D 178 17.74 -0.67 42.82
C TRP D 178 16.58 -1.39 42.14
N LEU D 179 15.63 -0.64 41.57
CA LEU D 179 14.51 -1.19 40.81
C LEU D 179 14.82 -1.37 39.30
N GLU D 180 16.09 -1.56 38.94
CA GLU D 180 16.49 -2.03 37.61
C GLU D 180 16.26 -3.55 37.48
N VAL D 181 15.77 -4.04 36.34
CA VAL D 181 15.33 -5.44 36.19
C VAL D 181 16.43 -6.45 36.56
N ASN D 182 17.65 -6.23 36.11
CA ASN D 182 18.77 -7.11 36.40
C ASN D 182 19.13 -7.11 37.90
N SER D 183 18.91 -5.99 38.61
CA SER D 183 19.03 -5.93 40.08
C SER D 183 17.97 -6.77 40.76
N VAL D 184 16.72 -6.72 40.28
CA VAL D 184 15.62 -7.52 40.82
C VAL D 184 15.91 -9.02 40.67
N VAL D 185 16.48 -9.45 39.54
CA VAL D 185 16.90 -10.85 39.35
C VAL D 185 17.94 -11.28 40.40
N ASP D 186 18.83 -10.39 40.84
CA ASP D 186 19.78 -10.71 41.92
C ASP D 186 19.11 -10.81 43.29
N PHE D 187 18.19 -9.91 43.64
CA PHE D 187 17.49 -10.00 44.93
C PHE D 187 16.64 -11.26 45.09
N PHE D 188 16.04 -11.76 44.01
CA PHE D 188 15.29 -13.02 44.04
C PHE D 188 16.15 -14.27 43.83
N THR D 189 17.45 -14.13 43.57
CA THR D 189 18.38 -15.28 43.47
C THR D 189 19.30 -15.42 44.67
N VAL D 190 20.06 -14.37 45.00
CA VAL D 190 21.12 -14.45 46.02
C VAL D 190 20.80 -14.71 47.50
N PRO D 191 19.90 -13.92 48.12
CA PRO D 191 19.66 -14.27 49.54
C PRO D 191 19.16 -15.71 49.77
N PRO D 192 18.23 -16.21 48.91
CA PRO D 192 17.81 -17.61 49.17
C PRO D 192 18.95 -18.62 49.24
N VAL D 193 20.00 -18.44 48.44
CA VAL D 193 21.12 -19.39 48.47
C VAL D 193 21.93 -19.23 49.76
N PHE D 194 22.09 -18.03 50.34
CA PHE D 194 22.68 -17.91 51.68
C PHE D 194 21.84 -18.66 52.72
N VAL D 195 20.51 -18.48 52.71
CA VAL D 195 19.61 -19.25 53.60
C VAL D 195 19.82 -20.76 53.38
N SER D 196 19.98 -21.21 52.14
CA SER D 196 20.14 -22.62 51.83
C SER D 196 21.43 -23.21 52.38
N VAL D 197 22.57 -22.50 52.31
CA VAL D 197 23.83 -23.00 52.87
C VAL D 197 23.91 -22.83 54.39
N TYR D 198 23.23 -21.82 54.94
CA TYR D 198 23.07 -21.66 56.39
C TYR D 198 22.23 -22.79 57.01
N LEU D 199 21.08 -23.13 56.43
CA LEU D 199 20.24 -24.26 56.87
C LEU D 199 20.76 -25.63 56.38
N ASN D 200 21.78 -25.64 55.51
CA ASN D 200 22.30 -26.82 54.82
C ASN D 200 21.19 -27.63 54.12
N ARG D 201 20.33 -26.94 53.37
CA ARG D 201 19.11 -27.46 52.73
C ARG D 201 18.80 -26.68 51.46
N SER D 202 18.89 -27.32 50.29
CA SER D 202 18.52 -26.67 49.02
C SER D 202 17.03 -26.32 48.96
N TRP D 203 16.68 -25.23 48.28
CA TRP D 203 15.30 -24.87 47.95
C TRP D 203 15.16 -24.54 46.47
N LEU D 204 14.23 -25.21 45.80
CA LEU D 204 13.96 -25.05 44.38
C LEU D 204 13.00 -23.88 44.11
N GLY D 205 13.33 -22.72 44.64
CA GLY D 205 12.52 -21.50 44.51
C GLY D 205 12.68 -20.81 43.16
N LEU D 206 12.61 -19.48 43.16
CA LEU D 206 12.64 -18.63 41.96
C LEU D 206 13.97 -18.62 41.18
N ARG D 207 14.97 -19.47 41.49
CA ARG D 207 16.22 -19.59 40.71
C ARG D 207 16.10 -19.61 39.19
N PHE D 208 15.03 -20.19 38.64
CA PHE D 208 14.80 -20.12 37.20
C PHE D 208 14.89 -18.69 36.65
N LEU D 209 14.71 -17.64 37.47
CA LEU D 209 14.84 -16.25 37.02
C LEU D 209 16.23 -15.93 36.48
N ARG D 210 17.20 -16.81 36.74
CA ARG D 210 18.53 -16.65 36.15
C ARG D 210 18.49 -16.72 34.60
N ALA D 211 17.46 -17.37 34.03
CA ALA D 211 17.23 -17.39 32.59
C ALA D 211 16.99 -16.00 31.99
N LEU D 212 16.53 -15.04 32.78
CA LEU D 212 16.32 -13.67 32.33
C LEU D 212 17.65 -12.94 32.03
N ARG D 213 18.79 -13.50 32.46
CA ARG D 213 20.14 -13.03 32.08
C ARG D 213 20.51 -13.26 30.62
N LEU D 214 19.83 -14.16 29.91
CA LEU D 214 20.14 -14.42 28.49
C LEU D 214 19.81 -13.23 27.58
N ILE D 215 18.96 -12.28 28.02
CA ILE D 215 18.51 -11.15 27.18
C ILE D 215 19.69 -10.36 26.60
N GLN D 216 20.71 -10.11 27.41
CA GLN D 216 21.92 -9.38 27.01
C GLN D 216 22.99 -10.24 26.30
N PHE D 217 22.68 -11.44 25.83
CA PHE D 217 23.60 -12.27 25.04
C PHE D 217 24.08 -11.60 23.74
N SER D 218 23.31 -10.67 23.18
CA SER D 218 23.71 -9.87 22.03
C SER D 218 24.98 -9.06 22.30
N GLU D 219 25.15 -8.53 23.51
CA GLU D 219 26.33 -7.76 23.91
C GLU D 219 27.59 -8.62 23.79
N ILE D 220 27.55 -9.88 24.22
CA ILE D 220 28.69 -10.79 24.12
C ILE D 220 29.08 -10.99 22.64
N LEU D 221 28.13 -11.33 21.76
CA LEU D 221 28.46 -11.53 20.34
C LEU D 221 28.90 -10.24 19.63
N GLN D 222 28.42 -9.09 20.09
CA GLN D 222 28.83 -7.78 19.58
C GLN D 222 30.23 -7.37 20.08
N PHE D 223 30.54 -7.51 21.36
CA PHE D 223 31.88 -7.22 21.91
C PHE D 223 32.95 -8.15 21.31
N LEU D 224 32.63 -9.42 21.10
CA LEU D 224 33.54 -10.37 20.45
C LEU D 224 33.56 -10.22 18.91
N ASN D 225 32.85 -9.23 18.34
CA ASN D 225 32.74 -8.97 16.90
C ASN D 225 32.28 -10.18 16.06
N ILE D 226 31.56 -11.12 16.67
CA ILE D 226 30.94 -12.26 15.97
C ILE D 226 29.70 -11.80 15.18
N LEU D 227 28.96 -10.83 15.73
CA LEU D 227 27.69 -10.35 15.18
C LEU D 227 27.87 -9.00 14.48
N LYS D 228 27.42 -8.93 13.22
CA LYS D 228 27.71 -7.86 12.26
C LYS D 228 26.76 -6.67 12.32
N THR D 229 25.73 -6.65 11.48
CA THR D 229 24.86 -5.50 11.25
C THR D 229 23.98 -5.19 12.46
N SER D 230 23.60 -3.92 12.65
CA SER D 230 22.61 -3.51 13.66
C SER D 230 21.29 -4.27 13.51
N ASN D 231 20.87 -4.53 12.26
CA ASN D 231 19.77 -5.42 11.94
C ASN D 231 19.91 -6.83 12.55
N SER D 232 21.07 -7.49 12.39
CA SER D 232 21.30 -8.79 13.02
C SER D 232 21.35 -8.72 14.55
N ILE D 233 21.81 -7.60 15.13
CA ILE D 233 21.75 -7.34 16.57
C ILE D 233 20.29 -7.23 17.05
N LYS D 234 19.43 -6.52 16.33
CA LYS D 234 17.98 -6.47 16.63
C LYS D 234 17.34 -7.86 16.54
N LEU D 235 17.66 -8.64 15.50
CA LEU D 235 17.15 -10.00 15.35
C LEU D 235 17.57 -10.90 16.53
N VAL D 236 18.84 -10.90 16.92
CA VAL D 236 19.29 -11.71 18.06
C VAL D 236 18.73 -11.21 19.38
N ASN D 237 18.54 -9.90 19.55
CA ASN D 237 17.88 -9.34 20.73
C ASN D 237 16.43 -9.86 20.87
N LEU D 238 15.65 -9.84 19.78
CA LEU D 238 14.30 -10.39 19.77
C LEU D 238 14.31 -11.90 20.05
N LEU D 239 15.16 -12.66 19.37
CA LEU D 239 15.22 -14.11 19.55
C LEU D 239 15.59 -14.50 21.00
N SER D 240 16.50 -13.78 21.65
CA SER D 240 16.86 -14.06 23.03
C SER D 240 15.75 -13.67 24.02
N ILE D 241 14.98 -12.62 23.75
CA ILE D 241 13.81 -12.29 24.56
C ILE D 241 12.75 -13.40 24.48
N PHE D 242 12.56 -14.05 23.33
CA PHE D 242 11.67 -15.20 23.24
C PHE D 242 12.17 -16.38 24.07
N ILE D 243 13.42 -16.83 23.91
CA ILE D 243 13.93 -17.99 24.66
C ILE D 243 13.91 -17.74 26.17
N SER D 244 14.37 -16.59 26.63
CA SER D 244 14.38 -16.28 28.06
C SER D 244 12.97 -16.17 28.66
N THR D 245 12.01 -15.62 27.91
CA THR D 245 10.61 -15.56 28.36
C THR D 245 9.98 -16.94 28.42
N TRP D 246 10.23 -17.80 27.43
CA TRP D 246 9.73 -19.17 27.40
C TRP D 246 10.25 -19.96 28.61
N LEU D 247 11.55 -19.91 28.88
CA LEU D 247 12.14 -20.62 30.02
C LEU D 247 11.70 -20.04 31.37
N THR D 248 11.46 -18.73 31.45
CA THR D 248 10.94 -18.10 32.67
C THR D 248 9.50 -18.52 32.95
N ALA D 249 8.61 -18.41 31.98
CA ALA D 249 7.21 -18.79 32.16
C ALA D 249 7.07 -20.27 32.49
N ALA D 250 7.88 -21.14 31.87
CA ALA D 250 7.93 -22.55 32.25
C ALA D 250 8.36 -22.75 33.71
N GLY D 251 9.22 -21.89 34.26
CA GLY D 251 9.59 -21.94 35.67
C GLY D 251 8.44 -21.60 36.59
N PHE D 252 7.66 -20.56 36.27
CA PHE D 252 6.49 -20.20 37.05
C PHE D 252 5.44 -21.30 37.05
N ILE D 253 5.12 -21.91 35.89
CA ILE D 253 4.22 -23.06 35.85
C ILE D 253 4.78 -24.23 36.65
N HIS D 254 6.07 -24.51 36.52
CA HIS D 254 6.70 -25.60 37.26
C HIS D 254 6.47 -25.44 38.77
N LEU D 255 6.82 -24.29 39.30
CA LEU D 255 6.63 -23.96 40.71
C LEU D 255 5.18 -24.08 41.14
N VAL D 256 4.29 -23.46 40.37
CA VAL D 256 2.86 -23.35 40.71
C VAL D 256 2.11 -24.67 40.55
N GLU D 257 2.56 -25.63 39.74
CA GLU D 257 1.93 -26.95 39.64
C GLU D 257 2.51 -27.97 40.62
N ASN D 258 3.82 -27.96 40.90
CA ASN D 258 4.39 -28.91 41.85
C ASN D 258 4.02 -28.63 43.30
N SER D 259 3.59 -27.41 43.62
CA SER D 259 2.95 -27.05 44.88
C SER D 259 1.44 -26.86 44.66
N GLY D 260 0.58 -27.43 45.49
CA GLY D 260 -0.87 -27.33 45.24
C GLY D 260 -1.43 -25.92 45.46
N ASP D 261 -2.72 -25.75 45.28
CA ASP D 261 -3.43 -24.55 45.75
C ASP D 261 -3.47 -24.52 47.30
N PRO D 262 -3.24 -23.37 47.96
CA PRO D 262 -3.19 -23.34 49.42
C PRO D 262 -4.57 -23.56 50.06
N TRP D 263 -5.65 -23.06 49.45
CA TRP D 263 -7.03 -23.36 49.90
C TRP D 263 -7.40 -24.83 49.77
N GLU D 264 -6.62 -25.62 49.03
CA GLU D 264 -6.77 -27.06 48.91
C GLU D 264 -5.79 -27.82 49.83
N ASN D 265 -5.25 -27.14 50.85
CA ASN D 265 -4.19 -27.65 51.75
C ASN D 265 -2.93 -28.13 50.99
N PHE D 266 -2.66 -27.58 49.82
CA PHE D 266 -1.61 -28.04 48.91
C PHE D 266 -1.74 -29.51 48.45
N GLN D 267 -2.93 -30.12 48.54
CA GLN D 267 -3.12 -31.54 48.19
C GLN D 267 -3.28 -31.81 46.69
N ASN D 268 -3.78 -30.84 45.91
CA ASN D 268 -4.05 -31.01 44.48
C ASN D 268 -2.84 -30.76 43.57
N ASN D 269 -1.61 -30.90 44.06
CA ASN D 269 -0.42 -30.68 43.25
C ASN D 269 -0.28 -31.71 42.11
N GLN D 270 0.51 -31.37 41.10
CA GLN D 270 0.79 -32.24 39.96
C GLN D 270 2.29 -32.33 39.69
N ALA D 271 2.82 -33.53 39.53
CA ALA D 271 4.26 -33.77 39.42
C ALA D 271 4.84 -33.50 38.02
N LEU D 272 4.56 -32.35 37.42
CA LEU D 272 5.17 -31.95 36.15
C LEU D 272 6.68 -31.76 36.30
N THR D 273 7.49 -32.33 35.41
CA THR D 273 8.90 -31.93 35.32
C THR D 273 9.04 -30.53 34.71
N TYR D 274 10.20 -29.91 34.82
CA TYR D 274 10.42 -28.61 34.18
C TYR D 274 10.30 -28.72 32.65
N TRP D 275 10.77 -29.82 32.07
CA TRP D 275 10.67 -30.04 30.63
C TRP D 275 9.24 -30.26 30.16
N GLU D 276 8.38 -30.89 30.96
CA GLU D 276 6.94 -30.93 30.66
C GLU D 276 6.32 -29.55 30.68
N CYS D 277 6.78 -28.63 31.54
CA CYS D 277 6.30 -27.25 31.53
C CYS D 277 6.82 -26.46 30.33
N VAL D 278 8.06 -26.68 29.89
CA VAL D 278 8.60 -26.07 28.66
C VAL D 278 7.80 -26.54 27.44
N TYR D 279 7.54 -27.84 27.34
CA TYR D 279 6.71 -28.43 26.29
C TYR D 279 5.27 -27.92 26.33
N LEU D 280 4.62 -27.89 27.50
CA LEU D 280 3.29 -27.33 27.67
C LEU D 280 3.21 -25.88 27.17
N LEU D 281 4.18 -25.04 27.49
CA LEU D 281 4.19 -23.67 27.01
C LEU D 281 4.30 -23.65 25.49
N MET D 282 5.12 -24.49 24.86
CA MET D 282 5.23 -24.49 23.40
C MET D 282 3.96 -24.99 22.71
N VAL D 283 3.41 -26.09 23.18
CA VAL D 283 2.16 -26.65 22.68
C VAL D 283 0.99 -25.68 22.88
N THR D 284 1.01 -24.87 23.93
CA THR D 284 0.01 -23.83 24.15
C THR D 284 0.22 -22.60 23.29
N MET D 285 1.42 -22.02 23.24
CA MET D 285 1.64 -20.76 22.52
C MET D 285 1.60 -20.89 21.01
N SER D 286 1.92 -22.05 20.45
CA SER D 286 1.64 -22.38 19.05
C SER D 286 0.15 -22.58 18.78
N THR D 287 -0.69 -22.61 19.82
CA THR D 287 -2.14 -22.88 19.81
C THR D 287 -2.52 -24.28 19.36
N VAL D 288 -1.60 -25.24 19.37
CA VAL D 288 -1.91 -26.65 19.12
C VAL D 288 -2.78 -27.20 20.23
N GLY D 289 -2.32 -27.14 21.48
CA GLY D 289 -3.06 -27.56 22.66
C GLY D 289 -3.54 -29.01 22.62
N TYR D 290 -2.66 -30.00 22.58
CA TYR D 290 -3.08 -31.41 22.60
C TYR D 290 -3.89 -31.78 23.85
N GLY D 291 -3.54 -31.23 25.01
CA GLY D 291 -4.14 -31.64 26.28
C GLY D 291 -3.64 -32.99 26.79
N ASP D 292 -2.51 -33.48 26.29
CA ASP D 292 -1.79 -34.60 26.92
C ASP D 292 -1.16 -34.15 28.25
N VAL D 293 -0.70 -32.91 28.30
CA VAL D 293 -0.27 -32.16 29.48
C VAL D 293 -1.05 -30.84 29.51
N TYR D 294 -1.52 -30.43 30.68
CA TYR D 294 -2.17 -29.15 30.91
C TYR D 294 -2.11 -28.82 32.41
N ALA D 295 -2.31 -27.55 32.77
CA ALA D 295 -2.29 -27.12 34.16
C ALA D 295 -3.58 -27.50 34.90
N LYS D 296 -3.50 -28.20 36.02
CA LYS D 296 -4.66 -28.67 36.80
C LYS D 296 -4.96 -27.81 38.03
N THR D 297 -3.97 -27.15 38.64
CA THR D 297 -4.25 -26.32 39.81
C THR D 297 -4.98 -25.03 39.43
N THR D 298 -5.67 -24.41 40.38
CA THR D 298 -6.38 -23.16 40.13
C THR D 298 -5.41 -22.03 39.82
N LEU D 299 -4.29 -21.97 40.55
CA LEU D 299 -3.23 -21.02 40.24
C LEU D 299 -2.61 -21.27 38.87
N GLY D 300 -2.32 -22.52 38.50
CA GLY D 300 -1.80 -22.83 37.18
C GLY D 300 -2.74 -22.41 36.06
N ARG D 301 -4.04 -22.63 36.21
CA ARG D 301 -5.03 -22.15 35.24
C ARG D 301 -5.07 -20.62 35.16
N LEU D 302 -4.94 -19.91 36.27
CA LEU D 302 -4.83 -18.44 36.26
C LEU D 302 -3.56 -17.99 35.51
N PHE D 303 -2.43 -18.64 35.75
CA PHE D 303 -1.19 -18.35 35.03
C PHE D 303 -1.33 -18.66 33.54
N MET D 304 -1.92 -19.79 33.14
CA MET D 304 -2.10 -20.08 31.71
C MET D 304 -3.02 -19.08 31.04
N VAL D 305 -4.09 -18.62 31.68
CA VAL D 305 -4.93 -17.56 31.11
C VAL D 305 -4.13 -16.27 30.92
N PHE D 306 -3.28 -15.91 31.88
CA PHE D 306 -2.39 -14.77 31.71
C PHE D 306 -1.37 -14.97 30.59
N PHE D 307 -0.66 -16.10 30.53
CA PHE D 307 0.32 -16.36 29.49
C PHE D 307 -0.29 -16.50 28.10
N ILE D 308 -1.51 -17.01 27.95
CA ILE D 308 -2.22 -17.00 26.68
C ILE D 308 -2.56 -15.56 26.26
N LEU D 309 -3.13 -14.75 27.16
CA LEU D 309 -3.54 -13.38 26.84
C LEU D 309 -2.37 -12.39 26.67
N GLY D 310 -1.26 -12.59 27.38
CA GLY D 310 -0.07 -11.76 27.27
C GLY D 310 0.89 -12.25 26.19
N GLY D 311 1.00 -13.57 26.01
CA GLY D 311 1.87 -14.18 25.02
C GLY D 311 1.36 -13.93 23.60
N LEU D 312 0.12 -14.31 23.31
CA LEU D 312 -0.56 -13.83 22.09
C LEU D 312 -0.89 -12.35 22.25
N ALA D 313 -1.19 -11.66 21.16
CA ALA D 313 -1.82 -10.33 21.17
C ALA D 313 -1.09 -9.21 21.96
N MET D 314 0.12 -9.42 22.46
CA MET D 314 0.96 -8.37 23.05
C MET D 314 2.44 -8.69 22.91
N PHE D 315 2.90 -9.84 23.39
CA PHE D 315 4.29 -10.25 23.29
C PHE D 315 4.65 -10.75 21.88
N ALA D 316 3.88 -11.71 21.34
CA ALA D 316 3.75 -11.85 19.89
C ALA D 316 2.82 -10.74 19.35
N SER D 317 2.49 -10.74 18.07
CA SER D 317 1.84 -9.62 17.38
C SER D 317 2.64 -8.31 17.38
N TYR D 318 3.97 -8.45 17.39
CA TYR D 318 4.89 -7.47 16.82
C TYR D 318 4.67 -7.29 15.31
N VAL D 319 5.22 -6.20 14.77
CA VAL D 319 5.50 -6.02 13.35
C VAL D 319 6.99 -5.91 12.98
N PRO D 320 7.94 -5.47 13.84
CA PRO D 320 9.33 -5.38 13.39
C PRO D 320 10.00 -6.73 13.14
N GLU D 321 9.47 -7.85 13.60
CA GLU D 321 10.09 -9.14 13.33
C GLU D 321 10.06 -9.53 11.85
N ILE D 322 9.15 -8.97 11.04
CA ILE D 322 9.20 -9.11 9.57
C ILE D 322 10.03 -8.00 8.90
N ILE D 323 9.97 -6.76 9.41
CA ILE D 323 10.77 -5.68 8.80
C ILE D 323 12.28 -5.94 8.96
N GLU D 324 12.71 -6.43 10.12
CA GLU D 324 14.10 -6.85 10.30
C GLU D 324 14.44 -8.10 9.49
N LEU D 325 13.49 -9.02 9.28
CA LEU D 325 13.76 -10.22 8.47
C LEU D 325 14.04 -9.85 7.01
N ILE D 326 13.24 -8.98 6.40
CA ILE D 326 13.53 -8.48 5.04
C ILE D 326 14.71 -7.49 5.02
N GLY D 327 14.92 -6.72 6.10
CA GLY D 327 16.09 -5.84 6.24
C GLY D 327 17.43 -6.59 6.23
N ASN D 328 17.44 -7.86 6.65
CA ASN D 328 18.59 -8.76 6.52
C ASN D 328 18.88 -9.18 5.07
N ARG D 329 17.88 -9.11 4.17
CA ARG D 329 17.99 -9.53 2.76
C ARG D 329 18.43 -8.42 1.79
N LYS D 330 18.18 -7.15 2.11
CA LYS D 330 18.55 -6.02 1.22
C LYS D 330 20.06 -5.78 1.10
N LYS D 331 20.85 -6.14 2.10
CA LYS D 331 22.22 -5.64 2.26
C LYS D 331 23.19 -6.29 1.26
N TYR D 332 23.64 -5.52 0.28
CA TYR D 332 24.74 -5.88 -0.63
C TYR D 332 26.10 -5.51 -0.03
N GLY D 333 26.57 -6.39 0.84
CA GLY D 333 27.97 -6.47 1.26
C GLY D 333 28.47 -5.35 2.17
N GLY D 334 29.73 -5.46 2.52
CA GLY D 334 30.45 -4.53 3.40
C GLY D 334 31.84 -4.23 2.87
N SER D 335 32.78 -5.16 3.04
CA SER D 335 34.13 -4.93 2.59
C SER D 335 34.50 -5.91 1.47
N TYR D 336 35.41 -5.49 0.61
CA TYR D 336 35.85 -6.32 -0.49
C TYR D 336 37.21 -6.89 -0.11
N SER D 337 37.22 -8.08 0.50
CA SER D 337 38.47 -8.73 0.89
C SER D 337 39.35 -8.82 -0.34
N ALA D 338 40.33 -7.94 -0.44
CA ALA D 338 41.18 -7.91 -1.63
C ALA D 338 42.19 -9.05 -1.51
N VAL D 339 42.16 -10.03 -2.41
CA VAL D 339 43.07 -11.16 -2.32
C VAL D 339 44.35 -10.87 -3.14
N SER D 340 45.52 -11.24 -2.61
CA SER D 340 46.81 -10.95 -3.26
C SER D 340 47.01 -11.75 -4.56
N GLY D 341 47.86 -11.27 -5.46
CA GLY D 341 48.14 -11.89 -6.76
C GLY D 341 47.07 -11.60 -7.83
N ARG D 342 45.78 -11.59 -7.48
CA ARG D 342 44.73 -11.11 -8.40
C ARG D 342 44.84 -9.61 -8.62
N LYS D 343 44.73 -9.20 -9.88
CA LYS D 343 44.41 -7.82 -10.27
C LYS D 343 42.98 -7.49 -9.82
N HIS D 344 42.64 -6.22 -9.87
CA HIS D 344 41.40 -5.66 -9.33
C HIS D 344 40.99 -4.47 -10.20
N ILE D 345 39.69 -4.14 -10.29
CA ILE D 345 39.18 -2.96 -10.98
C ILE D 345 37.89 -2.51 -10.29
N VAL D 346 37.53 -1.23 -10.34
CA VAL D 346 36.27 -0.72 -9.75
C VAL D 346 35.43 -0.03 -10.79
N VAL D 347 34.16 -0.38 -10.91
CA VAL D 347 33.23 0.21 -11.87
C VAL D 347 32.11 0.95 -11.16
N CYS D 348 31.81 2.17 -11.59
CA CYS D 348 30.82 3.04 -10.97
C CYS D 348 30.18 4.00 -11.99
N GLY D 349 29.41 4.97 -11.50
CA GLY D 349 28.57 5.81 -12.35
C GLY D 349 27.22 5.15 -12.63
N HIS D 350 26.64 5.39 -13.81
CA HIS D 350 25.34 4.84 -14.12
C HIS D 350 25.38 3.36 -14.48
N ILE D 351 25.39 2.47 -13.49
CA ILE D 351 25.39 1.01 -13.71
C ILE D 351 23.98 0.45 -13.59
N THR D 352 23.50 -0.11 -14.70
CA THR D 352 22.17 -0.68 -14.89
C THR D 352 22.25 -1.67 -16.05
N LEU D 353 21.23 -2.51 -16.26
CA LEU D 353 21.31 -3.62 -17.23
C LEU D 353 21.72 -3.15 -18.63
N GLU D 354 21.18 -2.04 -19.12
CA GLU D 354 21.50 -1.53 -20.45
C GLU D 354 22.90 -0.92 -20.56
N SER D 355 23.59 -0.61 -19.44
CA SER D 355 24.96 -0.10 -19.46
C SER D 355 25.99 -1.20 -19.16
N VAL D 356 25.77 -2.06 -18.16
CA VAL D 356 26.76 -3.06 -17.78
C VAL D 356 26.79 -4.27 -18.71
N SER D 357 25.69 -4.61 -19.38
CA SER D 357 25.62 -5.87 -20.13
C SER D 357 26.57 -5.91 -21.33
N ASN D 358 26.68 -4.84 -22.11
CA ASN D 358 27.66 -4.76 -23.20
C ASN D 358 29.10 -4.67 -22.69
N PHE D 359 29.32 -4.08 -21.52
CA PHE D 359 30.65 -4.00 -20.92
C PHE D 359 31.10 -5.39 -20.43
N LEU D 360 30.29 -6.06 -19.63
CA LEU D 360 30.61 -7.37 -19.06
C LEU D 360 30.88 -8.42 -20.12
N LYS D 361 30.03 -8.54 -21.15
CA LYS D 361 30.24 -9.56 -22.18
C LYS D 361 31.48 -9.36 -23.03
N ASP D 362 32.06 -8.17 -23.04
CA ASP D 362 33.38 -7.94 -23.63
C ASP D 362 34.50 -8.12 -22.61
N PHE D 363 34.40 -7.52 -21.43
CA PHE D 363 35.47 -7.66 -20.43
C PHE D 363 35.75 -9.13 -20.03
N LEU D 364 34.67 -9.86 -19.80
CA LEU D 364 34.73 -11.28 -19.43
C LEU D 364 34.65 -12.22 -20.64
N HIS D 365 34.92 -11.72 -21.84
CA HIS D 365 34.87 -12.51 -23.07
C HIS D 365 35.92 -13.61 -23.07
N LYS D 366 35.56 -14.79 -23.58
CA LYS D 366 36.40 -16.00 -23.46
C LYS D 366 37.66 -15.97 -24.32
N ASP D 367 37.64 -15.23 -25.42
CA ASP D 367 38.70 -15.28 -26.42
C ASP D 367 39.98 -14.53 -26.04
N ARG D 368 39.90 -13.56 -25.13
CA ARG D 368 41.11 -12.82 -24.80
C ARG D 368 42.14 -13.68 -24.07
N ASP D 369 41.69 -14.34 -22.99
CA ASP D 369 42.53 -15.13 -22.06
C ASP D 369 41.61 -15.59 -20.91
N ASP D 370 42.12 -16.44 -20.01
CA ASP D 370 41.35 -16.88 -18.85
C ASP D 370 41.91 -16.24 -17.59
N VAL D 371 41.98 -14.91 -17.57
CA VAL D 371 42.52 -14.17 -16.43
C VAL D 371 41.42 -13.55 -15.58
N ASN D 372 41.74 -13.27 -14.31
CA ASN D 372 40.79 -12.67 -13.38
C ASN D 372 41.20 -11.24 -12.98
N VAL D 373 40.41 -10.23 -13.36
CA VAL D 373 40.72 -8.84 -13.02
C VAL D 373 39.54 -8.05 -12.44
N GLU D 374 38.43 -8.04 -13.18
CA GLU D 374 37.26 -7.39 -12.76
C GLU D 374 36.52 -8.05 -11.63
N ILE D 375 36.50 -7.48 -10.44
CA ILE D 375 35.80 -8.12 -9.32
C ILE D 375 34.90 -7.24 -8.44
N VAL D 376 34.60 -6.00 -8.83
CA VAL D 376 33.76 -5.16 -7.95
C VAL D 376 32.98 -4.01 -8.62
N PHE D 377 31.76 -3.73 -8.13
CA PHE D 377 30.92 -2.63 -8.61
C PHE D 377 30.41 -1.80 -7.41
N LEU D 378 30.17 -0.51 -7.61
CA LEU D 378 29.61 0.34 -6.55
C LEU D 378 28.67 1.36 -7.19
N HIS D 379 27.56 1.68 -6.50
CA HIS D 379 26.55 2.60 -6.97
C HIS D 379 25.68 2.89 -5.74
N ASN D 380 25.05 4.06 -5.70
CA ASN D 380 24.21 4.42 -4.56
C ASN D 380 22.88 3.67 -4.47
N ILE D 381 22.44 3.05 -5.57
CA ILE D 381 21.19 2.32 -5.57
C ILE D 381 21.39 0.79 -5.54
N SER D 382 20.45 0.07 -4.93
CA SER D 382 20.53 -1.40 -4.88
C SER D 382 20.25 -2.06 -6.25
N PRO D 383 20.88 -3.20 -6.57
CA PRO D 383 20.87 -3.80 -7.90
C PRO D 383 19.63 -4.68 -8.12
N ASN D 384 18.45 -4.11 -7.97
CA ASN D 384 17.17 -4.80 -8.16
C ASN D 384 16.94 -5.23 -9.62
N LEU D 385 15.85 -5.98 -9.86
CA LEU D 385 15.39 -6.50 -11.15
C LEU D 385 16.41 -7.39 -11.88
N GLU D 386 16.21 -7.65 -13.18
CA GLU D 386 17.08 -8.43 -14.06
C GLU D 386 18.47 -7.78 -14.22
N LEU D 387 19.29 -7.86 -13.18
CA LEU D 387 20.63 -7.30 -13.09
C LEU D 387 21.45 -8.14 -12.11
N GLU D 388 20.88 -8.44 -10.95
CA GLU D 388 21.47 -9.42 -10.03
C GLU D 388 21.63 -10.79 -10.71
N ALA D 389 20.71 -11.19 -11.59
CA ALA D 389 20.80 -12.38 -12.41
C ALA D 389 22.05 -12.39 -13.31
N LEU D 390 22.40 -11.26 -13.91
CA LEU D 390 23.61 -11.09 -14.71
C LEU D 390 24.87 -11.16 -13.84
N PHE D 391 24.79 -10.76 -12.57
CA PHE D 391 25.85 -11.01 -11.60
C PHE D 391 25.92 -12.50 -11.21
N LYS D 392 24.80 -13.22 -11.06
CA LYS D 392 24.80 -14.67 -10.78
C LYS D 392 25.55 -15.43 -11.89
N ARG D 393 25.29 -15.08 -13.15
CA ARG D 393 25.97 -15.66 -14.33
C ARG D 393 27.49 -15.47 -14.34
N HIS D 394 28.06 -14.63 -13.47
CA HIS D 394 29.50 -14.36 -13.35
C HIS D 394 29.99 -14.38 -11.90
N PHE D 395 29.34 -15.16 -11.02
CA PHE D 395 29.50 -15.15 -9.55
C PHE D 395 30.93 -14.97 -9.04
N THR D 396 31.90 -15.68 -9.60
CA THR D 396 33.29 -15.70 -9.11
C THR D 396 34.11 -14.43 -9.40
N GLN D 397 33.63 -13.58 -10.26
CA GLN D 397 34.38 -12.40 -10.48
C GLN D 397 33.44 -11.33 -10.95
N VAL D 398 32.61 -10.75 -10.04
CA VAL D 398 31.77 -9.54 -10.18
C VAL D 398 31.59 -8.76 -8.88
N GLU D 399 31.12 -9.37 -7.80
CA GLU D 399 30.87 -8.77 -6.47
C GLU D 399 30.42 -7.28 -6.46
N PHE D 400 29.14 -7.02 -6.70
CA PHE D 400 28.57 -5.70 -6.42
C PHE D 400 28.62 -5.36 -4.92
N TYR D 401 28.87 -4.10 -4.57
CA TYR D 401 28.76 -3.56 -3.21
C TYR D 401 27.93 -2.28 -3.19
N GLN D 402 27.00 -2.12 -2.26
CA GLN D 402 26.23 -0.88 -2.17
C GLN D 402 27.01 0.21 -1.43
N GLY D 403 27.15 1.38 -2.06
CA GLY D 403 27.89 2.54 -1.55
C GLY D 403 28.06 3.60 -2.64
N SER D 404 28.39 4.83 -2.27
CA SER D 404 28.49 5.97 -3.18
C SER D 404 29.93 6.45 -3.36
N VAL D 405 30.37 6.58 -4.60
CA VAL D 405 31.74 7.00 -4.94
C VAL D 405 32.07 8.45 -4.54
N LEU D 406 31.08 9.24 -4.11
CA LEU D 406 31.30 10.56 -3.51
C LEU D 406 31.79 10.48 -2.05
N ASN D 407 31.70 9.32 -1.40
CA ASN D 407 32.01 9.16 0.02
C ASN D 407 33.36 8.44 0.21
N PRO D 408 34.37 9.03 0.89
CA PRO D 408 35.68 8.42 1.01
C PRO D 408 35.70 7.17 1.87
N HIS D 409 34.70 6.94 2.72
CA HIS D 409 34.58 5.67 3.43
C HIS D 409 34.19 4.54 2.47
N ASP D 410 33.36 4.81 1.48
CA ASP D 410 33.02 3.81 0.45
C ASP D 410 34.15 3.58 -0.54
N LEU D 411 34.93 4.61 -0.88
CA LEU D 411 36.19 4.41 -1.61
C LEU D 411 37.17 3.54 -0.82
N ALA D 412 37.27 3.76 0.49
CA ALA D 412 38.08 2.95 1.38
C ALA D 412 37.56 1.52 1.53
N ARG D 413 36.27 1.27 1.43
CA ARG D 413 35.82 -0.12 1.48
C ARG D 413 36.32 -0.83 0.20
N VAL D 414 35.87 -0.36 -0.94
CA VAL D 414 36.28 -1.06 -2.18
C VAL D 414 37.77 -0.96 -2.52
N LYS D 415 38.64 -0.58 -1.57
CA LYS D 415 40.10 -0.62 -1.70
C LYS D 415 40.67 0.14 -2.91
N ILE D 416 40.21 1.37 -3.08
CA ILE D 416 40.68 2.20 -4.18
C ILE D 416 42.21 2.35 -4.18
N GLU D 417 42.85 2.26 -3.00
CA GLU D 417 44.31 2.32 -2.90
C GLU D 417 45.08 1.41 -3.89
N SER D 418 44.62 0.17 -4.10
CA SER D 418 45.29 -0.75 -5.01
C SER D 418 44.33 -1.34 -6.05
N ALA D 419 43.33 -0.55 -6.44
CA ALA D 419 42.34 -0.98 -7.43
C ALA D 419 42.77 -0.92 -8.90
N ASP D 420 44.03 -0.69 -9.24
CA ASP D 420 44.56 -0.57 -10.62
C ASP D 420 43.91 0.53 -11.49
N ALA D 421 42.64 0.40 -11.86
CA ALA D 421 41.86 1.41 -12.55
C ALA D 421 40.43 1.52 -12.04
N CYS D 422 39.82 2.70 -12.22
CA CYS D 422 38.41 2.94 -11.98
C CYS D 422 37.71 3.33 -13.28
N LEU D 423 36.57 2.70 -13.58
CA LEU D 423 35.78 2.97 -14.77
C LEU D 423 34.48 3.68 -14.39
N ILE D 424 34.19 4.82 -15.01
CA ILE D 424 32.99 5.60 -14.72
C ILE D 424 32.08 5.59 -15.96
N LEU D 425 30.88 5.04 -15.84
CA LEU D 425 29.91 4.93 -16.92
C LEU D 425 28.90 6.06 -16.87
N ALA D 426 28.55 6.66 -18.02
CA ALA D 426 27.61 7.78 -18.09
C ALA D 426 26.18 7.31 -18.36
N ASN D 427 25.19 8.09 -17.93
CA ASN D 427 23.80 7.89 -18.35
C ASN D 427 23.59 8.50 -19.75
N LYS D 428 23.79 7.71 -20.80
CA LYS D 428 23.69 8.13 -22.21
C LYS D 428 22.36 8.78 -22.58
N TYR D 429 21.30 8.52 -21.81
CA TYR D 429 19.93 8.95 -22.08
C TYR D 429 19.45 10.06 -21.13
N CYS D 430 20.36 10.73 -20.44
CA CYS D 430 20.03 11.79 -19.49
C CYS D 430 19.46 13.06 -20.14
N ALA D 431 18.63 13.79 -19.39
CA ALA D 431 18.00 15.04 -19.81
C ALA D 431 18.94 16.25 -19.89
N ASP D 432 20.11 16.17 -19.28
CA ASP D 432 21.03 17.30 -19.33
C ASP D 432 22.48 16.82 -19.43
N PRO D 433 23.04 16.79 -20.67
CA PRO D 433 24.43 16.33 -20.87
C PRO D 433 25.53 17.03 -20.08
N ASP D 434 25.37 18.33 -19.88
CA ASP D 434 26.36 19.14 -19.16
C ASP D 434 26.30 18.89 -17.65
N ALA D 435 25.12 18.63 -17.09
CA ALA D 435 25.00 18.20 -15.71
C ALA D 435 25.59 16.81 -15.50
N GLU D 436 25.37 15.87 -16.42
CA GLU D 436 26.00 14.56 -16.38
C GLU D 436 27.51 14.66 -16.37
N ASP D 437 28.11 15.39 -17.30
CA ASP D 437 29.57 15.43 -17.35
C ASP D 437 30.14 16.16 -16.12
N ALA D 438 29.52 17.23 -15.65
CA ALA D 438 29.90 17.82 -14.37
C ALA D 438 29.78 16.82 -13.21
N SER D 439 28.68 16.05 -13.14
CA SER D 439 28.51 15.00 -12.13
C SER D 439 29.61 13.96 -12.22
N ASN D 440 29.94 13.48 -13.41
CA ASN D 440 30.98 12.49 -13.55
C ASN D 440 32.36 13.08 -13.27
N ILE D 441 32.59 14.38 -13.51
CA ILE D 441 33.81 15.06 -13.04
C ILE D 441 33.83 15.15 -11.51
N MET D 442 32.69 15.37 -10.83
CA MET D 442 32.64 15.28 -9.36
C MET D 442 33.12 13.91 -8.90
N ARG D 443 32.70 12.83 -9.56
CA ARG D 443 33.19 11.49 -9.25
C ARG D 443 34.69 11.39 -9.51
N VAL D 444 35.20 11.90 -10.62
CA VAL D 444 36.65 11.87 -10.90
C VAL D 444 37.44 12.59 -9.82
N ILE D 445 37.04 13.82 -9.44
CA ILE D 445 37.78 14.54 -8.41
C ILE D 445 37.60 13.87 -7.06
N SER D 446 36.43 13.32 -6.72
CA SER D 446 36.26 12.52 -5.50
C SER D 446 37.29 11.38 -5.44
N ILE D 447 37.43 10.61 -6.51
CA ILE D 447 38.36 9.48 -6.54
C ILE D 447 39.82 9.96 -6.49
N LYS D 448 40.19 10.98 -7.28
CA LYS D 448 41.58 11.49 -7.30
C LYS D 448 41.97 12.18 -5.97
N ASN D 449 41.02 12.89 -5.34
CA ASN D 449 41.17 13.51 -4.03
C ASN D 449 41.44 12.46 -2.95
N TYR D 450 40.76 11.31 -3.01
CA TYR D 450 41.03 10.18 -2.12
C TYR D 450 42.38 9.48 -2.41
N HIS D 451 42.67 9.22 -3.71
CA HIS D 451 43.91 8.54 -4.20
C HIS D 451 44.54 9.16 -5.49
N PRO D 452 45.79 9.75 -5.38
CA PRO D 452 46.36 10.38 -6.57
C PRO D 452 46.59 9.45 -7.77
N LYS D 453 47.04 8.23 -7.54
CA LYS D 453 47.70 7.40 -8.59
C LYS D 453 46.83 6.31 -9.23
N ILE D 454 45.56 6.20 -8.86
CA ILE D 454 44.64 5.31 -9.59
C ILE D 454 44.42 5.81 -11.01
N ARG D 455 44.41 4.89 -11.98
CA ARG D 455 44.05 5.16 -13.37
C ARG D 455 42.54 5.33 -13.53
N ILE D 456 42.07 6.35 -14.26
CA ILE D 456 40.64 6.56 -14.45
C ILE D 456 40.27 6.60 -15.93
N ILE D 457 39.23 5.86 -16.31
CA ILE D 457 38.60 5.90 -17.62
C ILE D 457 37.15 6.34 -17.46
N THR D 458 36.70 7.34 -18.19
CA THR D 458 35.34 7.91 -18.01
C THR D 458 34.64 8.19 -19.34
N GLN D 459 33.34 7.96 -19.41
CA GLN D 459 32.53 8.40 -20.54
C GLN D 459 32.10 9.86 -20.36
N MET D 460 32.28 10.68 -21.39
CA MET D 460 31.77 12.06 -21.45
C MET D 460 30.70 12.16 -22.53
N LEU D 461 29.58 12.81 -22.25
CA LEU D 461 28.51 12.99 -23.23
C LEU D 461 28.77 14.14 -24.19
N GLN D 462 29.50 15.17 -23.76
CA GLN D 462 29.82 16.35 -24.59
C GLN D 462 31.34 16.57 -24.74
N TYR D 463 31.78 17.17 -25.86
CA TYR D 463 33.22 17.34 -26.09
C TYR D 463 33.85 18.39 -25.17
N HIS D 464 33.23 19.57 -25.04
CA HIS D 464 33.78 20.65 -24.22
C HIS D 464 34.15 20.29 -22.78
N ASN D 465 33.33 19.45 -22.16
CA ASN D 465 33.57 19.01 -20.79
C ASN D 465 34.86 18.22 -20.61
N LYS D 466 35.52 17.73 -21.67
CA LYS D 466 36.86 17.15 -21.54
C LYS D 466 37.93 18.16 -21.16
N ALA D 467 37.72 19.46 -21.37
CA ALA D 467 38.65 20.48 -20.92
C ALA D 467 38.72 20.52 -19.39
N HIS D 468 37.55 20.44 -18.75
CA HIS D 468 37.42 20.47 -17.29
C HIS D 468 38.20 19.36 -16.57
N LEU D 469 38.29 18.20 -17.22
CA LEU D 469 39.02 17.03 -16.74
C LEU D 469 40.54 17.26 -16.68
N LEU D 470 41.06 18.21 -17.44
CA LEU D 470 42.48 18.57 -17.48
C LEU D 470 42.86 19.58 -16.38
N ASN D 471 41.88 20.23 -15.73
CA ASN D 471 42.11 21.13 -14.59
C ASN D 471 42.51 20.39 -13.31
N ILE D 472 42.10 19.14 -13.15
CA ILE D 472 42.39 18.33 -11.97
C ILE D 472 43.90 18.09 -11.89
N PRO D 473 44.58 18.47 -10.80
CA PRO D 473 46.04 18.47 -10.79
C PRO D 473 46.65 17.07 -10.78
N SER D 474 45.91 16.08 -10.28
CA SER D 474 46.34 14.68 -10.17
C SER D 474 45.91 13.79 -11.35
N TRP D 475 45.48 14.40 -12.45
CA TRP D 475 45.10 13.73 -13.69
C TRP D 475 46.24 13.83 -14.70
N ASN D 476 46.68 12.73 -15.30
CA ASN D 476 47.65 12.83 -16.39
C ASN D 476 47.49 11.73 -17.44
N TRP D 477 47.12 12.15 -18.66
CA TRP D 477 46.90 11.23 -19.77
C TRP D 477 48.17 10.54 -20.23
N LYS D 478 49.35 11.10 -19.93
CA LYS D 478 50.65 10.45 -20.13
C LYS D 478 50.83 9.17 -19.30
N GLU D 479 49.99 8.93 -18.29
CA GLU D 479 49.99 7.72 -17.47
C GLU D 479 48.66 6.94 -17.58
N GLY D 480 47.89 7.17 -18.64
CA GLY D 480 46.74 6.34 -19.01
C GLY D 480 45.40 6.74 -18.38
N ASP D 481 45.28 7.90 -17.75
CA ASP D 481 43.96 8.49 -17.50
C ASP D 481 43.36 9.02 -18.81
N ASP D 482 42.12 8.68 -19.16
CA ASP D 482 41.49 9.23 -20.38
C ASP D 482 39.95 9.25 -20.35
N ALA D 483 39.37 10.08 -21.21
CA ALA D 483 37.94 10.21 -21.38
C ALA D 483 37.51 9.81 -22.79
N ILE D 484 36.51 8.95 -22.85
CA ILE D 484 35.85 8.51 -24.07
C ILE D 484 34.68 9.45 -24.29
N CYS D 485 34.83 10.47 -25.13
CA CYS D 485 33.72 11.35 -25.43
C CYS D 485 32.79 10.72 -26.46
N LEU D 486 31.55 10.43 -26.07
CA LEU D 486 30.61 9.74 -26.94
C LEU D 486 30.18 10.62 -28.12
N ALA D 487 29.91 11.90 -27.93
CA ALA D 487 29.57 12.78 -29.05
C ALA D 487 30.72 12.92 -30.06
N GLU D 488 31.95 13.05 -29.58
CA GLU D 488 33.13 13.14 -30.44
C GLU D 488 33.31 11.88 -31.29
N LEU D 489 33.28 10.70 -30.68
CA LEU D 489 33.49 9.47 -31.41
C LEU D 489 32.30 9.12 -32.29
N LYS D 490 31.07 9.27 -31.81
CA LYS D 490 29.86 9.01 -32.61
C LYS D 490 29.86 9.84 -33.88
N LEU D 491 29.97 11.15 -33.78
CA LEU D 491 29.91 12.02 -34.95
C LEU D 491 31.19 11.92 -35.78
N GLY D 492 32.31 11.57 -35.17
CA GLY D 492 33.54 11.29 -35.88
C GLY D 492 33.46 10.04 -36.76
N PHE D 493 32.88 8.94 -36.28
CA PHE D 493 32.74 7.73 -37.08
C PHE D 493 31.83 7.98 -38.27
N ILE D 494 30.71 8.65 -38.05
CA ILE D 494 29.81 9.09 -39.10
C ILE D 494 30.54 10.00 -40.10
N ALA D 495 31.32 10.98 -39.64
CA ALA D 495 32.08 11.85 -40.51
C ALA D 495 33.05 11.09 -41.40
N GLN D 496 33.83 10.15 -40.87
CA GLN D 496 34.74 9.37 -41.71
C GLN D 496 33.97 8.41 -42.63
N SER D 497 32.78 7.93 -42.26
CA SER D 497 31.91 7.19 -43.19
C SER D 497 31.42 8.04 -44.37
N CYS D 498 31.33 9.37 -44.26
CA CYS D 498 31.05 10.22 -45.41
C CYS D 498 32.21 10.27 -46.42
N LEU D 499 33.42 9.85 -46.04
CA LEU D 499 34.57 9.73 -46.92
C LEU D 499 34.67 8.32 -47.52
N ALA D 500 34.30 7.30 -46.75
CA ALA D 500 34.23 5.91 -47.20
C ALA D 500 33.11 5.16 -46.45
N GLN D 501 31.99 4.89 -47.10
CA GLN D 501 30.89 4.16 -46.47
C GLN D 501 31.35 2.86 -45.83
N GLY D 502 30.77 2.47 -44.71
CA GLY D 502 31.11 1.22 -44.02
C GLY D 502 32.28 1.34 -43.06
N LEU D 503 33.06 2.41 -43.11
CA LEU D 503 34.17 2.59 -42.19
C LEU D 503 33.73 2.64 -40.73
N SER D 504 32.59 3.25 -40.42
CA SER D 504 32.06 3.26 -39.06
C SER D 504 31.75 1.87 -38.51
N THR D 505 31.34 0.91 -39.35
CA THR D 505 31.16 -0.48 -38.89
C THR D 505 32.48 -1.24 -38.88
N MET D 506 33.42 -0.93 -39.78
CA MET D 506 34.77 -1.47 -39.69
C MET D 506 35.44 -1.13 -38.36
N LEU D 507 35.52 0.14 -38.02
CA LEU D 507 36.12 0.59 -36.77
C LEU D 507 35.39 -0.01 -35.57
N ALA D 508 34.07 0.06 -35.50
CA ALA D 508 33.35 -0.51 -34.37
C ALA D 508 33.59 -2.02 -34.18
N ASN D 509 33.91 -2.77 -35.23
CA ASN D 509 34.25 -4.19 -35.12
C ASN D 509 35.71 -4.45 -34.69
N LEU D 510 36.61 -3.48 -34.81
CA LEU D 510 37.99 -3.63 -34.39
C LEU D 510 38.19 -3.55 -32.87
N PHE D 511 37.25 -3.01 -32.13
CA PHE D 511 37.42 -2.97 -30.68
C PHE D 511 36.78 -4.17 -29.97
N SER D 512 35.56 -4.51 -30.37
CA SER D 512 34.80 -5.57 -29.71
C SER D 512 35.52 -6.90 -29.92
N MET D 513 35.80 -7.59 -28.82
CA MET D 513 36.52 -8.85 -28.82
C MET D 513 35.59 -9.95 -29.34
N ARG D 514 35.90 -10.51 -30.51
CA ARG D 514 35.08 -11.54 -31.04
C ARG D 514 35.93 -12.72 -31.55
N SER D 515 35.46 -13.93 -31.32
CA SER D 515 36.05 -15.14 -31.88
C SER D 515 35.75 -15.29 -33.37
N PHE D 516 36.48 -16.14 -34.07
CA PHE D 516 36.13 -16.56 -35.43
C PHE D 516 34.93 -17.51 -35.39
N ILE D 517 33.87 -17.22 -36.14
CA ILE D 517 32.70 -18.10 -36.26
C ILE D 517 32.71 -18.76 -37.64
N LYS D 518 32.71 -20.10 -37.68
CA LYS D 518 32.64 -20.88 -38.91
C LYS D 518 31.20 -20.92 -39.43
N ILE D 519 31.04 -20.65 -40.72
CA ILE D 519 29.78 -20.73 -41.47
C ILE D 519 30.03 -21.56 -42.71
N GLU D 520 29.18 -22.55 -42.98
CA GLU D 520 29.30 -23.44 -44.14
C GLU D 520 28.47 -22.96 -45.35
N GLU D 521 27.31 -22.34 -45.15
CA GLU D 521 26.51 -21.78 -46.25
C GLU D 521 27.21 -20.59 -46.92
N ASP D 522 27.14 -20.46 -48.24
CA ASP D 522 27.93 -19.46 -48.98
C ASP D 522 27.30 -18.04 -48.97
N THR D 523 26.66 -17.65 -47.88
CA THR D 523 25.99 -16.34 -47.74
C THR D 523 26.99 -15.23 -47.37
N TRP D 524 26.59 -13.95 -47.46
CA TRP D 524 27.47 -12.83 -47.11
C TRP D 524 27.95 -12.88 -45.65
N GLN D 525 27.18 -13.46 -44.73
CA GLN D 525 27.61 -13.64 -43.35
C GLN D 525 28.89 -14.47 -43.22
N LYS D 526 29.20 -15.38 -44.14
CA LYS D 526 30.41 -16.21 -44.06
C LYS D 526 31.67 -15.35 -44.15
N TYR D 527 31.75 -14.47 -45.13
CA TYR D 527 32.89 -13.58 -45.28
C TYR D 527 32.89 -12.47 -44.24
N TYR D 528 31.72 -11.98 -43.83
CA TYR D 528 31.61 -10.97 -42.79
C TYR D 528 32.14 -11.47 -41.44
N LEU D 529 31.67 -12.62 -40.96
CA LEU D 529 32.10 -13.15 -39.66
C LEU D 529 33.60 -13.51 -39.61
N GLU D 530 34.22 -13.79 -40.74
CA GLU D 530 35.68 -13.91 -40.84
C GLU D 530 36.36 -12.56 -40.58
N GLY D 531 35.90 -11.48 -41.22
CA GLY D 531 36.44 -10.13 -41.02
C GLY D 531 36.17 -9.54 -39.62
N VAL D 532 35.07 -9.91 -38.98
CA VAL D 532 34.72 -9.50 -37.59
C VAL D 532 35.65 -10.10 -36.55
N SER D 533 36.28 -11.24 -36.84
CA SER D 533 37.07 -12.03 -35.90
C SER D 533 38.37 -11.36 -35.42
N ASN D 534 38.83 -10.30 -36.09
CA ASN D 534 40.05 -9.59 -35.68
C ASN D 534 39.78 -8.32 -34.87
N GLU D 535 40.81 -7.85 -34.18
CA GLU D 535 40.83 -6.63 -33.38
C GLU D 535 42.07 -5.81 -33.66
N MET D 536 42.05 -4.55 -33.25
CA MET D 536 43.23 -3.72 -33.14
C MET D 536 44.09 -4.17 -31.95
N TYR D 537 45.37 -4.40 -32.18
CA TYR D 537 46.38 -4.80 -31.20
C TYR D 537 47.64 -3.98 -31.42
N THR D 538 48.57 -4.01 -30.48
CA THR D 538 49.85 -3.30 -30.64
C THR D 538 50.98 -3.98 -29.90
N GLU D 539 52.19 -3.83 -30.42
CA GLU D 539 53.40 -4.50 -29.96
C GLU D 539 54.64 -3.69 -30.38
N TYR D 540 55.76 -3.86 -29.69
CA TYR D 540 57.03 -3.24 -30.08
C TYR D 540 57.67 -4.00 -31.23
N LEU D 541 58.14 -3.30 -32.26
CA LEU D 541 58.76 -3.94 -33.41
C LEU D 541 60.07 -4.63 -33.02
N SER D 542 60.32 -5.83 -33.54
CA SER D 542 61.63 -6.49 -33.44
C SER D 542 62.77 -5.59 -33.92
N SER D 543 63.94 -5.69 -33.29
CA SER D 543 65.15 -4.98 -33.73
C SER D 543 65.52 -5.30 -35.19
N ALA D 544 65.08 -6.44 -35.71
CA ALA D 544 65.26 -6.81 -37.12
C ALA D 544 64.64 -5.81 -38.10
N PHE D 545 63.64 -5.02 -37.68
CA PHE D 545 62.98 -4.00 -38.49
C PHE D 545 63.61 -2.60 -38.37
N VAL D 546 64.59 -2.39 -37.49
CA VAL D 546 65.15 -1.06 -37.23
C VAL D 546 66.05 -0.59 -38.36
N GLY D 547 65.90 0.67 -38.78
CA GLY D 547 66.72 1.29 -39.82
C GLY D 547 66.16 1.24 -41.24
N LEU D 548 64.98 0.64 -41.45
CA LEU D 548 64.34 0.51 -42.77
C LEU D 548 62.91 1.11 -42.80
N SER D 549 62.46 1.46 -44.00
CA SER D 549 61.27 2.30 -44.21
C SER D 549 59.94 1.60 -43.95
N PHE D 550 58.97 2.31 -43.39
CA PHE D 550 57.69 1.75 -42.96
C PHE D 550 56.94 0.90 -44.02
N PRO D 551 56.78 1.32 -45.29
CA PRO D 551 56.13 0.49 -46.30
C PRO D 551 56.80 -0.88 -46.47
N THR D 552 58.12 -0.93 -46.35
CA THR D 552 58.89 -2.16 -46.54
C THR D 552 58.63 -3.15 -45.42
N VAL D 553 58.56 -2.69 -44.16
CA VAL D 553 58.21 -3.58 -43.06
C VAL D 553 56.75 -3.99 -43.10
N CYS D 554 55.85 -3.12 -43.59
CA CYS D 554 54.45 -3.50 -43.81
C CYS D 554 54.34 -4.65 -44.79
N GLU D 555 55.02 -4.56 -45.93
CA GLU D 555 55.00 -5.65 -46.92
C GLU D 555 55.61 -6.93 -46.35
N LEU D 556 56.73 -6.84 -45.61
CA LEU D 556 57.34 -7.97 -44.94
C LEU D 556 56.41 -8.63 -43.93
N CYS D 557 55.83 -7.86 -43.00
CA CYS D 557 55.02 -8.45 -41.94
C CYS D 557 53.65 -8.93 -42.44
N PHE D 558 53.09 -8.33 -43.49
CA PHE D 558 51.90 -8.89 -44.13
C PHE D 558 52.23 -10.20 -44.82
N VAL D 559 53.24 -10.21 -45.70
CA VAL D 559 53.54 -11.38 -46.54
C VAL D 559 54.10 -12.54 -45.73
N LYS D 560 55.17 -12.32 -44.96
CA LYS D 560 55.95 -13.39 -44.32
C LYS D 560 55.35 -13.89 -43.00
N LEU D 561 54.69 -12.99 -42.24
CA LEU D 561 54.15 -13.31 -40.92
C LEU D 561 52.67 -12.90 -40.71
N LYS D 562 51.93 -12.61 -41.79
CA LYS D 562 50.45 -12.52 -41.80
C LYS D 562 49.85 -11.48 -40.85
N LEU D 563 50.55 -10.39 -40.56
CA LEU D 563 50.05 -9.28 -39.76
C LEU D 563 49.92 -8.01 -40.59
N LEU D 564 48.76 -7.36 -40.53
CA LEU D 564 48.56 -6.04 -41.13
C LEU D 564 49.00 -4.96 -40.14
N MET D 565 49.98 -4.13 -40.50
CA MET D 565 50.46 -3.03 -39.66
C MET D 565 49.95 -1.67 -40.16
N ILE D 566 49.43 -0.84 -39.25
CA ILE D 566 48.63 0.35 -39.60
C ILE D 566 49.37 1.65 -39.26
N ALA D 567 49.97 1.72 -38.08
CA ALA D 567 50.49 2.95 -37.49
C ALA D 567 51.65 2.64 -36.54
N ILE D 568 52.42 3.65 -36.16
CA ILE D 568 53.53 3.52 -35.20
C ILE D 568 53.61 4.74 -34.27
N GLU D 569 54.16 4.55 -33.09
CA GLU D 569 54.54 5.64 -32.17
C GLU D 569 55.75 6.42 -32.70
N SER D 577 57.61 12.17 -34.55
CA SER D 577 56.88 10.97 -34.94
C SER D 577 56.13 10.34 -33.75
N ARG D 578 55.36 11.15 -33.01
CA ARG D 578 54.69 10.75 -31.75
C ARG D 578 53.69 9.62 -31.95
N ILE D 579 52.73 9.81 -32.84
CA ILE D 579 51.76 8.79 -33.28
C ILE D 579 51.34 9.10 -34.71
N LEU D 580 51.81 8.29 -35.69
CA LEU D 580 51.40 8.53 -37.06
C LEU D 580 50.83 7.24 -37.73
N ILE D 581 50.08 7.47 -38.78
CA ILE D 581 49.20 6.53 -39.46
C ILE D 581 49.67 6.38 -40.90
N ASN D 582 50.05 5.16 -41.33
CA ASN D 582 50.54 4.86 -42.67
C ASN D 582 51.66 5.82 -43.20
N PRO D 583 52.76 6.02 -42.39
CA PRO D 583 53.75 7.03 -42.74
C PRO D 583 54.46 6.76 -44.07
N GLY D 584 54.89 7.84 -44.72
CA GLY D 584 55.49 7.81 -46.06
C GLY D 584 56.82 7.05 -46.15
N ASN D 585 57.22 6.74 -47.38
CA ASN D 585 58.41 5.93 -47.69
C ASN D 585 59.75 6.59 -47.27
N HIS D 586 59.73 7.86 -46.92
CA HIS D 586 60.94 8.50 -46.40
C HIS D 586 61.18 8.22 -44.88
N LEU D 587 60.17 7.72 -44.17
CA LEU D 587 60.26 7.47 -42.73
C LEU D 587 60.79 6.07 -42.43
N LYS D 588 62.04 5.99 -41.96
CA LYS D 588 62.68 4.77 -41.47
C LYS D 588 62.48 4.57 -39.97
N ILE D 589 62.36 3.31 -39.56
CA ILE D 589 62.01 2.91 -38.20
C ILE D 589 63.19 3.08 -37.23
N GLN D 590 62.91 3.68 -36.07
CA GLN D 590 63.83 3.78 -34.93
C GLN D 590 63.75 2.54 -34.03
N GLU D 591 64.74 2.32 -33.16
CA GLU D 591 64.62 1.29 -32.12
C GLU D 591 63.54 1.64 -31.09
N GLY D 592 62.82 0.64 -30.59
CA GLY D 592 61.81 0.80 -29.55
C GLY D 592 60.48 1.43 -29.98
N THR D 593 60.18 1.51 -31.28
CA THR D 593 58.85 1.96 -31.75
C THR D 593 57.78 0.91 -31.45
N LEU D 594 56.63 1.36 -30.90
CA LEU D 594 55.39 0.59 -30.75
C LEU D 594 54.71 0.49 -32.15
N GLY D 595 54.23 -0.69 -32.59
CA GLY D 595 53.60 -0.77 -33.90
C GLY D 595 52.18 -1.40 -33.95
N PHE D 596 51.16 -0.67 -34.41
CA PHE D 596 49.75 -1.07 -34.31
C PHE D 596 49.39 -2.04 -35.43
N PHE D 597 48.69 -3.11 -35.08
CA PHE D 597 48.38 -4.24 -35.94
C PHE D 597 46.91 -4.62 -35.89
N ILE D 598 46.37 -5.17 -36.98
CA ILE D 598 45.09 -5.87 -36.97
C ILE D 598 45.38 -7.36 -37.06
N ALA D 599 44.81 -8.16 -36.17
CA ALA D 599 45.10 -9.58 -36.07
C ALA D 599 43.93 -10.37 -35.48
N SER D 600 43.86 -11.66 -35.77
CA SER D 600 42.80 -12.54 -35.28
C SER D 600 42.74 -12.65 -33.76
N ASP D 601 43.89 -12.56 -33.08
CA ASP D 601 44.03 -12.73 -31.64
C ASP D 601 45.32 -12.06 -31.14
N ALA D 602 45.40 -11.73 -29.85
CA ALA D 602 46.56 -11.11 -29.24
C ALA D 602 47.82 -11.97 -29.36
N LYS D 603 47.70 -13.29 -29.13
CA LYS D 603 48.83 -14.24 -29.22
C LYS D 603 49.49 -14.26 -30.59
N GLU D 604 48.77 -13.80 -31.61
CA GLU D 604 49.30 -13.76 -32.97
C GLU D 604 50.16 -12.52 -33.26
N VAL D 605 49.99 -11.45 -32.49
CA VAL D 605 50.81 -10.25 -32.74
C VAL D 605 52.24 -10.41 -32.24
N LYS D 606 52.49 -11.36 -31.32
CA LYS D 606 53.79 -11.60 -30.68
C LYS D 606 54.92 -11.84 -31.67
N ARG D 607 54.59 -12.42 -32.84
CA ARG D 607 55.59 -12.67 -33.87
C ARG D 607 56.28 -11.38 -34.33
N ALA D 608 55.57 -10.26 -34.34
CA ALA D 608 56.16 -8.98 -34.74
C ALA D 608 57.37 -8.57 -33.87
N PHE D 609 57.41 -9.04 -32.62
CA PHE D 609 58.53 -8.86 -31.69
C PHE D 609 59.54 -10.03 -31.77
N PHE D 610 59.05 -11.27 -31.78
CA PHE D 610 59.86 -12.49 -31.80
C PHE D 610 60.58 -12.77 -33.14
N TYR D 611 60.12 -12.23 -34.27
CA TYR D 611 60.75 -12.40 -35.57
C TYR D 611 62.20 -11.88 -35.60
N CYS D 612 63.13 -12.66 -36.14
CA CYS D 612 64.49 -12.25 -36.45
C CYS D 612 65.07 -13.10 -37.58
N LYS D 613 64.81 -12.70 -38.83
CA LYS D 613 65.18 -13.37 -40.09
C LYS D 613 64.62 -14.79 -40.22
N ALA D 614 65.21 -15.78 -39.56
CA ALA D 614 64.70 -17.15 -39.43
C ALA D 614 64.19 -17.75 -40.76
N CYS D 615 62.96 -18.25 -40.81
CA CYS D 615 62.33 -18.83 -42.00
C CYS D 615 62.18 -17.82 -43.14
N SER D 681 49.88 33.41 -48.83
CA SER D 681 50.24 33.48 -47.40
C SER D 681 49.72 34.72 -46.69
N ASN D 682 49.18 35.69 -47.41
CA ASN D 682 48.65 36.96 -46.90
C ASN D 682 47.22 36.85 -46.30
N VAL D 683 46.56 35.69 -46.41
CA VAL D 683 45.21 35.40 -45.90
C VAL D 683 45.16 34.10 -45.09
N LYS D 684 44.26 34.04 -44.11
CA LYS D 684 44.10 32.90 -43.20
C LYS D 684 43.28 31.77 -43.84
N LYS D 685 43.95 30.79 -44.44
CA LYS D 685 43.33 29.59 -45.05
C LYS D 685 43.07 28.45 -44.05
N TYR D 686 43.75 28.46 -42.91
CA TYR D 686 43.80 27.35 -41.97
C TYR D 686 43.66 27.82 -40.53
N ASP D 687 43.42 26.87 -39.62
CA ASP D 687 43.56 27.13 -38.19
C ASP D 687 45.01 27.46 -37.80
N SER D 688 45.21 27.93 -36.58
CA SER D 688 46.51 28.33 -36.02
C SER D 688 47.64 27.30 -36.12
N THR D 689 47.36 26.00 -36.28
CA THR D 689 48.39 24.96 -36.45
C THR D 689 48.30 24.21 -37.78
N GLY D 690 47.45 24.63 -38.72
CA GLY D 690 47.37 24.01 -40.05
C GLY D 690 46.73 22.62 -40.10
N MET D 691 46.12 22.14 -39.01
CA MET D 691 45.44 20.84 -38.96
C MET D 691 44.11 20.84 -39.72
N PHE D 692 43.42 21.98 -39.77
CA PHE D 692 42.10 22.17 -40.36
C PHE D 692 42.03 23.40 -41.26
N HIS D 693 41.21 23.34 -42.31
CA HIS D 693 40.77 24.51 -43.08
C HIS D 693 39.98 25.48 -42.20
N TRP D 694 39.98 26.76 -42.56
CA TRP D 694 39.36 27.82 -41.78
C TRP D 694 38.86 28.97 -42.66
N CYS D 695 37.89 29.74 -42.18
CA CYS D 695 37.49 31.00 -42.78
C CYS D 695 37.09 32.02 -41.72
N ALA D 696 37.07 33.30 -42.11
CA ALA D 696 36.55 34.36 -41.26
C ALA D 696 35.10 34.05 -40.83
N PRO D 697 34.71 34.41 -39.60
CA PRO D 697 33.43 33.99 -39.03
C PRO D 697 32.26 34.61 -39.80
N LYS D 698 31.50 33.77 -40.49
CA LYS D 698 30.32 34.19 -41.28
C LYS D 698 29.15 34.57 -40.39
N GLU D 699 28.18 35.28 -40.95
CA GLU D 699 26.85 35.47 -40.35
C GLU D 699 25.91 34.36 -40.83
N ILE D 700 24.95 33.93 -40.02
CA ILE D 700 24.07 32.80 -40.37
C ILE D 700 23.19 33.12 -41.58
N GLU D 701 22.80 34.38 -41.73
CA GLU D 701 22.07 34.91 -42.89
C GLU D 701 22.86 34.80 -44.21
N LYS D 702 24.19 34.63 -44.16
CA LYS D 702 25.02 34.43 -45.34
C LYS D 702 24.98 32.99 -45.86
N VAL D 703 24.63 32.01 -45.01
CA VAL D 703 24.68 30.57 -45.33
C VAL D 703 23.31 29.89 -45.39
N ILE D 704 22.25 30.52 -44.86
CA ILE D 704 20.89 30.04 -45.00
C ILE D 704 20.40 30.15 -46.46
N LEU D 705 19.59 29.20 -46.93
CA LEU D 705 19.03 29.14 -48.28
C LEU D 705 17.51 28.92 -48.22
N THR D 706 16.72 29.57 -49.06
CA THR D 706 15.36 29.08 -49.37
C THR D 706 15.39 28.00 -50.46
N ARG D 707 14.31 27.23 -50.59
CA ARG D 707 14.23 26.13 -51.58
C ARG D 707 14.71 26.49 -52.99
N SER D 708 14.25 27.64 -53.48
CA SER D 708 14.64 28.14 -54.80
C SER D 708 16.15 28.35 -54.94
N GLU D 709 16.80 28.87 -53.90
CA GLU D 709 18.25 29.08 -53.89
C GLU D 709 19.01 27.77 -53.84
N ALA D 710 18.55 26.84 -53.01
CA ALA D 710 19.12 25.50 -52.98
C ALA D 710 18.95 24.80 -54.34
N ALA D 711 17.77 24.92 -54.96
CA ALA D 711 17.48 24.26 -56.23
C ALA D 711 18.36 24.74 -57.38
N MET D 712 18.63 26.04 -57.50
CA MET D 712 19.52 26.55 -58.56
C MET D 712 21.01 26.44 -58.19
N THR D 713 21.36 26.30 -56.91
CA THR D 713 22.72 25.93 -56.50
C THR D 713 23.01 24.49 -56.93
N VAL D 714 24.01 24.26 -57.77
CA VAL D 714 24.30 22.92 -58.32
C VAL D 714 25.10 22.08 -57.32
N LEU D 715 24.45 21.70 -56.22
CA LEU D 715 24.99 20.79 -55.22
C LEU D 715 25.16 19.39 -55.84
N SER D 716 26.37 18.84 -55.78
CA SER D 716 26.69 17.47 -56.21
C SER D 716 27.90 16.95 -55.45
N GLY D 717 27.98 15.65 -55.16
CA GLY D 717 29.05 15.02 -54.39
C GLY D 717 29.17 15.47 -52.92
N HIS D 718 28.14 16.16 -52.47
CA HIS D 718 28.07 16.78 -51.15
C HIS D 718 27.48 15.89 -50.02
N VAL D 719 27.51 16.40 -48.78
CA VAL D 719 26.90 15.71 -47.64
C VAL D 719 25.64 16.44 -47.21
N VAL D 720 24.54 15.71 -47.01
CA VAL D 720 23.31 16.27 -46.44
C VAL D 720 23.16 15.77 -45.02
N VAL D 721 22.93 16.66 -44.07
CA VAL D 721 22.68 16.29 -42.67
C VAL D 721 21.25 16.65 -42.33
N CYS D 722 20.44 15.66 -42.04
CA CYS D 722 19.03 15.80 -41.71
C CYS D 722 18.90 15.77 -40.20
N ILE D 723 18.41 16.86 -39.60
CA ILE D 723 18.33 16.98 -38.15
C ILE D 723 16.89 17.14 -37.70
N PHE D 724 16.42 16.17 -36.91
CA PHE D 724 15.26 16.35 -36.08
C PHE D 724 15.67 17.07 -34.81
N GLY D 725 15.17 18.27 -34.60
CA GLY D 725 15.60 19.14 -33.52
C GLY D 725 14.61 20.27 -33.31
N ASP D 726 14.66 20.86 -32.12
CA ASP D 726 13.68 21.85 -31.64
C ASP D 726 14.29 22.70 -30.53
N VAL D 727 13.69 23.85 -30.20
CA VAL D 727 14.24 24.80 -29.21
C VAL D 727 14.38 24.22 -27.79
N SER D 728 13.62 23.19 -27.45
CA SER D 728 13.73 22.46 -26.18
C SER D 728 14.86 21.42 -26.14
N SER D 729 15.37 20.99 -27.29
CA SER D 729 16.21 19.78 -27.41
C SER D 729 17.71 20.04 -27.19
N ALA D 730 18.42 19.05 -26.65
CA ALA D 730 19.83 19.17 -26.30
C ALA D 730 20.74 19.27 -27.53
N LEU D 731 21.91 19.90 -27.33
CA LEU D 731 22.87 20.13 -28.40
C LEU D 731 23.55 18.82 -28.92
N ILE D 732 23.44 18.53 -30.22
CA ILE D 732 24.06 17.34 -30.78
C ILE D 732 25.60 17.42 -30.74
N GLY D 733 26.20 18.59 -30.90
CA GLY D 733 27.65 18.77 -30.92
C GLY D 733 28.23 18.74 -32.33
N LEU D 734 27.57 19.40 -33.29
CA LEU D 734 27.82 19.26 -34.72
C LEU D 734 29.24 19.64 -35.16
N ARG D 735 30.00 20.40 -34.37
CA ARG D 735 31.42 20.67 -34.63
C ARG D 735 32.21 19.39 -34.87
N ASN D 736 31.86 18.32 -34.15
CA ASN D 736 32.53 17.03 -34.25
C ASN D 736 32.21 16.27 -35.55
N LEU D 737 31.09 16.57 -36.20
CA LEU D 737 30.77 16.06 -37.54
C LEU D 737 31.53 16.86 -38.60
N VAL D 738 31.56 18.18 -38.48
CA VAL D 738 32.19 19.06 -39.48
C VAL D 738 33.71 19.01 -39.45
N MET D 739 34.36 18.96 -38.29
CA MET D 739 35.82 19.02 -38.23
C MET D 739 36.56 17.92 -38.99
N PRO D 740 36.24 16.62 -38.84
CA PRO D 740 36.92 15.59 -39.62
C PRO D 740 36.76 15.77 -41.12
N LEU D 741 35.67 16.42 -41.57
CA LEU D 741 35.41 16.76 -42.97
C LEU D 741 36.10 18.06 -43.42
N ARG D 742 36.74 18.77 -42.52
CA ARG D 742 37.50 20.00 -42.80
C ARG D 742 39.04 19.88 -42.54
N ALA D 743 39.54 18.67 -42.32
CA ALA D 743 40.96 18.43 -42.14
C ALA D 743 41.77 18.99 -43.32
N SER D 744 42.91 19.63 -43.05
CA SER D 744 43.80 20.16 -44.10
C SER D 744 44.44 19.09 -44.97
N ASN D 745 44.20 17.79 -44.75
CA ASN D 745 44.56 16.74 -45.68
C ASN D 745 43.83 16.87 -47.04
N PHE D 746 42.59 17.37 -47.05
CA PHE D 746 41.88 17.58 -48.29
C PHE D 746 42.33 18.88 -48.94
N HIS D 747 42.41 18.92 -50.27
CA HIS D 747 42.49 20.20 -50.99
C HIS D 747 41.17 20.95 -50.92
N TYR D 748 41.17 22.28 -51.08
CA TYR D 748 39.95 23.06 -50.95
C TYR D 748 38.87 22.67 -51.98
N HIS D 749 39.28 22.24 -53.17
CA HIS D 749 38.35 21.70 -54.17
C HIS D 749 37.87 20.23 -53.88
N GLU D 750 38.60 19.51 -53.02
CA GLU D 750 38.31 18.14 -52.60
C GLU D 750 37.34 18.09 -51.41
N LEU D 751 37.11 19.22 -50.72
CA LEU D 751 36.17 19.35 -49.62
C LEU D 751 34.73 19.12 -50.07
N LYS D 752 34.05 18.14 -49.47
CA LYS D 752 32.62 17.91 -49.67
C LYS D 752 31.82 19.05 -49.03
N HIS D 753 30.93 19.68 -49.76
CA HIS D 753 30.01 20.69 -49.24
C HIS D 753 29.08 20.08 -48.19
N ILE D 754 28.63 20.82 -47.18
CA ILE D 754 27.72 20.30 -46.14
C ILE D 754 26.45 21.13 -46.09
N VAL D 755 25.28 20.48 -46.15
CA VAL D 755 23.98 21.13 -45.99
C VAL D 755 23.26 20.60 -44.76
N PHE D 756 22.85 21.47 -43.85
CA PHE D 756 21.98 21.07 -42.75
C PHE D 756 20.53 21.33 -43.13
N VAL D 757 19.70 20.29 -43.10
CA VAL D 757 18.26 20.40 -43.31
C VAL D 757 17.57 20.16 -41.98
N GLY D 758 16.80 21.12 -41.49
CA GLY D 758 16.12 21.00 -40.21
C GLY D 758 15.57 22.32 -39.69
N SER D 759 15.11 22.34 -38.44
CA SER D 759 14.70 23.57 -37.76
C SER D 759 15.86 24.57 -37.70
N ILE D 760 15.63 25.77 -38.21
CA ILE D 760 16.58 26.88 -38.06
C ILE D 760 16.63 27.35 -36.60
N GLU D 761 15.50 27.31 -35.90
CA GLU D 761 15.45 27.71 -34.49
C GLU D 761 16.46 26.92 -33.70
N TYR D 762 16.62 25.65 -34.04
CA TYR D 762 17.56 24.80 -33.35
C TYR D 762 18.98 25.10 -33.84
N LEU D 763 19.18 25.15 -35.15
CA LEU D 763 20.53 25.43 -35.65
C LEU D 763 21.09 26.77 -35.15
N LYS D 764 20.23 27.79 -35.00
CA LYS D 764 20.58 29.14 -34.54
C LYS D 764 21.32 29.17 -33.21
N ARG D 765 21.14 28.19 -32.31
CA ARG D 765 21.86 28.15 -31.02
C ARG D 765 23.01 27.15 -30.97
N GLU D 766 23.40 26.61 -32.13
CA GLU D 766 24.60 25.80 -32.27
C GLU D 766 25.60 26.35 -33.29
N TRP D 767 25.13 27.11 -34.27
CA TRP D 767 25.91 27.42 -35.46
C TRP D 767 27.19 28.23 -35.22
N GLU D 768 27.26 29.05 -34.17
CA GLU D 768 28.48 29.75 -33.78
C GLU D 768 29.65 28.81 -33.46
N THR D 769 29.39 27.53 -33.20
CA THR D 769 30.45 26.54 -32.99
C THR D 769 31.08 26.06 -34.30
N LEU D 770 30.34 26.25 -35.39
CA LEU D 770 30.75 25.84 -36.73
C LEU D 770 30.56 26.97 -37.78
N HIS D 771 30.74 28.22 -37.33
CA HIS D 771 30.70 29.40 -38.23
C HIS D 771 32.06 29.87 -38.89
N ASN D 772 33.14 29.17 -38.57
CA ASN D 772 34.49 29.33 -39.13
C ASN D 772 34.89 28.25 -40.14
N PHE D 773 34.00 27.32 -40.51
CA PHE D 773 34.28 26.34 -41.57
C PHE D 773 33.74 26.80 -42.93
N PRO D 774 34.46 26.58 -44.04
CA PRO D 774 34.21 27.27 -45.30
C PRO D 774 32.90 26.88 -46.00
N LYS D 775 32.81 25.66 -46.53
CA LYS D 775 31.69 25.19 -47.37
C LYS D 775 30.55 24.62 -46.52
N VAL D 776 29.68 25.47 -46.00
CA VAL D 776 28.54 25.07 -45.16
C VAL D 776 27.30 25.86 -45.55
N SER D 777 26.13 25.22 -45.55
CA SER D 777 24.84 25.83 -45.84
C SER D 777 23.75 25.29 -44.94
N ILE D 778 22.64 26.02 -44.80
CA ILE D 778 21.47 25.60 -44.03
C ILE D 778 20.23 25.75 -44.89
N LEU D 779 19.33 24.78 -44.87
CA LEU D 779 17.98 24.90 -45.42
C LEU D 779 16.98 24.79 -44.27
N PRO D 780 16.19 25.84 -43.97
CA PRO D 780 15.17 25.78 -42.95
C PRO D 780 14.03 24.89 -43.44
N GLY D 781 13.76 23.79 -42.73
CA GLY D 781 12.88 22.77 -43.27
C GLY D 781 12.72 21.55 -42.37
N THR D 782 12.22 20.46 -42.95
CA THR D 782 12.01 19.17 -42.25
C THR D 782 12.47 18.02 -43.13
N PRO D 783 13.28 17.07 -42.65
CA PRO D 783 13.73 15.93 -43.46
C PRO D 783 12.62 15.04 -44.04
N LEU D 784 11.40 15.11 -43.50
CA LEU D 784 10.23 14.42 -44.03
C LEU D 784 9.63 15.10 -45.27
N SER D 785 10.05 16.31 -45.62
CA SER D 785 9.59 17.03 -46.82
C SER D 785 10.28 16.55 -48.09
N ARG D 786 9.55 15.95 -49.03
CA ARG D 786 10.15 15.56 -50.29
C ARG D 786 10.68 16.81 -51.02
N ALA D 787 9.92 17.90 -50.97
CA ALA D 787 10.34 19.14 -51.60
C ALA D 787 11.69 19.65 -51.08
N ASP D 788 11.96 19.54 -49.79
CA ASP D 788 13.23 19.96 -49.21
C ASP D 788 14.37 19.04 -49.68
N LEU D 789 14.15 17.72 -49.67
CA LEU D 789 15.13 16.76 -50.14
C LEU D 789 15.44 16.93 -51.64
N ARG D 790 14.44 17.28 -52.46
CA ARG D 790 14.66 17.61 -53.88
C ARG D 790 15.42 18.91 -54.04
N ALA D 791 15.08 19.94 -53.26
CA ALA D 791 15.74 21.23 -53.35
C ALA D 791 17.24 21.13 -53.05
N VAL D 792 17.67 20.21 -52.19
CA VAL D 792 19.09 19.97 -51.90
C VAL D 792 19.71 18.83 -52.72
N ASN D 793 19.08 18.37 -53.81
CA ASN D 793 19.59 17.33 -54.70
C ASN D 793 19.98 16.02 -54.01
N ILE D 794 19.13 15.47 -53.14
CA ILE D 794 19.42 14.24 -52.39
C ILE D 794 19.88 13.04 -53.24
N ASN D 795 19.52 12.97 -54.53
CA ASN D 795 20.01 11.94 -55.44
C ASN D 795 21.50 12.08 -55.81
N LEU D 796 22.14 13.22 -55.57
CA LEU D 796 23.51 13.53 -55.99
C LEU D 796 24.54 13.58 -54.85
N CYS D 797 24.14 13.43 -53.59
CA CYS D 797 25.06 13.50 -52.46
C CYS D 797 25.94 12.25 -52.34
N ASP D 798 27.10 12.37 -51.70
CA ASP D 798 27.94 11.24 -51.32
C ASP D 798 27.51 10.61 -50.00
N MET D 799 26.77 11.33 -49.16
CA MET D 799 26.14 10.80 -47.96
C MET D 799 24.94 11.62 -47.54
N CYS D 800 23.89 10.95 -47.05
CA CYS D 800 22.86 11.55 -46.25
C CYS D 800 22.96 11.04 -44.82
N VAL D 801 23.11 11.92 -43.84
CA VAL D 801 23.24 11.58 -42.42
C VAL D 801 21.93 11.94 -41.73
N ILE D 802 21.32 11.03 -40.98
CA ILE D 802 20.07 11.29 -40.27
C ILE D 802 20.33 11.23 -38.77
N LEU D 803 20.07 12.35 -38.08
CA LEU D 803 20.31 12.55 -36.66
C LEU D 803 19.04 13.02 -35.96
N SER D 804 18.92 12.74 -34.67
CA SER D 804 17.87 13.31 -33.84
C SER D 804 18.42 13.84 -32.53
N ALA D 805 18.03 15.05 -32.15
CA ALA D 805 18.27 15.62 -30.83
C ALA D 805 17.29 15.09 -29.78
N ASN D 806 16.10 14.65 -30.20
CA ASN D 806 14.98 14.24 -29.33
C ASN D 806 15.14 12.85 -28.68
N GLN D 807 16.37 12.36 -28.51
CA GLN D 807 16.64 11.01 -28.01
C GLN D 807 16.18 10.77 -26.56
N ASN D 808 16.19 11.82 -25.72
CA ASN D 808 16.02 11.71 -24.27
C ASN D 808 14.65 12.17 -23.72
N ASN D 809 13.74 12.71 -24.54
CA ASN D 809 12.51 13.33 -24.01
C ASN D 809 11.32 12.38 -23.82
N ILE D 810 11.36 11.16 -24.37
CA ILE D 810 10.47 10.04 -23.98
C ILE D 810 11.18 8.71 -24.23
N ASP D 811 10.95 7.70 -23.39
CA ASP D 811 11.83 6.52 -23.27
C ASP D 811 11.18 5.19 -23.73
N ASP D 812 10.06 5.25 -24.45
CA ASP D 812 9.16 4.11 -24.67
C ASP D 812 9.65 3.02 -25.65
N THR D 813 10.93 3.01 -26.03
CA THR D 813 11.61 2.13 -27.02
C THR D 813 11.10 2.23 -28.47
N SER D 814 9.79 2.30 -28.69
CA SER D 814 9.17 2.63 -29.98
C SER D 814 9.37 4.11 -30.32
N LEU D 815 8.94 4.99 -29.40
CA LEU D 815 8.90 6.45 -29.62
C LEU D 815 10.27 7.12 -29.85
N GLN D 816 11.38 6.44 -29.57
CA GLN D 816 12.69 7.04 -29.67
C GLN D 816 13.24 7.22 -31.10
N ASP D 817 12.82 6.39 -32.06
CA ASP D 817 13.42 6.35 -33.41
C ASP D 817 12.43 6.55 -34.57
N LYS D 818 11.15 6.86 -34.30
CA LYS D 818 10.10 6.99 -35.34
C LYS D 818 10.52 7.89 -36.49
N GLU D 819 11.03 9.08 -36.18
CA GLU D 819 11.37 10.09 -37.18
C GLU D 819 12.47 9.60 -38.11
N CYS D 820 13.53 9.01 -37.57
CA CYS D 820 14.64 8.51 -38.35
C CYS D 820 14.23 7.37 -39.28
N ILE D 821 13.38 6.48 -38.81
CA ILE D 821 12.89 5.36 -39.61
C ILE D 821 11.96 5.88 -40.71
N LEU D 822 11.05 6.81 -40.41
CA LEU D 822 10.24 7.45 -41.44
C LEU D 822 11.09 8.24 -42.43
N ALA D 823 12.10 8.97 -41.99
CA ALA D 823 12.98 9.74 -42.87
C ALA D 823 13.76 8.84 -43.83
N SER D 824 14.37 7.78 -43.34
CA SER D 824 15.11 6.86 -44.19
C SER D 824 14.18 6.14 -45.17
N LEU D 825 12.98 5.73 -44.77
CA LEU D 825 11.98 5.19 -45.70
C LEU D 825 11.54 6.22 -46.74
N ASN D 826 11.32 7.46 -46.32
CA ASN D 826 10.90 8.53 -47.22
C ASN D 826 11.97 8.84 -48.28
N ILE D 827 13.26 8.76 -47.96
CA ILE D 827 14.32 8.93 -48.95
C ILE D 827 14.40 7.70 -49.85
N LYS D 828 14.33 6.48 -49.30
CA LYS D 828 14.36 5.26 -50.12
C LYS D 828 13.25 5.20 -51.16
N SER D 829 12.04 5.65 -50.85
CA SER D 829 10.89 5.58 -51.77
C SER D 829 10.85 6.68 -52.82
N MET D 830 11.77 7.66 -52.83
CA MET D 830 11.78 8.75 -53.81
C MET D 830 11.87 8.23 -55.25
N GLN D 831 11.42 9.04 -56.20
CA GLN D 831 11.63 8.84 -57.64
C GLN D 831 12.25 10.09 -58.25
N PHE D 832 13.17 9.92 -59.20
CA PHE D 832 13.87 10.98 -59.92
C PHE D 832 13.92 10.67 -61.42
N ASP D 833 14.01 11.68 -62.28
CA ASP D 833 14.01 11.51 -63.74
C ASP D 833 15.27 10.81 -64.25
N THR D 871 15.68 7.24 -61.89
CA THR D 871 16.01 6.28 -60.84
C THR D 871 15.09 6.39 -59.62
N THR D 872 14.88 5.29 -58.93
CA THR D 872 14.42 5.26 -57.53
C THR D 872 15.52 5.78 -56.58
N GLY D 873 15.14 6.26 -55.40
CA GLY D 873 16.05 6.67 -54.34
C GLY D 873 16.68 5.53 -53.52
N VAL D 874 16.34 4.26 -53.74
CA VAL D 874 16.87 3.16 -52.92
C VAL D 874 18.39 2.97 -53.00
N ASN D 875 19.03 3.51 -54.05
CA ASN D 875 20.49 3.51 -54.23
C ASN D 875 21.23 4.62 -53.45
N ILE D 876 20.54 5.56 -52.82
CA ILE D 876 21.17 6.70 -52.15
C ILE D 876 21.88 6.26 -50.87
N PRO D 877 23.12 6.71 -50.61
CA PRO D 877 23.85 6.36 -49.39
C PRO D 877 23.29 7.11 -48.18
N ILE D 878 22.78 6.37 -47.20
CA ILE D 878 22.21 6.92 -45.97
C ILE D 878 22.93 6.30 -44.78
N ILE D 879 23.18 7.08 -43.74
CA ILE D 879 23.54 6.55 -42.42
C ILE D 879 22.63 7.13 -41.36
N THR D 880 22.07 6.27 -40.52
CA THR D 880 21.06 6.65 -39.52
C THR D 880 21.59 6.40 -38.12
N GLU D 881 21.61 7.41 -37.25
CA GLU D 881 21.84 7.18 -35.83
C GLU D 881 20.59 6.61 -35.16
N LEU D 882 20.70 5.49 -34.45
CA LEU D 882 19.62 4.87 -33.69
C LEU D 882 19.83 5.01 -32.19
N VAL D 883 18.78 5.33 -31.45
CA VAL D 883 18.82 5.43 -29.99
C VAL D 883 18.58 4.08 -29.33
N ASN D 884 17.82 3.24 -30.02
CA ASN D 884 17.55 1.87 -29.58
C ASN D 884 18.05 0.90 -30.70
N ASP D 885 19.11 0.13 -30.46
CA ASP D 885 19.64 -0.77 -31.47
C ASP D 885 18.67 -1.88 -31.88
N THR D 886 17.68 -2.23 -31.07
CA THR D 886 16.61 -3.16 -31.46
C THR D 886 15.76 -2.63 -32.62
N ASN D 887 15.62 -1.31 -32.78
CA ASN D 887 14.86 -0.72 -33.88
C ASN D 887 15.55 -0.88 -35.24
N VAL D 888 16.79 -1.34 -35.27
CA VAL D 888 17.51 -1.53 -36.54
C VAL D 888 16.75 -2.45 -37.54
N GLN D 889 15.95 -3.36 -37.01
CA GLN D 889 15.13 -4.28 -37.79
C GLN D 889 14.16 -3.59 -38.75
N PHE D 890 13.75 -2.35 -38.50
CA PHE D 890 12.85 -1.62 -39.37
C PHE D 890 13.54 -0.90 -40.53
N LEU D 891 14.87 -0.77 -40.53
CA LEU D 891 15.58 0.00 -41.55
C LEU D 891 15.67 -0.70 -42.90
N ASP D 892 15.61 -2.04 -42.94
CA ASP D 892 15.61 -2.85 -44.17
C ASP D 892 14.48 -3.88 -44.17
N GLN D 893 14.07 -4.32 -45.36
CA GLN D 893 12.96 -5.26 -45.55
C GLN D 893 13.35 -6.52 -46.34
N ASP D 894 14.45 -6.52 -47.08
CA ASP D 894 15.03 -7.72 -47.71
C ASP D 894 16.02 -8.47 -46.78
N ASP D 895 16.02 -8.13 -45.50
CA ASP D 895 16.79 -8.76 -44.43
C ASP D 895 15.99 -9.86 -43.72
N ASP D 896 16.53 -10.41 -42.63
CA ASP D 896 15.83 -11.29 -41.70
C ASP D 896 15.98 -10.74 -40.27
N ASP D 897 14.90 -10.61 -39.52
CA ASP D 897 14.87 -9.92 -38.23
C ASP D 897 14.57 -10.85 -37.06
N ASP D 898 15.26 -10.66 -35.92
CA ASP D 898 15.01 -11.48 -34.74
C ASP D 898 15.48 -10.69 -33.49
N PRO D 899 14.57 -10.43 -32.52
CA PRO D 899 14.90 -9.69 -31.28
C PRO D 899 16.12 -10.10 -30.43
N ASP D 900 16.60 -11.35 -30.53
CA ASP D 900 17.79 -11.80 -29.80
C ASP D 900 19.15 -11.61 -30.54
N THR D 901 19.11 -11.15 -31.78
CA THR D 901 20.34 -10.92 -32.55
C THR D 901 21.11 -9.71 -32.01
N GLU D 902 22.42 -9.81 -31.79
CA GLU D 902 23.25 -8.63 -31.48
C GLU D 902 23.43 -7.74 -32.72
N LEU D 903 23.46 -6.42 -32.53
CA LEU D 903 23.46 -5.44 -33.62
C LEU D 903 24.51 -5.71 -34.70
N TYR D 904 25.70 -6.17 -34.32
CA TYR D 904 26.80 -6.35 -35.27
C TYR D 904 26.51 -7.39 -36.36
N LEU D 905 25.60 -8.33 -36.13
CA LEU D 905 25.22 -9.36 -37.09
C LEU D 905 24.22 -8.87 -38.14
N THR D 906 23.47 -7.81 -37.85
CA THR D 906 22.34 -7.39 -38.67
C THR D 906 22.79 -6.80 -40.01
N GLN D 907 22.01 -7.02 -41.07
CA GLN D 907 22.34 -6.51 -42.41
C GLN D 907 22.58 -5.00 -42.47
N PRO D 908 21.73 -4.12 -41.91
CA PRO D 908 21.93 -2.68 -42.05
C PRO D 908 23.17 -2.16 -41.34
N PHE D 909 23.59 -2.79 -40.24
CA PHE D 909 24.84 -2.49 -39.57
C PHE D 909 26.05 -3.04 -40.33
N ALA D 910 26.01 -4.29 -40.78
CA ALA D 910 27.07 -4.89 -41.58
C ALA D 910 27.32 -4.14 -42.89
N CYS D 911 26.27 -3.54 -43.46
CA CYS D 911 26.38 -2.71 -44.66
C CYS D 911 26.86 -1.29 -44.37
N GLY D 912 26.91 -0.86 -43.12
CA GLY D 912 27.36 0.48 -42.74
C GLY D 912 26.31 1.58 -42.89
N THR D 913 25.02 1.24 -42.79
CA THR D 913 23.91 2.20 -42.94
C THR D 913 23.20 2.55 -41.64
N ALA D 914 23.55 1.90 -40.54
CA ALA D 914 23.05 2.20 -39.21
C ALA D 914 24.21 2.35 -38.24
N PHE D 915 24.08 3.24 -37.26
CA PHE D 915 25.03 3.36 -36.17
C PHE D 915 24.27 3.60 -34.87
N ALA D 916 24.72 3.02 -33.78
CA ALA D 916 24.14 3.23 -32.46
C ALA D 916 25.24 3.42 -31.44
N VAL D 917 25.10 4.39 -30.55
CA VAL D 917 26.15 4.70 -29.56
C VAL D 917 26.47 3.52 -28.64
N SER D 918 25.57 2.54 -28.50
CA SER D 918 25.82 1.30 -27.78
C SER D 918 26.97 0.47 -28.34
N VAL D 919 27.38 0.59 -29.61
CA VAL D 919 28.56 -0.15 -30.10
C VAL D 919 29.87 0.36 -29.50
N LEU D 920 29.89 1.57 -28.93
CA LEU D 920 31.03 2.12 -28.22
C LEU D 920 31.12 1.66 -26.76
N ASP D 921 30.15 0.91 -26.23
CA ASP D 921 30.23 0.40 -24.86
C ASP D 921 31.45 -0.50 -24.62
N SER D 922 31.85 -1.30 -25.61
CA SER D 922 33.06 -2.12 -25.54
C SER D 922 34.36 -1.31 -25.69
N LEU D 923 34.29 -0.01 -25.98
CA LEU D 923 35.49 0.81 -26.01
C LEU D 923 36.03 1.08 -24.60
N MET D 924 35.20 0.99 -23.56
CA MET D 924 35.64 1.00 -22.17
C MET D 924 36.59 -0.15 -21.88
N SER D 925 36.15 -1.38 -22.10
CA SER D 925 36.98 -2.57 -21.86
C SER D 925 38.19 -2.61 -22.80
N ALA D 926 38.05 -2.25 -24.07
CA ALA D 926 39.18 -2.18 -24.97
C ALA D 926 40.27 -1.22 -24.47
N THR D 927 39.87 -0.06 -23.93
CA THR D 927 40.81 0.95 -23.46
C THR D 927 41.44 0.58 -22.12
N TYR D 928 40.75 -0.14 -21.23
CA TYR D 928 41.38 -0.68 -20.04
C TYR D 928 42.52 -1.63 -20.40
N PHE D 929 42.26 -2.64 -21.22
CA PHE D 929 43.26 -3.65 -21.57
C PHE D 929 44.40 -3.11 -22.44
N ASN D 930 44.19 -2.03 -23.19
CA ASN D 930 45.27 -1.40 -23.95
C ASN D 930 45.03 0.11 -24.11
N ASP D 931 45.80 0.91 -23.41
CA ASP D 931 45.67 2.37 -23.37
C ASP D 931 45.97 3.06 -24.71
N ASN D 932 46.73 2.41 -25.59
CA ASN D 932 47.12 3.01 -26.87
C ASN D 932 45.95 3.09 -27.86
N ILE D 933 44.95 2.21 -27.71
CA ILE D 933 43.85 2.08 -28.66
C ILE D 933 43.10 3.39 -28.81
N LEU D 934 42.63 3.99 -27.71
CA LEU D 934 41.88 5.23 -27.74
C LEU D 934 42.68 6.36 -28.39
N THR D 935 44.01 6.35 -28.26
CA THR D 935 44.87 7.33 -28.94
C THR D 935 44.83 7.14 -30.45
N LEU D 936 44.93 5.90 -30.94
CA LEU D 936 44.82 5.60 -32.35
C LEU D 936 43.46 5.99 -32.90
N ILE D 937 42.37 5.58 -32.23
CA ILE D 937 41.02 5.88 -32.69
C ILE D 937 40.83 7.38 -32.79
N ARG D 938 41.24 8.08 -31.76
CA ARG D 938 41.12 9.51 -31.74
C ARG D 938 41.83 10.13 -32.95
N THR D 939 43.07 9.81 -33.25
CA THR D 939 43.81 10.41 -34.37
C THR D 939 43.21 10.02 -35.71
N LEU D 940 42.79 8.77 -35.87
CA LEU D 940 42.19 8.24 -37.10
C LEU D 940 40.81 8.85 -37.42
N VAL D 941 40.03 9.18 -36.40
CA VAL D 941 38.63 9.57 -36.51
C VAL D 941 38.40 11.09 -36.45
N THR D 942 39.13 11.82 -35.60
CA THR D 942 38.85 13.25 -35.35
C THR D 942 39.38 14.18 -36.43
N GLY D 943 40.07 13.66 -37.44
CA GLY D 943 40.90 14.47 -38.33
C GLY D 943 42.25 14.82 -37.69
N GLY D 944 42.77 13.95 -36.84
CA GLY D 944 44.11 14.06 -36.25
C GLY D 944 44.29 15.22 -35.27
N ALA D 945 43.28 15.58 -34.47
CA ALA D 945 43.41 16.65 -33.49
C ALA D 945 44.49 16.34 -32.44
N THR D 946 45.44 17.25 -32.24
CA THR D 946 46.60 17.10 -31.35
C THR D 946 46.33 17.65 -29.95
N PRO D 947 47.09 17.28 -28.92
CA PRO D 947 47.03 17.89 -27.58
C PRO D 947 47.14 19.42 -27.60
N GLU D 948 47.93 19.98 -28.51
CA GLU D 948 48.01 21.42 -28.73
C GLU D 948 46.67 22.01 -29.21
N LEU D 949 45.97 21.33 -30.11
CA LEU D 949 44.62 21.72 -30.53
C LEU D 949 43.65 21.67 -29.35
N GLU D 950 43.72 20.63 -28.51
CA GLU D 950 42.86 20.55 -27.33
C GLU D 950 43.06 21.78 -26.43
N ALA D 951 44.32 22.17 -26.20
CA ALA D 951 44.64 23.32 -25.36
C ALA D 951 44.14 24.64 -25.95
N LEU D 952 44.35 24.89 -27.25
CA LEU D 952 43.85 26.09 -27.92
C LEU D 952 42.33 26.18 -27.86
N ILE D 953 41.62 25.08 -28.13
CA ILE D 953 40.15 25.07 -28.06
C ILE D 953 39.66 25.21 -26.62
N ALA D 954 40.35 24.61 -25.64
CA ALA D 954 39.98 24.76 -24.23
C ALA D 954 40.09 26.20 -23.73
N GLU D 955 41.11 26.94 -24.18
CA GLU D 955 41.26 28.36 -23.89
C GLU D 955 40.22 29.22 -24.61
N GLU D 956 40.17 29.15 -25.94
CA GLU D 956 39.45 30.15 -26.75
C GLU D 956 38.02 29.75 -27.16
N ASN D 957 37.60 28.51 -26.86
CA ASN D 957 36.29 27.88 -27.17
C ASN D 957 35.84 27.87 -28.64
N ALA D 958 36.66 28.40 -29.56
CA ALA D 958 36.46 28.38 -31.00
C ALA D 958 37.78 28.16 -31.72
N LEU D 959 37.72 27.57 -32.92
CA LEU D 959 38.90 27.34 -33.76
C LEU D 959 39.40 28.68 -34.31
N ARG D 960 40.66 29.05 -34.03
CA ARG D 960 41.22 30.37 -34.38
C ARG D 960 42.14 30.28 -35.59
N GLY D 961 41.89 31.08 -36.61
CA GLY D 961 42.65 31.07 -37.86
C GLY D 961 44.07 31.61 -37.72
N GLY D 962 45.00 31.10 -38.51
CA GLY D 962 46.39 31.55 -38.55
C GLY D 962 46.96 31.66 -39.96
N TYR D 963 47.97 32.52 -40.14
CA TYR D 963 48.66 32.68 -41.41
C TYR D 963 49.57 31.50 -41.74
N SER D 964 49.81 31.29 -43.04
CA SER D 964 50.66 30.21 -43.54
C SER D 964 52.11 30.35 -43.05
N THR D 965 52.73 29.21 -42.74
CA THR D 965 54.17 29.05 -42.52
C THR D 965 54.60 27.67 -43.02
N PRO D 966 55.89 27.43 -43.33
CA PRO D 966 56.37 26.11 -43.73
C PRO D 966 56.03 24.98 -42.77
N GLN D 967 55.97 25.24 -41.46
CA GLN D 967 55.55 24.23 -40.46
C GLN D 967 54.04 23.98 -40.49
N THR D 968 53.23 25.03 -40.56
CA THR D 968 51.77 24.96 -40.79
C THR D 968 51.44 24.16 -42.05
N LEU D 969 52.26 24.27 -43.10
CA LEU D 969 52.11 23.50 -44.33
C LEU D 969 52.63 22.05 -44.20
N ALA D 970 53.73 21.80 -43.49
CA ALA D 970 54.21 20.43 -43.26
C ALA D 970 53.21 19.58 -42.46
N ASN D 971 52.44 20.20 -41.58
CA ASN D 971 51.37 19.56 -40.81
C ASN D 971 50.25 18.95 -41.67
N ARG D 972 50.15 19.25 -42.97
CA ARG D 972 49.18 18.64 -43.89
C ARG D 972 49.53 17.22 -44.33
N ASP D 973 50.80 16.80 -44.20
CA ASP D 973 51.32 15.57 -44.80
C ASP D 973 51.01 14.29 -44.00
N ARG D 974 49.74 14.07 -43.67
CA ARG D 974 49.22 12.84 -43.04
C ARG D 974 48.55 11.96 -44.10
N CYS D 975 48.19 10.73 -43.77
CA CYS D 975 47.25 9.96 -44.59
C CYS D 975 45.78 10.33 -44.34
N ARG D 976 44.94 10.03 -45.31
CA ARG D 976 43.52 10.22 -45.18
C ARG D 976 42.84 8.92 -45.68
N VAL D 977 41.71 8.56 -45.09
CA VAL D 977 40.97 7.37 -45.49
C VAL D 977 40.17 7.63 -46.77
N ALA D 978 40.14 6.65 -47.67
CA ALA D 978 39.49 6.76 -48.97
C ALA D 978 39.03 5.39 -49.48
N GLN D 979 38.09 5.42 -50.43
CA GLN D 979 37.65 4.22 -51.16
C GLN D 979 38.14 4.24 -52.60
N LEU D 980 38.74 3.14 -53.03
CA LEU D 980 39.26 2.95 -54.39
C LEU D 980 38.36 2.00 -55.18
N ALA D 981 37.99 2.39 -56.40
CA ALA D 981 37.18 1.59 -57.30
C ALA D 981 38.06 0.67 -58.16
N LEU D 982 37.79 -0.64 -58.10
CA LEU D 982 38.55 -1.66 -58.82
C LEU D 982 38.18 -1.77 -60.33
N LEU D 983 37.56 -0.74 -60.90
CA LEU D 983 37.28 -0.59 -62.34
C LEU D 983 38.27 0.36 -63.05
N ASP D 984 39.12 1.07 -62.31
CA ASP D 984 40.11 1.98 -62.88
C ASP D 984 41.37 1.26 -63.40
N GLY D 985 41.95 1.80 -64.46
CA GLY D 985 43.12 1.25 -65.17
C GLY D 985 44.30 0.75 -64.30
N PRO D 986 44.75 1.44 -63.23
CA PRO D 986 45.89 0.99 -62.45
C PRO D 986 45.65 -0.27 -61.62
N PHE D 987 44.40 -0.76 -61.49
CA PHE D 987 44.09 -1.93 -60.66
C PHE D 987 43.08 -2.92 -61.27
N ALA D 988 42.29 -2.51 -62.27
CA ALA D 988 41.21 -3.33 -62.80
C ALA D 988 41.66 -4.64 -63.44
N ASP D 989 42.87 -4.68 -64.00
CA ASP D 989 43.48 -5.89 -64.56
C ASP D 989 43.71 -6.98 -63.50
N LEU D 990 43.86 -6.60 -62.23
CA LEU D 990 43.95 -7.51 -61.09
C LEU D 990 42.58 -7.81 -60.46
N GLY D 991 41.60 -6.93 -60.71
CA GLY D 991 40.20 -7.13 -60.35
C GLY D 991 39.47 -8.12 -61.28
N ASP D 992 40.03 -9.29 -61.53
CA ASP D 992 39.48 -10.30 -62.43
C ASP D 992 39.22 -11.65 -61.74
N GLY D 993 39.22 -11.67 -60.41
CA GLY D 993 39.36 -12.87 -59.57
C GLY D 993 40.77 -13.04 -58.99
N GLY D 994 41.73 -12.18 -59.37
CA GLY D 994 43.07 -12.12 -58.79
C GLY D 994 43.11 -11.81 -57.29
N CYS D 995 44.28 -12.01 -56.68
CA CYS D 995 44.45 -11.99 -55.22
C CYS D 995 44.50 -10.58 -54.60
N TYR D 996 43.79 -10.37 -53.50
CA TYR D 996 43.88 -9.16 -52.66
C TYR D 996 45.31 -8.88 -52.21
N GLY D 997 46.06 -9.92 -51.86
CA GLY D 997 47.45 -9.79 -51.44
C GLY D 997 48.35 -9.14 -52.49
N ASP D 998 48.14 -9.46 -53.76
CA ASP D 998 48.89 -8.84 -54.86
C ASP D 998 48.53 -7.36 -55.02
N LEU D 999 47.25 -7.03 -54.84
CA LEU D 999 46.74 -5.66 -54.90
C LEU D 999 47.36 -4.85 -53.75
N PHE D 1000 47.28 -5.39 -52.54
CA PHE D 1000 47.91 -4.82 -51.35
C PHE D 1000 49.39 -4.54 -51.60
N CYS D 1001 50.15 -5.55 -52.05
CA CYS D 1001 51.58 -5.40 -52.26
C CYS D 1001 51.90 -4.30 -53.28
N LYS D 1002 51.26 -4.30 -54.45
CA LYS D 1002 51.59 -3.29 -55.47
C LYS D 1002 51.09 -1.89 -55.08
N ALA D 1003 49.88 -1.75 -54.54
CA ALA D 1003 49.35 -0.45 -54.17
C ALA D 1003 50.16 0.18 -53.03
N LEU D 1004 50.59 -0.64 -52.07
CA LEU D 1004 51.54 -0.23 -51.03
C LEU D 1004 52.87 0.21 -51.63
N LYS D 1005 53.53 -0.64 -52.42
CA LYS D 1005 54.90 -0.35 -52.90
C LYS D 1005 54.97 0.74 -53.96
N THR D 1006 53.91 0.98 -54.74
CA THR D 1006 53.90 1.99 -55.81
C THR D 1006 53.30 3.34 -55.39
N TYR D 1007 52.30 3.38 -54.50
CA TYR D 1007 51.62 4.62 -54.09
C TYR D 1007 51.60 4.87 -52.59
N ASN D 1008 52.10 3.94 -51.77
CA ASN D 1008 51.93 3.94 -50.31
C ASN D 1008 50.44 4.01 -49.92
N MET D 1009 49.62 3.15 -50.55
CA MET D 1009 48.15 3.19 -50.48
C MET D 1009 47.51 2.39 -49.32
N LEU D 1010 48.25 1.41 -48.81
CA LEU D 1010 47.82 0.49 -47.74
C LEU D 1010 46.30 0.23 -47.54
N CYS D 1011 45.74 -0.59 -48.42
CA CYS D 1011 44.38 -1.07 -48.27
C CYS D 1011 44.23 -1.96 -47.03
N PHE D 1012 43.09 -1.89 -46.35
CA PHE D 1012 42.86 -2.60 -45.10
C PHE D 1012 41.51 -3.35 -45.04
N GLY D 1013 40.72 -3.27 -46.11
CA GLY D 1013 39.49 -4.02 -46.25
C GLY D 1013 38.86 -3.82 -47.62
N ILE D 1014 37.83 -4.60 -47.92
CA ILE D 1014 37.01 -4.43 -49.12
C ILE D 1014 35.55 -4.33 -48.76
N TYR D 1015 34.82 -3.55 -49.56
CA TYR D 1015 33.39 -3.34 -49.47
C TYR D 1015 32.77 -4.09 -50.65
N ARG D 1016 32.26 -5.29 -50.36
CA ARG D 1016 31.77 -6.20 -51.35
C ARG D 1016 30.24 -6.11 -51.52
N LEU D 1017 29.76 -6.29 -52.74
CA LEU D 1017 28.31 -6.32 -52.98
C LEU D 1017 27.68 -7.54 -52.31
N ARG D 1018 26.57 -7.36 -51.58
CA ARG D 1018 25.88 -8.42 -50.84
C ARG D 1018 25.57 -9.68 -51.60
N ASP D 1019 25.32 -9.50 -52.89
CA ASP D 1019 24.94 -10.62 -53.77
C ASP D 1019 26.08 -11.12 -54.67
N ALA D 1020 27.31 -10.59 -54.57
CA ALA D 1020 28.38 -10.91 -55.51
C ALA D 1020 28.82 -12.39 -55.53
N HIS D 1021 28.50 -13.12 -54.47
CA HIS D 1021 28.76 -14.57 -54.40
C HIS D 1021 27.74 -15.43 -55.20
N LEU D 1022 26.57 -14.86 -55.52
CA LEU D 1022 25.55 -15.55 -56.30
C LEU D 1022 25.93 -15.69 -57.78
N SER D 1023 25.46 -16.76 -58.42
CA SER D 1023 25.64 -17.01 -59.85
C SER D 1023 24.76 -16.10 -60.72
N THR D 1024 23.53 -15.82 -60.29
CA THR D 1024 22.63 -14.85 -60.93
C THR D 1024 23.11 -13.41 -60.72
N PRO D 1025 23.00 -12.53 -61.73
CA PRO D 1025 22.95 -11.08 -61.52
C PRO D 1025 21.84 -10.68 -60.53
N SER D 1026 21.93 -9.46 -59.99
CA SER D 1026 20.95 -8.88 -59.07
C SER D 1026 20.91 -7.35 -59.24
N GLN D 1027 19.77 -6.76 -58.89
CA GLN D 1027 19.61 -5.29 -58.82
C GLN D 1027 20.05 -4.70 -57.47
N CYS D 1028 20.42 -5.53 -56.50
CA CYS D 1028 20.81 -5.08 -55.16
C CYS D 1028 22.16 -4.32 -55.16
N THR D 1029 22.13 -3.06 -54.76
CA THR D 1029 23.32 -2.17 -54.70
C THR D 1029 24.01 -2.20 -53.33
N LYS D 1030 23.44 -2.89 -52.34
CA LYS D 1030 24.00 -2.95 -50.98
C LYS D 1030 25.37 -3.61 -50.97
N ARG D 1031 26.32 -3.04 -50.25
CA ARG D 1031 27.65 -3.61 -49.99
C ARG D 1031 27.83 -3.89 -48.50
N TYR D 1032 28.69 -4.83 -48.14
CA TYR D 1032 29.05 -5.15 -46.77
C TYR D 1032 30.56 -5.21 -46.61
N VAL D 1033 31.02 -5.11 -45.36
CA VAL D 1033 32.42 -4.82 -45.04
C VAL D 1033 33.22 -6.07 -44.72
N ILE D 1034 34.34 -6.26 -45.41
CA ILE D 1034 35.36 -7.26 -45.11
C ILE D 1034 36.61 -6.54 -44.60
N THR D 1035 37.05 -6.89 -43.39
CA THR D 1035 38.19 -6.26 -42.72
C THR D 1035 39.40 -7.19 -42.74
N ASN D 1036 40.56 -6.72 -43.20
CA ASN D 1036 41.79 -7.51 -43.29
C ASN D 1036 41.60 -8.87 -44.02
N PRO D 1037 41.29 -8.87 -45.33
CA PRO D 1037 41.15 -10.10 -46.11
C PRO D 1037 42.42 -10.98 -46.05
N PRO D 1038 42.28 -12.31 -45.94
CA PRO D 1038 43.33 -13.20 -45.41
C PRO D 1038 44.50 -13.55 -46.36
N TYR D 1039 44.77 -12.76 -47.41
CA TYR D 1039 45.60 -13.17 -48.57
C TYR D 1039 44.96 -14.36 -49.32
N GLU D 1040 45.41 -14.64 -50.55
CA GLU D 1040 44.78 -15.59 -51.49
C GLU D 1040 43.28 -15.38 -51.74
N PHE D 1041 42.76 -14.19 -51.43
CA PHE D 1041 41.35 -13.83 -51.42
C PHE D 1041 40.99 -13.13 -52.74
N GLU D 1042 39.95 -13.57 -53.42
CA GLU D 1042 39.64 -13.12 -54.78
C GLU D 1042 39.04 -11.71 -54.84
N LEU D 1043 39.46 -10.91 -55.82
CA LEU D 1043 38.87 -9.61 -56.13
C LEU D 1043 37.94 -9.66 -57.35
N VAL D 1044 36.64 -9.55 -57.10
CA VAL D 1044 35.61 -9.32 -58.12
C VAL D 1044 35.73 -7.86 -58.62
N PRO D 1045 35.57 -7.56 -59.92
CA PRO D 1045 35.78 -6.20 -60.44
C PRO D 1045 34.85 -5.13 -59.85
N THR D 1046 33.74 -5.54 -59.24
CA THR D 1046 32.77 -4.66 -58.59
C THR D 1046 33.20 -4.13 -57.21
N ASP D 1047 34.25 -4.67 -56.61
CA ASP D 1047 34.62 -4.33 -55.23
C ASP D 1047 35.16 -2.90 -55.07
N LEU D 1048 34.90 -2.33 -53.90
CA LEU D 1048 35.50 -1.09 -53.44
C LEU D 1048 36.54 -1.41 -52.35
N ILE D 1049 37.70 -0.77 -52.43
CA ILE D 1049 38.85 -0.99 -51.55
C ILE D 1049 38.88 0.12 -50.50
N PHE D 1050 38.86 -0.22 -49.22
CA PHE D 1050 39.17 0.73 -48.15
C PHE D 1050 40.68 0.92 -48.07
N CYS D 1051 41.16 2.15 -48.12
CA CYS D 1051 42.59 2.44 -48.12
C CYS D 1051 42.95 3.73 -47.38
N LEU D 1052 44.22 3.86 -47.01
CA LEU D 1052 44.79 5.06 -46.42
C LEU D 1052 45.74 5.68 -47.43
N MET D 1053 45.50 6.90 -47.89
CA MET D 1053 46.28 7.49 -48.99
C MET D 1053 46.98 8.79 -48.60
N GLN D 1054 48.19 8.94 -49.12
CA GLN D 1054 49.09 10.05 -48.84
C GLN D 1054 48.52 11.38 -49.31
N PHE D 1055 48.89 12.47 -48.63
CA PHE D 1055 48.70 13.80 -49.16
C PHE D 1055 49.63 14.07 -50.37
N ASP D 1056 49.42 15.18 -51.09
CA ASP D 1056 50.27 15.60 -52.22
C ASP D 1056 50.35 17.14 -52.33
N THR E 37 -37.76 14.80 18.84
CA THR E 37 -38.78 13.79 18.50
C THR E 37 -38.15 12.63 17.73
N ALA E 38 -37.57 11.67 18.44
CA ALA E 38 -36.75 10.59 17.89
C ALA E 38 -37.52 9.31 17.47
N LEU E 39 -38.83 9.39 17.22
CA LEU E 39 -39.72 8.21 17.04
C LEU E 39 -39.23 7.24 15.94
N LYS E 40 -38.62 7.75 14.87
CA LYS E 40 -38.00 6.94 13.80
C LYS E 40 -36.95 5.95 14.33
N ALA E 41 -36.11 6.38 15.27
CA ALA E 41 -35.03 5.56 15.82
C ALA E 41 -35.55 4.43 16.72
N GLY E 42 -36.52 4.72 17.58
CA GLY E 42 -37.17 3.71 18.42
C GLY E 42 -37.96 2.71 17.59
N GLU E 43 -38.73 3.23 16.62
CA GLU E 43 -39.59 2.41 15.75
C GLU E 43 -38.86 1.32 14.97
N ASP E 44 -37.80 1.71 14.28
CA ASP E 44 -37.00 0.74 13.52
C ASP E 44 -36.39 -0.33 14.44
N LYS E 45 -36.00 0.04 15.66
CA LYS E 45 -35.51 -0.90 16.67
C LYS E 45 -36.61 -1.83 17.17
N SER E 46 -37.83 -1.32 17.33
CA SER E 46 -39.06 -2.10 17.56
C SER E 46 -39.33 -3.11 16.45
N ILE E 47 -39.27 -2.73 15.17
CA ILE E 47 -39.46 -3.66 14.04
C ILE E 47 -38.36 -4.73 14.02
N ARG E 48 -37.09 -4.35 14.21
CA ARG E 48 -35.98 -5.30 14.30
C ARG E 48 -36.16 -6.29 15.45
N LEU E 49 -36.63 -5.84 16.62
CA LEU E 49 -36.94 -6.74 17.73
C LEU E 49 -38.10 -7.69 17.42
N GLY E 50 -39.15 -7.22 16.76
CA GLY E 50 -40.25 -8.08 16.32
C GLY E 50 -39.79 -9.17 15.36
N LEU E 51 -39.00 -8.80 14.35
CA LEU E 51 -38.39 -9.75 13.41
C LEU E 51 -37.45 -10.74 14.11
N PHE E 52 -36.64 -10.25 15.06
CA PHE E 52 -35.80 -11.12 15.89
C PHE E 52 -36.63 -12.15 16.67
N LEU E 53 -37.70 -11.74 17.35
CA LEU E 53 -38.56 -12.67 18.08
C LEU E 53 -39.31 -13.64 17.15
N ILE E 54 -39.69 -13.22 15.95
CA ILE E 54 -40.25 -14.15 14.94
C ILE E 54 -39.21 -15.23 14.59
N ILE E 55 -38.03 -14.82 14.13
CA ILE E 55 -36.99 -15.74 13.68
C ILE E 55 -36.51 -16.62 14.84
N SER E 56 -36.28 -16.05 16.03
CA SER E 56 -35.91 -16.78 17.23
C SER E 56 -36.96 -17.82 17.61
N GLY E 57 -38.25 -17.49 17.54
CA GLY E 57 -39.33 -18.45 17.77
C GLY E 57 -39.30 -19.60 16.76
N VAL E 58 -39.20 -19.31 15.45
CA VAL E 58 -39.16 -20.34 14.40
C VAL E 58 -37.95 -21.26 14.58
N VAL E 59 -36.76 -20.69 14.76
CA VAL E 59 -35.52 -21.46 14.95
C VAL E 59 -35.56 -22.28 16.24
N SER E 60 -36.06 -21.72 17.34
CA SER E 60 -36.19 -22.43 18.61
C SER E 60 -37.14 -23.63 18.50
N LEU E 61 -38.28 -23.48 17.81
CA LEU E 61 -39.16 -24.60 17.48
C LEU E 61 -38.46 -25.65 16.61
N PHE E 62 -37.64 -25.24 15.64
CA PHE E 62 -36.87 -26.15 14.80
C PHE E 62 -35.86 -26.97 15.61
N ILE E 63 -35.05 -26.30 16.45
CA ILE E 63 -34.05 -26.94 17.29
C ILE E 63 -34.71 -27.93 18.26
N PHE E 64 -35.70 -27.47 19.03
CA PHE E 64 -36.38 -28.33 20.00
C PHE E 64 -37.13 -29.48 19.33
N GLY E 65 -37.58 -29.31 18.07
CA GLY E 65 -38.09 -30.41 17.25
C GLY E 65 -37.10 -31.56 17.14
N PHE E 66 -35.91 -31.31 16.60
CA PHE E 66 -34.93 -32.38 16.34
C PHE E 66 -34.46 -33.11 17.59
N CYS E 67 -34.33 -32.45 18.73
CA CYS E 67 -33.86 -33.12 19.95
C CYS E 67 -34.98 -33.72 20.82
N TRP E 68 -36.21 -33.19 20.82
CA TRP E 68 -37.32 -33.88 21.49
C TRP E 68 -37.84 -35.09 20.71
N LEU E 69 -37.77 -35.09 19.38
CA LEU E 69 -38.43 -36.15 18.62
C LEU E 69 -37.83 -37.53 18.87
N SER E 70 -36.54 -37.66 19.20
CA SER E 70 -35.97 -38.98 19.52
C SER E 70 -36.62 -39.59 20.78
N PRO E 71 -36.66 -38.92 21.95
CA PRO E 71 -37.50 -39.33 23.08
C PRO E 71 -38.98 -39.54 22.73
N ALA E 72 -39.64 -38.58 22.07
CA ALA E 72 -41.08 -38.66 21.83
C ALA E 72 -41.46 -39.81 20.88
N LEU E 73 -40.72 -39.98 19.78
CA LEU E 73 -40.89 -41.05 18.81
C LEU E 73 -40.47 -42.42 19.38
N GLN E 74 -39.73 -42.47 20.49
CA GLN E 74 -39.57 -43.69 21.26
C GLN E 74 -40.81 -43.94 22.15
N ASP E 75 -41.20 -42.98 22.98
CA ASP E 75 -42.27 -43.21 23.96
C ASP E 75 -43.66 -43.42 23.33
N LEU E 76 -43.96 -42.85 22.16
CA LEU E 76 -45.22 -43.15 21.48
C LEU E 76 -45.26 -44.58 20.89
N GLN E 77 -44.10 -45.23 20.72
CA GLN E 77 -44.02 -46.66 20.34
C GLN E 77 -44.09 -47.59 21.57
N ALA E 78 -43.86 -47.07 22.79
CA ALA E 78 -44.13 -47.80 24.02
C ALA E 78 -45.62 -47.69 24.37
N THR E 79 -46.32 -48.82 24.34
CA THR E 79 -47.78 -48.89 24.55
C THR E 79 -48.12 -49.08 26.03
N GLU E 80 -49.23 -48.49 26.47
CA GLU E 80 -49.85 -48.88 27.74
C GLU E 80 -50.60 -50.21 27.57
N ALA E 81 -50.45 -51.12 28.53
CA ALA E 81 -50.93 -52.49 28.50
C ALA E 81 -51.35 -52.95 29.91
N ASN E 82 -52.04 -54.10 30.00
CA ASN E 82 -52.35 -54.76 31.26
C ASN E 82 -51.44 -55.97 31.47
N CYS E 83 -50.84 -56.10 32.64
CA CYS E 83 -49.96 -57.22 32.99
C CYS E 83 -50.19 -57.71 34.44
N THR E 84 -49.82 -58.96 34.72
CA THR E 84 -50.05 -59.62 36.02
C THR E 84 -48.81 -60.38 36.48
N VAL E 85 -48.43 -60.27 37.76
CA VAL E 85 -47.20 -60.87 38.30
C VAL E 85 -47.28 -62.41 38.36
N LEU E 86 -46.27 -63.08 37.81
CA LEU E 86 -46.07 -64.52 37.87
C LEU E 86 -45.30 -64.95 39.13
N SER E 87 -44.19 -64.26 39.46
CA SER E 87 -43.40 -64.55 40.66
C SER E 87 -42.54 -63.36 41.11
N VAL E 88 -42.20 -63.33 42.39
CA VAL E 88 -41.26 -62.39 43.04
C VAL E 88 -40.20 -63.21 43.77
N GLN E 89 -38.92 -62.86 43.61
CA GLN E 89 -37.84 -63.58 44.28
C GLN E 89 -36.49 -62.87 44.19
N GLN E 90 -35.60 -63.29 45.09
CA GLN E 90 -34.17 -62.95 44.97
C GLN E 90 -33.45 -64.06 44.21
N ILE E 91 -32.58 -63.70 43.27
CA ILE E 91 -31.77 -64.67 42.50
C ILE E 91 -30.39 -64.95 43.11
N GLY E 92 -30.11 -64.45 44.31
CA GLY E 92 -28.85 -64.66 45.03
C GLY E 92 -27.64 -63.87 44.52
N GLU E 93 -27.74 -63.23 43.36
CA GLU E 93 -26.77 -62.22 42.91
C GLU E 93 -26.81 -60.96 43.78
N VAL E 94 -25.69 -60.25 43.84
CA VAL E 94 -25.49 -59.03 44.63
C VAL E 94 -24.84 -57.95 43.76
N PHE E 95 -25.34 -56.71 43.84
CA PHE E 95 -24.93 -55.59 42.99
C PHE E 95 -24.54 -54.37 43.78
N GLU E 96 -23.66 -53.54 43.23
CA GLU E 96 -23.24 -52.27 43.81
C GLU E 96 -24.25 -51.15 43.55
N CYS E 97 -24.34 -50.20 44.47
CA CYS E 97 -24.98 -48.91 44.30
C CYS E 97 -24.13 -47.80 44.93
N THR E 98 -24.41 -46.55 44.58
CA THR E 98 -23.69 -45.37 45.11
C THR E 98 -24.56 -44.64 46.13
N PHE E 99 -24.10 -44.51 47.37
CA PHE E 99 -24.74 -43.70 48.41
C PHE E 99 -24.09 -42.30 48.47
N THR E 100 -24.74 -41.35 49.14
CA THR E 100 -24.20 -40.00 49.34
C THR E 100 -24.15 -39.60 50.82
N CYS E 101 -23.16 -38.79 51.17
CA CYS E 101 -22.85 -38.31 52.52
C CYS E 101 -22.48 -36.81 52.52
N GLY E 102 -22.85 -36.06 51.49
CA GLY E 102 -22.49 -34.65 51.30
C GLY E 102 -21.05 -34.42 50.83
N ALA E 103 -20.83 -33.31 50.13
CA ALA E 103 -19.54 -32.90 49.54
C ALA E 103 -18.95 -33.95 48.56
N ASP E 104 -19.68 -34.21 47.46
CA ASP E 104 -19.31 -35.13 46.37
C ASP E 104 -18.82 -36.52 46.86
N CYS E 105 -19.50 -37.04 47.88
CA CYS E 105 -19.20 -38.28 48.56
C CYS E 105 -19.14 -39.49 47.60
N ARG E 106 -18.04 -40.24 47.60
CA ARG E 106 -17.92 -41.39 46.71
C ARG E 106 -18.36 -42.70 47.37
N GLY E 107 -19.35 -42.61 48.28
CA GLY E 107 -19.93 -43.72 49.02
C GLY E 107 -20.49 -44.81 48.11
N THR E 108 -20.16 -46.08 48.38
CA THR E 108 -20.73 -47.21 47.64
C THR E 108 -21.01 -48.38 48.57
N SER E 109 -22.10 -49.10 48.28
CA SER E 109 -22.59 -50.22 49.09
C SER E 109 -23.31 -51.22 48.19
N GLN E 110 -23.34 -52.49 48.58
CA GLN E 110 -24.02 -53.52 47.81
C GLN E 110 -25.49 -53.72 48.25
N TYR E 111 -26.27 -54.41 47.42
CA TYR E 111 -27.64 -54.84 47.70
C TYR E 111 -28.00 -56.13 46.92
N PRO E 112 -28.98 -56.93 47.39
CA PRO E 112 -29.36 -58.18 46.73
C PRO E 112 -30.28 -57.96 45.53
N CYS E 113 -30.10 -58.77 44.47
CA CYS E 113 -30.92 -58.69 43.27
C CYS E 113 -32.29 -59.35 43.44
N VAL E 114 -33.36 -58.58 43.30
CA VAL E 114 -34.73 -59.08 43.11
C VAL E 114 -35.08 -59.15 41.63
N GLN E 115 -35.82 -60.19 41.23
CA GLN E 115 -36.49 -60.26 39.94
C GLN E 115 -38.01 -60.45 40.15
N VAL E 116 -38.78 -59.83 39.26
CA VAL E 116 -40.23 -60.01 39.16
C VAL E 116 -40.58 -60.26 37.70
N TYR E 117 -41.27 -61.35 37.41
CA TYR E 117 -41.79 -61.64 36.09
C TYR E 117 -43.30 -61.38 36.04
N VAL E 118 -43.80 -60.93 34.90
CA VAL E 118 -45.23 -60.76 34.62
C VAL E 118 -45.64 -61.54 33.38
N ASN E 119 -46.89 -61.96 33.33
CA ASN E 119 -47.58 -62.21 32.07
C ASN E 119 -48.09 -60.86 31.52
N ASN E 120 -47.55 -60.43 30.39
CA ASN E 120 -48.05 -59.25 29.69
C ASN E 120 -49.27 -59.65 28.84
N SER E 121 -50.49 -59.28 29.24
CA SER E 121 -51.71 -59.79 28.60
C SER E 121 -51.88 -59.30 27.15
N GLU E 122 -51.23 -58.20 26.77
CA GLU E 122 -51.16 -57.72 25.37
C GLU E 122 -50.29 -58.62 24.46
N SER E 123 -49.51 -59.55 25.01
CA SER E 123 -48.73 -60.55 24.25
C SER E 123 -48.87 -61.98 24.79
N ASN E 124 -49.65 -62.20 25.85
CA ASN E 124 -49.86 -63.49 26.52
C ASN E 124 -48.54 -64.21 26.89
N SER E 125 -47.50 -63.46 27.26
CA SER E 125 -46.13 -63.95 27.38
C SER E 125 -45.39 -63.33 28.56
N ARG E 126 -44.28 -63.95 28.97
CA ARG E 126 -43.40 -63.41 30.02
C ARG E 126 -42.78 -62.06 29.64
N ALA E 127 -42.60 -61.21 30.64
CA ALA E 127 -41.68 -60.09 30.65
C ALA E 127 -41.15 -59.87 32.08
N LEU E 128 -39.99 -59.24 32.25
CA LEU E 128 -39.54 -58.75 33.56
C LEU E 128 -40.15 -57.39 33.89
N LEU E 129 -40.57 -57.18 35.12
CA LEU E 129 -41.00 -55.87 35.60
C LEU E 129 -39.78 -55.05 36.00
N HIS E 130 -39.70 -53.79 35.57
CA HIS E 130 -38.51 -52.94 35.71
C HIS E 130 -38.78 -51.53 36.26
N SER E 131 -40.02 -51.19 36.60
CA SER E 131 -40.43 -49.89 37.15
C SER E 131 -40.23 -48.68 36.22
N ASP E 132 -39.01 -48.28 35.85
CA ASP E 132 -38.75 -47.14 34.98
C ASP E 132 -37.41 -47.26 34.21
N GLU E 133 -37.27 -46.44 33.17
CA GLU E 133 -36.11 -46.48 32.25
C GLU E 133 -34.78 -46.19 32.95
N HIS E 134 -34.76 -45.26 33.92
CA HIS E 134 -33.54 -44.96 34.67
C HIS E 134 -33.12 -46.17 35.52
N GLN E 135 -34.06 -46.84 36.14
CA GLN E 135 -33.75 -48.04 36.92
C GLN E 135 -33.18 -49.11 35.98
N LEU E 136 -33.90 -49.36 34.89
CA LEU E 136 -33.50 -50.38 33.92
C LEU E 136 -32.08 -50.12 33.39
N LEU E 137 -31.78 -48.89 32.97
CA LEU E 137 -30.46 -48.57 32.44
C LEU E 137 -29.37 -48.52 33.51
N THR E 138 -29.69 -48.27 34.78
CA THR E 138 -28.67 -48.28 35.86
C THR E 138 -28.40 -49.68 36.42
N ASN E 139 -29.35 -50.61 36.35
CA ASN E 139 -29.08 -52.05 36.48
C ASN E 139 -30.13 -52.90 35.75
N PRO E 140 -29.86 -53.37 34.51
CA PRO E 140 -30.83 -54.14 33.74
C PRO E 140 -30.99 -55.59 34.23
N LYS E 141 -30.15 -56.05 35.18
CA LYS E 141 -30.25 -57.41 35.74
C LYS E 141 -31.46 -57.59 36.66
N CYS E 142 -31.82 -56.56 37.43
CA CYS E 142 -32.72 -56.65 38.58
C CYS E 142 -33.95 -55.72 38.46
N SER E 143 -35.07 -56.12 39.03
CA SER E 143 -36.37 -55.43 38.92
C SER E 143 -36.47 -54.11 39.68
N TYR E 144 -35.64 -53.92 40.70
CA TYR E 144 -35.68 -52.79 41.62
C TYR E 144 -34.28 -52.37 42.08
N ILE E 145 -34.10 -51.09 42.38
CA ILE E 145 -32.93 -50.54 43.09
C ILE E 145 -33.42 -49.89 44.38
N PRO E 146 -32.89 -50.26 45.56
CA PRO E 146 -33.20 -49.53 46.78
C PRO E 146 -32.50 -48.16 46.74
N PRO E 147 -33.08 -47.11 47.34
CA PRO E 147 -32.40 -45.83 47.48
C PRO E 147 -31.15 -46.05 48.34
N CYS E 148 -29.97 -45.98 47.73
CA CYS E 148 -28.75 -46.55 48.29
C CYS E 148 -28.32 -45.80 49.57
N LYS E 149 -28.38 -46.44 50.73
CA LYS E 149 -28.06 -45.77 51.99
C LYS E 149 -26.74 -46.19 52.63
N ARG E 150 -26.35 -45.42 53.65
CA ARG E 150 -25.11 -45.63 54.38
C ARG E 150 -24.92 -47.02 54.98
N GLU E 151 -25.98 -47.66 55.46
CA GLU E 151 -25.83 -48.98 56.08
C GLU E 151 -26.43 -50.14 55.24
N ASN E 152 -25.73 -51.27 55.15
CA ASN E 152 -26.23 -52.42 54.37
C ASN E 152 -27.62 -52.90 54.80
N GLN E 153 -27.89 -52.92 56.11
CA GLN E 153 -29.19 -53.30 56.65
C GLN E 153 -30.35 -52.45 56.08
N LYS E 154 -30.11 -51.16 55.76
CA LYS E 154 -31.11 -50.28 55.16
C LYS E 154 -31.37 -50.59 53.68
N ASN E 155 -30.36 -51.06 52.94
CA ASN E 155 -30.57 -51.61 51.61
C ASN E 155 -31.37 -52.93 51.68
N LEU E 156 -30.95 -53.85 52.57
CA LEU E 156 -31.59 -55.16 52.74
C LEU E 156 -33.07 -55.01 53.10
N GLU E 157 -33.37 -54.19 54.10
CA GLU E 157 -34.74 -53.95 54.52
C GLU E 157 -35.58 -53.36 53.37
N SER E 158 -35.02 -52.36 52.68
CA SER E 158 -35.73 -51.72 51.57
C SER E 158 -36.11 -52.73 50.48
N VAL E 159 -35.16 -53.56 50.06
CA VAL E 159 -35.43 -54.62 49.06
C VAL E 159 -36.41 -55.65 49.61
N MET E 160 -36.28 -56.06 50.87
CA MET E 160 -37.19 -57.02 51.50
C MET E 160 -38.60 -56.47 51.65
N ASN E 161 -38.79 -55.22 52.06
CA ASN E 161 -40.11 -54.61 52.15
C ASN E 161 -40.71 -54.33 50.76
N TRP E 162 -39.90 -54.03 49.75
CA TRP E 162 -40.39 -53.96 48.37
C TRP E 162 -40.84 -55.34 47.87
N GLN E 163 -40.03 -56.39 48.09
CA GLN E 163 -40.40 -57.77 47.79
C GLN E 163 -41.68 -58.18 48.53
N GLN E 164 -41.78 -57.91 49.84
CA GLN E 164 -42.97 -58.17 50.66
C GLN E 164 -44.20 -57.41 50.16
N TYR E 165 -44.06 -56.15 49.73
CA TYR E 165 -45.15 -55.39 49.12
C TYR E 165 -45.69 -56.06 47.84
N TRP E 166 -44.80 -56.61 47.01
CA TRP E 166 -45.21 -57.36 45.82
C TRP E 166 -45.67 -58.79 46.10
N LYS E 167 -45.21 -59.44 47.18
CA LYS E 167 -45.71 -60.76 47.63
C LYS E 167 -47.20 -60.75 47.97
N ASP E 168 -47.75 -59.61 48.37
CA ASP E 168 -49.20 -59.42 48.58
C ASP E 168 -50.02 -59.39 47.28
N GLU E 169 -49.39 -59.22 46.12
CA GLU E 169 -50.07 -58.95 44.84
C GLU E 169 -49.60 -59.84 43.68
N ILE E 170 -49.01 -61.01 43.99
CA ILE E 170 -48.78 -62.08 43.01
C ILE E 170 -50.14 -62.70 42.64
N GLY E 171 -50.78 -62.22 41.62
CA GLY E 171 -52.15 -62.62 41.25
C GLY E 171 -52.71 -61.89 40.04
N SER E 172 -54.01 -62.06 39.83
CA SER E 172 -54.74 -61.60 38.65
C SER E 172 -54.94 -60.06 38.58
N GLN E 173 -54.54 -59.34 39.64
CA GLN E 173 -54.66 -57.88 39.67
C GLN E 173 -54.01 -57.25 38.43
N PRO E 174 -54.86 -56.67 37.54
CA PRO E 174 -54.24 -56.14 36.33
C PRO E 174 -53.38 -54.93 36.62
N PHE E 175 -52.17 -54.89 36.09
CA PHE E 175 -51.32 -53.76 36.34
C PHE E 175 -51.19 -52.89 35.10
N THR E 176 -51.63 -51.63 35.15
CA THR E 176 -51.41 -50.75 33.99
C THR E 176 -49.91 -50.49 33.85
N CYS E 177 -49.32 -50.94 32.77
CA CYS E 177 -47.87 -51.01 32.61
C CYS E 177 -47.46 -50.72 31.16
N TYR E 178 -46.23 -50.25 30.93
CA TYR E 178 -45.76 -49.76 29.64
C TYR E 178 -44.76 -50.72 28.99
N PHE E 179 -45.04 -51.12 27.75
CA PHE E 179 -44.32 -52.16 27.02
C PHE E 179 -43.96 -51.72 25.59
N ASN E 180 -42.83 -52.17 25.07
CA ASN E 180 -42.44 -51.80 23.73
C ASN E 180 -42.25 -53.06 22.83
N GLN E 181 -43.38 -53.63 22.43
CA GLN E 181 -43.45 -54.81 21.55
C GLN E 181 -42.87 -54.55 20.14
N HIS E 182 -42.68 -53.29 19.76
CA HIS E 182 -42.09 -52.87 18.49
C HIS E 182 -40.58 -53.18 18.40
N GLN E 183 -39.81 -52.82 19.41
CA GLN E 183 -38.37 -53.18 19.45
C GLN E 183 -37.70 -53.69 20.77
N ARG E 184 -38.46 -53.84 21.85
CA ARG E 184 -37.92 -54.22 23.16
C ARG E 184 -38.79 -55.23 23.95
N PRO E 185 -39.32 -56.31 23.34
CA PRO E 185 -40.21 -57.25 24.02
C PRO E 185 -39.46 -58.17 25.00
N ASP E 186 -39.17 -57.67 26.19
CA ASP E 186 -38.46 -58.40 27.25
C ASP E 186 -38.76 -57.82 28.65
N ASP E 187 -38.84 -56.49 28.75
CA ASP E 187 -39.04 -55.76 30.01
C ASP E 187 -40.29 -54.85 29.94
N VAL E 188 -40.94 -54.62 31.08
CA VAL E 188 -42.11 -53.76 31.22
C VAL E 188 -41.93 -52.74 32.35
N LEU E 189 -42.47 -51.53 32.19
CA LEU E 189 -42.27 -50.41 33.10
C LEU E 189 -43.59 -49.98 33.76
N LEU E 190 -43.50 -49.43 34.97
CA LEU E 190 -44.62 -48.78 35.67
C LEU E 190 -44.78 -47.31 35.27
N HIS E 191 -43.73 -46.65 34.77
CA HIS E 191 -43.73 -45.21 34.45
C HIS E 191 -43.10 -44.91 33.08
N ARG E 192 -43.52 -43.78 32.49
CA ARG E 192 -43.06 -43.31 31.18
C ARG E 192 -41.69 -42.62 31.30
N THR E 193 -41.04 -42.41 30.15
CA THR E 193 -39.68 -41.83 30.15
C THR E 193 -39.67 -40.34 30.49
N HIS E 194 -40.71 -39.60 30.11
CA HIS E 194 -40.82 -38.15 30.32
C HIS E 194 -42.19 -37.75 30.87
N ASP E 195 -42.20 -36.65 31.66
CA ASP E 195 -43.40 -36.03 32.20
C ASP E 195 -43.80 -35.06 31.05
N GLU E 196 -44.97 -35.27 30.44
CA GLU E 196 -45.37 -34.53 29.24
C GLU E 196 -45.51 -33.01 29.48
N ILE E 197 -45.69 -32.58 30.73
CA ILE E 197 -45.76 -31.15 31.07
C ILE E 197 -44.51 -30.41 30.62
N VAL E 198 -43.30 -31.00 30.70
CA VAL E 198 -42.08 -30.25 30.28
C VAL E 198 -41.95 -30.32 28.78
N LEU E 199 -42.36 -31.43 28.19
CA LEU E 199 -42.46 -31.42 26.72
C LEU E 199 -43.35 -30.27 26.22
N LEU E 200 -44.56 -30.14 26.78
CA LEU E 200 -45.50 -29.09 26.38
C LEU E 200 -44.95 -27.69 26.69
N HIS E 201 -44.35 -27.47 27.86
CA HIS E 201 -43.64 -26.21 28.14
C HIS E 201 -42.61 -25.91 27.04
N CYS E 202 -41.82 -26.92 26.67
CA CYS E 202 -40.75 -26.75 25.70
C CYS E 202 -41.26 -26.44 24.26
N PHE E 203 -42.54 -26.58 23.96
CA PHE E 203 -43.12 -26.11 22.68
C PHE E 203 -44.03 -24.90 22.83
N LEU E 204 -44.77 -24.75 23.94
CA LEU E 204 -45.64 -23.59 24.12
C LEU E 204 -44.82 -22.31 24.33
N TRP E 205 -43.73 -22.33 25.10
CA TRP E 205 -42.94 -21.12 25.34
C TRP E 205 -42.27 -20.55 24.09
N PRO E 206 -41.63 -21.33 23.19
CA PRO E 206 -41.11 -20.76 21.95
C PRO E 206 -42.23 -20.33 21.01
N LEU E 207 -43.35 -21.05 20.94
CA LEU E 207 -44.50 -20.63 20.15
C LEU E 207 -45.08 -19.29 20.64
N VAL E 208 -45.14 -19.07 21.96
CA VAL E 208 -45.47 -17.77 22.55
C VAL E 208 -44.51 -16.68 22.07
N THR E 209 -43.19 -16.93 22.02
CA THR E 209 -42.26 -15.89 21.51
C THR E 209 -42.45 -15.60 20.02
N PHE E 210 -42.80 -16.60 19.20
CA PHE E 210 -43.18 -16.36 17.81
C PHE E 210 -44.45 -15.51 17.71
N VAL E 211 -45.49 -15.86 18.46
CA VAL E 211 -46.75 -15.11 18.50
C VAL E 211 -46.53 -13.68 18.98
N VAL E 212 -45.78 -13.46 20.07
CA VAL E 212 -45.39 -12.12 20.52
C VAL E 212 -44.60 -11.39 19.44
N GLY E 213 -43.69 -12.04 18.73
CA GLY E 213 -42.91 -11.40 17.67
C GLY E 213 -43.78 -10.87 16.52
N VAL E 214 -44.69 -11.70 16.00
CA VAL E 214 -45.60 -11.24 14.94
C VAL E 214 -46.62 -10.23 15.46
N LEU E 215 -47.10 -10.38 16.69
CA LEU E 215 -48.03 -9.44 17.29
C LEU E 215 -47.36 -8.08 17.55
N ILE E 216 -46.09 -8.05 17.96
CA ILE E 216 -45.29 -6.82 18.05
C ILE E 216 -45.23 -6.11 16.70
N VAL E 217 -44.81 -6.79 15.62
CA VAL E 217 -44.66 -6.11 14.33
C VAL E 217 -46.01 -5.67 13.74
N VAL E 218 -47.06 -6.48 13.89
CA VAL E 218 -48.41 -6.12 13.41
C VAL E 218 -49.04 -4.98 14.19
N LEU E 219 -48.89 -4.91 15.51
CA LEU E 219 -49.36 -3.74 16.26
C LEU E 219 -48.52 -2.50 15.94
N THR E 220 -47.19 -2.62 15.86
CA THR E 220 -46.32 -1.45 15.76
C THR E 220 -46.37 -0.77 14.40
N ILE E 221 -46.58 -1.51 13.31
CA ILE E 221 -46.66 -0.90 11.96
C ILE E 221 -47.86 0.08 11.82
N CYS E 222 -48.93 -0.10 12.60
CA CYS E 222 -50.01 0.88 12.68
C CYS E 222 -49.58 2.15 13.42
N ALA E 223 -49.01 2.01 14.62
CA ALA E 223 -48.48 3.14 15.39
C ALA E 223 -47.32 3.90 14.66
N LYS E 224 -46.69 3.27 13.68
CA LYS E 224 -45.77 3.90 12.72
C LYS E 224 -46.51 4.62 11.58
N SER E 225 -47.22 3.88 10.74
CA SER E 225 -47.71 4.34 9.43
C SER E 225 -49.06 5.07 9.47
N LEU E 226 -49.93 4.74 10.43
CA LEU E 226 -51.25 5.35 10.54
C LEU E 226 -51.28 6.50 11.56
N ALA E 227 -50.37 6.52 12.55
CA ALA E 227 -50.22 7.66 13.44
C ALA E 227 -49.88 8.95 12.67
N VAL E 228 -48.90 8.93 11.75
CA VAL E 228 -48.58 10.10 10.92
C VAL E 228 -49.77 10.52 10.04
N LYS E 229 -50.51 9.56 9.47
CA LYS E 229 -51.73 9.81 8.68
C LYS E 229 -52.81 10.53 9.49
N ALA E 230 -52.98 10.20 10.77
CA ALA E 230 -53.94 10.85 11.66
C ALA E 230 -53.41 12.12 12.37
N GLU E 231 -52.09 12.30 12.47
CA GLU E 231 -51.46 13.55 12.95
C GLU E 231 -51.42 14.64 11.87
N ALA E 232 -51.41 14.28 10.59
CA ALA E 232 -51.47 15.22 9.46
C ALA E 232 -52.77 16.06 9.42
N MET E 233 -53.80 15.68 10.18
CA MET E 233 -55.00 16.47 10.40
C MET E 233 -54.68 17.75 11.19
N THR F 37 -24.60 -22.65 -29.27
CA THR F 37 -23.89 -23.92 -29.45
C THR F 37 -22.68 -24.00 -28.52
N ALA F 38 -22.90 -24.41 -27.27
CA ALA F 38 -21.91 -24.36 -26.19
C ALA F 38 -21.00 -25.61 -26.05
N LEU F 39 -20.86 -26.44 -27.11
CA LEU F 39 -20.21 -27.76 -27.04
C LEU F 39 -18.79 -27.74 -26.43
N LYS F 40 -18.01 -26.68 -26.69
CA LYS F 40 -16.69 -26.45 -26.09
C LYS F 40 -16.71 -26.48 -24.55
N ALA F 41 -17.71 -25.87 -23.93
CA ALA F 41 -17.83 -25.77 -22.47
C ALA F 41 -18.17 -27.12 -21.83
N GLY F 42 -19.10 -27.87 -22.40
CA GLY F 42 -19.44 -29.22 -21.94
C GLY F 42 -18.29 -30.19 -22.12
N GLU F 43 -17.67 -30.14 -23.31
CA GLU F 43 -16.56 -31.04 -23.68
C GLU F 43 -15.36 -31.00 -22.72
N ASP F 44 -14.87 -29.79 -22.45
CA ASP F 44 -13.75 -29.63 -21.53
C ASP F 44 -14.11 -30.14 -20.12
N LYS F 45 -15.35 -29.96 -19.68
CA LYS F 45 -15.84 -30.50 -18.41
C LYS F 45 -15.93 -32.02 -18.43
N SER F 46 -16.32 -32.60 -19.56
CA SER F 46 -16.25 -34.05 -19.83
C SER F 46 -14.81 -34.58 -19.74
N ILE F 47 -13.82 -33.94 -20.36
CA ILE F 47 -12.41 -34.36 -20.27
C ILE F 47 -11.90 -34.25 -18.83
N ARG F 48 -12.19 -33.16 -18.13
CA ARG F 48 -11.83 -32.99 -16.71
C ARG F 48 -12.45 -34.07 -15.83
N LEU F 49 -13.71 -34.45 -16.06
CA LEU F 49 -14.35 -35.55 -15.34
C LEU F 49 -13.69 -36.90 -15.66
N GLY F 50 -13.33 -37.17 -16.91
CA GLY F 50 -12.60 -38.38 -17.27
C GLY F 50 -11.25 -38.48 -16.57
N LEU F 51 -10.46 -37.40 -16.58
CA LEU F 51 -9.19 -37.32 -15.86
C LEU F 51 -9.38 -37.47 -14.34
N PHE F 52 -10.41 -36.85 -13.77
CA PHE F 52 -10.75 -37.03 -12.37
C PHE F 52 -11.05 -38.50 -12.03
N LEU F 53 -11.87 -39.20 -12.82
CA LEU F 53 -12.17 -40.61 -12.58
C LEU F 53 -10.94 -41.51 -12.79
N ILE F 54 -10.04 -41.18 -13.72
CA ILE F 54 -8.75 -41.89 -13.85
C ILE F 54 -7.94 -41.75 -12.56
N ILE F 55 -7.66 -40.51 -12.14
CA ILE F 55 -6.83 -40.23 -10.97
C ILE F 55 -7.48 -40.77 -9.69
N SER F 56 -8.78 -40.57 -9.51
CA SER F 56 -9.55 -41.11 -8.39
C SER F 56 -9.47 -42.65 -8.34
N GLY F 57 -9.59 -43.33 -9.47
CA GLY F 57 -9.42 -44.77 -9.54
C GLY F 57 -8.02 -45.21 -9.12
N VAL F 58 -6.97 -44.59 -9.67
CA VAL F 58 -5.58 -44.92 -9.32
C VAL F 58 -5.30 -44.70 -7.83
N VAL F 59 -5.67 -43.53 -7.31
CA VAL F 59 -5.47 -43.19 -5.89
C VAL F 59 -6.28 -44.11 -4.98
N SER F 60 -7.53 -44.42 -5.32
CA SER F 60 -8.38 -45.32 -4.55
C SER F 60 -7.80 -46.74 -4.48
N LEU F 61 -7.27 -47.26 -5.60
CA LEU F 61 -6.52 -48.52 -5.60
C LEU F 61 -5.26 -48.45 -4.72
N PHE F 62 -4.55 -47.32 -4.73
CA PHE F 62 -3.36 -47.12 -3.90
C PHE F 62 -3.72 -47.16 -2.40
N ILE F 63 -4.73 -46.38 -1.99
CA ILE F 63 -5.20 -46.31 -0.60
C ILE F 63 -5.67 -47.68 -0.12
N PHE F 64 -6.59 -48.32 -0.85
CA PHE F 64 -7.11 -49.62 -0.47
C PHE F 64 -6.04 -50.70 -0.48
N GLY F 65 -4.99 -50.57 -1.30
CA GLY F 65 -3.80 -51.42 -1.23
C GLY F 65 -3.17 -51.40 0.17
N PHE F 66 -2.75 -50.24 0.66
CA PHE F 66 -2.03 -50.15 1.92
C PHE F 66 -2.82 -50.64 3.14
N CYS F 67 -4.14 -50.44 3.18
CA CYS F 67 -4.93 -50.87 4.33
C CYS F 67 -5.49 -52.29 4.21
N TRP F 68 -5.76 -52.84 3.02
CA TRP F 68 -6.10 -54.27 2.91
C TRP F 68 -4.91 -55.19 3.06
N LEU F 69 -3.70 -54.77 2.67
CA LEU F 69 -2.59 -55.71 2.64
C LEU F 69 -2.21 -56.24 4.02
N SER F 70 -2.39 -55.50 5.11
CA SER F 70 -2.10 -56.02 6.44
C SER F 70 -2.99 -57.22 6.80
N PRO F 71 -4.34 -57.15 6.72
CA PRO F 71 -5.21 -58.32 6.76
C PRO F 71 -4.87 -59.43 5.75
N ALA F 72 -4.69 -59.09 4.48
CA ALA F 72 -4.49 -60.11 3.44
C ALA F 72 -3.15 -60.85 3.60
N LEU F 73 -2.07 -60.12 3.85
CA LEU F 73 -0.73 -60.67 4.10
C LEU F 73 -0.65 -61.40 5.46
N GLN F 74 -1.59 -61.21 6.37
CA GLN F 74 -1.77 -62.10 7.51
C GLN F 74 -2.51 -63.39 7.09
N ASP F 75 -3.68 -63.29 6.47
CA ASP F 75 -4.50 -64.47 6.19
C ASP F 75 -3.88 -65.43 5.17
N LEU F 76 -3.09 -64.95 4.20
CA LEU F 76 -2.37 -65.84 3.29
C LEU F 76 -1.23 -66.62 3.98
N GLN F 77 -0.76 -66.18 5.15
CA GLN F 77 0.20 -66.92 5.99
C GLN F 77 -0.52 -67.91 6.94
N ALA F 78 -1.83 -67.75 7.17
CA ALA F 78 -2.64 -68.75 7.85
C ALA F 78 -3.05 -69.85 6.85
N THR F 79 -2.56 -71.07 7.07
CA THR F 79 -2.77 -72.22 6.17
C THR F 79 -4.03 -72.99 6.53
N GLU F 80 -4.72 -73.54 5.54
CA GLU F 80 -5.72 -74.58 5.75
C GLU F 80 -5.03 -75.92 6.02
N ALA F 81 -5.50 -76.66 7.02
CA ALA F 81 -4.91 -77.88 7.56
C ALA F 81 -5.98 -78.87 8.02
N ASN F 82 -5.60 -80.11 8.29
CA ASN F 82 -6.46 -81.13 8.90
C ASN F 82 -6.10 -81.30 10.38
N CYS F 83 -7.09 -81.28 11.28
CA CYS F 83 -6.89 -81.47 12.72
C CYS F 83 -8.00 -82.33 13.34
N THR F 84 -7.70 -82.96 14.48
CA THR F 84 -8.60 -83.92 15.17
C THR F 84 -8.64 -83.64 16.68
N VAL F 85 -9.84 -83.66 17.28
CA VAL F 85 -10.03 -83.32 18.71
C VAL F 85 -9.44 -84.37 19.64
N LEU F 86 -8.61 -83.91 20.60
CA LEU F 86 -8.04 -84.72 21.68
C LEU F 86 -8.97 -84.79 22.89
N SER F 87 -9.52 -83.66 23.35
CA SER F 87 -10.46 -83.60 24.47
C SER F 87 -11.35 -82.35 24.45
N VAL F 88 -12.51 -82.45 25.10
CA VAL F 88 -13.47 -81.36 25.36
C VAL F 88 -13.74 -81.33 26.88
N GLN F 89 -13.70 -80.14 27.49
CA GLN F 89 -13.96 -80.02 28.91
C GLN F 89 -14.15 -78.57 29.39
N GLN F 90 -14.75 -78.44 30.56
CA GLN F 90 -14.74 -77.19 31.30
C GLN F 90 -13.55 -77.17 32.27
N ILE F 91 -12.83 -76.04 32.34
CA ILE F 91 -11.69 -75.87 33.27
C ILE F 91 -12.08 -75.23 34.61
N GLY F 92 -13.38 -75.05 34.88
CA GLY F 92 -13.89 -74.49 36.13
C GLY F 92 -13.73 -72.97 36.29
N GLU F 93 -12.96 -72.31 35.44
CA GLU F 93 -12.96 -70.85 35.33
C GLU F 93 -14.28 -70.31 34.77
N VAL F 94 -14.60 -69.06 35.13
CA VAL F 94 -15.83 -68.37 34.75
C VAL F 94 -15.49 -66.97 34.24
N PHE F 95 -16.11 -66.56 33.13
CA PHE F 95 -15.81 -65.30 32.43
C PHE F 95 -17.05 -64.46 32.17
N GLU F 96 -16.87 -63.15 32.08
CA GLU F 96 -17.92 -62.20 31.76
C GLU F 96 -18.20 -62.12 30.24
N CYS F 97 -19.44 -61.84 29.89
CA CYS F 97 -19.86 -61.43 28.55
C CYS F 97 -20.89 -60.28 28.65
N THR F 98 -21.12 -59.58 27.54
CA THR F 98 -22.07 -58.46 27.47
C THR F 98 -23.33 -58.90 26.72
N PHE F 99 -24.50 -58.83 27.38
CA PHE F 99 -25.79 -59.05 26.75
C PHE F 99 -26.43 -57.71 26.33
N THR F 100 -27.47 -57.76 25.49
CA THR F 100 -28.21 -56.56 25.08
C THR F 100 -29.71 -56.69 25.34
N CYS F 101 -30.34 -55.56 25.64
CA CYS F 101 -31.77 -55.41 25.98
C CYS F 101 -32.40 -54.18 25.29
N GLY F 102 -31.79 -53.68 24.21
CA GLY F 102 -32.21 -52.47 23.50
C GLY F 102 -31.85 -51.15 24.21
N ALA F 103 -31.68 -50.08 23.43
CA ALA F 103 -31.28 -48.74 23.87
C ALA F 103 -29.93 -48.72 24.63
N ASP F 104 -28.85 -49.09 23.93
CA ASP F 104 -27.46 -49.11 24.43
C ASP F 104 -27.29 -49.80 25.80
N CYS F 105 -28.01 -50.89 25.99
CA CYS F 105 -28.08 -51.67 27.22
C CYS F 105 -26.70 -52.13 27.72
N ARG F 106 -26.34 -51.83 28.97
CA ARG F 106 -25.03 -52.23 29.49
C ARG F 106 -25.09 -53.57 30.23
N GLY F 107 -25.98 -54.48 29.77
CA GLY F 107 -26.18 -55.81 30.33
C GLY F 107 -24.91 -56.65 30.33
N THR F 108 -24.61 -57.30 31.45
CA THR F 108 -23.47 -58.23 31.53
C THR F 108 -23.82 -59.44 32.38
N SER F 109 -23.29 -60.59 31.99
CA SER F 109 -23.55 -61.89 32.62
C SER F 109 -22.33 -62.79 32.46
N GLN F 110 -22.13 -63.73 33.38
CA GLN F 110 -21.02 -64.68 33.31
C GLN F 110 -21.38 -65.97 32.56
N TYR F 111 -20.36 -66.74 32.18
CA TYR F 111 -20.48 -68.08 31.58
C TYR F 111 -19.24 -68.95 31.91
N PRO F 112 -19.34 -70.28 31.89
CA PRO F 112 -18.22 -71.17 32.21
C PRO F 112 -17.26 -71.35 31.02
N CYS F 113 -15.96 -71.45 31.32
CA CYS F 113 -14.93 -71.65 30.31
C CYS F 113 -14.85 -73.10 29.82
N VAL F 114 -15.08 -73.33 28.53
CA VAL F 114 -14.74 -74.58 27.84
C VAL F 114 -13.38 -74.48 27.16
N GLN F 115 -12.61 -75.55 27.17
CA GLN F 115 -11.43 -75.72 26.33
C GLN F 115 -11.58 -76.97 25.45
N VAL F 116 -11.08 -76.89 24.23
CA VAL F 116 -10.96 -78.00 23.31
C VAL F 116 -9.55 -78.01 22.74
N TYR F 117 -8.83 -79.12 22.86
CA TYR F 117 -7.52 -79.31 22.24
C TYR F 117 -7.65 -80.21 21.02
N VAL F 118 -6.83 -79.97 20.00
CA VAL F 118 -6.70 -80.81 18.81
C VAL F 118 -5.25 -81.25 18.60
N ASN F 119 -5.06 -82.41 17.98
CA ASN F 119 -3.84 -82.71 17.25
C ASN F 119 -3.95 -82.05 15.86
N ASN F 120 -3.09 -81.07 15.58
CA ASN F 120 -2.97 -80.48 14.25
C ASN F 120 -2.08 -81.37 13.39
N SER F 121 -2.65 -82.12 12.43
CA SER F 121 -1.88 -83.14 11.69
C SER F 121 -0.79 -82.55 10.79
N GLU F 122 -0.89 -81.27 10.40
CA GLU F 122 0.16 -80.53 9.70
C GLU F 122 1.39 -80.22 10.58
N SER F 123 1.32 -80.42 11.90
CA SER F 123 2.46 -80.29 12.83
C SER F 123 2.59 -81.45 13.82
N ASN F 124 1.70 -82.45 13.77
CA ASN F 124 1.64 -83.61 14.66
C ASN F 124 1.67 -83.24 16.16
N SER F 125 1.03 -82.11 16.53
CA SER F 125 1.18 -81.47 17.84
C SER F 125 -0.13 -80.88 18.35
N ARG F 126 -0.20 -80.59 19.65
CA ARG F 126 -1.35 -79.91 20.27
C ARG F 126 -1.56 -78.50 19.71
N ALA F 127 -2.82 -78.11 19.62
CA ALA F 127 -3.29 -76.73 19.55
C ALA F 127 -4.66 -76.61 20.24
N LEU F 128 -5.04 -75.42 20.71
CA LEU F 128 -6.41 -75.15 21.15
C LEU F 128 -7.31 -74.81 19.95
N LEU F 129 -8.52 -75.32 19.93
CA LEU F 129 -9.55 -74.92 18.97
C LEU F 129 -10.22 -73.63 19.42
N HIS F 130 -10.36 -72.65 18.54
CA HIS F 130 -10.81 -71.29 18.86
C HIS F 130 -11.92 -70.74 17.97
N SER F 131 -12.41 -71.50 16.99
CA SER F 131 -13.49 -71.11 16.06
C SER F 131 -13.15 -69.92 15.12
N ASP F 132 -12.95 -68.70 15.60
CA ASP F 132 -12.66 -67.53 14.77
C ASP F 132 -11.87 -66.45 15.53
N GLU F 133 -11.27 -65.52 14.77
CA GLU F 133 -10.38 -64.48 15.29
C GLU F 133 -11.10 -63.53 16.27
N HIS F 134 -12.37 -63.19 16.01
CA HIS F 134 -13.14 -62.34 16.91
C HIS F 134 -13.37 -63.03 18.26
N GLN F 135 -13.68 -64.32 18.23
CA GLN F 135 -13.85 -65.08 19.46
C GLN F 135 -12.53 -65.10 20.23
N LEU F 136 -11.45 -65.48 19.54
CA LEU F 136 -10.13 -65.57 20.15
C LEU F 136 -9.73 -64.24 20.80
N LEU F 137 -9.85 -63.12 20.09
CA LEU F 137 -9.47 -61.81 20.63
C LEU F 137 -10.43 -61.30 21.72
N THR F 138 -11.70 -61.72 21.75
CA THR F 138 -12.63 -61.31 22.81
C THR F 138 -12.52 -62.16 24.08
N ASN F 139 -12.09 -63.43 23.99
CA ASN F 139 -11.59 -64.19 25.14
C ASN F 139 -10.59 -65.28 24.70
N PRO F 140 -9.27 -65.05 24.79
CA PRO F 140 -8.28 -66.02 24.35
C PRO F 140 -8.11 -67.20 25.33
N LYS F 141 -8.73 -67.16 26.51
CA LYS F 141 -8.65 -68.25 27.50
C LYS F 141 -9.46 -69.49 27.07
N CYS F 142 -10.60 -69.31 26.40
CA CYS F 142 -11.63 -70.33 26.21
C CYS F 142 -11.96 -70.57 24.73
N SER F 143 -12.34 -71.80 24.39
CA SER F 143 -12.57 -72.25 23.00
C SER F 143 -13.83 -71.68 22.34
N TYR F 144 -14.81 -71.26 23.14
CA TYR F 144 -16.13 -70.82 22.68
C TYR F 144 -16.67 -69.68 23.55
N ILE F 145 -17.49 -68.81 22.94
CA ILE F 145 -18.32 -67.82 23.64
C ILE F 145 -19.79 -68.12 23.32
N PRO F 146 -20.68 -68.30 24.30
CA PRO F 146 -22.10 -68.39 24.03
C PRO F 146 -22.62 -67.01 23.62
N PRO F 147 -23.64 -66.92 22.75
CA PRO F 147 -24.29 -65.64 22.46
C PRO F 147 -24.94 -65.14 23.75
N CYS F 148 -24.38 -64.08 24.32
CA CYS F 148 -24.60 -63.72 25.74
C CYS F 148 -26.06 -63.29 25.98
N LYS F 149 -26.84 -64.08 26.72
CA LYS F 149 -28.24 -63.76 26.92
C LYS F 149 -28.60 -63.26 28.32
N ARG F 150 -29.84 -62.77 28.44
CA ARG F 150 -30.38 -62.23 29.68
C ARG F 150 -30.31 -63.15 30.90
N GLU F 151 -30.50 -64.45 30.71
CA GLU F 151 -30.49 -65.37 31.86
C GLU F 151 -29.26 -66.30 31.91
N ASN F 152 -28.67 -66.51 33.09
CA ASN F 152 -27.49 -67.38 33.22
C ASN F 152 -27.72 -68.79 32.70
N GLN F 153 -28.90 -69.37 32.95
CA GLN F 153 -29.26 -70.69 32.45
C GLN F 153 -29.16 -70.81 30.92
N LYS F 154 -29.41 -69.73 30.16
CA LYS F 154 -29.27 -69.72 28.70
C LYS F 154 -27.82 -69.69 28.24
N ASN F 155 -26.91 -69.06 29.00
CA ASN F 155 -25.48 -69.20 28.77
C ASN F 155 -25.00 -70.62 29.08
N LEU F 156 -25.40 -71.16 30.25
CA LEU F 156 -25.01 -72.51 30.69
C LEU F 156 -25.45 -73.58 29.68
N GLU F 157 -26.71 -73.54 29.27
CA GLU F 157 -27.24 -74.49 28.29
C GLU F 157 -26.48 -74.39 26.96
N SER F 158 -26.27 -73.16 26.49
CA SER F 158 -25.57 -72.95 25.22
C SER F 158 -24.16 -73.55 25.24
N VAL F 159 -23.39 -73.30 26.30
CA VAL F 159 -22.05 -73.88 26.46
C VAL F 159 -22.13 -75.40 26.61
N MET F 160 -23.10 -75.92 27.38
CA MET F 160 -23.28 -77.36 27.55
C MET F 160 -23.69 -78.06 26.27
N ASN F 161 -24.61 -77.51 25.47
CA ASN F 161 -24.99 -78.09 24.19
C ASN F 161 -23.88 -77.96 23.15
N TRP F 162 -23.07 -76.90 23.19
CA TRP F 162 -21.87 -76.82 22.35
C TRP F 162 -20.84 -77.89 22.75
N GLN F 163 -20.56 -78.04 24.06
CA GLN F 163 -19.71 -79.11 24.58
C GLN F 163 -20.24 -80.49 24.19
N GLN F 164 -21.54 -80.75 24.37
CA GLN F 164 -22.20 -82.00 23.98
C GLN F 164 -22.13 -82.25 22.46
N TYR F 165 -22.27 -81.22 21.63
CA TYR F 165 -22.09 -81.35 20.18
C TYR F 165 -20.66 -81.80 19.83
N TRP F 166 -19.64 -81.30 20.51
CA TRP F 166 -18.25 -81.73 20.32
C TRP F 166 -17.91 -83.06 20.99
N LYS F 167 -18.58 -83.45 22.09
CA LYS F 167 -18.45 -84.78 22.72
C LYS F 167 -18.81 -85.93 21.78
N ASP F 168 -19.68 -85.70 20.81
CA ASP F 168 -20.00 -86.68 19.75
C ASP F 168 -18.86 -86.89 18.73
N GLU F 169 -17.87 -86.00 18.67
CA GLU F 169 -16.84 -85.96 17.62
C GLU F 169 -15.40 -85.87 18.14
N ILE F 170 -15.17 -86.29 19.38
CA ILE F 170 -13.81 -86.53 19.90
C ILE F 170 -13.26 -87.80 19.23
N GLY F 171 -12.56 -87.67 18.14
CA GLY F 171 -12.10 -88.79 17.34
C GLY F 171 -11.34 -88.39 16.08
N SER F 172 -11.12 -89.37 15.20
CA SER F 172 -10.28 -89.27 14.01
C SER F 172 -10.89 -88.41 12.88
N GLN F 173 -12.12 -87.96 13.04
CA GLN F 173 -12.79 -87.11 12.04
C GLN F 173 -11.92 -85.91 11.68
N PRO F 174 -11.39 -85.88 10.44
CA PRO F 174 -10.50 -84.76 10.14
C PRO F 174 -11.26 -83.46 10.05
N PHE F 175 -10.77 -82.42 10.69
CA PHE F 175 -11.46 -81.16 10.66
C PHE F 175 -10.69 -80.16 9.79
N THR F 176 -11.29 -79.68 8.69
CA THR F 176 -10.62 -78.64 7.91
C THR F 176 -10.56 -77.36 8.73
N CYS F 177 -9.37 -76.92 9.09
CA CYS F 177 -9.15 -75.88 10.09
C CYS F 177 -7.93 -75.00 9.72
N TYR F 178 -7.90 -73.76 10.20
CA TYR F 178 -6.93 -72.75 9.80
C TYR F 178 -5.90 -72.46 10.89
N PHE F 179 -4.62 -72.58 10.54
CA PHE F 179 -3.49 -72.52 11.47
C PHE F 179 -2.39 -71.59 10.98
N ASN F 180 -1.69 -70.92 11.88
CA ASN F 180 -0.61 -70.03 11.48
C ASN F 180 0.75 -70.45 12.12
N GLN F 181 1.33 -71.51 11.56
CA GLN F 181 2.62 -72.08 11.98
C GLN F 181 3.80 -71.10 11.76
N HIS F 182 3.60 -70.05 10.96
CA HIS F 182 4.58 -69.01 10.69
C HIS F 182 4.86 -68.11 11.91
N GLN F 183 3.81 -67.60 12.55
CA GLN F 183 3.99 -66.81 13.80
C GLN F 183 3.03 -67.02 15.02
N ARG F 184 2.09 -67.97 14.94
CA ARG F 184 1.08 -68.19 15.99
C ARG F 184 0.78 -69.68 16.29
N PRO F 185 1.77 -70.58 16.40
CA PRO F 185 1.53 -72.02 16.59
C PRO F 185 1.07 -72.34 18.03
N ASP F 186 -0.22 -72.14 18.30
CA ASP F 186 -0.84 -72.39 19.61
C ASP F 186 -2.36 -72.63 19.49
N ASP F 187 -3.03 -71.87 18.63
CA ASP F 187 -4.48 -71.89 18.42
C ASP F 187 -4.84 -72.18 16.96
N VAL F 188 -6.00 -72.81 16.73
CA VAL F 188 -6.52 -73.13 15.40
C VAL F 188 -7.97 -72.68 15.26
N LEU F 189 -8.36 -72.24 14.06
CA LEU F 189 -9.66 -71.63 13.78
C LEU F 189 -10.50 -72.48 12.80
N LEU F 190 -11.81 -72.40 12.91
CA LEU F 190 -12.75 -72.99 11.95
C LEU F 190 -13.04 -72.05 10.76
N HIS F 191 -12.83 -70.73 10.91
CA HIS F 191 -13.16 -69.72 9.90
C HIS F 191 -12.04 -68.70 9.69
N ARG F 192 -12.00 -68.11 8.48
CA ARG F 192 -11.00 -67.11 8.08
C ARG F 192 -11.35 -65.73 8.63
N THR F 193 -10.39 -64.81 8.58
CA THR F 193 -10.60 -63.46 9.16
C THR F 193 -11.54 -62.59 8.32
N HIS F 194 -11.54 -62.76 7.00
CA HIS F 194 -12.36 -61.97 6.07
C HIS F 194 -13.08 -62.84 5.05
N ASP F 195 -14.27 -62.36 4.59
CA ASP F 195 -15.06 -62.98 3.53
C ASP F 195 -14.45 -62.33 2.26
N GLU F 196 -13.84 -63.12 1.38
CA GLU F 196 -13.09 -62.59 0.23
C GLU F 196 -13.96 -61.80 -0.75
N ILE F 197 -15.28 -61.98 -0.74
CA ILE F 197 -16.20 -61.23 -1.59
C ILE F 197 -16.07 -59.72 -1.34
N VAL F 198 -15.85 -59.25 -0.09
CA VAL F 198 -15.76 -57.80 0.15
C VAL F 198 -14.37 -57.33 -0.21
N LEU F 199 -13.37 -58.17 0.02
CA LEU F 199 -12.04 -57.82 -0.54
C LEU F 199 -12.12 -57.59 -2.05
N LEU F 200 -12.71 -58.52 -2.80
CA LEU F 200 -12.84 -58.40 -4.25
C LEU F 200 -13.70 -57.21 -4.66
N HIS F 201 -14.84 -56.96 -4.00
CA HIS F 201 -15.60 -55.72 -4.21
C HIS F 201 -14.71 -54.49 -4.05
N CYS F 202 -13.92 -54.47 -2.98
CA CYS F 202 -13.07 -53.32 -2.66
C CYS F 202 -11.93 -53.08 -3.67
N PHE F 203 -11.63 -54.02 -4.58
CA PHE F 203 -10.71 -53.77 -5.70
C PHE F 203 -11.38 -53.69 -7.06
N LEU F 204 -12.47 -54.42 -7.31
CA LEU F 204 -13.16 -54.36 -8.59
C LEU F 204 -13.87 -53.00 -8.76
N TRP F 205 -14.53 -52.45 -7.74
CA TRP F 205 -15.23 -51.18 -7.88
C TRP F 205 -14.33 -49.99 -8.19
N PRO F 206 -13.17 -49.78 -7.54
CA PRO F 206 -12.27 -48.70 -7.94
C PRO F 206 -11.64 -48.96 -9.31
N LEU F 207 -11.31 -50.20 -9.65
CA LEU F 207 -10.81 -50.53 -10.99
C LEU F 207 -11.85 -50.23 -12.08
N VAL F 208 -13.14 -50.50 -11.83
CA VAL F 208 -14.24 -50.07 -12.70
C VAL F 208 -14.24 -48.55 -12.87
N THR F 209 -14.05 -47.74 -11.82
CA THR F 209 -14.00 -46.28 -12.00
C THR F 209 -12.79 -45.81 -12.79
N PHE F 210 -11.63 -46.47 -12.67
CA PHE F 210 -10.49 -46.20 -13.55
C PHE F 210 -10.81 -46.53 -15.00
N VAL F 211 -11.37 -47.72 -15.27
CA VAL F 211 -11.76 -48.15 -16.61
C VAL F 211 -12.81 -47.21 -17.21
N VAL F 212 -13.85 -46.84 -16.47
CA VAL F 212 -14.83 -45.82 -16.90
C VAL F 212 -14.14 -44.49 -17.18
N GLY F 213 -13.18 -44.05 -16.35
CA GLY F 213 -12.47 -42.80 -16.57
C GLY F 213 -11.69 -42.76 -17.88
N VAL F 214 -10.90 -43.79 -18.16
CA VAL F 214 -10.16 -43.85 -19.44
C VAL F 214 -11.11 -44.08 -20.62
N LEU F 215 -12.17 -44.87 -20.46
CA LEU F 215 -13.14 -45.10 -21.52
C LEU F 215 -13.93 -43.81 -21.83
N ILE F 216 -14.27 -43.00 -20.83
CA ILE F 216 -14.87 -41.68 -21.02
C ILE F 216 -13.94 -40.79 -21.86
N VAL F 217 -12.67 -40.63 -21.50
CA VAL F 217 -11.79 -39.73 -22.24
C VAL F 217 -11.48 -40.24 -23.66
N VAL F 218 -11.31 -41.56 -23.85
CA VAL F 218 -11.06 -42.17 -25.16
C VAL F 218 -12.29 -42.09 -26.07
N LEU F 219 -13.51 -42.31 -25.58
CA LEU F 219 -14.69 -42.10 -26.41
C LEU F 219 -14.91 -40.62 -26.72
N THR F 220 -14.74 -39.74 -25.74
CA THR F 220 -15.13 -38.33 -25.90
C THR F 220 -14.19 -37.54 -26.82
N ILE F 221 -12.91 -37.87 -26.86
CA ILE F 221 -11.95 -37.16 -27.74
C ILE F 221 -12.28 -37.35 -29.23
N CYS F 222 -12.94 -38.44 -29.62
CA CYS F 222 -13.47 -38.62 -30.98
C CYS F 222 -14.67 -37.70 -31.25
N ALA F 223 -15.67 -37.71 -30.37
CA ALA F 223 -16.83 -36.82 -30.46
C ALA F 223 -16.47 -35.31 -30.37
N LYS F 224 -15.28 -34.99 -29.85
CA LYS F 224 -14.65 -33.66 -29.94
C LYS F 224 -13.96 -33.41 -31.27
N SER F 225 -12.91 -34.16 -31.58
CA SER F 225 -11.94 -33.85 -32.64
C SER F 225 -12.33 -34.36 -34.03
N LEU F 226 -13.08 -35.45 -34.12
CA LEU F 226 -13.49 -36.04 -35.40
C LEU F 226 -14.90 -35.60 -35.81
N ALA F 227 -15.77 -35.22 -34.87
CA ALA F 227 -17.06 -34.63 -35.19
C ALA F 227 -16.93 -33.34 -36.02
N VAL F 228 -16.04 -32.41 -35.63
CA VAL F 228 -15.79 -31.20 -36.43
C VAL F 228 -15.20 -31.53 -37.81
N LYS F 229 -14.31 -32.52 -37.91
CA LYS F 229 -13.73 -33.00 -39.17
C LYS F 229 -14.81 -33.54 -40.12
N ALA F 230 -15.83 -34.23 -39.61
CA ALA F 230 -16.95 -34.76 -40.40
C ALA F 230 -18.11 -33.76 -40.61
N GLU F 231 -18.24 -32.72 -39.77
CA GLU F 231 -19.19 -31.61 -39.96
C GLU F 231 -18.68 -30.57 -40.98
N ALA F 232 -17.37 -30.44 -41.16
CA ALA F 232 -16.76 -29.57 -42.18
C ALA F 232 -17.12 -29.95 -43.63
N MET F 233 -17.67 -31.14 -43.87
CA MET F 233 -18.25 -31.57 -45.14
C MET F 233 -19.49 -30.73 -45.46
N THR G 37 35.22 -23.75 -11.99
CA THR G 37 35.95 -24.02 -10.74
C THR G 37 35.19 -23.46 -9.54
N ALA G 38 34.23 -24.22 -9.02
CA ALA G 38 33.27 -23.78 -8.01
C ALA G 38 33.71 -23.97 -6.53
N LEU G 39 35.01 -24.11 -6.25
CA LEU G 39 35.55 -24.53 -4.93
C LEU G 39 35.04 -23.66 -3.76
N LYS G 40 34.83 -22.36 -3.98
CA LYS G 40 34.25 -21.42 -3.00
C LYS G 40 32.88 -21.88 -2.49
N ALA G 41 32.01 -22.38 -3.37
CA ALA G 41 30.65 -22.81 -3.03
C ALA G 41 30.63 -24.10 -2.20
N GLY G 42 31.44 -25.09 -2.57
CA GLY G 42 31.58 -26.32 -1.80
C GLY G 42 32.22 -26.08 -0.43
N GLU G 43 33.28 -25.27 -0.42
CA GLU G 43 34.04 -24.96 0.80
C GLU G 43 33.21 -24.33 1.93
N ASP G 44 32.47 -23.29 1.59
CA ASP G 44 31.60 -22.63 2.57
C ASP G 44 30.54 -23.60 3.12
N LYS G 45 30.01 -24.50 2.27
CA LYS G 45 29.08 -25.55 2.69
C LYS G 45 29.75 -26.58 3.59
N SER G 46 31.00 -26.93 3.32
CA SER G 46 31.87 -27.72 4.19
C SER G 46 32.07 -27.06 5.57
N ILE G 47 32.39 -25.77 5.64
CA ILE G 47 32.54 -25.05 6.93
C ILE G 47 31.21 -25.02 7.69
N ARG G 48 30.09 -24.72 7.02
CA ARG G 48 28.76 -24.74 7.64
C ARG G 48 28.40 -26.13 8.18
N LEU G 49 28.73 -27.21 7.46
CA LEU G 49 28.53 -28.58 7.96
C LEU G 49 29.42 -28.88 9.17
N GLY G 50 30.67 -28.45 9.18
CA GLY G 50 31.55 -28.61 10.34
C GLY G 50 31.00 -27.90 11.58
N LEU G 51 30.58 -26.64 11.44
CA LEU G 51 29.94 -25.87 12.52
C LEU G 51 28.63 -26.53 12.97
N PHE G 52 27.81 -27.03 12.05
CA PHE G 52 26.61 -27.78 12.38
C PHE G 52 26.93 -29.02 13.22
N LEU G 53 27.90 -29.85 12.82
CA LEU G 53 28.29 -31.03 13.60
C LEU G 53 28.91 -30.67 14.95
N ILE G 54 29.63 -29.56 15.09
CA ILE G 54 30.10 -29.06 16.38
C ILE G 54 28.89 -28.74 17.28
N ILE G 55 28.00 -27.86 16.83
CA ILE G 55 26.85 -27.42 17.62
C ILE G 55 25.91 -28.58 17.93
N SER G 56 25.61 -29.44 16.94
CA SER G 56 24.81 -30.65 17.13
C SER G 56 25.42 -31.58 18.17
N GLY G 57 26.74 -31.80 18.15
CA GLY G 57 27.41 -32.59 19.17
C GLY G 57 27.28 -31.98 20.57
N VAL G 58 27.55 -30.68 20.71
CA VAL G 58 27.42 -30.00 22.02
C VAL G 58 26.00 -30.06 22.56
N VAL G 59 25.01 -29.73 21.73
CA VAL G 59 23.59 -29.76 22.12
C VAL G 59 23.13 -31.18 22.43
N SER G 60 23.53 -32.18 21.65
CA SER G 60 23.18 -33.58 21.89
C SER G 60 23.75 -34.10 23.21
N LEU G 61 25.00 -33.74 23.55
CA LEU G 61 25.57 -34.02 24.87
C LEU G 61 24.80 -33.31 25.99
N PHE G 62 24.35 -32.07 25.77
CA PHE G 62 23.55 -31.34 26.74
C PHE G 62 22.20 -32.01 27.01
N ILE G 63 21.46 -32.35 25.95
CA ILE G 63 20.16 -33.03 26.04
C ILE G 63 20.30 -34.37 26.74
N PHE G 64 21.20 -35.24 26.26
CA PHE G 64 21.39 -36.56 26.85
C PHE G 64 21.90 -36.48 28.28
N GLY G 65 22.63 -35.42 28.66
CA GLY G 65 22.95 -35.14 30.05
C GLY G 65 21.72 -35.07 30.93
N PHE G 66 20.80 -34.15 30.66
CA PHE G 66 19.63 -33.93 31.53
C PHE G 66 18.71 -35.15 31.67
N CYS G 67 18.55 -35.97 30.64
CA CYS G 67 17.67 -37.13 30.74
C CYS G 67 18.36 -38.42 31.21
N TRP G 68 19.66 -38.63 30.98
CA TRP G 68 20.37 -39.76 31.61
C TRP G 68 20.68 -39.55 33.09
N LEU G 69 20.89 -38.30 33.53
CA LEU G 69 21.36 -38.10 34.90
C LEU G 69 20.35 -38.54 35.95
N SER G 70 19.04 -38.50 35.70
CA SER G 70 18.07 -39.00 36.69
C SER G 70 18.24 -40.52 36.95
N PRO G 71 18.23 -41.41 35.94
CA PRO G 71 18.66 -42.79 36.08
C PRO G 71 20.05 -42.97 36.69
N ALA G 72 21.08 -42.29 36.18
CA ALA G 72 22.46 -42.50 36.62
C ALA G 72 22.68 -42.08 38.09
N LEU G 73 22.16 -40.90 38.46
CA LEU G 73 22.22 -40.37 39.83
C LEU G 73 21.32 -41.14 40.79
N GLN G 74 20.39 -41.96 40.31
CA GLN G 74 19.73 -42.97 41.13
C GLN G 74 20.63 -44.21 41.29
N ASP G 75 21.11 -44.81 40.21
CA ASP G 75 21.84 -46.07 40.29
C ASP G 75 23.20 -45.96 40.99
N LEU G 76 23.89 -44.83 40.92
CA LEU G 76 25.12 -44.64 41.71
C LEU G 76 24.87 -44.52 43.22
N GLN G 77 23.64 -44.21 43.65
CA GLN G 77 23.23 -44.24 45.06
C GLN G 77 22.78 -45.65 45.50
N ALA G 78 22.46 -46.55 44.56
CA ALA G 78 22.24 -47.97 44.86
C ALA G 78 23.60 -48.69 44.94
N THR G 79 23.94 -49.18 46.13
CA THR G 79 25.24 -49.81 46.41
C THR G 79 25.20 -51.31 46.14
N GLU G 80 26.30 -51.88 45.68
CA GLU G 80 26.52 -53.33 45.72
C GLU G 80 26.88 -53.76 47.14
N ALA G 81 26.28 -54.85 47.61
CA ALA G 81 26.33 -55.36 48.98
C ALA G 81 26.31 -56.89 49.00
N ASN G 82 26.61 -57.50 50.15
CA ASN G 82 26.46 -58.93 50.40
C ASN G 82 25.21 -59.20 51.25
N CYS G 83 24.36 -60.14 50.84
CA CYS G 83 23.16 -60.51 51.57
C CYS G 83 22.92 -62.04 51.55
N THR G 84 22.17 -62.54 52.53
CA THR G 84 21.92 -63.98 52.74
C THR G 84 20.44 -64.26 53.02
N VAL G 85 19.86 -65.29 52.41
CA VAL G 85 18.42 -65.60 52.52
C VAL G 85 18.04 -66.12 53.92
N LEU G 86 17.02 -65.50 54.51
CA LEU G 86 16.41 -65.90 55.78
C LEU G 86 15.31 -66.95 55.57
N SER G 87 14.40 -66.74 54.61
CA SER G 87 13.32 -67.68 54.30
C SER G 87 12.77 -67.51 52.88
N VAL G 88 12.19 -68.59 52.34
CA VAL G 88 11.45 -68.65 51.07
C VAL G 88 10.07 -69.24 51.36
N GLN G 89 9.00 -68.62 50.83
CA GLN G 89 7.65 -69.12 51.04
C GLN G 89 6.60 -68.46 50.14
N GLN G 90 5.46 -69.13 50.03
CA GLN G 90 4.25 -68.52 49.48
C GLN G 90 3.42 -67.93 50.61
N ILE G 91 2.90 -66.71 50.43
CA ILE G 91 2.03 -66.05 51.42
C ILE G 91 0.53 -66.29 51.18
N GLY G 92 0.16 -67.16 50.25
CA GLY G 92 -1.23 -67.52 49.95
C GLY G 92 -2.02 -66.48 49.15
N GLU G 93 -1.51 -65.26 48.99
CA GLU G 93 -2.04 -64.29 48.03
C GLU G 93 -1.81 -64.74 46.56
N VAL G 94 -2.68 -64.27 45.68
CA VAL G 94 -2.68 -64.59 44.25
C VAL G 94 -2.80 -63.30 43.42
N PHE G 95 -2.00 -63.18 42.37
CA PHE G 95 -1.89 -61.96 41.55
C PHE G 95 -2.06 -62.24 40.07
N GLU G 96 -2.55 -61.24 39.34
CA GLU G 96 -2.69 -61.30 37.88
C GLU G 96 -1.37 -61.03 37.15
N CYS G 97 -1.21 -61.63 35.98
CA CYS G 97 -0.20 -61.30 34.98
C CYS G 97 -0.81 -61.32 33.58
N THR G 98 -0.13 -60.73 32.60
CA THR G 98 -0.57 -60.66 31.20
C THR G 98 0.24 -61.65 30.35
N PHE G 99 -0.42 -62.61 29.72
CA PHE G 99 0.21 -63.51 28.73
C PHE G 99 -0.01 -62.99 27.31
N THR G 100 0.72 -63.53 26.34
CA THR G 100 0.55 -63.17 24.92
C THR G 100 0.32 -64.39 24.03
N CYS G 101 -0.46 -64.20 22.97
CA CYS G 101 -0.88 -65.22 22.00
C CYS G 101 -0.81 -64.69 20.55
N GLY G 102 -0.02 -63.63 20.30
CA GLY G 102 0.08 -62.96 18.99
C GLY G 102 -1.11 -62.05 18.66
N ALA G 103 -0.86 -61.04 17.83
CA ALA G 103 -1.81 -60.01 17.41
C ALA G 103 -2.46 -59.24 18.58
N ASP G 104 -1.63 -58.51 19.35
CA ASP G 104 -2.02 -57.67 20.49
C ASP G 104 -2.97 -58.36 21.50
N CYS G 105 -2.68 -59.64 21.75
CA CYS G 105 -3.47 -60.53 22.60
C CYS G 105 -3.68 -59.98 24.03
N ARG G 106 -4.92 -59.87 24.50
CA ARG G 106 -5.17 -59.34 25.83
C ARG G 106 -5.27 -60.44 26.88
N GLY G 107 -4.50 -61.54 26.70
CA GLY G 107 -4.43 -62.69 27.58
C GLY G 107 -4.03 -62.33 29.00
N THR G 108 -4.75 -62.83 30.00
CA THR G 108 -4.40 -62.64 31.40
C THR G 108 -4.65 -63.91 32.22
N SER G 109 -3.79 -64.16 33.19
CA SER G 109 -3.81 -65.34 34.04
C SER G 109 -3.24 -65.02 35.42
N GLN G 110 -3.65 -65.74 36.45
CA GLN G 110 -3.14 -65.53 37.81
C GLN G 110 -1.93 -66.42 38.13
N TYR G 111 -1.22 -66.07 39.21
CA TYR G 111 -0.11 -66.84 39.78
C TYR G 111 0.02 -66.61 41.30
N PRO G 112 0.61 -67.53 42.07
CA PRO G 112 0.74 -67.39 43.52
C PRO G 112 1.92 -66.50 43.93
N CYS G 113 1.74 -65.72 44.99
CA CYS G 113 2.77 -64.82 45.51
C CYS G 113 3.84 -65.56 46.33
N VAL G 114 5.09 -65.53 45.88
CA VAL G 114 6.26 -65.89 46.69
C VAL G 114 6.89 -64.65 47.34
N GLN G 115 7.36 -64.80 48.57
CA GLN G 115 8.24 -63.84 49.23
C GLN G 115 9.55 -64.51 49.62
N VAL G 116 10.64 -63.75 49.52
CA VAL G 116 11.96 -64.13 50.01
C VAL G 116 12.52 -62.96 50.81
N TYR G 117 12.92 -63.20 52.05
CA TYR G 117 13.61 -62.22 52.89
C TYR G 117 15.10 -62.55 52.97
N VAL G 118 15.93 -61.52 53.06
CA VAL G 118 17.37 -61.64 53.28
C VAL G 118 17.80 -60.83 54.51
N ASN G 119 18.87 -61.27 55.17
CA ASN G 119 19.70 -60.39 55.98
C ASN G 119 20.66 -59.65 55.03
N ASN G 120 20.52 -58.34 54.91
CA ASN G 120 21.48 -57.51 54.18
C ASN G 120 22.67 -57.20 55.08
N SER G 121 23.84 -57.82 54.85
CA SER G 121 24.97 -57.72 55.79
C SER G 121 25.57 -56.31 55.89
N GLU G 122 25.36 -55.46 54.87
CA GLU G 122 25.71 -54.03 54.91
C GLU G 122 24.83 -53.20 55.86
N SER G 123 23.72 -53.74 56.37
CA SER G 123 22.86 -53.10 57.39
C SER G 123 22.47 -54.03 58.55
N ASN G 124 22.92 -55.29 58.53
CA ASN G 124 22.62 -56.33 59.52
C ASN G 124 21.10 -56.49 59.80
N SER G 125 20.27 -56.32 58.77
CA SER G 125 18.81 -56.17 58.90
C SER G 125 18.05 -56.86 57.77
N ARG G 126 16.75 -57.09 57.98
CA ARG G 126 15.86 -57.64 56.94
C ARG G 126 15.74 -56.73 55.72
N ALA G 127 15.62 -57.36 54.55
CA ALA G 127 15.07 -56.78 53.33
C ALA G 127 14.34 -57.88 52.52
N LEU G 128 13.40 -57.51 51.65
CA LEU G 128 12.84 -58.45 50.66
C LEU G 128 13.74 -58.54 49.42
N LEU G 129 13.93 -59.73 48.89
CA LEU G 129 14.61 -59.93 47.61
C LEU G 129 13.62 -59.71 46.47
N HIS G 130 13.99 -58.94 45.45
CA HIS G 130 13.09 -58.48 44.38
C HIS G 130 13.63 -58.68 42.96
N SER G 131 14.82 -59.24 42.78
CA SER G 131 15.46 -59.49 41.47
C SER G 131 15.81 -58.24 40.65
N ASP G 132 14.86 -57.44 40.17
CA ASP G 132 15.12 -56.25 39.37
C ASP G 132 13.99 -55.19 39.47
N GLU G 133 14.31 -53.97 39.05
CA GLU G 133 13.41 -52.81 39.18
C GLU G 133 12.10 -52.98 38.40
N HIS G 134 12.15 -53.59 37.22
CA HIS G 134 10.94 -53.85 36.44
C HIS G 134 10.01 -54.84 37.15
N GLN G 135 10.59 -55.88 37.76
CA GLN G 135 9.78 -56.83 38.51
C GLN G 135 9.14 -56.11 39.70
N LEU G 136 9.97 -55.38 40.46
CA LEU G 136 9.51 -54.66 41.64
C LEU G 136 8.37 -53.70 41.30
N LEU G 137 8.52 -52.88 40.27
CA LEU G 137 7.49 -51.93 39.89
C LEU G 137 6.25 -52.58 39.25
N THR G 138 6.36 -53.75 38.64
CA THR G 138 5.19 -54.46 38.08
C THR G 138 4.41 -55.29 39.11
N ASN G 139 5.06 -55.77 40.18
CA ASN G 139 4.36 -56.21 41.38
C ASN G 139 5.26 -56.08 42.64
N PRO G 140 5.12 -55.00 43.44
CA PRO G 140 5.98 -54.81 44.62
C PRO G 140 5.60 -55.70 45.79
N LYS G 141 4.50 -56.46 45.73
CA LYS G 141 4.08 -57.38 46.80
C LYS G 141 4.97 -58.63 46.89
N CYS G 142 5.44 -59.14 45.76
CA CYS G 142 6.02 -60.48 45.63
C CYS G 142 7.45 -60.46 45.06
N SER G 143 8.28 -61.42 45.46
CA SER G 143 9.71 -61.50 45.13
C SER G 143 10.02 -61.85 43.67
N TYR G 144 9.08 -62.50 42.98
CA TYR G 144 9.26 -63.04 41.63
C TYR G 144 7.97 -62.93 40.81
N ILE G 145 8.11 -62.79 39.49
CA ILE G 145 7.02 -62.93 38.51
C ILE G 145 7.39 -64.09 37.56
N PRO G 146 6.56 -65.11 37.39
CA PRO G 146 6.79 -66.11 36.35
C PRO G 146 6.54 -65.49 34.97
N PRO G 147 7.26 -65.92 33.92
CA PRO G 147 6.95 -65.48 32.56
C PRO G 147 5.55 -65.97 32.21
N CYS G 148 4.59 -65.05 32.12
CA CYS G 148 3.17 -65.38 32.20
C CYS G 148 2.71 -66.20 30.99
N LYS G 149 2.35 -67.47 31.19
CA LYS G 149 1.98 -68.33 30.07
C LYS G 149 0.49 -68.66 29.96
N ARG G 150 0.13 -69.26 28.83
CA ARG G 150 -1.24 -69.64 28.51
C ARG G 150 -1.96 -70.52 29.55
N GLU G 151 -1.24 -71.44 30.18
CA GLU G 151 -1.87 -72.33 31.15
C GLU G 151 -1.47 -72.07 32.62
N ASN G 152 -2.44 -72.10 33.55
CA ASN G 152 -2.13 -71.86 34.96
C ASN G 152 -1.05 -72.79 35.54
N GLN G 153 -1.08 -74.06 35.16
CA GLN G 153 -0.08 -75.04 35.58
C GLN G 153 1.36 -74.62 35.23
N LYS G 154 1.57 -73.91 34.12
CA LYS G 154 2.89 -73.38 33.72
C LYS G 154 3.35 -72.20 34.58
N ASN G 155 2.42 -71.37 35.05
CA ASN G 155 2.73 -70.36 36.06
C ASN G 155 3.09 -71.03 37.40
N LEU G 156 2.26 -71.98 37.86
CA LEU G 156 2.44 -72.69 39.13
C LEU G 156 3.80 -73.40 39.18
N GLU G 157 4.10 -74.17 38.13
CA GLU G 157 5.37 -74.88 38.04
C GLU G 157 6.56 -73.91 38.07
N SER G 158 6.46 -72.84 37.28
CA SER G 158 7.54 -71.85 37.22
C SER G 158 7.83 -71.25 38.59
N VAL G 159 6.79 -70.81 39.32
CA VAL G 159 6.95 -70.28 40.68
C VAL G 159 7.46 -71.35 41.63
N MET G 160 6.96 -72.59 41.55
CA MET G 160 7.40 -73.69 42.39
C MET G 160 8.86 -74.09 42.13
N ASN G 161 9.30 -74.17 40.87
CA ASN G 161 10.70 -74.46 40.55
C ASN G 161 11.63 -73.28 40.90
N TRP G 162 11.16 -72.04 40.81
CA TRP G 162 11.93 -70.89 41.32
C TRP G 162 12.06 -70.95 42.84
N GLN G 163 10.96 -71.22 43.56
CA GLN G 163 10.98 -71.45 45.01
C GLN G 163 11.90 -72.60 45.40
N GLN G 164 11.80 -73.75 44.71
CA GLN G 164 12.66 -74.92 44.91
C GLN G 164 14.14 -74.61 44.62
N TYR G 165 14.46 -73.81 43.59
CA TYR G 165 15.83 -73.36 43.33
C TYR G 165 16.39 -72.54 44.50
N TRP G 166 15.58 -71.67 45.12
CA TRP G 166 16.00 -70.91 46.30
C TRP G 166 15.96 -71.71 47.60
N LYS G 167 15.12 -72.74 47.74
CA LYS G 167 15.12 -73.67 48.88
C LYS G 167 16.45 -74.40 49.06
N ASP G 168 17.21 -74.61 47.98
CA ASP G 168 18.56 -75.17 48.04
C ASP G 168 19.62 -74.22 48.62
N GLU G 169 19.32 -72.92 48.73
CA GLU G 169 20.30 -71.87 49.07
C GLU G 169 19.84 -70.92 50.19
N ILE G 170 18.89 -71.36 51.04
CA ILE G 170 18.58 -70.70 52.32
C ILE G 170 19.75 -70.93 53.28
N GLY G 171 20.71 -70.05 53.33
CA GLY G 171 21.93 -70.22 54.10
C GLY G 171 22.92 -69.07 53.97
N SER G 172 24.13 -69.31 54.45
CA SER G 172 25.20 -68.31 54.58
C SER G 172 25.84 -67.87 53.25
N GLN G 173 25.45 -68.51 52.14
CA GLN G 173 25.97 -68.16 50.81
C GLN G 173 25.81 -66.66 50.54
N PRO G 174 26.94 -65.93 50.47
CA PRO G 174 26.76 -64.49 50.29
C PRO G 174 26.25 -64.18 48.90
N PHE G 175 25.23 -63.33 48.81
CA PHE G 175 24.72 -63.00 47.51
C PHE G 175 25.09 -61.57 47.12
N THR G 176 25.86 -61.39 46.04
CA THR G 176 26.15 -60.03 45.59
C THR G 176 24.85 -59.39 45.09
N CYS G 177 24.38 -58.36 45.76
CA CYS G 177 23.04 -57.81 45.58
C CYS G 177 23.04 -56.28 45.75
N TYR G 178 22.08 -55.59 45.14
CA TYR G 178 22.05 -54.12 45.04
C TYR G 178 20.97 -53.51 45.94
N PHE G 179 21.37 -52.57 46.79
CA PHE G 179 20.55 -51.99 47.85
C PHE G 179 20.65 -50.46 47.87
N ASN G 180 19.56 -49.79 48.23
CA ASN G 180 19.59 -48.33 48.28
C ASN G 180 19.23 -47.81 49.70
N GLN G 181 20.21 -47.93 50.60
CA GLN G 181 20.13 -47.48 52.01
C GLN G 181 19.95 -45.96 52.13
N HIS G 182 20.21 -45.20 51.06
CA HIS G 182 20.04 -43.74 51.00
C HIS G 182 18.57 -43.31 51.01
N GLN G 183 17.72 -43.92 50.18
CA GLN G 183 16.27 -43.63 50.20
C GLN G 183 15.23 -44.79 50.08
N ARG G 184 15.66 -46.04 50.00
CA ARG G 184 14.78 -47.19 49.78
C ARG G 184 15.14 -48.46 50.61
N PRO G 185 15.46 -48.36 51.92
CA PRO G 185 15.89 -49.50 52.72
C PRO G 185 14.72 -50.43 53.08
N ASP G 186 14.33 -51.30 52.14
CA ASP G 186 13.24 -52.27 52.30
C ASP G 186 13.39 -53.48 51.35
N ASP G 187 13.83 -53.22 50.11
CA ASP G 187 13.97 -54.22 49.05
C ASP G 187 15.41 -54.26 48.50
N VAL G 188 15.84 -55.42 48.02
CA VAL G 188 17.16 -55.63 47.42
C VAL G 188 17.05 -56.35 46.06
N LEU G 189 17.93 -56.01 45.12
CA LEU G 189 17.88 -56.47 43.73
C LEU G 189 19.09 -57.33 43.37
N LEU G 190 18.91 -58.26 42.43
CA LEU G 190 20.00 -59.04 41.83
C LEU G 190 20.65 -58.31 40.65
N HIS G 191 19.95 -57.36 40.00
CA HIS G 191 20.43 -56.67 38.80
C HIS G 191 20.23 -55.15 38.86
N ARG G 192 21.07 -54.41 38.12
CA ARG G 192 21.03 -52.95 38.05
C ARG G 192 19.94 -52.45 37.10
N THR G 193 19.61 -51.16 37.17
CA THR G 193 18.51 -50.61 36.37
C THR G 193 18.86 -50.49 34.88
N HIS G 194 20.12 -50.24 34.54
CA HIS G 194 20.59 -50.05 33.17
C HIS G 194 21.87 -50.85 32.89
N ASP G 195 22.03 -51.26 31.61
CA ASP G 195 23.22 -51.93 31.10
C ASP G 195 24.11 -50.72 30.69
N GLU G 196 25.27 -50.55 31.33
CA GLU G 196 26.10 -49.36 31.14
C GLU G 196 26.62 -49.20 29.70
N ILE G 197 26.65 -50.26 28.90
CA ILE G 197 27.06 -50.20 27.50
C ILE G 197 26.19 -49.21 26.71
N VAL G 198 24.87 -49.10 26.99
CA VAL G 198 24.02 -48.16 26.21
C VAL G 198 24.21 -46.77 26.76
N LEU G 199 24.40 -46.66 28.06
CA LEU G 199 24.79 -45.34 28.58
C LEU G 199 26.06 -44.82 27.88
N LEU G 200 27.11 -45.64 27.81
CA LEU G 200 28.37 -45.24 27.18
C LEU G 200 28.19 -44.99 25.68
N HIS G 201 27.45 -45.81 24.94
CA HIS G 201 27.08 -45.51 23.56
C HIS G 201 26.44 -44.13 23.46
N CYS G 202 25.49 -43.84 24.34
CA CYS G 202 24.74 -42.59 24.31
C CYS G 202 25.59 -41.34 24.62
N PHE G 203 26.82 -41.47 25.12
CA PHE G 203 27.76 -40.35 25.25
C PHE G 203 28.94 -40.40 24.27
N LEU G 204 29.44 -41.58 23.90
CA LEU G 204 30.53 -41.68 22.95
C LEU G 204 30.09 -41.26 21.53
N TRP G 205 28.91 -41.66 21.07
CA TRP G 205 28.47 -41.32 19.72
C TRP G 205 28.26 -39.81 19.50
N PRO G 206 27.63 -39.03 20.39
CA PRO G 206 27.56 -37.58 20.19
C PRO G 206 28.93 -36.92 20.35
N LEU G 207 29.78 -37.39 21.26
CA LEU G 207 31.15 -36.87 21.37
C LEU G 207 31.96 -37.12 20.09
N VAL G 208 31.81 -38.28 19.46
CA VAL G 208 32.36 -38.55 18.13
C VAL G 208 31.87 -37.53 17.11
N THR G 209 30.59 -37.17 17.07
CA THR G 209 30.12 -36.14 16.12
C THR G 209 30.68 -34.75 16.40
N PHE G 210 30.90 -34.38 17.67
CA PHE G 210 31.61 -33.15 18.01
C PHE G 210 33.06 -33.18 17.52
N VAL G 211 33.79 -34.28 17.79
CA VAL G 211 35.17 -34.47 17.35
C VAL G 211 35.28 -34.44 15.82
N VAL G 212 34.40 -35.16 15.10
CA VAL G 212 34.33 -35.08 13.63
C VAL G 212 34.03 -33.66 13.18
N GLY G 213 33.13 -32.93 13.84
CA GLY G 213 32.80 -31.56 13.46
C GLY G 213 34.00 -30.60 13.55
N VAL G 214 34.74 -30.62 14.67
CA VAL G 214 35.94 -29.79 14.80
C VAL G 214 37.07 -30.27 13.90
N LEU G 215 37.23 -31.59 13.72
CA LEU G 215 38.24 -32.13 12.82
C LEU G 215 37.94 -31.79 11.35
N ILE G 216 36.68 -31.79 10.93
CA ILE G 216 36.27 -31.30 9.61
C ILE G 216 36.68 -29.84 9.42
N VAL G 217 36.33 -28.93 10.33
CA VAL G 217 36.65 -27.51 10.12
C VAL G 217 38.15 -27.24 10.20
N VAL G 218 38.89 -27.91 11.09
CA VAL G 218 40.34 -27.76 11.22
C VAL G 218 41.09 -28.32 10.02
N LEU G 219 40.70 -29.48 9.47
CA LEU G 219 41.31 -29.97 8.24
C LEU G 219 40.95 -29.08 7.04
N THR G 220 39.70 -28.67 6.91
CA THR G 220 39.23 -27.99 5.70
C THR G 220 39.75 -26.56 5.55
N ILE G 221 39.98 -25.83 6.65
CA ILE G 221 40.50 -24.46 6.57
C ILE G 221 41.92 -24.40 5.97
N CYS G 222 42.71 -25.47 6.08
CA CYS G 222 43.99 -25.58 5.37
C CYS G 222 43.80 -25.78 3.86
N ALA G 223 42.97 -26.75 3.46
CA ALA G 223 42.64 -26.98 2.05
C ALA G 223 41.93 -25.77 1.37
N LYS G 224 41.36 -24.86 2.17
CA LYS G 224 40.88 -23.54 1.74
C LYS G 224 42.01 -22.51 1.62
N SER G 225 42.63 -22.16 2.74
CA SER G 225 43.49 -20.97 2.86
C SER G 225 44.96 -21.19 2.46
N LEU G 226 45.49 -22.41 2.60
CA LEU G 226 46.87 -22.73 2.26
C LEU G 226 47.02 -23.34 0.87
N ALA G 227 45.97 -23.97 0.33
CA ALA G 227 45.95 -24.43 -1.06
C ALA G 227 46.16 -23.27 -2.04
N VAL G 228 45.45 -22.15 -1.90
CA VAL G 228 45.65 -20.96 -2.75
C VAL G 228 47.07 -20.38 -2.60
N LYS G 229 47.60 -20.36 -1.37
CA LYS G 229 48.97 -19.90 -1.08
C LYS G 229 50.03 -20.75 -1.80
N ALA G 230 49.82 -22.06 -1.90
CA ALA G 230 50.72 -22.98 -2.61
C ALA G 230 50.44 -23.11 -4.13
N GLU G 231 49.24 -22.78 -4.59
CA GLU G 231 48.90 -22.68 -6.03
C GLU G 231 49.40 -21.38 -6.67
N ALA G 232 49.54 -20.30 -5.89
CA ALA G 232 50.11 -19.02 -6.35
C ALA G 232 51.57 -19.12 -6.85
N MET G 233 52.28 -20.21 -6.55
CA MET G 233 53.58 -20.55 -7.11
C MET G 233 53.47 -20.81 -8.62
N THR H 37 22.22 13.64 36.24
CA THR H 37 21.22 13.65 37.32
C THR H 37 19.87 13.13 36.81
N ALA H 38 19.70 11.80 36.79
CA ALA H 38 18.57 11.11 36.17
C ALA H 38 17.33 10.90 37.08
N LEU H 39 17.17 11.67 38.16
CA LEU H 39 16.16 11.42 39.21
C LEU H 39 14.72 11.28 38.68
N LYS H 40 14.36 12.02 37.64
CA LYS H 40 13.06 11.92 36.94
C LYS H 40 12.77 10.50 36.44
N ALA H 41 13.75 9.81 35.87
CA ALA H 41 13.60 8.48 35.30
C ALA H 41 13.38 7.40 36.38
N GLY H 42 14.16 7.45 37.47
CA GLY H 42 13.99 6.55 38.61
C GLY H 42 12.67 6.79 39.32
N GLU H 43 12.33 8.06 39.56
CA GLU H 43 11.11 8.46 40.28
C GLU H 43 9.81 7.94 39.65
N ASP H 44 9.65 8.18 38.36
CA ASP H 44 8.46 7.70 37.64
C ASP H 44 8.35 6.16 37.70
N LYS H 45 9.49 5.46 37.64
CA LYS H 45 9.53 3.99 37.80
C LYS H 45 9.16 3.56 39.23
N SER H 46 9.60 4.32 40.23
CA SER H 46 9.15 4.19 41.62
C SER H 46 7.64 4.36 41.78
N ILE H 47 7.03 5.40 41.19
CA ILE H 47 5.57 5.61 41.25
C ILE H 47 4.83 4.46 40.55
N ARG H 48 5.29 4.04 39.36
CA ARG H 48 4.70 2.89 38.64
C ARG H 48 4.79 1.61 39.46
N LEU H 49 5.90 1.34 40.15
CA LEU H 49 6.04 0.19 41.05
C LEU H 49 5.09 0.29 42.24
N GLY H 50 4.92 1.46 42.84
CA GLY H 50 3.96 1.67 43.93
C GLY H 50 2.52 1.38 43.49
N LEU H 51 2.12 1.93 42.34
CA LEU H 51 0.80 1.66 41.75
C LEU H 51 0.63 0.17 41.40
N PHE H 52 1.66 -0.48 40.85
CA PHE H 52 1.64 -1.92 40.61
C PHE H 52 1.42 -2.72 41.90
N LEU H 53 2.14 -2.43 42.98
CA LEU H 53 1.95 -3.12 44.26
C LEU H 53 0.59 -2.83 44.88
N ILE H 54 0.02 -1.63 44.71
CA ILE H 54 -1.36 -1.34 45.13
C ILE H 54 -2.33 -2.26 44.38
N ILE H 55 -2.31 -2.21 43.05
CA ILE H 55 -3.25 -2.97 42.21
C ILE H 55 -3.06 -4.48 42.41
N SER H 56 -1.82 -4.95 42.44
CA SER H 56 -1.48 -6.35 42.71
C SER H 56 -2.02 -6.81 44.07
N GLY H 57 -1.88 -6.00 45.12
CA GLY H 57 -2.45 -6.30 46.42
C GLY H 57 -3.97 -6.40 46.38
N VAL H 58 -4.66 -5.43 45.78
CA VAL H 58 -6.12 -5.44 45.68
C VAL H 58 -6.63 -6.65 44.89
N VAL H 59 -6.04 -6.92 43.72
CA VAL H 59 -6.41 -8.06 42.88
C VAL H 59 -6.10 -9.39 43.57
N SER H 60 -4.96 -9.51 44.24
CA SER H 60 -4.59 -10.72 44.97
C SER H 60 -5.57 -11.03 46.12
N LEU H 61 -5.98 -10.00 46.87
CA LEU H 61 -7.05 -10.13 47.87
C LEU H 61 -8.38 -10.54 47.23
N PHE H 62 -8.72 -10.02 46.06
CA PHE H 62 -9.93 -10.39 45.34
C PHE H 62 -9.92 -11.86 44.92
N ILE H 63 -8.83 -12.32 44.29
CA ILE H 63 -8.66 -13.70 43.83
C ILE H 63 -8.71 -14.66 45.03
N PHE H 64 -7.90 -14.44 46.05
CA PHE H 64 -7.87 -15.31 47.22
C PHE H 64 -9.18 -15.29 47.99
N GLY H 65 -9.96 -14.20 47.93
CA GLY H 65 -11.33 -14.17 48.43
C GLY H 65 -12.19 -15.26 47.80
N PHE H 66 -12.35 -15.26 46.48
CA PHE H 66 -13.26 -16.19 45.81
C PHE H 66 -12.89 -17.66 46.00
N CYS H 67 -11.62 -18.02 46.07
CA CYS H 67 -11.24 -19.42 46.24
C CYS H 67 -11.10 -19.88 47.70
N TRP H 68 -10.77 -19.02 48.67
CA TRP H 68 -10.84 -19.41 50.09
C TRP H 68 -12.26 -19.47 50.63
N LEU H 69 -13.19 -18.65 50.12
CA LEU H 69 -14.50 -18.56 50.76
C LEU H 69 -15.29 -19.87 50.68
N SER H 70 -15.12 -20.71 49.66
CA SER H 70 -15.82 -21.99 49.62
C SER H 70 -15.42 -22.92 50.79
N PRO H 71 -14.12 -23.21 51.03
CA PRO H 71 -13.65 -23.83 52.26
C PRO H 71 -14.09 -23.12 53.55
N ALA H 72 -13.89 -21.80 53.66
CA ALA H 72 -14.17 -21.07 54.90
C ALA H 72 -15.67 -21.04 55.25
N LEU H 73 -16.53 -20.77 54.25
CA LEU H 73 -17.98 -20.77 54.38
C LEU H 73 -18.55 -22.18 54.57
N GLN H 74 -17.80 -23.24 54.28
CA GLN H 74 -18.12 -24.59 54.74
C GLN H 74 -17.73 -24.77 56.21
N ASP H 75 -16.48 -24.52 56.58
CA ASP H 75 -16.00 -24.82 57.94
C ASP H 75 -16.64 -23.97 59.04
N LEU H 76 -17.05 -22.73 58.77
CA LEU H 76 -17.80 -21.95 59.75
C LEU H 76 -19.22 -22.48 59.99
N GLN H 77 -19.78 -23.29 59.07
CA GLN H 77 -21.06 -23.99 59.25
C GLN H 77 -20.87 -25.34 59.98
N ALA H 78 -19.65 -25.88 60.04
CA ALA H 78 -19.32 -27.02 60.89
C ALA H 78 -19.05 -26.53 62.32
N THR H 79 -19.92 -26.92 63.26
CA THR H 79 -19.87 -26.49 64.65
C THR H 79 -19.00 -27.40 65.51
N GLU H 80 -18.30 -26.84 66.50
CA GLU H 80 -17.72 -27.63 67.58
C GLU H 80 -18.82 -28.04 68.58
N ALA H 81 -18.80 -29.30 69.00
CA ALA H 81 -19.82 -29.96 69.80
C ALA H 81 -19.19 -30.97 70.78
N ASN H 82 -19.98 -31.46 71.74
CA ASN H 82 -19.58 -32.55 72.63
C ASN H 82 -20.28 -33.86 72.21
N CYS H 83 -19.53 -34.95 72.09
CA CYS H 83 -20.05 -36.26 71.72
C CYS H 83 -19.41 -37.40 72.53
N THR H 84 -20.10 -38.53 72.65
CA THR H 84 -19.68 -39.69 73.47
C THR H 84 -19.86 -41.01 72.71
N VAL H 85 -18.88 -41.91 72.76
CA VAL H 85 -18.89 -43.17 71.99
C VAL H 85 -19.93 -44.16 72.50
N LEU H 86 -20.77 -44.66 71.60
CA LEU H 86 -21.75 -45.72 71.82
C LEU H 86 -21.15 -47.12 71.67
N SER H 87 -20.39 -47.37 70.59
CA SER H 87 -19.74 -48.66 70.35
C SER H 87 -18.53 -48.54 69.40
N VAL H 88 -17.60 -49.50 69.52
CA VAL H 88 -16.45 -49.70 68.63
C VAL H 88 -16.49 -51.15 68.13
N GLN H 89 -16.31 -51.37 66.82
CA GLN H 89 -16.31 -52.72 66.27
C GLN H 89 -15.81 -52.80 64.83
N GLN H 90 -15.45 -54.01 64.43
CA GLN H 90 -15.24 -54.33 63.02
C GLN H 90 -16.54 -54.87 62.42
N ILE H 91 -16.90 -54.41 61.21
CA ILE H 91 -18.10 -54.89 60.50
C ILE H 91 -17.82 -56.05 59.53
N GLY H 92 -16.62 -56.62 59.55
CA GLY H 92 -16.22 -57.75 58.71
C GLY H 92 -15.96 -57.44 57.23
N GLU H 93 -16.32 -56.25 56.76
CA GLU H 93 -15.87 -55.74 55.45
C GLU H 93 -14.35 -55.46 55.44
N VAL H 94 -13.77 -55.52 54.24
CA VAL H 94 -12.33 -55.33 54.00
C VAL H 94 -12.14 -54.36 52.83
N PHE H 95 -11.22 -53.41 52.96
CA PHE H 95 -11.00 -52.33 52.00
C PHE H 95 -9.53 -52.22 51.57
N GLU H 96 -9.31 -51.71 50.36
CA GLU H 96 -7.98 -51.45 49.84
C GLU H 96 -7.39 -50.12 50.36
N CYS H 97 -6.07 -50.07 50.48
CA CYS H 97 -5.28 -48.86 50.65
C CYS H 97 -4.01 -48.92 49.79
N THR H 98 -3.37 -47.77 49.58
CA THR H 98 -2.14 -47.66 48.78
C THR H 98 -0.94 -47.47 49.71
N PHE H 99 0.03 -48.38 49.66
CA PHE H 99 1.32 -48.24 50.36
C PHE H 99 2.40 -47.67 49.42
N THR H 100 3.52 -47.21 49.97
CA THR H 100 4.65 -46.70 49.17
C THR H 100 5.96 -47.41 49.51
N CYS H 101 6.82 -47.55 48.50
CA CYS H 101 8.12 -48.21 48.55
C CYS H 101 9.21 -47.43 47.80
N GLY H 102 9.01 -46.12 47.60
CA GLY H 102 9.91 -45.25 46.81
C GLY H 102 9.80 -45.43 45.29
N ALA H 103 10.12 -44.37 44.56
CA ALA H 103 10.04 -44.28 43.09
C ALA H 103 8.64 -44.57 42.52
N ASP H 104 7.66 -43.74 42.88
CA ASP H 104 6.25 -43.80 42.43
C ASP H 104 5.61 -45.20 42.54
N CYS H 105 5.94 -45.89 43.64
CA CYS H 105 5.52 -47.25 43.93
C CYS H 105 3.99 -47.44 43.88
N ARG H 106 3.49 -48.39 43.10
CA ARG H 106 2.05 -48.61 43.02
C ARG H 106 1.56 -49.68 43.99
N GLY H 107 2.22 -49.77 45.17
CA GLY H 107 1.91 -50.71 46.24
C GLY H 107 0.48 -50.59 46.73
N THR H 108 -0.23 -51.70 46.87
CA THR H 108 -1.58 -51.73 47.45
C THR H 108 -1.79 -52.94 48.34
N SER H 109 -2.54 -52.75 49.43
CA SER H 109 -2.80 -53.77 50.44
C SER H 109 -4.17 -53.54 51.06
N GLN H 110 -4.82 -54.57 51.57
CA GLN H 110 -6.12 -54.46 52.22
C GLN H 110 -6.01 -54.24 53.74
N TYR H 111 -7.12 -53.83 54.36
CA TYR H 111 -7.27 -53.68 55.81
C TYR H 111 -8.75 -53.86 56.23
N PRO H 112 -9.04 -54.25 57.48
CA PRO H 112 -10.40 -54.47 57.95
C PRO H 112 -11.13 -53.16 58.32
N CYS H 113 -12.43 -53.09 58.03
CA CYS H 113 -13.25 -51.93 58.34
C CYS H 113 -13.64 -51.86 59.83
N VAL H 114 -13.24 -50.81 60.53
CA VAL H 114 -13.79 -50.43 61.84
C VAL H 114 -14.88 -49.39 61.69
N GLN H 115 -15.92 -49.48 62.51
CA GLN H 115 -16.90 -48.42 62.71
C GLN H 115 -16.94 -48.02 64.19
N VAL H 116 -17.13 -46.72 64.43
CA VAL H 116 -17.39 -46.15 65.74
C VAL H 116 -18.59 -45.23 65.65
N TYR H 117 -19.61 -45.45 66.48
CA TYR H 117 -20.77 -44.57 66.59
C TYR H 117 -20.66 -43.73 67.86
N VAL H 118 -21.16 -42.50 67.81
CA VAL H 118 -21.28 -41.60 68.96
C VAL H 118 -22.72 -41.12 69.13
N ASN H 119 -23.11 -40.82 70.36
CA ASN H 119 -24.19 -39.89 70.64
C ASN H 119 -23.62 -38.46 70.54
N ASN H 120 -24.07 -37.69 69.56
CA ASN H 120 -23.75 -36.27 69.45
C ASN H 120 -24.66 -35.47 70.38
N SER H 121 -24.16 -34.97 71.52
CA SER H 121 -25.02 -34.36 72.54
C SER H 121 -25.69 -33.04 72.08
N GLU H 122 -25.14 -32.37 71.07
CA GLU H 122 -25.76 -31.22 70.41
C GLU H 122 -27.00 -31.58 69.56
N SER H 123 -27.26 -32.87 69.31
CA SER H 123 -28.47 -33.36 68.62
C SER H 123 -29.14 -34.55 69.31
N ASN H 124 -28.58 -35.04 70.43
CA ASN H 124 -29.05 -36.20 71.20
C ASN H 124 -29.26 -37.46 70.33
N SER H 125 -28.43 -37.66 69.32
CA SER H 125 -28.65 -38.64 68.24
C SER H 125 -27.35 -39.32 67.80
N ARG H 126 -27.46 -40.45 67.11
CA ARG H 126 -26.31 -41.15 66.51
C ARG H 126 -25.59 -40.31 65.45
N ALA H 127 -24.28 -40.48 65.40
CA ALA H 127 -23.42 -40.16 64.25
C ALA H 127 -22.25 -41.15 64.19
N LEU H 128 -21.64 -41.35 63.02
CA LEU H 128 -20.37 -42.07 62.92
C LEU H 128 -19.19 -41.15 63.21
N LEU H 129 -18.20 -41.62 63.94
CA LEU H 129 -16.93 -40.91 64.13
C LEU H 129 -16.02 -41.15 62.93
N HIS H 130 -15.42 -40.11 62.37
CA HIS H 130 -14.66 -40.17 61.11
C HIS H 130 -13.28 -39.50 61.16
N SER H 131 -12.85 -38.96 62.29
CA SER H 131 -11.54 -38.30 62.48
C SER H 131 -11.32 -37.02 61.66
N ASP H 132 -11.24 -37.06 60.33
CA ASP H 132 -11.01 -35.89 59.48
C ASP H 132 -11.58 -36.04 58.07
N GLU H 133 -11.72 -34.91 57.36
CA GLU H 133 -12.34 -34.85 56.04
C GLU H 133 -11.60 -35.68 54.98
N HIS H 134 -10.27 -35.72 55.03
CA HIS H 134 -9.48 -36.53 54.10
C HIS H 134 -9.73 -38.02 54.31
N GLN H 135 -9.83 -38.45 55.57
CA GLN H 135 -10.12 -39.83 55.87
C GLN H 135 -11.53 -40.17 55.35
N LEU H 136 -12.50 -39.32 55.69
CA LEU H 136 -13.89 -39.53 55.29
C LEU H 136 -14.01 -39.64 53.77
N LEU H 137 -13.42 -38.71 53.02
CA LEU H 137 -13.50 -38.73 51.56
C LEU H 137 -12.68 -39.85 50.91
N THR H 138 -11.62 -40.36 51.55
CA THR H 138 -10.85 -41.49 51.01
C THR H 138 -11.45 -42.87 51.33
N ASN H 139 -12.20 -43.01 52.42
CA ASN H 139 -13.13 -44.13 52.61
C ASN H 139 -14.30 -43.76 53.55
N PRO H 140 -15.48 -43.39 53.03
CA PRO H 140 -16.60 -42.97 53.86
C PRO H 140 -17.30 -44.15 54.57
N LYS H 141 -16.95 -45.41 54.25
CA LYS H 141 -17.54 -46.59 54.89
C LYS H 141 -17.07 -46.77 56.35
N CYS H 142 -15.81 -46.45 56.64
CA CYS H 142 -15.12 -46.85 57.87
C CYS H 142 -14.58 -45.65 58.66
N SER H 143 -14.51 -45.79 59.99
CA SER H 143 -14.14 -44.73 60.93
C SER H 143 -12.66 -44.31 60.91
N TYR H 144 -11.78 -45.21 60.44
CA TYR H 144 -10.33 -45.05 60.48
C TYR H 144 -9.67 -45.67 59.25
N ILE H 145 -8.52 -45.12 58.84
CA ILE H 145 -7.61 -45.72 57.86
C ILE H 145 -6.25 -45.92 58.56
N PRO H 146 -5.68 -47.13 58.58
CA PRO H 146 -4.32 -47.32 59.05
C PRO H 146 -3.34 -46.70 58.04
N PRO H 147 -2.19 -46.17 58.47
CA PRO H 147 -1.14 -45.73 57.55
C PRO H 147 -0.66 -46.95 56.78
N CYS H 148 -0.99 -47.02 55.49
CA CYS H 148 -0.96 -48.28 54.73
C CYS H 148 0.48 -48.80 54.56
N LYS H 149 0.83 -49.92 55.18
CA LYS H 149 2.20 -50.42 55.12
C LYS H 149 2.40 -51.66 54.26
N ARG H 150 3.67 -51.99 54.03
CA ARG H 150 4.08 -53.12 53.22
C ARG H 150 3.50 -54.48 53.61
N GLU H 151 3.34 -54.74 54.91
CA GLU H 151 2.83 -56.04 55.35
C GLU H 151 1.39 -55.99 55.93
N ASN H 152 0.54 -56.96 55.58
CA ASN H 152 -0.84 -56.98 56.08
C ASN H 152 -0.94 -56.97 57.61
N GLN H 153 -0.06 -57.70 58.29
CA GLN H 153 -0.01 -57.73 59.76
C GLN H 153 0.17 -56.33 60.37
N LYS H 154 0.88 -55.40 59.70
CA LYS H 154 1.06 -54.02 60.17
C LYS H 154 -0.21 -53.18 59.99
N ASN H 155 -1.02 -53.43 58.96
CA ASN H 155 -2.35 -52.85 58.86
C ASN H 155 -3.28 -53.40 59.96
N LEU H 156 -3.30 -54.73 60.13
CA LEU H 156 -4.14 -55.41 61.14
C LEU H 156 -3.85 -54.91 62.55
N GLU H 157 -2.58 -54.89 62.92
CA GLU H 157 -2.16 -54.40 64.23
C GLU H 157 -2.57 -52.94 64.44
N SER H 158 -2.31 -52.10 63.44
CA SER H 158 -2.64 -50.68 63.54
C SER H 158 -4.14 -50.46 63.79
N VAL H 159 -5.01 -51.14 63.02
CA VAL H 159 -6.46 -51.07 63.22
C VAL H 159 -6.85 -51.65 64.58
N MET H 160 -6.27 -52.78 64.98
CA MET H 160 -6.55 -53.40 66.27
C MET H 160 -6.11 -52.53 67.46
N ASN H 161 -4.92 -51.92 67.42
CA ASN H 161 -4.48 -51.03 68.48
C ASN H 161 -5.27 -49.70 68.48
N TRP H 162 -5.72 -49.21 67.33
CA TRP H 162 -6.66 -48.07 67.29
C TRP H 162 -8.02 -48.45 67.91
N GLN H 163 -8.58 -49.60 67.54
CA GLN H 163 -9.79 -50.15 68.16
C GLN H 163 -9.62 -50.32 69.67
N GLN H 164 -8.53 -50.94 70.12
CA GLN H 164 -8.19 -51.12 71.53
C GLN H 164 -8.03 -49.79 72.27
N TYR H 165 -7.43 -48.76 71.65
CA TYR H 165 -7.34 -47.43 72.23
C TYR H 165 -8.73 -46.82 72.48
N TRP H 166 -9.67 -47.01 71.56
CA TRP H 166 -11.06 -46.56 71.72
C TRP H 166 -11.90 -47.46 72.64
N LYS H 167 -11.61 -48.75 72.75
CA LYS H 167 -12.26 -49.68 73.71
C LYS H 167 -12.06 -49.24 75.17
N ASP H 168 -10.98 -48.52 75.48
CA ASP H 168 -10.76 -47.93 76.81
C ASP H 168 -11.68 -46.73 77.11
N GLU H 169 -12.34 -46.14 76.12
CA GLU H 169 -13.06 -44.86 76.23
C GLU H 169 -14.49 -44.90 75.66
N ILE H 170 -15.09 -46.09 75.56
CA ILE H 170 -16.53 -46.26 75.31
C ILE H 170 -17.28 -45.84 76.58
N GLY H 171 -17.67 -44.59 76.69
CA GLY H 171 -18.26 -44.05 77.91
C GLY H 171 -18.60 -42.56 77.82
N SER H 172 -18.92 -41.98 78.97
CA SER H 172 -19.43 -40.61 79.11
C SER H 172 -18.40 -39.50 78.85
N GLN H 173 -17.13 -39.89 78.64
CA GLN H 173 -16.06 -38.92 78.36
C GLN H 173 -16.46 -38.00 77.19
N PRO H 174 -16.68 -36.70 77.50
CA PRO H 174 -17.12 -35.86 76.38
C PRO H 174 -16.02 -35.63 75.38
N PHE H 175 -16.30 -35.79 74.10
CA PHE H 175 -15.29 -35.60 73.11
C PHE H 175 -15.53 -34.30 72.34
N THR H 176 -14.62 -33.33 72.40
CA THR H 176 -14.78 -32.13 71.58
C THR H 176 -14.62 -32.52 70.12
N CYS H 177 -15.68 -32.37 69.34
CA CYS H 177 -15.79 -32.94 67.99
C CYS H 177 -16.58 -32.01 67.07
N TYR H 178 -16.36 -32.08 65.76
CA TYR H 178 -16.88 -31.14 64.77
C TYR H 178 -17.98 -31.77 63.91
N PHE H 179 -19.14 -31.13 63.86
CA PHE H 179 -20.37 -31.64 63.26
C PHE H 179 -21.02 -30.61 62.35
N ASN H 180 -21.67 -31.04 61.27
CA ASN H 180 -22.33 -30.11 60.36
C ASN H 180 -23.85 -30.43 60.24
N GLN H 181 -24.60 -30.06 61.28
CA GLN H 181 -26.04 -30.22 61.38
C GLN H 181 -26.81 -29.41 60.32
N HIS H 182 -26.17 -28.44 59.68
CA HIS H 182 -26.73 -27.62 58.61
C HIS H 182 -26.96 -28.40 57.30
N GLN H 183 -25.97 -29.16 56.85
CA GLN H 183 -26.15 -30.01 55.65
C GLN H 183 -25.57 -31.47 55.62
N ARG H 184 -24.95 -31.93 56.71
CA ARG H 184 -24.29 -33.25 56.77
C ARG H 184 -24.50 -34.03 58.09
N PRO H 185 -25.72 -34.10 58.66
CA PRO H 185 -25.95 -34.75 59.95
C PRO H 185 -25.91 -36.28 59.86
N ASP H 186 -24.69 -36.85 59.84
CA ASP H 186 -24.46 -38.29 59.76
C ASP H 186 -23.08 -38.70 60.33
N ASP H 187 -22.06 -37.87 60.08
CA ASP H 187 -20.67 -38.11 60.47
C ASP H 187 -20.12 -36.96 61.33
N VAL H 188 -19.19 -37.25 62.23
CA VAL H 188 -18.51 -36.28 63.09
C VAL H 188 -16.99 -36.43 63.03
N LEU H 189 -16.26 -35.33 63.13
CA LEU H 189 -14.80 -35.27 62.95
C LEU H 189 -14.08 -34.85 64.23
N LEU H 190 -12.85 -35.30 64.41
CA LEU H 190 -11.94 -34.86 65.46
C LEU H 190 -11.16 -33.59 65.08
N HIS H 191 -11.00 -33.31 63.78
CA HIS H 191 -10.19 -32.18 63.28
C HIS H 191 -10.90 -31.38 62.18
N ARG H 192 -10.51 -30.09 62.05
CA ARG H 192 -11.07 -29.17 61.07
C ARG H 192 -10.45 -29.37 59.69
N THR H 193 -11.07 -28.80 58.66
CA THR H 193 -10.60 -29.01 57.27
C THR H 193 -9.30 -28.27 56.97
N HIS H 194 -9.07 -27.11 57.57
CA HIS H 194 -7.89 -26.27 57.35
C HIS H 194 -7.27 -25.78 58.66
N ASP H 195 -5.94 -25.57 58.62
CA ASP H 195 -5.15 -25.00 59.72
C ASP H 195 -5.28 -23.48 59.44
N GLU H 196 -5.90 -22.72 60.34
CA GLU H 196 -6.21 -21.30 60.10
C GLU H 196 -4.98 -20.43 59.90
N ILE H 197 -3.79 -20.87 60.34
CA ILE H 197 -2.54 -20.14 60.14
C ILE H 197 -2.27 -19.92 58.65
N VAL H 198 -2.59 -20.86 57.74
CA VAL H 198 -2.30 -20.65 56.30
C VAL H 198 -3.39 -19.78 55.71
N LEU H 199 -4.61 -19.94 56.20
CA LEU H 199 -5.63 -18.97 55.78
C LEU H 199 -5.19 -17.53 56.11
N LEU H 200 -4.75 -17.28 57.35
CA LEU H 200 -4.31 -15.95 57.77
C LEU H 200 -3.07 -15.48 57.00
N HIS H 201 -2.07 -16.35 56.78
CA HIS H 201 -0.95 -16.03 55.89
C HIS H 201 -1.47 -15.58 54.52
N CYS H 202 -2.41 -16.32 53.95
CA CYS H 202 -2.94 -16.05 52.62
C CYS H 202 -3.72 -14.73 52.51
N PHE H 203 -4.09 -14.07 53.62
CA PHE H 203 -4.66 -12.71 53.58
C PHE H 203 -3.73 -11.63 54.13
N LEU H 204 -2.88 -11.92 55.11
CA LEU H 204 -1.94 -10.93 55.64
C LEU H 204 -0.85 -10.59 54.62
N TRP H 205 -0.28 -11.57 53.90
CA TRP H 205 0.78 -11.28 52.93
C TRP H 205 0.33 -10.41 51.75
N PRO H 206 -0.81 -10.62 51.09
CA PRO H 206 -1.26 -9.68 50.05
C PRO H 206 -1.64 -8.31 50.63
N LEU H 207 -2.25 -8.26 51.82
CA LEU H 207 -2.53 -6.98 52.47
C LEU H 207 -1.25 -6.20 52.80
N VAL H 208 -0.19 -6.88 53.23
CA VAL H 208 1.14 -6.27 53.37
C VAL H 208 1.62 -5.68 52.04
N THR H 209 1.47 -6.37 50.90
CA THR H 209 1.89 -5.78 49.62
C THR H 209 1.06 -4.57 49.21
N PHE H 210 -0.24 -4.53 49.52
CA PHE H 210 -1.05 -3.33 49.33
C PHE H 210 -0.57 -2.18 50.22
N VAL H 211 -0.33 -2.43 51.51
CA VAL H 211 0.20 -1.44 52.45
C VAL H 211 1.56 -0.92 52.02
N VAL H 212 2.49 -1.80 51.64
CA VAL H 212 3.78 -1.40 51.07
C VAL H 212 3.59 -0.58 49.80
N GLY H 213 2.66 -0.94 48.92
CA GLY H 213 2.42 -0.18 47.69
C GLY H 213 1.96 1.26 47.94
N VAL H 214 0.98 1.46 48.82
CA VAL H 214 0.52 2.82 49.17
C VAL H 214 1.58 3.57 49.98
N LEU H 215 2.31 2.89 50.87
CA LEU H 215 3.37 3.52 51.65
C LEU H 215 4.54 3.94 50.76
N ILE H 216 4.90 3.14 49.73
CA ILE H 216 5.88 3.53 48.71
C ILE H 216 5.44 4.82 48.01
N VAL H 217 4.22 4.88 47.46
CA VAL H 217 3.81 6.08 46.71
C VAL H 217 3.68 7.31 47.61
N VAL H 218 3.16 7.17 48.83
CA VAL H 218 3.01 8.27 49.79
C VAL H 218 4.37 8.77 50.30
N LEU H 219 5.34 7.92 50.59
CA LEU H 219 6.68 8.39 50.94
C LEU H 219 7.38 9.03 49.74
N THR H 220 7.29 8.43 48.55
CA THR H 220 8.10 8.87 47.41
C THR H 220 7.63 10.19 46.80
N ILE H 221 6.34 10.51 46.84
CA ILE H 221 5.84 11.78 46.30
C ILE H 221 6.39 13.01 47.06
N CYS H 222 6.77 12.87 48.34
CA CYS H 222 7.49 13.91 49.07
C CYS H 222 8.93 14.07 48.58
N ALA H 223 9.69 12.97 48.50
CA ALA H 223 11.05 12.98 47.96
C ALA H 223 11.13 13.43 46.48
N LYS H 224 10.02 13.38 45.75
CA LYS H 224 9.83 14.01 44.43
C LYS H 224 9.53 15.50 44.52
N SER H 225 8.38 15.87 45.09
CA SER H 225 7.80 17.20 44.96
C SER H 225 8.28 18.22 46.00
N LEU H 226 8.69 17.78 47.19
CA LEU H 226 9.16 18.67 48.25
C LEU H 226 10.69 18.77 48.29
N ALA H 227 11.42 17.76 47.81
CA ALA H 227 12.87 17.85 47.65
C ALA H 227 13.28 19.01 46.73
N VAL H 228 12.65 19.18 45.56
CA VAL H 228 12.93 20.32 44.67
C VAL H 228 12.57 21.66 45.32
N LYS H 229 11.46 21.72 46.07
CA LYS H 229 11.04 22.90 46.84
C LYS H 229 12.08 23.33 47.89
N ALA H 230 12.72 22.37 48.56
CA ALA H 230 13.78 22.62 49.54
C ALA H 230 15.19 22.76 48.95
N GLU H 231 15.45 22.25 47.75
CA GLU H 231 16.70 22.47 46.99
C GLU H 231 16.74 23.84 46.29
N ALA H 232 15.59 24.42 45.96
CA ALA H 232 15.47 25.76 45.38
C ALA H 232 16.00 26.89 46.30
N MET H 233 16.21 26.60 47.59
CA MET H 233 16.89 27.49 48.55
C MET H 233 18.36 27.66 48.16
CA CA I . 34.91 30.54 19.32
CA CA J . 40.34 17.68 -0.18
K K K . -7.35 -31.87 22.92
K K L . -6.64 -28.75 20.67
K K M . -6.00 -26.01 18.71
K K N . -5.28 -22.82 16.39
P POV O . -13.93 -26.23 43.28
C1 POV O . -12.28 -24.45 42.25
C2 POV O . -12.64 -23.02 41.86
C3 POV O . -12.79 -22.93 40.34
C210 POV O . -10.95 -10.37 39.85
C310 POV O . -10.86 -13.65 34.64
C11 POV O . -14.13 -28.85 43.43
O11 POV O . -13.42 -25.30 42.07
C311 POV O . -10.76 -12.25 35.22
C12 POV O . -13.25 -28.82 44.68
O12 POV O . -13.87 -27.70 42.63
C312 POV O . -11.22 -11.21 34.21
O13 POV O . -15.39 -25.90 43.55
O14 POV O . -12.93 -26.16 44.40
C21 POV O . -12.01 -20.74 42.13
O21 POV O . -11.62 -22.14 42.30
C22 POV O . -10.98 -19.69 41.83
O22 POV O . -13.20 -20.45 42.23
C23 POV O . -11.64 -18.52 41.12
C24 POV O . -10.62 -17.42 40.83
C25 POV O . -11.27 -16.28 40.03
C26 POV O . -10.35 -15.07 39.99
C27 POV O . -11.17 -13.78 40.11
C28 POV O . -10.64 -12.71 39.15
C29 POV O . -11.48 -11.47 39.29
C31 POV O . -11.16 -23.05 38.45
O31 POV O . -11.66 -23.56 39.72
C32 POV O . -10.33 -21.79 38.41
O32 POV O . -11.42 -23.66 37.43
C33 POV O . -10.18 -21.34 36.96
C34 POV O . -9.22 -20.15 36.86
C35 POV O . -9.35 -19.47 35.49
C36 POV O . -10.34 -18.32 35.54
C37 POV O . -9.62 -17.00 35.78
C38 POV O . -9.95 -15.99 34.69
C39 POV O . -9.78 -14.57 35.19
C3 POV P . -36.34 -29.37 37.28
C210 POV P . -38.67 -25.83 30.02
C310 POV P . -33.61 -23.95 30.74
C211 POV P . -38.63 -24.65 29.08
C311 POV P . -32.32 -23.28 30.31
C212 POV P . -38.46 -23.37 29.89
C312 POV P . -32.59 -22.14 29.34
C213 POV P . -37.88 -22.25 29.03
C313 POV P . -32.95 -22.65 27.95
C214 POV P . -38.16 -22.50 27.56
C314 POV P . -32.52 -21.68 26.87
C215 POV P . -37.17 -21.72 26.69
C315 POV P . -32.98 -22.14 25.50
C216 POV P . -37.79 -20.42 26.19
C316 POV P . -32.52 -21.18 24.42
C217 POV P . -36.82 -19.64 25.32
C218 POV P . -37.28 -19.61 23.87
C22 POV P . -42.08 -30.85 36.73
C23 POV P . -41.64 -29.53 36.11
C24 POV P . -42.58 -29.10 34.99
C25 POV P . -41.84 -29.03 33.66
C26 POV P . -40.70 -28.02 33.72
C27 POV P . -40.50 -27.32 32.38
C28 POV P . -39.06 -26.85 32.22
C29 POV P . -39.03 -25.67 31.29
C31 POV P . -34.02 -28.49 37.03
O31 POV P . -35.01 -29.24 37.79
C32 POV P . -33.35 -27.28 37.63
O32 POV P . -33.73 -28.87 35.90
C33 POV P . -32.97 -26.30 36.53
C34 POV P . -34.08 -26.21 35.48
C35 POV P . -34.22 -24.79 34.96
C36 POV P . -32.99 -23.96 35.32
C37 POV P . -32.56 -23.07 34.16
C38 POV P . -33.62 -23.03 33.08
C39 POV P . -33.58 -24.30 32.22
P POV Q . -28.62 -38.39 21.72
C1 POV Q . -28.38 -35.78 21.38
C2 POV Q . -28.64 -35.03 20.08
C3 POV Q . -27.31 -34.67 19.43
C310 POV Q . -26.02 -25.84 12.88
C11 POV Q . -27.66 -40.24 23.33
O11 POV Q . -27.91 -37.09 21.07
C311 POV Q . -27.14 -25.02 12.24
C12 POV Q . -28.76 -39.92 24.33
O12 POV Q . -27.41 -39.10 22.51
C312 POV Q . -26.68 -24.42 10.93
O13 POV Q . -29.05 -39.30 20.60
O14 POV Q . -29.63 -37.91 22.74
C21 POV Q . -29.83 -33.20 19.12
O21 POV Q . -29.39 -33.85 20.35
C22 POV Q . -29.98 -31.71 19.07
O22 POV Q . -30.10 -33.89 18.16
C23 POV Q . -29.86 -31.24 17.62
C24 POV Q . -30.03 -29.73 17.52
C25 POV Q . -29.80 -29.26 16.08
C26 POV Q . -30.24 -27.81 15.91
C27 POV Q . -30.93 -27.61 14.56
C28 POV Q . -30.50 -26.30 13.92
C31 POV Q . -25.50 -33.06 20.00
O31 POV Q . -26.45 -34.08 20.40
C32 POV Q . -25.96 -31.63 19.76
O32 POV Q . -24.32 -33.35 19.87
C33 POV Q . -24.85 -30.85 19.08
C34 POV Q . -25.22 -29.38 18.95
C35 POV Q . -24.28 -28.67 17.98
C36 POV Q . -24.84 -28.66 16.56
C37 POV Q . -25.60 -27.37 16.28
C38 POV Q . -25.05 -26.68 15.04
C39 POV Q . -26.11 -25.78 14.41
P POV R . -23.47 -4.61 22.94
C1 POV R . -22.38 -6.86 23.76
C2 POV R . -23.62 -7.76 23.69
O11 POV R . -22.47 -5.85 22.75
O12 POV R . -24.68 -4.98 21.95
O13 POV R . -24.00 -4.64 24.35
O14 POV R . -22.78 -3.37 22.41
C21 POV R . -23.96 -10.13 23.74
O21 POV R . -23.35 -8.97 24.38
C22 POV R . -24.09 -11.43 24.49
O22 POV R . -24.37 -10.04 22.59
C23 POV R . -24.89 -12.42 23.66
C24 POV R . -24.84 -13.82 24.27
C25 POV R . -26.15 -14.55 24.07
C26 POV R . -26.80 -14.90 25.41
CA CA S . -29.34 39.33 10.92
CA CA T . -6.03 40.38 16.53
C3 POV U . -22.61 -54.96 6.33
C210 POV U . -17.61 -52.44 0.06
C310 POV U . -18.88 -47.77 2.57
C211 POV U . -17.26 -51.40 -0.98
C311 POV U . -18.73 -46.30 2.89
C212 POV U . -18.53 -50.69 -1.43
C312 POV U . -18.36 -45.50 1.64
C213 POV U . -18.21 -49.32 -2.04
C313 POV U . -16.90 -45.72 1.28
C214 POV U . -16.77 -49.28 -2.55
C314 POV U . -16.32 -44.48 0.59
C215 POV U . -16.29 -47.84 -2.66
C315 POV U . -14.89 -44.74 0.11
C216 POV U . -16.41 -47.32 -4.08
C316 POV U . -14.31 -43.52 -0.54
C217 POV U . -15.92 -45.88 -4.19
C218 POV U . -14.64 -45.80 -5.01
C22 POV U . -21.66 -59.91 3.15
C23 POV U . -21.65 -58.58 2.40
C24 POV U . -20.85 -58.68 1.11
C25 POV U . -19.66 -57.74 1.12
C26 POV U . -20.11 -56.29 1.29
C27 POV U . -19.17 -55.35 0.54
C28 POV U . -19.19 -53.96 1.17
C29 POV U . -18.84 -52.93 0.12
C31 POV U . -22.68 -52.65 7.28
O31 POV U . -23.07 -54.05 7.33
C32 POV U . -23.71 -51.57 7.16
O32 POV U . -21.49 -52.38 7.36
C33 POV U . -23.10 -50.37 6.43
C34 POV U . -22.24 -50.83 5.26
C35 POV U . -22.38 -49.87 4.08
C36 POV U . -23.02 -48.57 4.51
C37 POV U . -22.32 -47.38 3.84
C38 POV U . -21.40 -47.84 2.73
C39 POV U . -20.08 -48.37 3.30
P POV V . 15.51 -29.09 1.62
C1 POV V . 14.22 -31.28 2.31
C2 POV V . 13.89 -30.37 3.48
O11 POV V . 14.86 -30.52 1.29
O12 POV V . 16.07 -28.62 0.19
O13 POV V . 16.68 -29.31 2.55
O14 POV V . 14.40 -28.16 2.02
C21 POV V . 14.58 -31.30 5.56
O21 POV V . 14.94 -30.44 4.45
C22 POV V . 15.22 -31.10 6.92
O22 POV V . 13.77 -32.20 5.39
C23 POV V . 14.26 -31.58 8.01
C24 POV V . 14.05 -33.08 7.92
C25 POV V . 13.86 -33.67 9.32
C26 POV V . 14.98 -33.23 10.26
CA CA W . -27.66 0.90 -41.96
CA CA X . -32.35 16.87 -24.64
P POV Y . -4.02 -50.74 12.03
C1 POV Y . -4.82 -48.83 10.40
C2 POV Y . -3.97 -48.18 9.31
C3 POV Y . -3.50 -46.81 9.76
C210 POV Y . -1.37 -42.38 -1.94
C310 POV Y . -1.35 -38.48 2.82
C11 POV Y . -4.65 -51.66 14.41
O11 POV Y . -3.98 -49.23 11.47
C311 POV Y . -1.16 -38.59 1.31
C12 POV Y . -5.73 -52.53 13.77
O12 POV Y . -4.40 -50.54 13.58
C312 POV Y . -0.20 -37.52 0.80
O13 POV Y . -2.63 -51.32 11.94
O14 POV Y . -5.18 -51.46 11.35
C21 POV Y . -3.94 -47.62 6.99
O21 POV Y . -4.76 -48.04 8.12
C22 POV Y . -4.53 -46.76 5.91
O22 POV Y . -2.78 -47.97 6.93
C23 POV Y . -3.42 -45.99 5.21
C24 POV Y . -3.98 -45.11 4.09
C25 POV Y . -2.88 -44.26 3.47
C26 POV Y . -3.36 -43.61 2.17
C27 POV Y . -2.26 -43.61 1.13
C28 POV Y . -2.22 -42.29 0.37
C29 POV Y . -1.10 -42.32 -0.65
C31 POV Y . -4.66 -44.64 10.18
O31 POV Y . -4.61 -46.08 10.31
C32 POV Y . -5.05 -44.00 8.86
O32 POV Y . -4.38 -43.94 11.13
C33 POV Y . -4.75 -42.51 8.91
C34 POV Y . -5.27 -41.81 7.65
C35 POV Y . -4.67 -40.41 7.53
C36 POV Y . -3.41 -40.43 6.67
C37 POV Y . -3.74 -40.08 5.23
C38 POV Y . -2.90 -38.90 4.74
C39 POV Y . -2.75 -38.92 3.23
C3 POV Z . 17.17 -52.67 21.77
C210 POV Z . 21.91 -45.73 21.52
C310 POV Z . 17.61 -44.39 18.46
C211 POV Z . 22.42 -44.54 20.74
C311 POV Z . 16.69 -43.43 17.72
C212 POV Z . 22.48 -44.88 19.26
C312 POV Z . 17.49 -42.32 17.05
C213 POV Z . 22.44 -43.62 18.41
C313 POV Z . 17.96 -41.30 18.08
C214 POV Z . 22.93 -42.40 19.19
C314 POV Z . 18.07 -39.90 17.46
C215 POV Z . 22.44 -41.11 18.57
C315 POV Z . 18.65 -38.91 18.46
C216 POV Z . 23.50 -40.48 17.68
C316 POV Z . 18.73 -37.52 17.85
C217 POV Z . 23.00 -39.18 17.07
C218 POV Z . 23.74 -37.99 17.62
C22 POV Z . 22.19 -54.25 24.54
C23 POV Z . 22.30 -53.20 23.44
C24 POV Z . 23.55 -52.33 23.64
C25 POV Z . 23.16 -50.87 23.87
C26 POV Z . 22.37 -50.32 22.68
C27 POV Z . 22.68 -48.84 22.46
C28 POV Z . 21.51 -48.14 21.76
C29 POV Z . 22.03 -46.95 20.99
C31 POV Z . 15.32 -51.51 20.54
O31 POV Z . 15.87 -52.71 21.17
C32 POV Z . 14.94 -51.55 19.08
O32 POV Z . 15.17 -50.51 21.20
C33 POV Z . 15.11 -50.15 18.49
C34 POV Z . 16.39 -49.49 19.00
C35 POV Z . 17.04 -48.66 17.90
C36 POV Z . 16.06 -48.41 16.76
C37 POV Z . 16.17 -46.98 16.25
C38 POV Z . 17.41 -46.28 16.82
C39 POV Z . 17.16 -45.84 18.26
P POV AA . 3.53 -11.83 29.13
C1 POV AA . 3.84 -14.35 28.43
C2 POV AA . 4.87 -15.47 28.44
O11 POV AA . 4.44 -13.13 28.87
O12 POV AA . 4.56 -10.63 28.83
O13 POV AA . 2.45 -11.80 28.08
O14 POV AA . 3.17 -11.79 30.59
C21 POV AA . 4.99 -17.45 27.14
O21 POV AA . 5.01 -16.00 27.13
C22 POV AA . 5.91 -18.22 26.21
O22 POV AA . 4.26 -18.03 27.91
C23 POV AA . 6.29 -17.34 25.03
C24 POV AA . 6.91 -18.17 23.91
C25 POV AA . 6.56 -19.64 24.07
C26 POV AA . 6.94 -20.44 22.83
CA CA BA . 36.58 -7.85 -33.59
CA CA CA . 13.96 -5.85 -41.36
P POV DA . 10.69 -38.51 33.83
C1 POV DA . 11.31 -37.42 31.51
C2 POV DA . 12.05 -36.10 31.32
C3 POV DA . 11.06 -35.01 30.92
C210 POV DA . 19.83 -27.46 25.67
C310 POV DA . 13.86 -26.26 24.77
C11 POV DA . 8.90 -40.20 34.78
O11 POV DA . 10.54 -37.36 32.72
C311 POV DA . 15.28 -25.78 24.48
C12 POV DA . 9.81 -41.36 34.38
O12 POV DA . 9.18 -39.06 33.95
C312 POV DA . 15.31 -24.27 24.27
O13 POV DA . 11.05 -37.86 35.14
O14 POV DA . 11.55 -39.61 33.26
C21 POV DA . 13.90 -35.10 30.22
O21 POV DA . 13.04 -36.26 30.30
C22 POV DA . 14.49 -34.67 28.89
O22 POV DA . 14.15 -34.46 31.24
C23 POV DA . 14.82 -33.19 28.94
C24 POV DA . 15.45 -32.73 27.63
C25 POV DA . 15.68 -31.23 27.63
C26 POV DA . 16.56 -30.81 26.46
C27 POV DA . 17.55 -29.72 26.88
C28 POV DA . 17.67 -28.65 25.81
C29 POV DA . 18.64 -27.58 26.26
C31 POV DA . 9.73 -34.57 28.86
O31 POV DA . 10.23 -35.49 29.87
C32 POV DA . 10.63 -34.10 27.75
O32 POV DA . 8.57 -34.19 28.93
C33 POV DA . 9.96 -32.95 27.01
C34 POV DA . 10.77 -32.53 25.80
C35 POV DA . 10.31 -31.18 25.27
C36 POV DA . 11.14 -30.04 25.87
C37 POV DA . 12.28 -29.66 24.94
C38 POV DA . 12.25 -28.17 24.61
C39 POV DA . 13.63 -27.66 24.23
C3 POV EA . 3.46 -27.11 52.95
C210 POV EA . 0.89 -19.20 51.69
C310 POV EA . 2.92 -20.62 46.85
C211 POV EA . 1.10 -17.86 51.02
C311 POV EA . 3.15 -20.47 45.35
C212 POV EA . 2.58 -17.63 50.79
C312 POV EA . 3.30 -19.00 44.97
C213 POV EA . 2.82 -16.62 49.68
C313 POV EA . 1.96 -18.29 44.98
C214 POV EA . 1.61 -15.71 49.50
C314 POV EA . 1.93 -17.16 43.95
C215 POV EA . 1.59 -15.08 48.12
C315 POV EA . 0.62 -16.37 44.05
C216 POV EA . 2.16 -13.66 48.16
C316 POV EA . 0.58 -15.27 43.01
C217 POV EA . 2.16 -13.03 46.77
C218 POV EA . 1.17 -11.88 46.70
C22 POV EA . 1.80 -25.25 58.35
C23 POV EA . 2.35 -24.19 57.40
C24 POV EA . 1.84 -22.80 57.76
C25 POV EA . 1.01 -22.22 56.63
C26 POV EA . 1.81 -22.11 55.35
C27 POV EA . 1.38 -20.89 54.53
C28 POV EA . 1.68 -21.09 53.05
C29 POV EA . 1.88 -19.75 52.39
C31 POV EA . 4.00 -27.38 50.53
O31 POV EA . 3.96 -27.91 51.87
C32 POV EA . 5.32 -27.27 49.80
O32 POV EA . 2.96 -27.02 50.00
C33 POV EA . 5.26 -26.10 48.83
C34 POV EA . 4.57 -24.90 49.46
C35 POV EA . 5.23 -23.59 49.01
C36 POV EA . 6.12 -23.82 47.79
C37 POV EA . 5.97 -22.70 46.78
C38 POV EA . 5.21 -21.53 47.38
C39 POV EA . 3.70 -21.80 47.40
#